data_9D39
#
_entry.id   9D39
#
_cell.length_a   1.00
_cell.length_b   1.00
_cell.length_c   1.00
_cell.angle_alpha   90.00
_cell.angle_beta   90.00
_cell.angle_gamma   90.00
#
_symmetry.space_group_name_H-M   'P 1'
#
loop_
_entity.id
_entity.type
_entity.pdbx_description
1 polymer 'Glutamate receptor ionotropic, NMDA 1'
2 polymer 'Glutamate receptor ionotropic, NMDA 2B'
3 polymer 'Glutamate receptor ionotropic, NMDA 2D'
4 non-polymer GLYCINE
5 non-polymer 2-acetamido-2-deoxy-beta-D-glucopyranose
6 non-polymer '(2S,3R)-1-(phenanthren-2-ylcarbonyl)piperazine-2,3-dicarboxylic acid'
#
loop_
_entity_poly.entity_id
_entity_poly.type
_entity_poly.pdbx_seq_one_letter_code
_entity_poly.pdbx_strand_id
1 'polypeptide(L)'
;DPKIVNIGAVLSTRKHEQMFREAVNQANKRHGSWKIQLNATSVTHKPNAIQMALSVCEDLISSQVYAILVSHPPTPNDHF
TPTPVSYTAGFYRIPVLGLTTRMSIYSDKSIHLSFLRTVPPYSHQSSVWFEMMRVYSWNHIILLVSDDHEGRAAQKRLET
LLEERESKAEKVLQFDPGTKNVTALLMEAKELEARVIILSASEDDAATVYRAAAMLNMTGSGYVWLVGEREISGNALRYA
PDGILGLQLINGKNESAHISDAVGVVAQAVHELLEKENITDPPRGCVGNTNIWKTGPLFKRVLMSSKYADGVTGRVEFNE
DGDRKFANYSIMNLQNRKLVQVGIYNGTHVIPNDRKIIWPGGETEKPRGYQMSTRLKIVTIHQEPFVYVKPTLSDGTCKE
EFTVNGDPVKKVICTGPNDTSPGSPRHTVPQCCYGFCIDLLIKLARTMNFTYEVHLVADGKFGTQERVNNSNKKEWNGMM
GELLSGQADMIVAPLTINNERAQYIEFSKPFKYQGLTILVKKEIPRSTLDSFMQPFQSTLWLLVGLSVHVVAVMLYLLDR
FSPFGRFKVNSEEEEEDALTLSSAMWFSWGVLLNSGIGEGAPRSFSARILGMVWAGFAMIIVASYTANLAAFLVLDRPEE
RITGINDPRLRNPSDKFIYATVKQSSVDIYFRRQVELSTMYRHMEKHNYESAAEAIQAVRDNKLHAFIWDSAVLEFEASQ
KCDLVTTGELFFRSGFGIGMRKDSPWKQNVSLSILKSHENGFMEDLDKTWVRYQECDSRSNAPATLTFENMAGVFMLVAG
GIVAGIFLIFIEIAYKRHKDANGAQ
;
A,C
2 'polypeptide(L)'
;WSHPQFEKGGGSGGGSGGSAWSHPQFEKGALVPRGRSQKSPPSIGIAVILVGTSDEVAIKDAHEKDDFHHLSVVPRVELV
AMNETDPKSIITRICDLMSDRKIQGVVFADDTDQEAIAQILDFISAQTLTPILGIHGGSSMIMADKDESSMFFQFGPSIE
QQASVMLNIMEEYDWYIFSIVTTYFPGYQDFVNKIRSTIENSFVGWELEEVLLLDMSLDDGDSKIQNQLKKLQSPIILLY
CTKEEATYIFEVANSVGLTGYGYTWIVPSLVAGDTDTVPAEFPTGLISVSYDEWDYGLPARVRDGIAIITTAASDMLSEH
SFIPEPKSSCYNTHEKRIYQSNMLNRYLINVTFEGRNLSFSEDGYQMHPKLVIILLNKERKWERVGKWKDKSLQMKYYVW
PRMCPETEEQEDDHLSIVTLEEAPFVIVESVDPLSGTCMRNTVPCQKRIVTENKTDEEPGYIKKCCKGFCIDILKKISKS
VKFTYDLYLVTNGKHGKKINGTWNGMIGEVVMKRAYMAVGSLTINEERSEVVDFSVPFIETGISVMVSRSNGTVSPSAFL
EPFSADVWVMMFVMLLIVSAVAVFVFEYFSPVGYNRSLADGREPGGPSFTIGKAIWLLWGLVFNNSVPVQNPKGTTSKIM
VSVWAFFAVIFLASYTANLAAFMIQEEYVDQVSGLSDKKFQRPNDFSPPFRFGTVPNGSTERNIRNNYAEMHAYMGKFNQ
RGVDDALLSLKTGKLDAFIYDAAVLNYMAGRDEGCKLVTIGSGKVFASTGYGIAIQKDSGWKRQVDLAILQLFGDGEMEE
LEALWLTGICHNEKNEVMSSQLDIDNMAGVFYMLGAAMALSLITFISEHLFYWQFRHSFMGGPGSGATNFSLLKQAGDVE
ENPG
;
B
3 'polypeptide(L)'
;FPEEAPGPGGAGGPGGGLGGARPLNVALVFSGPAYAAEAARLGPAVAAAVRSPGLDVRPVALVLNGSDPRSLVLQLCDLL
SGLRVHGVVFEDDSRAPAVAPILDFLSAQTSLPIVAVHGGAALVLTPKEKGSTFLQLGSSTEQQLQVIFEVLEEYDWTSF
VAVTTRAPGHRAFLSYIEVLTDGSLVGWEHRGALTLDPGAGEAVLSAQLRSVSAQIRLLFCAREEAEPVFRAAEEAGLTG
SGYVWFMVGPQLAGGGGSGAPGEPPLLPGGAPLPAGLFAVRSAGWRDDLARRVAAGVAVVARGAQALLRDYGFLPELGHD
CRAQNRTHRGESLHRYFMNITWDNRDYSFNEDGFLVNPSLVVISLTRDRTWEVVGSWEQQTLRLKYPLWSRYGRFLQPVD
DTQHLTVATLEERPFVIVEPADPISGTCIRDSVPCRSQLNRTHSPPPDAPRPEKRCCKGFCIDILKRLAHTIGFSYDLYL
VTNGKHGKKIDGVWNGMIGEVFYQRADMAIGSLTINEERSEIVDFSVPFVETGISVMVARSNGTVSPSAFLEPYSPAVWV
MMFVMCLTVVAVTVFIFEYLSPVGYNRSLATGKRPGGSTFTIGKSIWLLWALVFNNSVPVENPRGTTSKIMVLVWAFFAV
IFLASYTANLAAFMIQEEYVDTVSGLSDRKFQRPQEQYPPLKFGTVPNGSTEKNIRSNYPDMHSYMVRYNQPRVEEALTQ
LKAGKLDAFIYDAAVLNYMARKDEGCKLVTIGSGKVFATTGYGIALHKGSRWKRPIDLALLQFLGDDEIEMLERLWLSGI
CHNDKIEVMSSKLDIDNMAGVFYMLLVAMGLSLLVFAWEHLVYWRLRHCLGPTETSQVAPA
;
D
#
loop_
_chem_comp.id
_chem_comp.type
_chem_comp.name
_chem_comp.formula
2JL non-polymer '(2S,3R)-1-(phenanthren-2-ylcarbonyl)piperazine-2,3-dicarboxylic acid' 'C21 H18 N2 O5'
NAG D-saccharide, beta linking 2-acetamido-2-deoxy-beta-D-glucopyranose 'C8 H15 N O6'
#
# COMPACT_ATOMS: atom_id res chain seq x y z
N LYS A 3 -63.62 -1.17 36.55
CA LYS A 3 -62.94 0.05 36.92
C LYS A 3 -63.56 1.25 36.22
N ILE A 4 -63.15 2.46 36.64
CA ILE A 4 -63.64 3.71 36.05
C ILE A 4 -62.47 4.43 35.42
N VAL A 5 -62.60 4.76 34.14
CA VAL A 5 -61.56 5.46 33.39
C VAL A 5 -62.09 6.83 33.00
N ASN A 6 -61.33 7.87 33.34
CA ASN A 6 -61.72 9.24 33.09
C ASN A 6 -60.87 9.84 31.99
N ILE A 7 -61.51 10.56 31.07
CA ILE A 7 -60.84 11.24 29.97
C ILE A 7 -60.94 12.73 30.26
N GLY A 8 -59.86 13.33 30.75
CA GLY A 8 -59.88 14.72 31.15
C GLY A 8 -59.82 15.69 29.99
N ALA A 9 -60.87 15.70 29.18
CA ALA A 9 -60.92 16.61 28.04
C ALA A 9 -61.19 18.04 28.51
N VAL A 10 -61.00 18.99 27.59
CA VAL A 10 -61.29 20.39 27.86
C VAL A 10 -62.39 20.85 26.91
N LEU A 11 -62.13 20.72 25.61
CA LEU A 11 -63.09 20.91 24.52
C LEU A 11 -63.54 22.35 24.32
N SER A 12 -63.11 23.28 25.17
CA SER A 12 -63.24 24.72 25.01
C SER A 12 -64.67 25.25 25.10
N THR A 13 -65.68 24.38 25.23
CA THR A 13 -67.05 24.83 25.27
C THR A 13 -67.93 23.70 25.79
N ARG A 14 -69.18 24.05 26.10
CA ARG A 14 -70.14 23.07 26.61
C ARG A 14 -70.93 22.40 25.49
N LYS A 15 -71.09 23.05 24.34
CA LYS A 15 -71.81 22.43 23.23
C LYS A 15 -71.05 21.22 22.70
N HIS A 16 -69.72 21.34 22.57
CA HIS A 16 -68.91 20.20 22.14
C HIS A 16 -68.90 19.11 23.20
N GLU A 17 -68.83 19.49 24.47
CA GLU A 17 -68.78 18.50 25.55
C GLU A 17 -70.12 17.79 25.73
N GLN A 18 -71.22 18.37 25.25
CA GLN A 18 -72.50 17.70 25.38
C GLN A 18 -72.56 16.43 24.55
N MET A 19 -71.89 16.42 23.39
CA MET A 19 -71.82 15.22 22.56
C MET A 19 -70.60 14.38 22.87
N PHE A 20 -69.67 14.89 23.69
CA PHE A 20 -68.59 14.06 24.19
C PHE A 20 -69.13 12.93 25.07
N ARG A 21 -70.11 13.24 25.91
CA ARG A 21 -70.61 12.28 26.89
C ARG A 21 -71.34 11.10 26.26
N GLU A 22 -71.69 11.17 24.97
CA GLU A 22 -72.29 10.04 24.29
C GLU A 22 -71.32 9.28 23.41
N ALA A 23 -70.26 9.94 22.94
CA ALA A 23 -69.23 9.23 22.20
C ALA A 23 -68.52 8.20 23.09
N VAL A 24 -68.29 8.55 24.36
CA VAL A 24 -67.72 7.59 25.30
C VAL A 24 -68.66 6.44 25.53
N ASN A 25 -69.98 6.69 25.52
CA ASN A 25 -70.95 5.65 25.78
C ASN A 25 -70.87 4.53 24.75
N GLN A 26 -70.73 4.89 23.47
CA GLN A 26 -70.68 3.87 22.42
C GLN A 26 -69.33 3.15 22.40
N ALA A 27 -68.25 3.84 22.80
CA ALA A 27 -66.93 3.22 22.79
C ALA A 27 -66.78 2.16 23.87
N ASN A 28 -67.64 2.17 24.89
CA ASN A 28 -67.52 1.21 25.97
C ASN A 28 -67.77 -0.22 25.47
N LYS A 29 -68.77 -0.39 24.61
CA LYS A 29 -69.12 -1.72 24.12
C LYS A 29 -68.20 -2.24 23.03
N ARG A 30 -67.30 -1.40 22.52
CA ARG A 30 -66.37 -1.85 21.47
C ARG A 30 -65.46 -2.96 21.99
N HIS A 31 -64.94 -2.79 23.20
CA HIS A 31 -64.02 -3.77 23.79
C HIS A 31 -64.80 -4.82 24.56
N GLY A 32 -64.24 -6.02 24.63
CA GLY A 32 -64.85 -7.12 25.34
C GLY A 32 -64.62 -7.14 26.83
N SER A 33 -63.88 -6.18 27.37
CA SER A 33 -63.59 -6.12 28.80
C SER A 33 -64.85 -5.66 29.53
N TRP A 34 -65.62 -6.64 30.04
CA TRP A 34 -66.86 -6.31 30.74
C TRP A 34 -66.59 -5.54 32.03
N LYS A 35 -65.53 -5.92 32.76
CA LYS A 35 -65.23 -5.31 34.04
C LYS A 35 -64.51 -3.98 33.91
N ILE A 36 -64.13 -3.57 32.71
CA ILE A 36 -63.44 -2.31 32.47
C ILE A 36 -64.38 -1.38 31.73
N GLN A 37 -64.64 -0.21 32.30
CA GLN A 37 -65.49 0.80 31.69
C GLN A 37 -64.85 2.16 31.88
N LEU A 38 -65.24 3.11 31.02
CA LEU A 38 -64.66 4.44 31.01
C LEU A 38 -65.74 5.50 31.18
N ASN A 39 -65.39 6.57 31.88
CA ASN A 39 -66.28 7.69 32.15
C ASN A 39 -65.74 8.94 31.46
N ALA A 40 -66.57 9.99 31.44
CA ALA A 40 -66.22 11.25 30.82
C ALA A 40 -66.20 12.34 31.88
N THR A 41 -65.11 13.11 31.92
CA THR A 41 -64.96 14.22 32.86
C THR A 41 -64.20 15.33 32.15
N SER A 42 -64.88 16.44 31.87
CA SER A 42 -64.28 17.54 31.14
C SER A 42 -64.63 18.86 31.82
N VAL A 43 -63.79 19.86 31.60
CA VAL A 43 -63.97 21.20 32.12
C VAL A 43 -63.85 22.20 30.98
N THR A 44 -64.71 23.21 30.98
CA THR A 44 -64.68 24.22 29.95
C THR A 44 -63.38 25.03 30.05
N HIS A 45 -62.80 25.34 28.90
CA HIS A 45 -61.55 26.10 28.85
C HIS A 45 -61.80 27.51 29.32
N LYS A 46 -61.29 27.85 30.50
CA LYS A 46 -61.43 29.21 31.00
C LYS A 46 -60.67 30.18 30.09
N PRO A 47 -61.19 31.38 29.88
CA PRO A 47 -60.56 32.33 28.94
C PRO A 47 -59.30 33.01 29.51
N ASN A 48 -58.41 32.21 30.10
CA ASN A 48 -57.18 32.72 30.67
C ASN A 48 -56.28 31.54 30.98
N ALA A 49 -54.96 31.77 30.93
CA ALA A 49 -53.99 30.75 31.30
C ALA A 49 -53.81 30.64 32.81
N ILE A 50 -54.72 31.21 33.59
CA ILE A 50 -54.59 31.21 35.04
C ILE A 50 -54.99 29.86 35.61
N GLN A 51 -56.24 29.47 35.40
CA GLN A 51 -56.74 28.22 35.97
C GLN A 51 -56.12 27.00 35.33
N MET A 52 -55.56 27.14 34.12
CA MET A 52 -54.97 25.99 33.41
C MET A 52 -53.90 25.30 34.25
N ALA A 53 -53.12 26.06 35.00
CA ALA A 53 -52.17 25.44 35.92
C ALA A 53 -52.90 24.59 36.95
N LEU A 54 -54.01 25.09 37.46
CA LEU A 54 -54.84 24.35 38.41
C LEU A 54 -55.92 23.51 37.74
N SER A 55 -56.15 23.68 36.43
CA SER A 55 -57.25 22.99 35.75
C SER A 55 -57.00 21.54 35.56
N VAL A 56 -55.95 20.97 36.15
CA VAL A 56 -55.68 19.55 36.03
C VAL A 56 -55.60 18.84 37.38
N CYS A 57 -55.30 19.55 38.46
CA CYS A 57 -55.06 18.88 39.74
C CYS A 57 -56.36 18.53 40.45
N GLU A 58 -57.16 19.54 40.81
CA GLU A 58 -58.32 19.31 41.65
C GLU A 58 -59.55 18.83 40.88
N ASP A 59 -59.53 18.85 39.55
CA ASP A 59 -60.69 18.48 38.76
C ASP A 59 -60.43 17.47 37.66
N LEU A 60 -59.17 17.23 37.28
CA LEU A 60 -58.86 16.26 36.23
C LEU A 60 -58.10 15.06 36.77
N ILE A 61 -56.95 15.26 37.42
CA ILE A 61 -56.23 14.12 37.99
C ILE A 61 -56.74 13.73 39.36
N SER A 62 -57.68 14.50 39.92
CA SER A 62 -58.36 14.08 41.13
C SER A 62 -59.49 13.11 40.87
N SER A 63 -59.80 12.84 39.59
CA SER A 63 -60.89 11.94 39.22
C SER A 63 -60.39 10.72 38.47
N GLN A 64 -59.13 10.32 38.68
CA GLN A 64 -58.55 9.11 38.11
C GLN A 64 -58.60 9.14 36.58
N VAL A 65 -57.84 10.09 36.03
CA VAL A 65 -57.78 10.31 34.59
C VAL A 65 -56.67 9.46 33.98
N TYR A 66 -56.93 8.91 32.80
CA TYR A 66 -55.92 8.22 32.00
C TYR A 66 -55.35 9.08 30.88
N ALA A 67 -56.22 9.70 30.09
CA ALA A 67 -55.79 10.55 28.98
C ALA A 67 -56.55 11.87 29.04
N ILE A 68 -55.90 12.92 28.54
CA ILE A 68 -56.44 14.27 28.56
C ILE A 68 -56.53 14.77 27.13
N LEU A 69 -57.70 15.28 26.75
CA LEU A 69 -57.93 15.81 25.41
C LEU A 69 -57.89 17.33 25.46
N VAL A 70 -57.07 17.93 24.60
CA VAL A 70 -56.91 19.38 24.59
C VAL A 70 -58.16 20.01 24.00
N SER A 71 -58.31 21.31 24.17
CA SER A 71 -59.40 22.07 23.61
C SER A 71 -58.96 22.72 22.31
N HIS A 72 -59.81 23.61 21.78
CA HIS A 72 -59.46 24.43 20.64
C HIS A 72 -59.58 25.89 21.04
N PRO A 73 -58.53 26.69 20.91
CA PRO A 73 -58.64 28.12 21.26
C PRO A 73 -59.68 28.80 20.40
N PRO A 74 -60.50 29.67 20.98
CA PRO A 74 -61.49 30.40 20.16
C PRO A 74 -60.84 31.23 19.07
N THR A 75 -59.67 31.81 19.34
CA THR A 75 -58.91 32.52 18.32
C THR A 75 -57.96 31.54 17.65
N PRO A 76 -58.10 31.27 16.34
CA PRO A 76 -57.24 30.27 15.69
C PRO A 76 -55.76 30.59 15.76
N ASN A 77 -55.39 31.87 15.75
CA ASN A 77 -53.99 32.27 15.75
C ASN A 77 -53.42 32.38 17.16
N ASP A 78 -53.62 31.33 17.96
CA ASP A 78 -53.11 31.29 19.33
C ASP A 78 -52.90 29.84 19.74
N HIS A 79 -52.04 29.64 20.74
CA HIS A 79 -51.71 28.29 21.18
C HIS A 79 -51.60 28.19 22.70
N PHE A 80 -52.41 28.97 23.43
CA PHE A 80 -52.42 28.84 24.88
C PHE A 80 -53.05 27.51 25.32
N THR A 81 -53.92 26.95 24.50
CA THR A 81 -54.66 25.75 24.90
C THR A 81 -53.77 24.55 25.21
N PRO A 82 -52.84 24.13 24.34
CA PRO A 82 -52.10 22.89 24.60
C PRO A 82 -50.88 23.03 25.49
N THR A 83 -50.47 24.26 25.83
CA THR A 83 -49.28 24.44 26.66
C THR A 83 -49.44 23.87 28.08
N PRO A 84 -50.53 24.12 28.83
CA PRO A 84 -50.56 23.66 30.23
C PRO A 84 -50.86 22.18 30.38
N VAL A 85 -51.71 21.64 29.51
CA VAL A 85 -52.09 20.24 29.60
C VAL A 85 -50.88 19.35 29.34
N SER A 86 -50.00 19.77 28.44
CA SER A 86 -48.79 19.01 28.14
C SER A 86 -47.66 19.31 29.12
N TYR A 87 -47.87 20.20 30.08
CA TYR A 87 -46.86 20.51 31.08
C TYR A 87 -47.18 19.89 32.44
N THR A 88 -48.38 20.13 32.97
CA THR A 88 -48.77 19.52 34.24
C THR A 88 -48.85 18.00 34.11
N ALA A 89 -49.52 17.51 33.08
CA ALA A 89 -49.59 16.08 32.82
C ALA A 89 -48.40 15.57 32.02
N GLY A 90 -47.61 16.45 31.42
CA GLY A 90 -46.44 16.00 30.69
C GLY A 90 -45.38 15.37 31.59
N PHE A 91 -45.10 16.01 32.72
CA PHE A 91 -44.15 15.48 33.68
C PHE A 91 -44.79 14.52 34.67
N TYR A 92 -46.11 14.35 34.61
CA TYR A 92 -46.79 13.32 35.38
C TYR A 92 -46.87 11.99 34.63
N ARG A 93 -46.33 11.93 33.41
CA ARG A 93 -46.46 10.77 32.54
C ARG A 93 -47.94 10.41 32.35
N ILE A 94 -48.72 11.44 32.04
CA ILE A 94 -50.13 11.27 31.68
C ILE A 94 -50.28 11.70 30.23
N PRO A 95 -50.51 10.77 29.30
CA PRO A 95 -50.58 11.15 27.88
C PRO A 95 -51.69 12.16 27.62
N VAL A 96 -51.40 13.12 26.75
CA VAL A 96 -52.32 14.17 26.36
C VAL A 96 -52.49 14.12 24.85
N LEU A 97 -53.74 14.05 24.39
CA LEU A 97 -54.04 13.97 22.97
C LEU A 97 -54.40 15.35 22.45
N GLY A 98 -53.75 15.76 21.37
CA GLY A 98 -53.97 17.06 20.78
C GLY A 98 -54.83 17.02 19.53
N LEU A 99 -56.05 17.53 19.63
CA LEU A 99 -56.99 17.48 18.51
C LEU A 99 -57.03 18.76 17.68
N THR A 100 -56.57 19.88 18.22
CA THR A 100 -56.52 21.14 17.49
C THR A 100 -55.21 21.88 17.78
N THR A 101 -54.10 21.14 17.74
CA THR A 101 -52.77 21.71 17.98
C THR A 101 -52.04 21.72 16.64
N ARG A 102 -52.14 22.85 15.94
CA ARG A 102 -51.54 23.00 14.62
C ARG A 102 -50.08 23.44 14.67
N MET A 103 -49.59 23.90 15.83
CA MET A 103 -48.21 24.32 15.93
C MET A 103 -47.27 23.12 15.94
N SER A 104 -46.03 23.35 15.52
CA SER A 104 -45.04 22.28 15.38
C SER A 104 -44.14 22.15 16.60
N ILE A 105 -44.38 22.94 17.65
CA ILE A 105 -43.55 22.82 18.85
C ILE A 105 -43.79 21.48 19.54
N TYR A 106 -45.04 21.02 19.57
CA TYR A 106 -45.39 19.74 20.18
C TYR A 106 -45.07 18.58 19.23
N SER A 107 -43.80 18.53 18.81
CA SER A 107 -43.36 17.49 17.90
C SER A 107 -41.99 16.93 18.22
N ASP A 108 -41.35 17.37 19.31
CA ASP A 108 -40.04 16.86 19.70
C ASP A 108 -40.12 15.81 20.80
N LYS A 109 -40.97 16.04 21.81
CA LYS A 109 -41.18 15.21 22.99
C LYS A 109 -40.00 15.27 23.96
N SER A 110 -38.91 15.96 23.62
CA SER A 110 -37.95 16.34 24.65
C SER A 110 -38.60 17.28 25.66
N ILE A 111 -39.36 18.25 25.16
CA ILE A 111 -40.34 18.97 25.95
C ILE A 111 -41.71 18.55 25.44
N HIS A 112 -42.72 18.68 26.30
CA HIS A 112 -44.05 18.12 26.04
C HIS A 112 -43.93 16.61 25.78
N LEU A 113 -43.40 15.91 26.77
CA LEU A 113 -43.08 14.49 26.60
C LEU A 113 -44.35 13.67 26.35
N SER A 114 -45.40 13.93 27.12
CA SER A 114 -46.65 13.18 27.01
C SER A 114 -47.63 14.00 26.18
N PHE A 115 -47.52 13.86 24.86
CA PHE A 115 -48.38 14.60 23.95
C PHE A 115 -48.58 13.80 22.68
N LEU A 116 -49.85 13.56 22.34
CA LEU A 116 -50.24 12.96 21.08
C LEU A 116 -51.07 13.98 20.30
N ARG A 117 -50.98 13.94 18.98
CA ARG A 117 -51.70 14.87 18.13
C ARG A 117 -52.52 14.11 17.09
N THR A 118 -53.78 14.51 16.95
CA THR A 118 -54.67 13.95 15.95
C THR A 118 -54.69 14.77 14.66
N VAL A 119 -53.82 15.77 14.55
CA VAL A 119 -53.71 16.58 13.33
C VAL A 119 -52.24 16.90 13.10
N PRO A 120 -51.72 16.67 11.90
CA PRO A 120 -50.32 17.00 11.64
C PRO A 120 -50.10 18.49 11.75
N PRO A 121 -48.93 18.91 12.22
CA PRO A 121 -48.67 20.35 12.42
C PRO A 121 -48.43 21.08 11.11
N TYR A 122 -48.14 22.39 11.20
CA TYR A 122 -47.90 23.18 10.01
C TYR A 122 -46.63 22.72 9.30
N SER A 123 -45.61 22.30 10.05
CA SER A 123 -44.34 21.90 9.44
C SER A 123 -44.49 20.71 8.50
N HIS A 124 -45.53 19.90 8.69
CA HIS A 124 -45.75 18.77 7.80
C HIS A 124 -46.22 19.20 6.41
N GLN A 125 -46.58 20.47 6.22
CA GLN A 125 -46.88 20.95 4.88
C GLN A 125 -45.67 20.87 3.96
N SER A 126 -44.47 20.80 4.51
CA SER A 126 -43.27 20.62 3.69
C SER A 126 -43.21 19.22 3.10
N SER A 127 -43.81 18.24 3.77
CA SER A 127 -43.78 16.87 3.25
C SER A 127 -44.53 16.78 1.94
N VAL A 128 -45.69 17.44 1.84
CA VAL A 128 -46.46 17.40 0.61
C VAL A 128 -45.91 18.37 -0.43
N TRP A 129 -45.24 19.44 0.01
CA TRP A 129 -44.67 20.39 -0.95
C TRP A 129 -43.65 19.71 -1.85
N PHE A 130 -42.77 18.90 -1.27
CA PHE A 130 -41.79 18.17 -2.08
C PHE A 130 -42.49 17.29 -3.10
N GLU A 131 -43.53 16.57 -2.67
CA GLU A 131 -44.28 15.75 -3.62
C GLU A 131 -45.09 16.63 -4.57
N MET A 132 -45.46 17.83 -4.15
CA MET A 132 -46.22 18.72 -5.04
C MET A 132 -45.36 19.22 -6.19
N MET A 133 -44.11 19.61 -5.92
CA MET A 133 -43.22 19.96 -7.02
C MET A 133 -42.57 18.75 -7.65
N ARG A 134 -42.73 17.57 -7.06
CA ARG A 134 -42.27 16.34 -7.70
C ARG A 134 -43.09 16.00 -8.94
N VAL A 135 -44.33 16.50 -9.02
CA VAL A 135 -45.18 16.26 -10.17
C VAL A 135 -45.18 17.43 -11.15
N TYR A 136 -44.65 18.58 -10.76
CA TYR A 136 -44.49 19.73 -11.66
C TYR A 136 -43.03 19.96 -12.04
N SER A 137 -42.13 19.06 -11.63
CA SER A 137 -40.72 19.08 -12.03
C SER A 137 -40.00 20.36 -11.58
N TRP A 138 -40.53 21.05 -10.59
CA TRP A 138 -39.84 22.22 -10.06
C TRP A 138 -38.59 21.80 -9.30
N ASN A 139 -37.52 22.57 -9.49
CA ASN A 139 -36.26 22.31 -8.79
C ASN A 139 -35.62 23.55 -8.20
N HIS A 140 -35.94 24.76 -8.68
CA HIS A 140 -35.35 25.99 -8.19
C HIS A 140 -36.36 26.68 -7.29
N ILE A 141 -36.25 26.46 -5.99
CA ILE A 141 -37.18 27.02 -5.01
C ILE A 141 -36.37 27.83 -4.00
N ILE A 142 -37.04 28.83 -3.41
CA ILE A 142 -36.44 29.67 -2.38
C ILE A 142 -37.42 29.75 -1.23
N LEU A 143 -36.98 29.28 -0.05
CA LEU A 143 -37.84 29.28 1.12
C LEU A 143 -37.92 30.66 1.73
N LEU A 144 -39.11 31.02 2.22
CA LEU A 144 -39.36 32.28 2.91
C LEU A 144 -40.13 31.94 4.19
N VAL A 145 -39.40 31.78 5.28
CA VAL A 145 -39.97 31.35 6.54
C VAL A 145 -39.56 32.32 7.64
N SER A 146 -40.31 32.27 8.74
CA SER A 146 -40.00 33.09 9.91
C SER A 146 -38.86 32.46 10.70
N ASP A 147 -38.31 33.24 11.63
CA ASP A 147 -37.22 32.78 12.48
C ASP A 147 -37.72 32.14 13.78
N ASP A 148 -39.03 31.99 13.94
CA ASP A 148 -39.61 31.42 15.15
C ASP A 148 -39.42 29.91 15.15
N HIS A 149 -40.02 29.23 16.12
CA HIS A 149 -39.93 27.78 16.18
C HIS A 149 -40.59 27.13 14.97
N GLU A 150 -41.75 27.65 14.55
CA GLU A 150 -42.45 27.08 13.41
C GLU A 150 -41.67 27.27 12.12
N GLY A 151 -41.16 28.48 11.89
CA GLY A 151 -40.40 28.73 10.68
C GLY A 151 -39.15 27.89 10.59
N ARG A 152 -38.42 27.77 11.71
CA ARG A 152 -37.25 26.90 11.72
C ARG A 152 -37.65 25.44 11.55
N ALA A 153 -38.74 25.02 12.20
CA ALA A 153 -39.19 23.64 12.05
C ALA A 153 -39.72 23.35 10.66
N ALA A 154 -40.30 24.36 9.99
CA ALA A 154 -40.83 24.15 8.65
C ALA A 154 -39.72 23.84 7.66
N GLN A 155 -38.59 24.55 7.76
CA GLN A 155 -37.53 24.39 6.77
C GLN A 155 -36.75 23.10 6.96
N LYS A 156 -36.51 22.68 8.21
CA LYS A 156 -35.70 21.49 8.43
C LYS A 156 -36.39 20.24 7.88
N ARG A 157 -37.72 20.19 7.98
CA ARG A 157 -38.45 19.08 7.37
C ARG A 157 -38.27 19.08 5.85
N LEU A 158 -38.45 20.25 5.22
CA LEU A 158 -38.28 20.33 3.78
C LEU A 158 -36.83 20.10 3.38
N GLU A 159 -35.88 20.67 4.13
CA GLU A 159 -34.47 20.50 3.81
C GLU A 159 -34.05 19.04 3.93
N THR A 160 -34.47 18.37 5.00
CA THR A 160 -34.12 16.96 5.16
C THR A 160 -34.75 16.09 4.09
N LEU A 161 -35.91 16.50 3.56
CA LEU A 161 -36.54 15.79 2.46
C LEU A 161 -35.88 16.08 1.12
N LEU A 162 -34.91 16.99 1.07
CA LEU A 162 -34.22 17.30 -0.17
C LEU A 162 -32.74 16.92 -0.17
N GLU A 163 -32.21 16.46 0.97
CA GLU A 163 -30.82 16.00 1.00
C GLU A 163 -30.62 14.77 0.12
N GLU A 164 -31.56 13.83 0.15
CA GLU A 164 -31.44 12.62 -0.64
C GLU A 164 -31.52 12.90 -2.13
N ARG A 165 -32.09 14.03 -2.54
CA ARG A 165 -32.13 14.43 -3.93
C ARG A 165 -30.95 15.32 -4.33
N GLU A 166 -30.00 15.53 -3.41
CA GLU A 166 -28.79 16.32 -3.68
C GLU A 166 -29.15 17.74 -4.12
N SER A 167 -30.19 18.30 -3.50
CA SER A 167 -30.63 19.66 -3.80
C SER A 167 -30.67 20.47 -2.51
N LYS A 168 -30.06 21.65 -2.54
CA LYS A 168 -30.03 22.54 -1.37
C LYS A 168 -31.17 23.55 -1.37
N ALA A 169 -32.03 23.53 -2.39
CA ALA A 169 -33.16 24.46 -2.51
C ALA A 169 -32.67 25.91 -2.51
N GLU A 170 -31.66 26.17 -3.35
CA GLU A 170 -31.10 27.51 -3.54
C GLU A 170 -30.69 28.13 -2.21
N LYS A 171 -31.42 29.16 -1.79
CA LYS A 171 -31.11 29.86 -0.55
C LYS A 171 -32.41 30.10 0.21
N VAL A 172 -32.27 30.25 1.53
CA VAL A 172 -33.40 30.45 2.43
C VAL A 172 -33.41 31.90 2.87
N LEU A 173 -34.56 32.54 2.74
CA LEU A 173 -34.74 33.94 3.14
C LEU A 173 -35.44 33.95 4.49
N GLN A 174 -34.65 33.91 5.56
CA GLN A 174 -35.22 33.98 6.90
C GLN A 174 -35.87 35.34 7.11
N PHE A 175 -37.12 35.33 7.55
CA PHE A 175 -37.95 36.52 7.63
C PHE A 175 -38.27 36.85 9.08
N ASP A 176 -38.12 38.12 9.45
CA ASP A 176 -38.28 38.54 10.84
C ASP A 176 -39.75 38.85 11.09
N PRO A 177 -40.41 38.17 12.03
CA PRO A 177 -41.85 38.36 12.20
C PRO A 177 -42.19 39.73 12.78
N GLY A 178 -43.44 40.13 12.56
CA GLY A 178 -43.90 41.42 13.05
C GLY A 178 -43.20 42.60 12.42
N THR A 179 -42.97 42.55 11.12
CA THR A 179 -42.28 43.61 10.40
C THR A 179 -43.17 44.19 9.31
N LYS A 180 -42.96 45.47 9.03
CA LYS A 180 -43.71 46.18 7.99
C LYS A 180 -42.86 46.40 6.74
N ASN A 181 -41.65 46.92 6.89
CA ASN A 181 -40.76 47.15 5.76
C ASN A 181 -39.95 45.89 5.45
N VAL A 182 -40.67 44.87 4.99
CA VAL A 182 -40.04 43.62 4.59
C VAL A 182 -39.48 43.67 3.18
N THR A 183 -39.64 44.80 2.48
CA THR A 183 -39.12 44.94 1.13
C THR A 183 -37.60 44.81 1.07
N ALA A 184 -36.92 44.98 2.21
CA ALA A 184 -35.47 44.83 2.28
C ALA A 184 -35.02 43.38 2.19
N LEU A 185 -35.93 42.45 1.92
CA LEU A 185 -35.61 41.03 1.84
C LEU A 185 -35.85 40.42 0.47
N LEU A 186 -36.56 41.10 -0.42
CA LEU A 186 -37.00 40.50 -1.67
C LEU A 186 -36.07 40.78 -2.86
N MET A 187 -35.03 41.60 -2.68
CA MET A 187 -34.13 41.84 -3.81
C MET A 187 -33.31 40.60 -4.14
N GLU A 188 -32.90 39.83 -3.13
CA GLU A 188 -32.20 38.58 -3.42
C GLU A 188 -33.10 37.61 -4.17
N ALA A 189 -34.37 37.50 -3.75
CA ALA A 189 -35.31 36.64 -4.46
C ALA A 189 -35.56 37.14 -5.87
N LYS A 190 -35.68 38.46 -6.04
CA LYS A 190 -35.95 39.01 -7.37
C LYS A 190 -34.80 38.72 -8.33
N GLU A 191 -33.56 38.87 -7.87
CA GLU A 191 -32.41 38.66 -8.73
C GLU A 191 -32.01 37.19 -8.85
N LEU A 192 -32.56 36.31 -8.02
CA LEU A 192 -32.20 34.90 -8.08
C LEU A 192 -32.87 34.23 -9.26
N GLU A 193 -32.29 33.10 -9.68
CA GLU A 193 -32.83 32.36 -10.81
C GLU A 193 -34.09 31.58 -10.46
N ALA A 194 -34.32 31.32 -9.17
CA ALA A 194 -35.46 30.52 -8.76
C ALA A 194 -36.75 31.28 -8.97
N ARG A 195 -37.75 30.62 -9.54
CA ARG A 195 -39.07 31.20 -9.74
C ARG A 195 -40.14 30.55 -8.86
N VAL A 196 -39.74 29.64 -7.98
CA VAL A 196 -40.65 28.98 -7.05
C VAL A 196 -40.41 29.58 -5.67
N ILE A 197 -41.47 30.13 -5.07
CA ILE A 197 -41.39 30.75 -3.76
C ILE A 197 -42.29 29.98 -2.79
N ILE A 198 -41.72 29.57 -1.67
CA ILE A 198 -42.44 28.85 -0.63
C ILE A 198 -42.51 29.73 0.61
N LEU A 199 -43.71 29.94 1.13
CA LEU A 199 -43.94 30.85 2.24
C LEU A 199 -44.57 30.12 3.41
N SER A 200 -44.13 30.46 4.61
CA SER A 200 -44.71 29.90 5.84
C SER A 200 -44.52 30.94 6.95
N ALA A 201 -45.59 31.70 7.22
CA ALA A 201 -45.54 32.76 8.22
C ALA A 201 -46.91 32.87 8.87
N SER A 202 -47.04 33.82 9.80
CA SER A 202 -48.29 34.02 10.49
C SER A 202 -49.28 34.76 9.61
N GLU A 203 -50.56 34.70 10.00
CA GLU A 203 -51.61 35.34 9.22
C GLU A 203 -51.43 36.86 9.15
N ASP A 204 -50.85 37.46 10.18
CA ASP A 204 -50.54 38.87 10.17
C ASP A 204 -49.15 39.16 9.62
N ASP A 205 -48.33 38.14 9.39
CA ASP A 205 -47.01 38.30 8.83
C ASP A 205 -46.91 37.85 7.38
N ALA A 206 -47.86 37.05 6.90
CA ALA A 206 -47.91 36.70 5.49
C ALA A 206 -48.54 37.79 4.65
N ALA A 207 -49.25 38.74 5.26
CA ALA A 207 -49.84 39.84 4.51
C ALA A 207 -48.80 40.86 4.08
N THR A 208 -47.85 41.19 4.96
CA THR A 208 -46.86 42.21 4.63
C THR A 208 -45.97 41.78 3.48
N VAL A 209 -45.57 40.50 3.46
CA VAL A 209 -44.80 39.99 2.33
C VAL A 209 -45.65 39.95 1.07
N TYR A 210 -46.95 39.66 1.20
CA TYR A 210 -47.85 39.75 0.07
C TYR A 210 -47.94 41.17 -0.44
N ARG A 211 -48.01 42.14 0.47
CA ARG A 211 -48.05 43.55 0.06
C ARG A 211 -46.75 43.95 -0.63
N ALA A 212 -45.61 43.52 -0.09
CA ALA A 212 -44.33 43.85 -0.70
C ALA A 212 -44.20 43.19 -2.07
N ALA A 213 -44.64 41.94 -2.19
CA ALA A 213 -44.53 41.23 -3.47
C ALA A 213 -45.41 41.89 -4.52
N ALA A 214 -46.58 42.39 -4.13
CA ALA A 214 -47.48 43.01 -5.09
C ALA A 214 -46.87 44.25 -5.71
N MET A 215 -46.23 45.09 -4.91
CA MET A 215 -45.64 46.33 -5.40
C MET A 215 -44.23 46.14 -5.96
N LEU A 216 -43.65 44.95 -5.82
CA LEU A 216 -42.34 44.67 -6.37
C LEU A 216 -42.42 43.82 -7.64
N ASN A 217 -43.60 43.74 -8.26
CA ASN A 217 -43.86 43.00 -9.49
C ASN A 217 -43.66 41.50 -9.32
N MET A 218 -43.57 41.01 -8.10
CA MET A 218 -43.47 39.57 -7.87
C MET A 218 -44.76 38.86 -8.25
N THR A 219 -45.90 39.57 -8.17
CA THR A 219 -47.19 38.98 -8.48
C THR A 219 -47.31 38.57 -9.95
N GLY A 220 -46.55 39.21 -10.83
CA GLY A 220 -46.68 38.96 -12.26
C GLY A 220 -46.45 37.51 -12.63
N SER A 221 -46.81 37.18 -13.87
CA SER A 221 -46.75 35.81 -14.34
C SER A 221 -45.30 35.32 -14.40
N GLY A 222 -45.16 34.01 -14.54
CA GLY A 222 -43.87 33.37 -14.51
C GLY A 222 -43.42 32.94 -13.12
N TYR A 223 -44.09 33.41 -12.08
CA TYR A 223 -43.80 33.02 -10.71
C TYR A 223 -44.82 32.00 -10.24
N VAL A 224 -44.43 31.21 -9.24
CA VAL A 224 -45.31 30.23 -8.62
C VAL A 224 -45.11 30.29 -7.12
N TRP A 225 -46.21 30.40 -6.38
CA TRP A 225 -46.19 30.47 -4.92
C TRP A 225 -46.76 29.19 -4.34
N LEU A 226 -46.03 28.60 -3.39
CA LEU A 226 -46.48 27.39 -2.68
C LEU A 226 -46.57 27.76 -1.21
N VAL A 227 -47.75 28.22 -0.79
CA VAL A 227 -47.95 28.74 0.55
C VAL A 227 -48.64 27.67 1.39
N GLY A 228 -48.61 27.87 2.71
CA GLY A 228 -49.22 26.94 3.64
C GLY A 228 -50.64 27.32 4.00
N GLU A 229 -51.16 26.64 5.03
CA GLU A 229 -52.54 26.89 5.45
C GLU A 229 -52.68 28.24 6.12
N ARG A 230 -51.67 28.66 6.89
CA ARG A 230 -51.74 29.94 7.59
C ARG A 230 -51.73 31.12 6.64
N GLU A 231 -51.20 30.95 5.43
CA GLU A 231 -51.14 32.06 4.49
C GLU A 231 -52.51 32.36 3.88
N ILE A 232 -53.32 31.34 3.65
CA ILE A 232 -54.63 31.55 3.06
C ILE A 232 -55.58 32.17 4.09
N SER A 233 -55.83 31.46 5.18
CA SER A 233 -56.80 31.89 6.17
C SER A 233 -56.29 33.13 6.90
N GLY A 234 -57.14 33.66 7.78
CA GLY A 234 -56.80 34.86 8.52
C GLY A 234 -56.95 36.10 7.66
N ASN A 235 -56.33 37.18 8.13
CA ASN A 235 -56.36 38.45 7.41
C ASN A 235 -55.29 38.50 6.33
N ALA A 236 -55.26 37.48 5.46
CA ALA A 236 -54.36 37.46 4.33
C ALA A 236 -55.05 37.06 3.03
N LEU A 237 -56.27 36.52 3.09
CA LEU A 237 -57.02 36.26 1.86
C LEU A 237 -57.32 37.55 1.12
N ARG A 238 -57.65 38.61 1.85
CA ARG A 238 -57.97 39.89 1.22
C ARG A 238 -56.76 40.50 0.52
N TYR A 239 -55.55 40.10 0.89
CA TYR A 239 -54.33 40.65 0.28
C TYR A 239 -53.49 39.61 -0.42
N ALA A 240 -53.92 38.35 -0.47
CA ALA A 240 -53.18 37.34 -1.22
C ALA A 240 -53.29 37.63 -2.72
N PRO A 241 -52.20 37.53 -3.46
CA PRO A 241 -52.25 37.77 -4.91
C PRO A 241 -53.05 36.68 -5.62
N ASP A 242 -53.58 37.05 -6.77
CA ASP A 242 -54.34 36.09 -7.58
C ASP A 242 -53.42 34.99 -8.11
N GLY A 243 -53.90 33.76 -8.07
CA GLY A 243 -53.12 32.63 -8.55
C GLY A 243 -52.32 31.90 -7.50
N ILE A 244 -52.54 32.19 -6.22
CA ILE A 244 -51.79 31.50 -5.16
C ILE A 244 -52.13 30.01 -5.20
N LEU A 245 -51.10 29.18 -5.34
CA LEU A 245 -51.28 27.73 -5.29
C LEU A 245 -51.19 27.32 -3.81
N GLY A 246 -52.25 27.67 -3.09
CA GLY A 246 -52.30 27.47 -1.66
C GLY A 246 -52.43 26.01 -1.28
N LEU A 247 -52.70 25.80 0.01
CA LEU A 247 -52.80 24.44 0.55
C LEU A 247 -53.64 24.49 1.82
N GLN A 248 -54.50 23.49 1.98
CA GLN A 248 -55.36 23.38 3.16
C GLN A 248 -55.48 21.91 3.52
N LEU A 249 -56.39 21.60 4.44
CA LEU A 249 -56.62 20.23 4.86
C LEU A 249 -58.11 19.98 4.94
N ILE A 250 -58.49 18.71 4.80
CA ILE A 250 -59.88 18.29 4.86
C ILE A 250 -60.05 17.35 6.04
N ASN A 251 -61.26 17.33 6.59
CA ASN A 251 -61.66 16.53 7.75
C ASN A 251 -60.77 16.78 8.97
N GLY A 252 -59.97 17.85 8.95
CA GLY A 252 -59.08 18.14 10.06
C GLY A 252 -59.67 19.14 11.04
N LYS A 253 -60.62 19.96 10.57
CA LYS A 253 -61.28 20.94 11.42
C LYS A 253 -62.56 20.42 12.03
N ASN A 254 -62.96 19.19 11.70
CA ASN A 254 -64.16 18.57 12.26
C ASN A 254 -63.87 18.09 13.68
N GLU A 255 -63.69 19.07 14.58
CA GLU A 255 -63.33 18.75 15.96
C GLU A 255 -64.44 17.97 16.66
N SER A 256 -65.71 18.24 16.31
CA SER A 256 -66.81 17.48 16.88
C SER A 256 -66.72 16.01 16.49
N ALA A 257 -66.36 15.73 15.23
CA ALA A 257 -66.16 14.38 14.77
C ALA A 257 -64.76 13.85 15.06
N HIS A 258 -63.83 14.73 15.47
CA HIS A 258 -62.47 14.28 15.75
C HIS A 258 -62.40 13.41 16.99
N ILE A 259 -63.22 13.71 18.01
CA ILE A 259 -63.10 12.99 19.27
C ILE A 259 -63.48 11.53 19.11
N SER A 260 -64.39 11.22 18.18
CA SER A 260 -64.76 9.83 17.95
C SER A 260 -63.55 9.01 17.51
N ASP A 261 -62.75 9.53 16.59
CA ASP A 261 -61.49 8.89 16.27
C ASP A 261 -60.50 9.03 17.43
N ALA A 262 -60.54 10.16 18.14
CA ALA A 262 -59.65 10.37 19.26
C ALA A 262 -59.94 9.40 20.39
N VAL A 263 -61.22 9.17 20.71
CA VAL A 263 -61.55 8.18 21.72
C VAL A 263 -61.44 6.75 21.19
N GLY A 264 -61.56 6.57 19.87
CA GLY A 264 -61.48 5.23 19.32
C GLY A 264 -60.12 4.59 19.53
N VAL A 265 -59.04 5.35 19.33
CA VAL A 265 -57.71 4.79 19.46
C VAL A 265 -57.40 4.50 20.92
N VAL A 266 -57.71 5.43 21.83
CA VAL A 266 -57.34 5.24 23.23
C VAL A 266 -58.20 4.14 23.86
N ALA A 267 -59.49 4.10 23.56
CA ALA A 267 -60.35 3.07 24.12
C ALA A 267 -59.92 1.68 23.66
N GLN A 268 -59.55 1.56 22.39
CA GLN A 268 -59.00 0.30 21.90
C GLN A 268 -57.57 0.07 22.38
N ALA A 269 -56.92 1.10 22.92
CA ALA A 269 -55.56 0.95 23.44
C ALA A 269 -55.53 0.51 24.90
N VAL A 270 -56.56 0.83 25.68
CA VAL A 270 -56.60 0.35 27.05
C VAL A 270 -56.90 -1.14 27.11
N HIS A 271 -57.44 -1.71 26.03
CA HIS A 271 -57.66 -3.16 25.99
C HIS A 271 -56.34 -3.91 26.07
N GLU A 272 -55.33 -3.46 25.33
CA GLU A 272 -54.00 -4.06 25.46
C GLU A 272 -53.23 -3.52 26.66
N LEU A 273 -53.59 -2.32 27.15
CA LEU A 273 -52.94 -1.80 28.35
C LEU A 273 -53.23 -2.69 29.55
N LEU A 274 -54.51 -3.03 29.75
CA LEU A 274 -54.90 -3.90 30.85
C LEU A 274 -54.92 -5.37 30.42
N GLU A 275 -53.82 -5.80 29.81
CA GLU A 275 -53.69 -7.18 29.37
C GLU A 275 -52.31 -7.76 29.66
N LYS A 276 -51.50 -7.11 30.49
CA LYS A 276 -50.17 -7.61 30.84
C LYS A 276 -49.98 -7.60 32.35
N GLU A 277 -48.77 -7.89 32.79
CA GLU A 277 -48.48 -7.88 34.21
C GLU A 277 -48.21 -6.45 34.69
N ASN A 278 -48.12 -6.31 36.02
CA ASN A 278 -47.87 -5.06 36.76
C ASN A 278 -48.46 -3.83 36.07
N ILE A 279 -49.75 -3.86 35.79
CA ILE A 279 -50.44 -2.68 35.26
C ILE A 279 -50.75 -1.76 36.43
N THR A 280 -50.17 -0.56 36.40
CA THR A 280 -50.24 0.36 37.53
C THR A 280 -51.59 1.09 37.52
N ASP A 281 -51.70 2.09 38.40
CA ASP A 281 -52.89 2.91 38.53
C ASP A 281 -52.55 4.38 38.31
N PRO A 282 -53.43 5.14 37.65
CA PRO A 282 -53.12 6.54 37.40
C PRO A 282 -52.99 7.31 38.70
N PRO A 283 -52.19 8.38 38.71
CA PRO A 283 -51.95 9.10 39.96
C PRO A 283 -53.23 9.63 40.58
N ARG A 284 -53.29 9.58 41.90
CA ARG A 284 -54.46 10.02 42.66
C ARG A 284 -54.23 11.43 43.18
N GLY A 285 -55.12 12.34 42.82
CA GLY A 285 -54.99 13.71 43.26
C GLY A 285 -53.76 14.38 42.65
N CYS A 286 -53.45 15.56 43.20
CA CYS A 286 -52.29 16.32 42.76
C CYS A 286 -51.24 16.42 43.85
N VAL A 287 -51.59 16.95 45.02
CA VAL A 287 -50.62 17.12 46.09
C VAL A 287 -50.19 15.77 46.65
N GLY A 288 -51.13 14.84 46.79
CA GLY A 288 -50.81 13.55 47.36
C GLY A 288 -49.79 12.79 46.53
N ASN A 289 -49.99 12.73 45.22
CA ASN A 289 -49.02 12.12 44.34
C ASN A 289 -47.80 13.02 44.19
N THR A 290 -46.63 12.39 44.04
CA THR A 290 -45.39 13.15 43.98
C THR A 290 -44.40 12.66 42.93
N ASN A 291 -44.75 11.68 42.11
CA ASN A 291 -43.80 11.15 41.15
C ASN A 291 -44.53 10.46 40.01
N ILE A 292 -43.81 10.27 38.91
CA ILE A 292 -44.32 9.49 37.78
C ILE A 292 -44.52 8.05 38.22
N TRP A 293 -45.63 7.46 37.79
CA TRP A 293 -45.90 6.07 38.12
C TRP A 293 -44.84 5.16 37.52
N LYS A 294 -44.62 4.01 38.16
CA LYS A 294 -43.52 3.13 37.76
C LYS A 294 -43.65 2.63 36.33
N THR A 295 -44.87 2.63 35.78
CA THR A 295 -45.04 2.32 34.36
C THR A 295 -44.42 3.43 33.52
N GLY A 296 -43.61 3.04 32.53
CA GLY A 296 -42.96 4.00 31.68
C GLY A 296 -43.89 4.52 30.60
N PRO A 297 -43.38 4.66 29.38
CA PRO A 297 -44.23 5.13 28.28
C PRO A 297 -45.07 4.01 27.68
N LEU A 298 -45.21 2.91 28.43
CA LEU A 298 -45.90 1.73 27.90
C LEU A 298 -47.33 2.05 27.49
N PHE A 299 -48.05 2.82 28.32
CA PHE A 299 -49.39 3.25 27.92
C PHE A 299 -49.33 4.16 26.71
N LYS A 300 -48.29 4.99 26.60
CA LYS A 300 -48.11 5.80 25.41
C LYS A 300 -47.62 4.96 24.24
N ARG A 301 -46.70 4.02 24.49
CA ARG A 301 -46.07 3.28 23.41
C ARG A 301 -47.09 2.47 22.60
N VAL A 302 -48.15 1.98 23.25
CA VAL A 302 -49.17 1.22 22.52
C VAL A 302 -50.01 2.10 21.61
N LEU A 303 -49.89 3.43 21.73
CA LEU A 303 -50.67 4.31 20.87
C LEU A 303 -50.19 4.24 19.43
N MET A 304 -48.88 4.34 19.21
CA MET A 304 -48.33 4.21 17.86
C MET A 304 -47.96 2.76 17.56
N SER A 305 -48.89 1.85 17.82
CA SER A 305 -48.73 0.45 17.46
C SER A 305 -50.01 -0.16 16.93
N SER A 306 -51.09 0.61 16.78
CA SER A 306 -52.37 0.11 16.33
C SER A 306 -52.68 0.64 14.94
N LYS A 307 -53.01 -0.25 14.02
CA LYS A 307 -53.38 0.13 12.66
C LYS A 307 -54.89 0.36 12.55
N TYR A 308 -55.40 1.23 13.42
CA TYR A 308 -56.83 1.53 13.44
C TYR A 308 -57.21 2.34 12.21
N ALA A 309 -58.07 1.77 11.37
CA ALA A 309 -58.53 2.42 10.13
C ALA A 309 -60.05 2.38 10.11
N ASP A 310 -60.67 3.37 10.75
CA ASP A 310 -62.12 3.51 10.79
C ASP A 310 -62.42 4.90 11.33
N GLY A 311 -63.70 5.16 11.59
CA GLY A 311 -64.11 6.44 12.10
C GLY A 311 -64.40 7.45 11.00
N VAL A 312 -64.42 8.72 11.40
CA VAL A 312 -64.72 9.79 10.45
C VAL A 312 -63.58 9.94 9.44
N THR A 313 -62.33 9.78 9.89
CA THR A 313 -61.19 9.94 9.00
C THR A 313 -60.74 8.61 8.41
N GLY A 314 -60.40 7.64 9.26
CA GLY A 314 -59.86 6.38 8.82
C GLY A 314 -58.36 6.42 8.59
N ARG A 315 -57.78 5.23 8.47
CA ARG A 315 -56.34 5.02 8.28
C ARG A 315 -55.50 5.98 9.13
N VAL A 316 -55.89 6.10 10.40
CA VAL A 316 -55.20 6.98 11.34
C VAL A 316 -54.04 6.22 11.96
N GLU A 317 -52.83 6.70 11.74
CA GLU A 317 -51.62 6.07 12.26
C GLU A 317 -50.75 7.13 12.93
N PHE A 318 -49.98 6.69 13.92
CA PHE A 318 -49.10 7.56 14.67
C PHE A 318 -47.66 7.06 14.53
N ASN A 319 -46.74 8.00 14.34
CA ASN A 319 -45.32 7.69 14.20
C ASN A 319 -44.60 8.03 15.50
N GLU A 320 -43.27 7.92 15.48
CA GLU A 320 -42.48 8.39 16.61
C GLU A 320 -42.69 9.89 16.79
N ASP A 321 -42.85 10.29 18.06
CA ASP A 321 -43.35 11.57 18.58
C ASP A 321 -44.87 11.60 18.59
N GLY A 322 -45.55 10.53 18.17
CA GLY A 322 -46.98 10.46 18.26
C GLY A 322 -47.75 11.46 17.42
N ASP A 323 -47.36 11.61 16.15
CA ASP A 323 -48.03 12.52 15.23
C ASP A 323 -48.78 11.72 14.17
N ARG A 324 -49.95 12.21 13.80
CA ARG A 324 -50.80 11.52 12.84
C ARG A 324 -50.30 11.80 11.41
N LYS A 325 -49.85 10.75 10.74
CA LYS A 325 -49.40 10.83 9.36
C LYS A 325 -50.49 10.30 8.44
N PHE A 326 -50.15 10.17 7.14
CA PHE A 326 -51.08 9.71 6.12
C PHE A 326 -52.40 10.48 6.17
N ALA A 327 -52.29 11.79 6.38
CA ALA A 327 -53.46 12.65 6.40
C ALA A 327 -53.92 12.98 4.99
N ASN A 328 -55.16 13.47 4.89
CA ASN A 328 -55.74 13.86 3.61
C ASN A 328 -55.57 15.36 3.44
N TYR A 329 -54.70 15.75 2.51
CA TYR A 329 -54.39 17.15 2.24
C TYR A 329 -55.05 17.58 0.94
N SER A 330 -55.67 18.75 0.95
CA SER A 330 -56.33 19.32 -0.20
C SER A 330 -55.64 20.61 -0.62
N ILE A 331 -55.64 20.87 -1.93
CA ILE A 331 -54.86 21.96 -2.52
C ILE A 331 -55.82 23.02 -3.04
N MET A 332 -55.74 24.22 -2.45
CA MET A 332 -56.56 25.35 -2.88
C MET A 332 -55.93 26.05 -4.08
N ASN A 333 -56.63 27.09 -4.55
CA ASN A 333 -56.14 28.01 -5.57
C ASN A 333 -56.88 29.32 -5.40
N LEU A 334 -56.31 30.38 -5.96
CA LEU A 334 -56.86 31.74 -5.82
C LEU A 334 -57.16 32.30 -7.21
N GLN A 335 -58.43 32.32 -7.57
CA GLN A 335 -58.90 32.96 -8.79
C GLN A 335 -59.92 34.03 -8.43
N ASN A 336 -59.69 35.25 -8.89
CA ASN A 336 -60.52 36.42 -8.59
C ASN A 336 -60.96 36.43 -7.12
N ARG A 337 -59.98 36.21 -6.24
CA ARG A 337 -60.21 36.16 -4.79
C ARG A 337 -61.26 35.12 -4.42
N LYS A 338 -61.13 33.94 -5.00
CA LYS A 338 -61.99 32.81 -4.67
C LYS A 338 -61.13 31.55 -4.53
N LEU A 339 -61.62 30.62 -3.71
CA LEU A 339 -60.90 29.39 -3.40
C LEU A 339 -61.51 28.24 -4.19
N VAL A 340 -60.71 27.61 -5.04
CA VAL A 340 -61.14 26.47 -5.83
C VAL A 340 -60.16 25.32 -5.61
N GLN A 341 -60.70 24.12 -5.43
CA GLN A 341 -59.87 22.94 -5.26
C GLN A 341 -59.21 22.58 -6.58
N VAL A 342 -57.92 22.23 -6.52
CA VAL A 342 -57.16 21.93 -7.73
C VAL A 342 -56.39 20.62 -7.57
N GLY A 343 -56.37 20.07 -6.35
CA GLY A 343 -55.64 18.84 -6.12
C GLY A 343 -55.97 18.25 -4.77
N ILE A 344 -55.78 16.94 -4.68
CA ILE A 344 -56.03 16.18 -3.45
C ILE A 344 -54.80 15.31 -3.18
N TYR A 345 -54.33 15.34 -1.95
CA TYR A 345 -53.18 14.54 -1.53
C TYR A 345 -53.65 13.35 -0.72
N ASN A 346 -53.25 12.16 -1.14
CA ASN A 346 -53.68 10.91 -0.50
C ASN A 346 -52.80 10.51 0.67
N GLY A 347 -51.79 11.31 1.01
CA GLY A 347 -50.84 10.98 2.05
C GLY A 347 -49.55 10.38 1.55
N THR A 348 -49.54 9.87 0.32
CA THR A 348 -48.33 9.35 -0.32
C THR A 348 -48.01 10.09 -1.61
N HIS A 349 -49.00 10.29 -2.47
CA HIS A 349 -48.80 10.99 -3.74
C HIS A 349 -49.93 11.99 -3.95
N VAL A 350 -49.65 13.00 -4.76
CA VAL A 350 -50.60 14.06 -5.05
C VAL A 350 -51.38 13.67 -6.30
N ILE A 351 -52.71 13.71 -6.20
CA ILE A 351 -53.60 13.42 -7.31
C ILE A 351 -54.20 14.74 -7.78
N PRO A 352 -53.84 15.24 -8.96
CA PRO A 352 -54.42 16.51 -9.43
C PRO A 352 -55.90 16.38 -9.72
N ASN A 353 -56.62 17.48 -9.49
CA ASN A 353 -58.04 17.54 -9.75
C ASN A 353 -58.30 17.95 -11.21
N ASP A 354 -59.53 17.74 -11.65
CA ASP A 354 -59.89 18.11 -13.03
C ASP A 354 -59.88 19.60 -13.25
N ARG A 355 -59.99 20.40 -12.18
CA ARG A 355 -60.00 21.85 -12.32
C ARG A 355 -58.64 22.35 -12.81
N LYS A 356 -58.67 23.19 -13.85
CA LYS A 356 -57.44 23.76 -14.37
C LYS A 356 -56.86 24.77 -13.40
N ILE A 357 -55.53 24.80 -13.30
CA ILE A 357 -54.84 25.68 -12.38
C ILE A 357 -54.62 27.02 -13.07
N ILE A 358 -55.09 28.09 -12.44
CA ILE A 358 -54.89 29.45 -12.92
C ILE A 358 -53.68 30.01 -12.18
N TRP A 359 -52.53 29.97 -12.83
CA TRP A 359 -51.30 30.47 -12.23
C TRP A 359 -51.34 32.00 -12.15
N PRO A 360 -50.54 32.59 -11.25
CA PRO A 360 -50.55 34.06 -11.14
C PRO A 360 -50.20 34.71 -12.46
N GLY A 361 -50.86 35.83 -12.73
CA GLY A 361 -50.76 36.49 -14.02
C GLY A 361 -51.75 35.99 -15.05
N GLY A 362 -52.60 35.03 -14.71
CA GLY A 362 -53.61 34.54 -15.63
C GLY A 362 -53.12 33.55 -16.66
N GLU A 363 -51.86 33.13 -16.59
CA GLU A 363 -51.31 32.20 -17.56
C GLU A 363 -51.81 30.79 -17.25
N THR A 364 -52.63 30.24 -18.14
CA THR A 364 -53.12 28.88 -17.95
C THR A 364 -52.01 27.85 -18.10
N GLU A 365 -51.01 28.14 -18.93
CA GLU A 365 -49.88 27.23 -19.09
C GLU A 365 -49.09 27.14 -17.80
N LYS A 366 -48.57 25.95 -17.52
CA LYS A 366 -47.79 25.74 -16.30
C LYS A 366 -46.43 26.41 -16.43
N PRO A 367 -46.09 27.36 -15.57
CA PRO A 367 -44.77 27.99 -15.65
C PRO A 367 -43.69 27.06 -15.11
N ARG A 368 -42.45 27.35 -15.51
CA ARG A 368 -41.29 26.58 -15.11
C ARG A 368 -40.37 27.47 -14.28
N GLY A 369 -39.77 26.89 -13.24
CA GLY A 369 -38.96 27.66 -12.34
C GLY A 369 -37.53 27.79 -12.79
N TYR A 370 -37.24 28.91 -13.47
CA TYR A 370 -35.91 29.21 -13.97
C TYR A 370 -35.89 30.61 -14.57
N GLN A 371 -34.73 31.27 -14.54
CA GLN A 371 -34.61 32.59 -15.13
C GLN A 371 -33.39 32.73 -16.04
N MET A 372 -32.55 31.70 -16.14
CA MET A 372 -31.33 31.71 -16.94
C MET A 372 -30.33 32.73 -16.39
N SER A 373 -29.08 32.62 -16.83
CA SER A 373 -27.98 33.44 -16.33
C SER A 373 -27.15 33.96 -17.49
N THR A 374 -27.82 34.56 -18.48
CA THR A 374 -27.11 35.07 -19.67
C THR A 374 -26.02 36.06 -19.29
N ARG A 375 -26.18 36.78 -18.19
CA ARG A 375 -25.13 37.64 -17.67
C ARG A 375 -24.30 36.85 -16.65
N LEU A 376 -23.02 36.66 -16.95
CA LEU A 376 -22.13 35.88 -16.11
C LEU A 376 -20.93 36.72 -15.72
N LYS A 377 -20.51 36.59 -14.46
CA LYS A 377 -19.34 37.29 -13.94
C LYS A 377 -18.13 36.38 -14.05
N ILE A 378 -17.03 36.93 -14.59
CA ILE A 378 -15.85 36.16 -14.94
C ILE A 378 -14.65 36.76 -14.21
N VAL A 379 -13.85 35.90 -13.59
CA VAL A 379 -12.71 36.32 -12.79
C VAL A 379 -11.42 35.85 -13.47
N THR A 380 -10.41 36.72 -13.48
CA THR A 380 -9.15 36.44 -14.17
C THR A 380 -8.00 37.00 -13.37
N ILE A 381 -6.79 36.49 -13.65
CA ILE A 381 -5.54 36.97 -13.05
C ILE A 381 -4.62 37.41 -14.19
N HIS A 382 -3.75 38.37 -13.89
CA HIS A 382 -2.77 38.82 -14.88
C HIS A 382 -1.72 37.73 -15.10
N GLN A 383 -1.47 37.40 -16.36
CA GLN A 383 -0.40 36.49 -16.74
C GLN A 383 0.23 37.04 -18.00
N GLU A 384 1.46 36.63 -18.27
CA GLU A 384 2.15 37.30 -19.37
C GLU A 384 1.63 36.84 -20.73
N PRO A 385 1.70 35.55 -21.09
CA PRO A 385 1.28 35.17 -22.44
C PRO A 385 -0.21 34.95 -22.58
N PHE A 386 -0.92 34.65 -21.49
CA PHE A 386 -2.32 34.25 -21.59
C PHE A 386 -3.27 35.46 -21.51
N VAL A 387 -3.18 36.21 -20.42
CA VAL A 387 -4.07 37.35 -20.20
C VAL A 387 -3.18 38.58 -20.00
N TYR A 388 -2.84 39.25 -21.10
CA TYR A 388 -2.13 40.51 -21.00
C TYR A 388 -3.01 41.53 -20.30
N VAL A 389 -2.37 42.47 -19.60
CA VAL A 389 -3.07 43.56 -18.96
C VAL A 389 -2.34 44.85 -19.30
N LYS A 390 -3.08 45.81 -19.86
CA LYS A 390 -2.56 47.13 -20.15
C LYS A 390 -3.59 48.16 -19.68
N PRO A 391 -3.18 49.18 -18.93
CA PRO A 391 -4.15 50.19 -18.50
C PRO A 391 -4.78 50.89 -19.69
N THR A 392 -6.07 51.17 -19.57
CA THR A 392 -6.80 51.79 -20.66
C THR A 392 -6.42 53.27 -20.79
N LEU A 393 -6.76 53.84 -21.95
CA LEU A 393 -6.48 55.24 -22.19
C LEU A 393 -7.44 56.12 -21.40
N SER A 394 -7.19 57.43 -21.44
CA SER A 394 -8.00 58.37 -20.66
C SER A 394 -9.45 58.38 -21.13
N ASP A 395 -9.70 58.05 -22.39
CA ASP A 395 -11.06 58.04 -22.92
C ASP A 395 -11.90 56.88 -22.39
N GLY A 396 -11.29 55.92 -21.71
CA GLY A 396 -12.00 54.76 -21.21
C GLY A 396 -12.11 53.61 -22.18
N THR A 397 -11.61 53.76 -23.40
CA THR A 397 -11.65 52.72 -24.41
C THR A 397 -10.27 52.11 -24.60
N CYS A 398 -10.25 50.90 -25.16
CA CYS A 398 -9.00 50.19 -25.37
C CYS A 398 -8.24 50.81 -26.54
N LYS A 399 -6.91 50.66 -26.50
CA LYS A 399 -6.06 51.15 -27.58
C LYS A 399 -6.17 50.23 -28.79
N GLU A 400 -6.38 50.82 -29.96
CA GLU A 400 -6.45 50.03 -31.18
C GLU A 400 -5.08 49.46 -31.53
N GLU A 401 -5.06 48.18 -31.89
CA GLU A 401 -3.82 47.51 -32.24
C GLU A 401 -4.15 46.36 -33.19
N PHE A 402 -3.16 45.97 -34.00
CA PHE A 402 -3.34 44.96 -35.01
C PHE A 402 -2.23 43.92 -34.93
N THR A 403 -2.55 42.69 -35.33
CA THR A 403 -1.58 41.61 -35.31
C THR A 403 -0.56 41.79 -36.42
N VAL A 404 0.44 40.89 -36.43
CA VAL A 404 1.42 40.89 -37.51
C VAL A 404 0.80 40.38 -38.81
N ASN A 405 -0.30 39.64 -38.74
CA ASN A 405 -0.97 39.12 -39.92
C ASN A 405 -2.11 40.02 -40.40
N GLY A 406 -2.31 41.17 -39.76
CA GLY A 406 -3.34 42.10 -40.17
C GLY A 406 -4.62 42.03 -39.37
N ASP A 407 -4.80 41.00 -38.54
CA ASP A 407 -5.99 40.92 -37.72
C ASP A 407 -5.90 41.88 -36.54
N PRO A 408 -7.05 42.33 -36.02
CA PRO A 408 -7.03 43.17 -34.82
C PRO A 408 -7.03 42.35 -33.55
N VAL A 409 -6.10 42.64 -32.64
CA VAL A 409 -6.08 41.93 -31.37
C VAL A 409 -7.34 42.25 -30.58
N LYS A 410 -8.13 41.23 -30.27
CA LYS A 410 -9.36 41.45 -29.53
C LYS A 410 -9.06 41.87 -28.11
N LYS A 411 -9.82 42.83 -27.60
CA LYS A 411 -9.62 43.34 -26.26
C LYS A 411 -10.96 43.45 -25.55
N VAL A 412 -10.92 43.41 -24.22
CA VAL A 412 -12.10 43.56 -23.38
C VAL A 412 -11.81 44.63 -22.34
N ILE A 413 -12.76 44.81 -21.42
CA ILE A 413 -12.63 45.79 -20.34
C ILE A 413 -12.67 45.02 -19.01
N CYS A 414 -11.62 45.17 -18.22
CA CYS A 414 -11.51 44.52 -16.92
C CYS A 414 -11.49 45.59 -15.82
N THR A 415 -12.09 45.24 -14.69
CA THR A 415 -12.19 46.14 -13.54
C THR A 415 -11.41 45.50 -12.39
N GLY A 416 -10.11 45.80 -12.33
CA GLY A 416 -9.26 45.23 -11.31
C GLY A 416 -8.64 46.28 -10.41
N PRO A 417 -7.85 45.84 -9.43
CA PRO A 417 -7.21 46.79 -8.51
C PRO A 417 -6.22 47.68 -9.23
N ASN A 418 -6.02 48.88 -8.67
CA ASN A 418 -5.21 49.90 -9.32
C ASN A 418 -3.75 49.46 -9.46
N ASP A 419 -3.17 48.91 -8.39
CA ASP A 419 -1.75 48.56 -8.40
C ASP A 419 -1.50 47.21 -7.75
N THR A 420 -2.44 46.27 -7.88
CA THR A 420 -2.37 44.92 -7.30
C THR A 420 -2.28 44.93 -5.79
N SER A 421 -2.55 46.07 -5.15
CA SER A 421 -2.57 46.23 -3.70
C SER A 421 -1.29 45.73 -3.05
N PRO A 422 -0.16 46.44 -3.21
CA PRO A 422 1.08 46.08 -2.52
C PRO A 422 1.17 46.67 -1.12
N GLY A 423 0.12 46.49 -0.33
CA GLY A 423 -0.01 47.05 0.98
C GLY A 423 -0.80 48.35 1.04
N SER A 424 -1.00 49.00 -0.11
CA SER A 424 -1.75 50.25 -0.17
C SER A 424 -3.16 49.96 -0.67
N PRO A 425 -4.21 50.23 0.11
CA PRO A 425 -5.57 49.97 -0.36
C PRO A 425 -5.98 50.96 -1.44
N ARG A 426 -6.24 50.44 -2.64
CA ARG A 426 -6.62 51.25 -3.79
C ARG A 426 -7.98 50.82 -4.30
N HIS A 427 -8.52 51.62 -5.21
CA HIS A 427 -9.83 51.37 -5.78
C HIS A 427 -9.71 50.43 -6.99
N THR A 428 -10.78 50.29 -7.76
CA THR A 428 -10.84 49.37 -8.89
C THR A 428 -11.01 50.18 -10.17
N VAL A 429 -9.89 50.60 -10.75
CA VAL A 429 -9.90 51.34 -12.01
C VAL A 429 -10.15 50.38 -13.16
N PRO A 430 -10.88 50.80 -14.20
CA PRO A 430 -11.02 49.94 -15.38
C PRO A 430 -9.69 49.73 -16.08
N GLN A 431 -9.50 48.52 -16.60
CA GLN A 431 -8.27 48.17 -17.29
C GLN A 431 -8.60 47.38 -18.54
N CYS A 432 -7.67 47.39 -19.49
CA CYS A 432 -7.82 46.72 -20.78
C CYS A 432 -7.02 45.43 -20.77
N CYS A 433 -7.64 44.34 -21.22
CA CYS A 433 -7.02 43.03 -21.23
C CYS A 433 -7.14 42.42 -22.62
N TYR A 434 -6.10 41.71 -23.05
CA TYR A 434 -6.16 40.95 -24.28
C TYR A 434 -5.28 39.72 -24.13
N GLY A 435 -5.11 38.97 -25.22
CA GLY A 435 -4.22 37.84 -25.23
C GLY A 435 -4.94 36.52 -25.44
N PHE A 436 -4.24 35.44 -25.12
CA PHE A 436 -4.71 34.08 -25.35
C PHE A 436 -6.02 33.82 -24.63
N CYS A 437 -5.99 33.79 -23.30
CA CYS A 437 -7.14 33.32 -22.55
C CYS A 437 -8.33 34.25 -22.65
N ILE A 438 -8.14 35.48 -23.12
CA ILE A 438 -9.27 36.34 -23.43
C ILE A 438 -9.79 36.10 -24.84
N ASP A 439 -8.88 35.86 -25.78
CA ASP A 439 -9.29 35.46 -27.12
C ASP A 439 -10.16 34.21 -27.07
N LEU A 440 -9.72 33.20 -26.31
CA LEU A 440 -10.52 32.00 -26.16
C LEU A 440 -11.87 32.30 -25.52
N LEU A 441 -11.93 33.33 -24.69
CA LEU A 441 -13.21 33.72 -24.09
C LEU A 441 -14.14 34.30 -25.14
N ILE A 442 -13.61 35.03 -26.12
CA ILE A 442 -14.46 35.63 -27.15
C ILE A 442 -15.16 34.55 -27.95
N LYS A 443 -14.40 33.54 -28.39
CA LYS A 443 -15.00 32.45 -29.15
C LYS A 443 -15.94 31.62 -28.28
N LEU A 444 -15.67 31.53 -26.98
CA LEU A 444 -16.55 30.78 -26.10
C LEU A 444 -17.88 31.48 -25.88
N ALA A 445 -17.88 32.81 -25.83
CA ALA A 445 -19.13 33.54 -25.57
C ALA A 445 -20.03 33.55 -26.79
N ARG A 446 -19.46 33.71 -27.98
CA ARG A 446 -20.28 33.81 -29.19
C ARG A 446 -21.04 32.52 -29.45
N THR A 447 -20.40 31.37 -29.23
CA THR A 447 -21.02 30.07 -29.47
C THR A 447 -21.85 29.58 -28.29
N MET A 448 -22.16 30.46 -27.34
CA MET A 448 -22.90 30.06 -26.15
C MET A 448 -24.03 31.01 -25.78
N ASN A 449 -24.11 32.19 -26.38
CA ASN A 449 -25.19 33.16 -26.14
C ASN A 449 -25.28 33.55 -24.67
N PHE A 450 -24.22 34.20 -24.18
CA PHE A 450 -24.23 34.73 -22.83
C PHE A 450 -23.27 35.90 -22.74
N THR A 451 -23.67 36.91 -21.96
CA THR A 451 -22.90 38.14 -21.81
C THR A 451 -21.96 38.02 -20.61
N TYR A 452 -20.76 38.58 -20.75
CA TYR A 452 -19.70 38.41 -19.78
C TYR A 452 -19.13 39.77 -19.39
N GLU A 453 -18.85 39.94 -18.09
CA GLU A 453 -18.13 41.11 -17.59
C GLU A 453 -16.90 40.63 -16.85
N VAL A 454 -15.74 41.11 -17.26
CA VAL A 454 -14.46 40.63 -16.73
C VAL A 454 -14.08 41.48 -15.54
N HIS A 455 -13.90 40.84 -14.38
CA HIS A 455 -13.43 41.52 -13.19
C HIS A 455 -12.33 40.68 -12.56
N LEU A 456 -11.22 41.33 -12.22
CA LEU A 456 -10.05 40.62 -11.73
C LEU A 456 -10.17 40.32 -10.24
N VAL A 457 -9.25 39.48 -9.76
CA VAL A 457 -9.19 39.17 -8.34
C VAL A 457 -8.73 40.40 -7.56
N ALA A 458 -8.97 40.38 -6.26
CA ALA A 458 -8.52 41.45 -5.37
C ALA A 458 -7.14 41.13 -4.79
N ASP A 459 -7.01 40.00 -4.10
CA ASP A 459 -5.72 39.64 -3.52
C ASP A 459 -4.70 39.32 -4.60
N GLY A 460 -5.11 38.61 -5.65
CA GLY A 460 -4.24 38.31 -6.77
C GLY A 460 -3.62 36.93 -6.76
N LYS A 461 -3.99 36.07 -5.83
CA LYS A 461 -3.44 34.72 -5.77
C LYS A 461 -4.36 33.75 -6.50
N PHE A 462 -3.76 32.70 -7.07
CA PHE A 462 -4.51 31.78 -7.91
C PHE A 462 -5.61 31.07 -7.13
N GLY A 463 -5.30 30.62 -5.92
CA GLY A 463 -6.29 29.94 -5.11
C GLY A 463 -5.75 28.77 -4.34
N THR A 464 -6.01 28.73 -3.04
CA THR A 464 -5.57 27.64 -2.18
C THR A 464 -6.37 27.68 -0.89
N GLN A 465 -6.25 26.61 -0.11
CA GLN A 465 -6.88 26.52 1.20
C GLN A 465 -5.83 26.81 2.26
N GLU A 466 -6.08 27.80 3.12
CA GLU A 466 -5.12 28.22 4.11
C GLU A 466 -5.84 28.45 5.44
N ARG A 467 -5.08 28.30 6.53
CA ARG A 467 -5.63 28.54 7.86
C ARG A 467 -5.80 30.03 8.10
N VAL A 468 -6.75 30.36 8.95
CA VAL A 468 -6.98 31.74 9.39
C VAL A 468 -6.57 31.82 10.86
N ASN A 469 -6.11 33.00 11.28
CA ASN A 469 -5.85 33.22 12.69
C ASN A 469 -7.10 32.98 13.52
N ASN A 470 -6.91 32.74 14.81
CA ASN A 470 -8.00 32.48 15.76
C ASN A 470 -8.82 31.27 15.32
N SER A 471 -8.16 30.10 15.41
CA SER A 471 -8.70 28.77 15.14
C SER A 471 -8.61 28.46 13.66
N ASN A 472 -8.58 27.16 13.31
CA ASN A 472 -8.19 26.72 11.98
C ASN A 472 -9.11 27.25 10.89
N LYS A 473 -10.35 26.78 10.86
CA LYS A 473 -11.41 27.26 9.96
C LYS A 473 -10.87 27.65 8.58
N LYS A 474 -10.27 26.66 7.92
CA LYS A 474 -9.63 26.93 6.63
C LYS A 474 -10.64 27.47 5.62
N GLU A 475 -10.18 28.41 4.80
CA GLU A 475 -11.02 29.03 3.80
C GLU A 475 -10.23 29.22 2.51
N TRP A 476 -10.96 29.32 1.40
CA TRP A 476 -10.34 29.54 0.10
C TRP A 476 -10.08 31.03 -0.11
N ASN A 477 -8.95 31.33 -0.73
CA ASN A 477 -8.57 32.71 -1.03
C ASN A 477 -8.17 32.83 -2.49
N GLY A 478 -8.32 34.03 -3.05
CA GLY A 478 -8.02 34.25 -4.44
C GLY A 478 -9.22 34.04 -5.33
N MET A 479 -9.02 33.41 -6.49
CA MET A 479 -10.15 33.09 -7.35
C MET A 479 -11.15 32.19 -6.63
N MET A 480 -10.65 31.16 -5.95
CA MET A 480 -11.53 30.14 -5.40
C MET A 480 -12.48 30.72 -4.37
N GLY A 481 -11.98 31.61 -3.51
CA GLY A 481 -12.86 32.34 -2.61
C GLY A 481 -13.82 33.23 -3.33
N GLU A 482 -13.40 33.80 -4.46
CA GLU A 482 -14.27 34.67 -5.24
C GLU A 482 -15.23 33.90 -6.13
N LEU A 483 -15.11 32.58 -6.21
CA LEU A 483 -16.04 31.76 -6.96
C LEU A 483 -17.06 31.05 -6.06
N LEU A 484 -16.63 30.56 -4.91
CA LEU A 484 -17.55 29.90 -3.99
C LEU A 484 -18.43 30.91 -3.25
N SER A 485 -17.97 32.14 -3.10
CA SER A 485 -18.71 33.18 -2.39
C SER A 485 -19.64 33.97 -3.29
N GLY A 486 -19.74 33.59 -4.57
CA GLY A 486 -20.67 34.23 -5.48
C GLY A 486 -20.17 35.52 -6.10
N GLN A 487 -18.95 35.96 -5.79
CA GLN A 487 -18.43 37.17 -6.41
C GLN A 487 -18.17 36.99 -7.90
N ALA A 488 -18.03 35.75 -8.36
CA ALA A 488 -17.89 35.46 -9.78
C ALA A 488 -18.46 34.08 -10.05
N ASP A 489 -18.85 33.84 -11.30
CA ASP A 489 -19.54 32.62 -11.67
C ASP A 489 -18.73 31.66 -12.52
N MET A 490 -17.63 32.10 -13.11
CA MET A 490 -16.90 31.26 -14.05
C MET A 490 -15.50 31.81 -14.23
N ILE A 491 -14.49 30.98 -13.94
CA ILE A 491 -13.10 31.40 -14.02
C ILE A 491 -12.56 31.10 -15.41
N VAL A 492 -11.99 32.11 -16.05
CA VAL A 492 -11.38 31.97 -17.38
C VAL A 492 -9.96 32.52 -17.26
N ALA A 493 -9.00 31.64 -16.98
CA ALA A 493 -7.62 32.02 -16.76
C ALA A 493 -6.80 30.74 -16.66
N PRO A 494 -5.48 30.82 -16.87
CA PRO A 494 -4.65 29.64 -16.60
C PRO A 494 -4.81 29.17 -15.17
N LEU A 495 -5.40 28.00 -14.99
CA LEU A 495 -5.75 27.49 -13.67
C LEU A 495 -5.51 25.99 -13.66
N THR A 496 -4.44 25.56 -13.02
CA THR A 496 -4.09 24.14 -13.01
C THR A 496 -5.16 23.33 -12.28
N ILE A 497 -5.43 22.14 -12.80
CA ILE A 497 -6.43 21.25 -12.21
C ILE A 497 -5.77 20.43 -11.11
N ASN A 498 -6.36 20.46 -9.92
CA ASN A 498 -5.87 19.64 -8.81
C ASN A 498 -7.00 18.81 -8.24
N ASN A 499 -6.75 18.13 -7.13
CA ASN A 499 -7.78 17.36 -6.45
C ASN A 499 -8.41 18.11 -5.28
N GLU A 500 -7.63 18.93 -4.57
CA GLU A 500 -8.19 19.69 -3.47
C GLU A 500 -9.27 20.65 -3.94
N ARG A 501 -8.96 21.46 -4.96
CA ARG A 501 -9.95 22.41 -5.46
C ARG A 501 -11.08 21.70 -6.19
N ALA A 502 -10.82 20.52 -6.75
CA ALA A 502 -11.86 19.79 -7.48
C ALA A 502 -12.97 19.28 -6.57
N GLN A 503 -12.78 19.28 -5.26
CA GLN A 503 -13.81 18.84 -4.33
C GLN A 503 -14.83 19.93 -4.03
N TYR A 504 -14.61 21.15 -4.50
CA TYR A 504 -15.53 22.25 -4.25
C TYR A 504 -16.07 22.90 -5.52
N ILE A 505 -15.54 22.55 -6.69
CA ILE A 505 -16.00 23.09 -7.96
C ILE A 505 -16.17 21.93 -8.93
N GLU A 506 -16.63 22.26 -10.15
CA GLU A 506 -16.59 21.34 -11.27
C GLU A 506 -15.77 21.99 -12.38
N PHE A 507 -14.83 21.25 -12.93
CA PHE A 507 -13.94 21.77 -13.95
C PHE A 507 -14.49 21.41 -15.33
N SER A 508 -13.70 21.69 -16.36
CA SER A 508 -14.01 21.31 -17.74
C SER A 508 -12.78 20.61 -18.32
N LYS A 509 -12.92 20.13 -19.55
CA LYS A 509 -11.77 19.58 -20.24
C LYS A 509 -10.73 20.66 -20.47
N PRO A 510 -9.45 20.38 -20.22
CA PRO A 510 -8.43 21.42 -20.35
C PRO A 510 -8.34 21.96 -21.77
N PHE A 511 -8.11 23.26 -21.88
CA PHE A 511 -7.90 23.89 -23.18
C PHE A 511 -6.43 23.96 -23.56
N LYS A 512 -5.52 23.50 -22.70
CA LYS A 512 -4.11 23.45 -23.01
C LYS A 512 -3.45 22.47 -22.06
N TYR A 513 -2.45 21.77 -22.55
CA TYR A 513 -1.69 20.81 -21.75
C TYR A 513 -0.29 21.35 -21.52
N GLN A 514 0.16 21.30 -20.27
CA GLN A 514 1.44 21.90 -19.92
C GLN A 514 1.99 21.20 -18.69
N GLY A 515 3.30 21.33 -18.49
CA GLY A 515 3.95 20.77 -17.32
C GLY A 515 4.60 21.82 -16.45
N LEU A 516 5.45 21.39 -15.53
CA LEU A 516 6.15 22.27 -14.61
C LEU A 516 7.64 22.08 -14.83
N THR A 517 8.27 22.96 -15.60
CA THR A 517 9.69 22.86 -15.92
C THR A 517 10.44 23.98 -15.21
N ILE A 518 11.55 23.62 -14.57
CA ILE A 518 12.38 24.59 -13.87
C ILE A 518 12.96 25.58 -14.88
N LEU A 519 12.90 26.86 -14.53
CA LEU A 519 13.52 27.92 -15.33
C LEU A 519 14.74 28.45 -14.60
N VAL A 520 15.86 28.52 -15.31
CA VAL A 520 17.10 29.07 -14.78
C VAL A 520 17.67 30.05 -15.79
N LYS A 521 18.50 30.97 -15.31
CA LYS A 521 19.14 31.94 -16.19
C LYS A 521 20.16 31.25 -17.07
N LYS A 522 20.12 31.55 -18.37
CA LYS A 522 21.05 30.95 -19.31
C LYS A 522 22.47 31.44 -19.02
N GLU A 523 23.41 30.50 -18.95
CA GLU A 523 24.80 30.80 -18.65
C GLU A 523 25.57 30.94 -19.96
N ILE A 524 26.23 32.08 -20.13
CA ILE A 524 27.03 32.34 -21.33
C ILE A 524 28.33 31.57 -21.23
N PRO A 525 28.65 30.70 -22.20
CA PRO A 525 29.90 29.95 -22.12
C PRO A 525 31.12 30.85 -22.31
N ARG A 526 32.15 30.60 -21.51
CA ARG A 526 33.42 31.31 -21.63
C ARG A 526 34.49 30.50 -20.91
N SER A 527 35.50 30.05 -21.66
CA SER A 527 36.55 29.24 -21.07
C SER A 527 37.44 30.09 -20.17
N THR A 528 37.86 29.53 -19.05
CA THR A 528 38.69 30.28 -18.11
C THR A 528 40.12 30.41 -18.64
N LEU A 529 40.83 29.28 -18.70
CA LEU A 529 42.17 29.17 -19.29
C LEU A 529 43.02 30.39 -18.97
N ASP A 530 43.30 30.56 -17.68
CA ASP A 530 43.98 31.74 -17.14
C ASP A 530 45.08 32.28 -18.05
N SER A 531 45.90 31.39 -18.58
CA SER A 531 46.94 31.76 -19.55
C SER A 531 47.37 30.50 -20.29
N PHE A 532 48.24 30.70 -21.29
CA PHE A 532 48.85 29.57 -21.96
C PHE A 532 49.73 28.75 -21.03
N MET A 533 50.11 29.33 -19.88
CA MET A 533 50.95 28.65 -18.91
C MET A 533 50.21 27.55 -18.16
N GLN A 534 48.88 27.47 -18.32
CA GLN A 534 48.07 26.59 -17.49
C GLN A 534 48.42 25.11 -17.61
N PRO A 535 48.58 24.52 -18.80
CA PRO A 535 48.74 23.05 -18.86
C PRO A 535 49.94 22.52 -18.08
N PHE A 536 51.02 23.28 -17.98
CA PHE A 536 52.21 22.85 -17.26
C PHE A 536 52.39 23.70 -16.01
N GLN A 537 52.70 23.05 -14.90
CA GLN A 537 52.97 23.78 -13.67
C GLN A 537 54.21 24.65 -13.82
N SER A 538 54.25 25.74 -13.07
CA SER A 538 55.31 26.73 -13.23
C SER A 538 56.70 26.14 -13.01
N THR A 539 56.81 25.07 -12.24
CA THR A 539 58.10 24.43 -12.04
C THR A 539 58.51 23.59 -13.26
N LEU A 540 57.53 23.07 -14.01
CA LEU A 540 57.85 22.28 -15.20
C LEU A 540 58.53 23.14 -16.26
N TRP A 541 58.08 24.37 -16.43
CA TRP A 541 58.67 25.26 -17.43
C TRP A 541 60.14 25.55 -17.12
N LEU A 542 60.45 25.79 -15.84
CA LEU A 542 61.83 26.06 -15.47
C LEU A 542 62.71 24.84 -15.75
N LEU A 543 62.22 23.65 -15.39
CA LEU A 543 63.01 22.44 -15.65
C LEU A 543 63.13 22.16 -17.14
N VAL A 544 62.04 22.35 -17.89
CA VAL A 544 62.12 22.20 -19.34
C VAL A 544 62.88 23.37 -19.96
N GLY A 545 63.00 24.49 -19.23
CA GLY A 545 63.79 25.61 -19.69
C GLY A 545 65.28 25.47 -19.49
N LEU A 546 65.71 24.49 -18.70
CA LEU A 546 67.13 24.21 -18.52
C LEU A 546 67.58 22.90 -19.16
N SER A 547 66.66 21.98 -19.43
CA SER A 547 67.03 20.76 -20.15
C SER A 547 67.46 21.09 -21.58
N VAL A 548 66.87 22.11 -22.18
CA VAL A 548 67.33 22.58 -23.49
C VAL A 548 68.76 23.09 -23.38
N HIS A 549 69.07 23.83 -22.31
CA HIS A 549 70.42 24.31 -22.11
C HIS A 549 71.35 23.17 -21.69
N VAL A 550 70.85 22.25 -20.85
CA VAL A 550 71.65 21.10 -20.45
C VAL A 550 72.00 20.24 -21.67
N VAL A 551 71.04 20.06 -22.57
CA VAL A 551 71.32 19.37 -23.82
C VAL A 551 72.30 20.19 -24.66
N ALA A 552 72.17 21.51 -24.63
CA ALA A 552 73.01 22.37 -25.45
C ALA A 552 74.48 22.24 -25.07
N VAL A 553 74.78 22.30 -23.76
CA VAL A 553 76.17 22.19 -23.33
C VAL A 553 76.70 20.78 -23.58
N MET A 554 75.85 19.76 -23.37
CA MET A 554 76.27 18.39 -23.64
C MET A 554 76.61 18.19 -25.10
N LEU A 555 75.80 18.73 -26.01
CA LEU A 555 76.09 18.62 -27.43
C LEU A 555 77.41 19.32 -27.77
N TYR A 556 77.63 20.51 -27.22
CA TYR A 556 78.88 21.22 -27.46
C TYR A 556 80.06 20.44 -26.87
N LEU A 557 79.88 19.92 -25.64
CA LEU A 557 80.96 19.17 -25.00
C LEU A 557 81.31 17.90 -25.78
N LEU A 558 80.29 17.18 -26.24
CA LEU A 558 80.54 15.94 -26.97
C LEU A 558 81.08 16.20 -28.37
N ASP A 559 80.64 17.29 -29.01
CA ASP A 559 81.13 17.61 -30.35
C ASP A 559 82.55 18.15 -30.32
N ARG A 560 82.91 18.88 -29.25
CA ARG A 560 84.24 19.45 -29.16
C ARG A 560 85.33 18.39 -28.99
N PHE A 561 84.97 17.19 -28.54
CA PHE A 561 85.95 16.14 -28.29
C PHE A 561 85.61 14.98 -29.23
N SER A 562 85.38 15.30 -30.50
CA SER A 562 85.09 14.28 -31.50
C SER A 562 86.37 13.98 -32.27
N PRO A 563 86.95 12.79 -32.11
CA PRO A 563 88.19 12.40 -32.81
C PRO A 563 87.92 11.77 -34.17
N ALA A 578 81.50 22.78 -35.80
CA ALA A 578 81.82 24.02 -35.09
C ALA A 578 80.65 24.45 -34.23
N LEU A 579 80.25 23.59 -33.29
CA LEU A 579 79.13 23.90 -32.41
C LEU A 579 79.44 25.11 -31.54
N THR A 580 80.65 25.18 -30.99
CA THR A 580 81.21 26.31 -30.26
C THR A 580 80.23 26.97 -29.29
N LEU A 581 79.33 26.19 -28.71
CA LEU A 581 78.35 26.66 -27.73
C LEU A 581 77.48 27.79 -28.26
N SER A 582 77.45 27.98 -29.57
CA SER A 582 76.58 28.95 -30.20
C SER A 582 75.54 28.30 -31.10
N SER A 583 75.98 27.45 -32.03
CA SER A 583 75.03 26.71 -32.85
C SER A 583 74.36 25.59 -32.06
N ALA A 584 74.95 25.17 -30.94
CA ALA A 584 74.31 24.16 -30.11
C ALA A 584 73.00 24.68 -29.51
N MET A 585 73.00 25.94 -29.05
CA MET A 585 71.78 26.52 -28.51
C MET A 585 70.72 26.65 -29.60
N TRP A 586 71.11 27.05 -30.81
CA TRP A 586 70.14 27.18 -31.89
C TRP A 586 69.55 25.82 -32.26
N PHE A 587 70.39 24.78 -32.27
CA PHE A 587 69.87 23.43 -32.47
C PHE A 587 68.97 23.03 -31.32
N SER A 588 69.40 23.29 -30.08
CA SER A 588 68.59 22.91 -28.93
C SER A 588 67.28 23.68 -28.89
N TRP A 589 67.33 24.99 -29.12
CA TRP A 589 66.11 25.80 -29.08
C TRP A 589 65.25 25.61 -30.32
N GLY A 590 65.88 25.34 -31.47
CA GLY A 590 65.12 25.19 -32.70
C GLY A 590 64.21 23.99 -32.69
N VAL A 591 64.68 22.86 -32.18
CA VAL A 591 63.88 21.64 -32.17
C VAL A 591 62.67 21.79 -31.29
N LEU A 592 62.83 22.37 -30.10
CA LEU A 592 61.74 22.46 -29.14
C LEU A 592 60.61 23.34 -29.67
N LEU A 593 60.95 24.46 -30.29
CA LEU A 593 59.96 25.42 -30.75
C LEU A 593 59.58 25.22 -32.21
N ASN A 594 60.09 24.17 -32.86
CA ASN A 594 59.73 23.83 -34.24
C ASN A 594 60.01 25.00 -35.19
N SER A 595 61.22 25.54 -35.10
CA SER A 595 61.66 26.63 -35.96
C SER A 595 62.94 26.22 -36.68
N GLY A 596 62.97 26.41 -37.99
CA GLY A 596 64.10 26.04 -38.79
C GLY A 596 65.26 27.02 -38.65
N ILE A 597 65.88 27.05 -37.48
CA ILE A 597 66.97 27.96 -37.18
C ILE A 597 68.28 27.19 -37.20
N GLY A 598 69.27 27.71 -37.92
CA GLY A 598 70.60 27.15 -37.92
C GLY A 598 70.71 25.88 -38.73
N GLU A 599 71.94 25.61 -39.17
CA GLU A 599 72.25 24.43 -39.97
C GLU A 599 73.06 23.41 -39.17
N GLY A 600 73.09 23.53 -37.84
CA GLY A 600 73.90 22.68 -37.01
C GLY A 600 73.64 21.20 -37.14
N ALA A 601 74.58 20.47 -37.75
CA ALA A 601 74.47 19.03 -37.88
C ALA A 601 75.47 18.37 -36.93
N PRO A 602 75.03 17.77 -35.84
CA PRO A 602 75.97 17.18 -34.89
C PRO A 602 76.59 15.90 -35.41
N ARG A 603 77.67 16.04 -36.19
CA ARG A 603 78.27 14.90 -36.88
C ARG A 603 78.75 13.81 -35.93
N SER A 604 79.01 14.15 -34.67
CA SER A 604 79.47 13.16 -33.72
C SER A 604 78.41 12.10 -33.47
N PHE A 605 78.85 10.85 -33.31
CA PHE A 605 77.92 9.77 -32.99
C PHE A 605 77.25 10.04 -31.66
N SER A 606 78.03 10.44 -30.65
CA SER A 606 77.48 10.69 -29.32
C SER A 606 76.50 11.85 -29.35
N ALA A 607 76.83 12.92 -30.08
CA ALA A 607 75.95 14.09 -30.12
C ALA A 607 74.71 13.82 -30.94
N ARG A 608 74.85 13.13 -32.08
CA ARG A 608 73.72 12.92 -32.97
C ARG A 608 72.62 12.09 -32.30
N ILE A 609 73.00 11.07 -31.52
CA ILE A 609 72.01 10.28 -30.82
C ILE A 609 71.28 11.13 -29.79
N LEU A 610 72.02 12.01 -29.09
CA LEU A 610 71.37 12.94 -28.18
C LEU A 610 70.38 13.85 -28.91
N GLY A 611 70.80 14.37 -30.07
CA GLY A 611 69.88 15.15 -30.88
C GLY A 611 68.72 14.33 -31.42
N MET A 612 68.97 13.05 -31.74
CA MET A 612 67.92 12.19 -32.23
C MET A 612 66.84 11.97 -31.18
N VAL A 613 67.25 11.81 -29.92
CA VAL A 613 66.27 11.71 -28.83
C VAL A 613 65.85 13.08 -28.30
N TRP A 614 66.61 14.14 -28.59
CA TRP A 614 66.17 15.48 -28.23
C TRP A 614 64.89 15.85 -28.95
N ALA A 615 64.80 15.49 -30.24
CA ALA A 615 63.57 15.73 -30.99
C ALA A 615 62.41 14.91 -30.44
N GLY A 616 62.67 13.67 -30.03
CA GLY A 616 61.62 12.85 -29.47
C GLY A 616 61.03 13.45 -28.21
N PHE A 617 61.88 13.98 -27.34
CA PHE A 617 61.38 14.66 -26.13
C PHE A 617 60.64 15.94 -26.50
N ALA A 618 61.11 16.66 -27.51
CA ALA A 618 60.43 17.89 -27.94
C ALA A 618 59.04 17.58 -28.48
N MET A 619 58.90 16.46 -29.19
CA MET A 619 57.58 16.08 -29.69
C MET A 619 56.61 15.80 -28.55
N ILE A 620 57.08 15.13 -27.50
CA ILE A 620 56.21 14.79 -26.37
C ILE A 620 55.68 16.05 -25.70
N ILE A 621 56.54 17.04 -25.51
CA ILE A 621 56.12 18.26 -24.80
C ILE A 621 55.01 18.95 -25.58
N VAL A 622 55.17 19.11 -26.89
CA VAL A 622 54.16 19.76 -27.69
C VAL A 622 52.90 18.90 -27.78
N ALA A 623 53.07 17.59 -27.96
CA ALA A 623 51.91 16.70 -28.05
C ALA A 623 51.14 16.67 -26.73
N SER A 624 51.86 16.59 -25.60
CA SER A 624 51.19 16.58 -24.31
C SER A 624 50.51 17.92 -24.03
N TYR A 625 51.16 19.03 -24.41
CA TYR A 625 50.58 20.35 -24.18
C TYR A 625 49.26 20.49 -24.94
N THR A 626 49.21 20.03 -26.18
CA THR A 626 47.98 20.08 -26.94
C THR A 626 46.90 19.23 -26.30
N ALA A 627 47.25 18.01 -25.88
CA ALA A 627 46.28 17.11 -25.27
C ALA A 627 45.76 17.66 -23.95
N ASN A 628 46.67 18.19 -23.11
CA ASN A 628 46.24 18.76 -21.84
C ASN A 628 45.34 19.96 -22.07
N LEU A 629 45.67 20.81 -23.03
CA LEU A 629 44.78 21.89 -23.41
C LEU A 629 43.46 21.35 -23.95
N ALA A 630 43.53 20.28 -24.75
CA ALA A 630 42.31 19.66 -25.23
C ALA A 630 41.50 19.06 -24.08
N ALA A 631 42.17 18.36 -23.16
CA ALA A 631 41.46 17.78 -22.02
C ALA A 631 40.87 18.85 -21.12
N PHE A 632 41.63 19.93 -20.87
CA PHE A 632 41.11 21.01 -20.04
C PHE A 632 39.93 21.69 -20.72
N LEU A 633 39.99 21.89 -22.03
CA LEU A 633 38.96 22.64 -22.73
C LEU A 633 37.66 21.86 -22.81
N VAL A 634 37.73 20.56 -23.08
CA VAL A 634 36.52 19.75 -23.17
C VAL A 634 35.87 19.61 -21.80
N LEU A 635 36.67 19.63 -20.73
CA LEU A 635 36.14 19.56 -19.38
C LEU A 635 35.90 20.96 -18.80
N ASP A 636 35.14 21.77 -19.54
CA ASP A 636 34.81 23.13 -19.15
C ASP A 636 33.32 23.40 -19.36
N ARG A 637 32.49 22.48 -18.88
CA ARG A 637 31.04 22.64 -18.91
C ARG A 637 30.51 22.45 -17.50
N PRO A 638 30.80 23.39 -16.59
CA PRO A 638 30.37 23.24 -15.20
C PRO A 638 28.99 23.80 -14.95
N GLU A 639 28.22 24.01 -16.02
CA GLU A 639 26.90 24.61 -15.90
C GLU A 639 26.00 23.83 -14.95
N GLU A 640 26.16 22.50 -14.89
CA GLU A 640 25.44 21.65 -13.96
C GLU A 640 23.92 21.81 -14.12
N ARG A 641 23.46 21.37 -15.29
CA ARG A 641 22.05 21.48 -15.63
C ARG A 641 21.19 20.76 -14.59
N ILE A 642 20.04 21.38 -14.27
CA ILE A 642 19.18 20.87 -13.21
C ILE A 642 18.58 19.51 -13.59
N THR A 643 18.29 19.31 -14.88
CA THR A 643 17.63 18.09 -15.36
C THR A 643 16.34 17.81 -14.59
N GLY A 644 15.57 18.87 -14.36
CA GLY A 644 14.28 18.73 -13.72
C GLY A 644 14.41 18.43 -12.23
N ILE A 645 13.36 17.80 -11.70
CA ILE A 645 13.32 17.41 -10.30
C ILE A 645 14.31 16.29 -10.07
N ASN A 646 14.58 15.96 -8.80
CA ASN A 646 15.58 14.97 -8.41
C ASN A 646 16.97 15.41 -8.87
N ASP A 647 17.36 16.60 -8.41
CA ASP A 647 18.67 17.18 -8.66
C ASP A 647 19.39 17.42 -7.34
N PRO A 648 20.71 17.26 -7.31
CA PRO A 648 21.44 17.47 -6.05
C PRO A 648 21.22 18.84 -5.42
N ARG A 649 21.14 19.89 -6.22
CA ARG A 649 20.90 21.22 -5.67
C ARG A 649 19.46 21.42 -5.23
N LEU A 650 18.54 20.54 -5.66
CA LEU A 650 17.13 20.69 -5.37
C LEU A 650 16.63 19.80 -4.25
N ARG A 651 17.27 18.64 -4.05
CA ARG A 651 16.78 17.71 -3.03
C ARG A 651 16.92 18.28 -1.64
N ASN A 652 17.99 19.02 -1.39
CA ASN A 652 18.21 19.66 -0.10
C ASN A 652 18.56 21.13 -0.28
N PRO A 653 18.22 21.98 0.69
CA PRO A 653 18.58 23.40 0.56
C PRO A 653 20.07 23.63 0.67
N SER A 654 20.69 24.09 -0.42
CA SER A 654 22.12 24.33 -0.45
C SER A 654 22.50 25.70 0.11
N ASP A 655 21.52 26.55 0.41
CA ASP A 655 21.72 27.86 1.04
C ASP A 655 22.42 28.79 0.03
N LYS A 656 22.82 28.26 -1.11
CA LYS A 656 23.45 29.04 -2.16
C LYS A 656 22.69 29.00 -3.48
N PHE A 657 21.97 27.92 -3.75
CA PHE A 657 21.13 27.81 -4.94
C PHE A 657 19.69 28.11 -4.52
N ILE A 658 19.39 29.40 -4.40
CA ILE A 658 18.05 29.82 -3.99
C ILE A 658 17.09 29.61 -5.14
N TYR A 659 15.96 28.94 -4.85
CA TYR A 659 14.93 28.69 -5.84
C TYR A 659 13.57 28.81 -5.18
N ALA A 660 12.66 29.51 -5.84
CA ALA A 660 11.34 29.80 -5.29
C ALA A 660 10.30 29.70 -6.39
N THR A 661 9.06 30.03 -6.04
CA THR A 661 7.95 29.92 -6.97
C THR A 661 6.91 30.97 -6.60
N VAL A 662 5.71 30.83 -7.13
CA VAL A 662 4.61 31.76 -6.85
C VAL A 662 3.88 31.31 -5.60
N LYS A 663 3.55 32.28 -4.73
CA LYS A 663 2.82 31.97 -3.52
C LYS A 663 1.43 31.42 -3.86
N GLN A 664 0.89 30.62 -2.94
CA GLN A 664 -0.41 29.97 -3.10
C GLN A 664 -0.36 29.15 -4.38
N SER A 665 -1.26 29.35 -5.35
CA SER A 665 -1.23 28.67 -6.63
C SER A 665 -1.28 27.15 -6.46
N SER A 666 -0.80 26.42 -7.46
CA SER A 666 -0.86 24.97 -7.43
C SER A 666 0.43 24.29 -6.98
N VAL A 667 1.58 24.92 -7.22
CA VAL A 667 2.84 24.31 -6.84
C VAL A 667 2.93 24.15 -5.32
N ASP A 668 2.51 25.17 -4.57
CA ASP A 668 2.50 25.06 -3.12
C ASP A 668 1.57 23.95 -2.66
N ILE A 669 0.39 23.85 -3.26
CA ILE A 669 -0.50 22.73 -2.97
C ILE A 669 0.13 21.42 -3.41
N TYR A 670 0.80 21.42 -4.56
CA TYR A 670 1.48 20.22 -5.04
C TYR A 670 2.59 19.81 -4.09
N PHE A 671 3.48 20.74 -3.74
CA PHE A 671 4.64 20.39 -2.91
C PHE A 671 4.21 19.95 -1.51
N ARG A 672 3.23 20.62 -0.92
CA ARG A 672 2.78 20.26 0.42
C ARG A 672 2.01 18.95 0.47
N ARG A 673 1.63 18.41 -0.69
CA ARG A 673 0.85 17.17 -0.68
C ARG A 673 1.68 15.99 -0.17
N GLN A 674 2.94 15.90 -0.57
CA GLN A 674 3.78 14.74 -0.29
C GLN A 674 4.75 15.06 0.84
N VAL A 675 4.82 14.16 1.82
CA VAL A 675 5.76 14.32 2.92
C VAL A 675 7.20 14.20 2.45
N GLU A 676 7.44 13.51 1.33
CA GLU A 676 8.80 13.38 0.81
C GLU A 676 9.37 14.74 0.43
N LEU A 677 8.55 15.59 -0.19
CA LEU A 677 8.97 16.91 -0.61
C LEU A 677 8.79 17.95 0.50
N SER A 678 8.76 17.53 1.76
CA SER A 678 8.75 18.45 2.88
C SER A 678 10.13 18.87 3.33
N THR A 679 11.19 18.25 2.79
CA THR A 679 12.54 18.61 3.20
C THR A 679 12.97 19.95 2.61
N MET A 680 12.59 20.23 1.37
CA MET A 680 12.95 21.48 0.71
C MET A 680 11.82 22.48 0.66
N TYR A 681 10.60 22.09 1.01
CA TYR A 681 9.49 23.04 1.00
C TYR A 681 9.69 24.15 2.01
N ARG A 682 10.22 23.81 3.20
CA ARG A 682 10.45 24.82 4.21
C ARG A 682 11.48 25.84 3.76
N HIS A 683 12.44 25.43 2.93
CA HIS A 683 13.44 26.36 2.43
C HIS A 683 12.81 27.40 1.51
N MET A 684 12.03 26.95 0.52
CA MET A 684 11.40 27.89 -0.39
C MET A 684 10.24 28.65 0.25
N GLU A 685 9.74 28.19 1.40
CA GLU A 685 8.66 28.89 2.07
C GLU A 685 9.05 30.27 2.53
N LYS A 686 10.35 30.53 2.72
CA LYS A 686 10.85 31.85 3.09
C LYS A 686 11.32 32.64 1.88
N HIS A 687 11.19 32.10 0.67
CA HIS A 687 11.57 32.81 -0.54
C HIS A 687 10.43 32.91 -1.56
N ASN A 688 9.25 32.36 -1.25
CA ASN A 688 8.16 32.32 -2.21
C ASN A 688 7.79 33.72 -2.68
N TYR A 689 7.67 33.88 -3.99
CA TYR A 689 7.32 35.15 -4.59
C TYR A 689 5.82 35.27 -4.80
N GLU A 690 5.35 36.50 -4.92
CA GLU A 690 3.96 36.79 -5.24
C GLU A 690 3.88 37.16 -6.72
N SER A 691 3.06 36.41 -7.46
CA SER A 691 2.84 36.62 -8.89
C SER A 691 4.08 36.26 -9.70
N ALA A 692 3.89 35.55 -10.81
CA ALA A 692 5.01 35.16 -11.66
C ALA A 692 5.69 36.34 -12.33
N ALA A 693 5.06 37.51 -12.34
CA ALA A 693 5.68 38.68 -12.97
C ALA A 693 6.95 39.09 -12.23
N GLU A 694 6.92 39.08 -10.89
CA GLU A 694 8.08 39.48 -10.12
C GLU A 694 9.18 38.42 -10.18
N ALA A 695 8.81 37.14 -10.06
CA ALA A 695 9.81 36.09 -9.97
C ALA A 695 10.64 36.01 -11.24
N ILE A 696 10.01 36.14 -12.40
CA ILE A 696 10.75 36.11 -13.66
C ILE A 696 11.73 37.28 -13.72
N GLN A 697 11.32 38.43 -13.20
CA GLN A 697 12.21 39.58 -13.19
C GLN A 697 13.44 39.34 -12.32
N ALA A 698 13.28 38.57 -11.24
CA ALA A 698 14.40 38.35 -10.34
C ALA A 698 15.49 37.50 -10.99
N VAL A 699 15.10 36.56 -11.85
CA VAL A 699 16.08 35.64 -12.44
C VAL A 699 17.05 36.40 -13.32
N ARG A 700 16.58 37.42 -14.03
CA ARG A 700 17.49 38.23 -14.85
C ARG A 700 18.52 38.95 -14.00
N ASP A 701 18.10 39.47 -12.85
CA ASP A 701 19.00 40.17 -11.95
C ASP A 701 19.75 39.24 -11.01
N ASN A 702 19.61 37.93 -11.20
CA ASN A 702 20.30 36.89 -10.44
C ASN A 702 19.95 36.89 -8.97
N LYS A 703 18.95 37.66 -8.54
CA LYS A 703 18.47 37.57 -7.17
C LYS A 703 17.75 36.25 -6.90
N LEU A 704 17.40 35.51 -7.95
CA LEU A 704 16.77 34.19 -7.80
C LEU A 704 17.16 33.39 -9.03
N HIS A 705 18.16 32.52 -8.89
CA HIS A 705 18.74 31.82 -10.04
C HIS A 705 18.09 30.47 -10.31
N ALA A 706 16.83 30.29 -9.92
CA ALA A 706 16.06 29.11 -10.29
C ALA A 706 14.59 29.34 -9.98
N PHE A 707 13.71 29.08 -10.96
CA PHE A 707 12.30 29.36 -10.83
C PHE A 707 11.51 28.13 -11.28
N ILE A 708 10.52 27.74 -10.48
CA ILE A 708 9.64 26.62 -10.79
C ILE A 708 8.26 27.20 -11.11
N TRP A 709 7.80 27.00 -12.34
CA TRP A 709 6.51 27.51 -12.75
C TRP A 709 6.05 26.73 -13.98
N ASP A 710 4.85 27.05 -14.44
CA ASP A 710 4.22 26.29 -15.51
C ASP A 710 5.01 26.40 -16.81
N SER A 711 5.02 25.30 -17.57
CA SER A 711 5.78 25.26 -18.81
C SER A 711 5.23 26.23 -19.85
N ALA A 712 3.91 26.33 -19.94
CA ALA A 712 3.30 27.17 -20.97
C ALA A 712 3.75 28.62 -20.83
N VAL A 713 3.77 29.14 -19.60
CA VAL A 713 4.25 30.50 -19.38
C VAL A 713 5.75 30.58 -19.59
N LEU A 714 6.50 29.61 -19.08
CA LEU A 714 7.96 29.71 -19.05
C LEU A 714 8.58 29.47 -20.43
N GLU A 715 8.07 28.50 -21.19
CA GLU A 715 8.60 28.29 -22.54
C GLU A 715 8.41 29.54 -23.39
N PHE A 716 7.26 30.19 -23.27
CA PHE A 716 7.10 31.50 -23.87
C PHE A 716 8.02 32.52 -23.21
N GLU A 717 8.15 32.46 -21.88
CA GLU A 717 9.04 33.36 -21.16
C GLU A 717 10.50 33.13 -21.53
N ALA A 718 10.86 31.94 -21.96
CA ALA A 718 12.23 31.63 -22.37
C ALA A 718 12.48 31.90 -23.84
N SER A 719 11.49 32.44 -24.56
CA SER A 719 11.63 32.75 -25.98
C SER A 719 11.72 34.24 -26.26
N GLN A 720 10.95 35.07 -25.55
CA GLN A 720 10.97 36.51 -25.79
C GLN A 720 12.35 37.09 -25.51
N LYS A 721 12.78 37.05 -24.25
CA LYS A 721 14.11 37.52 -23.90
C LYS A 721 15.18 36.52 -24.31
N CYS A 722 14.91 35.24 -24.08
CA CYS A 722 15.83 34.12 -24.31
C CYS A 722 17.27 34.44 -23.90
N ASP A 723 17.43 35.14 -22.78
CA ASP A 723 18.66 35.08 -22.01
C ASP A 723 18.48 34.27 -20.73
N LEU A 724 17.27 33.74 -20.52
CA LEU A 724 16.99 32.74 -19.49
C LEU A 724 16.19 31.62 -20.15
N VAL A 725 16.59 30.38 -19.91
CA VAL A 725 16.05 29.24 -20.65
C VAL A 725 15.52 28.22 -19.65
N THR A 726 14.32 27.70 -19.93
CA THR A 726 13.77 26.62 -19.12
C THR A 726 14.55 25.33 -19.36
N THR A 727 14.67 24.52 -18.30
CA THR A 727 15.42 23.28 -18.35
C THR A 727 14.59 22.15 -17.75
N GLY A 728 15.10 20.94 -17.91
CA GLY A 728 14.47 19.78 -17.30
C GLY A 728 13.25 19.29 -18.06
N GLU A 729 12.60 18.30 -17.47
CA GLU A 729 11.43 17.67 -18.05
C GLU A 729 10.17 18.09 -17.28
N LEU A 730 9.05 18.05 -17.96
CA LEU A 730 7.76 18.43 -17.37
C LEU A 730 7.37 17.36 -16.36
N PHE A 731 7.61 17.62 -15.08
CA PHE A 731 7.42 16.60 -14.06
C PHE A 731 6.02 16.62 -13.44
N PHE A 732 5.14 17.49 -13.91
CA PHE A 732 3.76 17.51 -13.40
C PHE A 732 2.85 17.88 -14.57
N ARG A 733 2.29 16.87 -15.22
CA ARG A 733 1.41 17.08 -16.36
C ARG A 733 -0.02 17.23 -15.84
N SER A 734 -0.55 18.46 -15.92
CA SER A 734 -1.93 18.73 -15.56
C SER A 734 -2.33 20.02 -16.26
N GLY A 735 -3.23 19.92 -17.23
CA GLY A 735 -3.61 21.07 -18.03
C GLY A 735 -4.41 22.07 -17.22
N PHE A 736 -4.72 23.19 -17.88
CA PHE A 736 -5.50 24.25 -17.26
C PHE A 736 -6.97 23.87 -17.27
N GLY A 737 -7.84 24.83 -17.01
CA GLY A 737 -9.27 24.54 -16.98
C GLY A 737 -10.08 25.80 -17.01
N ILE A 738 -11.39 25.62 -16.90
CA ILE A 738 -12.35 26.73 -16.82
C ILE A 738 -13.29 26.39 -15.66
N GLY A 739 -12.94 26.87 -14.46
CA GLY A 739 -13.65 26.44 -13.27
C GLY A 739 -14.99 27.12 -13.13
N MET A 740 -15.97 26.36 -12.62
CA MET A 740 -17.31 26.84 -12.34
C MET A 740 -17.84 26.08 -11.13
N ARG A 741 -18.88 26.65 -10.51
CA ARG A 741 -19.47 26.03 -9.33
C ARG A 741 -20.15 24.71 -9.69
N LYS A 742 -20.40 23.90 -8.66
CA LYS A 742 -20.97 22.58 -8.89
C LYS A 742 -22.34 22.66 -9.54
N ASP A 743 -23.18 23.60 -9.11
CA ASP A 743 -24.54 23.67 -9.59
C ASP A 743 -24.67 24.41 -10.91
N SER A 744 -23.58 24.91 -11.47
CA SER A 744 -23.66 25.65 -12.71
C SER A 744 -24.18 24.76 -13.83
N PRO A 745 -25.20 25.18 -14.58
CA PRO A 745 -25.70 24.37 -15.69
C PRO A 745 -24.91 24.55 -16.97
N TRP A 746 -23.82 25.31 -16.95
CA TRP A 746 -23.01 25.54 -18.14
C TRP A 746 -21.98 24.43 -18.37
N LYS A 747 -21.84 23.49 -17.44
CA LYS A 747 -20.72 22.54 -17.52
C LYS A 747 -20.80 21.67 -18.76
N GLN A 748 -22.01 21.19 -19.09
CA GLN A 748 -22.14 20.27 -20.21
C GLN A 748 -21.73 20.92 -21.51
N ASN A 749 -22.22 22.13 -21.78
CA ASN A 749 -21.92 22.78 -23.04
C ASN A 749 -20.52 23.39 -23.08
N VAL A 750 -20.00 23.85 -21.95
CA VAL A 750 -18.64 24.38 -21.94
C VAL A 750 -17.64 23.28 -22.28
N SER A 751 -17.81 22.09 -21.69
CA SER A 751 -16.92 20.98 -21.99
C SER A 751 -17.05 20.54 -23.44
N LEU A 752 -18.27 20.48 -23.97
CA LEU A 752 -18.46 20.15 -25.37
C LEU A 752 -17.87 21.21 -26.28
N SER A 753 -18.03 22.48 -25.93
CA SER A 753 -17.52 23.55 -26.78
C SER A 753 -16.00 23.62 -26.73
N ILE A 754 -15.42 23.41 -25.55
CA ILE A 754 -13.97 23.47 -25.44
C ILE A 754 -13.33 22.29 -26.17
N LEU A 755 -14.02 21.14 -26.21
CA LEU A 755 -13.49 19.99 -26.93
C LEU A 755 -13.63 20.17 -28.44
N LYS A 756 -14.62 20.94 -28.88
CA LYS A 756 -14.78 21.18 -30.31
C LYS A 756 -13.72 22.12 -30.84
N SER A 757 -13.20 23.01 -30.00
CA SER A 757 -12.16 23.94 -30.45
C SER A 757 -10.81 23.26 -30.64
N HIS A 758 -10.59 22.13 -29.98
CA HIS A 758 -9.34 21.39 -30.18
C HIS A 758 -9.31 20.74 -31.55
N GLU A 759 -10.39 20.07 -31.95
CA GLU A 759 -10.42 19.38 -33.24
C GLU A 759 -10.48 20.37 -34.40
N ASN A 760 -11.17 21.49 -34.23
CA ASN A 760 -11.39 22.44 -35.31
C ASN A 760 -10.12 23.12 -35.78
N GLY A 761 -8.99 22.89 -35.12
CA GLY A 761 -7.78 23.63 -35.41
C GLY A 761 -7.76 25.03 -34.87
N PHE A 762 -8.81 25.45 -34.16
CA PHE A 762 -8.85 26.80 -33.60
C PHE A 762 -7.78 26.98 -32.53
N MET A 763 -7.69 26.04 -31.59
CA MET A 763 -6.67 26.14 -30.56
C MET A 763 -5.27 25.90 -31.09
N GLU A 764 -5.11 25.64 -32.37
CA GLU A 764 -3.81 25.66 -33.02
C GLU A 764 -3.53 27.00 -33.70
N ASP A 765 -4.48 27.93 -33.64
CA ASP A 765 -4.30 29.28 -34.15
C ASP A 765 -3.93 30.27 -33.05
N LEU A 766 -4.49 30.11 -31.85
CA LEU A 766 -4.18 31.02 -30.75
C LEU A 766 -2.71 30.89 -30.34
N ASP A 767 -2.26 29.65 -30.12
CA ASP A 767 -0.85 29.45 -29.77
C ASP A 767 0.06 29.84 -30.91
N LYS A 768 -0.42 29.72 -32.16
CA LYS A 768 0.33 30.25 -33.29
C LYS A 768 0.41 31.77 -33.22
N THR A 769 -0.66 32.41 -32.77
CA THR A 769 -0.72 33.87 -32.70
C THR A 769 -0.11 34.44 -31.42
N TRP A 770 -0.26 33.73 -30.30
CA TRP A 770 0.16 34.27 -29.00
C TRP A 770 1.38 33.60 -28.38
N VAL A 771 1.67 32.34 -28.73
CA VAL A 771 2.68 31.56 -28.04
C VAL A 771 3.81 31.14 -28.98
N ARG A 772 3.48 30.48 -30.08
CA ARG A 772 4.51 29.85 -30.90
C ARG A 772 5.42 30.87 -31.58
N TYR A 773 4.95 32.10 -31.79
CA TYR A 773 5.77 33.09 -32.44
C TYR A 773 6.90 33.54 -31.51
N GLN A 774 7.78 34.39 -32.04
CA GLN A 774 8.94 34.92 -31.31
C GLN A 774 9.82 33.77 -30.82
N GLU A 775 10.48 33.13 -31.78
CA GLU A 775 11.28 31.94 -31.54
C GLU A 775 12.75 32.25 -31.78
N CYS A 776 13.23 33.35 -31.18
CA CYS A 776 14.60 33.87 -31.32
C CYS A 776 15.67 32.80 -31.59
N ALA A 782 27.95 26.19 -28.77
CA ALA A 782 28.94 27.21 -28.44
C ALA A 782 29.82 26.75 -27.28
N PRO A 783 30.89 25.99 -27.60
CA PRO A 783 31.78 25.45 -26.56
C PRO A 783 32.84 26.43 -26.08
N ALA A 784 32.42 27.66 -25.75
CA ALA A 784 33.26 28.64 -25.06
C ALA A 784 34.53 28.94 -25.86
N THR A 785 34.33 29.60 -27.00
CA THR A 785 35.43 30.02 -27.85
C THR A 785 36.51 30.74 -27.04
N LEU A 786 37.75 30.64 -27.52
CA LEU A 786 38.89 31.12 -26.74
C LEU A 786 38.81 32.62 -26.50
N THR A 787 38.48 33.39 -27.54
CA THR A 787 38.39 34.85 -27.45
C THR A 787 39.72 35.49 -27.07
N PHE A 788 39.77 36.82 -27.06
CA PHE A 788 41.00 37.51 -26.68
C PHE A 788 41.37 37.20 -25.24
N GLU A 789 40.39 37.15 -24.35
CA GLU A 789 40.63 36.69 -22.99
C GLU A 789 41.16 35.26 -23.02
N ASN A 790 41.81 34.87 -21.92
CA ASN A 790 42.50 33.59 -21.76
C ASN A 790 43.73 33.48 -22.65
N MET A 791 44.08 34.53 -23.39
CA MET A 791 45.27 34.49 -24.25
C MET A 791 46.05 35.79 -24.26
N ALA A 792 45.78 36.73 -23.36
CA ALA A 792 46.53 37.97 -23.34
C ALA A 792 47.99 37.73 -22.98
N GLY A 793 48.29 36.65 -22.27
CA GLY A 793 49.66 36.38 -21.88
C GLY A 793 50.56 36.07 -23.06
N VAL A 794 50.10 35.25 -23.99
CA VAL A 794 50.96 34.84 -25.10
C VAL A 794 51.23 36.02 -26.03
N PHE A 795 50.23 36.88 -26.24
CA PHE A 795 50.46 38.06 -27.08
C PHE A 795 51.29 39.10 -26.35
N MET A 796 51.24 39.11 -25.02
CA MET A 796 52.18 39.94 -24.26
C MET A 796 53.61 39.46 -24.44
N LEU A 797 53.81 38.15 -24.57
CA LEU A 797 55.14 37.61 -24.82
C LEU A 797 55.67 38.10 -26.16
N VAL A 798 54.82 38.13 -27.19
CA VAL A 798 55.24 38.66 -28.48
C VAL A 798 55.59 40.14 -28.35
N ALA A 799 54.77 40.91 -27.65
CA ALA A 799 55.09 42.30 -27.39
C ALA A 799 56.32 42.42 -26.50
N GLY A 800 56.45 41.54 -25.51
CA GLY A 800 57.61 41.58 -24.64
C GLY A 800 58.92 41.35 -25.37
N GLY A 801 58.90 40.51 -26.40
CA GLY A 801 60.10 40.31 -27.20
C GLY A 801 60.53 41.59 -27.92
N ILE A 802 59.55 42.38 -28.36
CA ILE A 802 59.87 43.65 -29.02
C ILE A 802 60.58 44.58 -28.05
N VAL A 803 60.06 44.69 -26.83
CA VAL A 803 60.67 45.57 -25.84
C VAL A 803 62.06 45.09 -25.46
N ALA A 804 62.20 43.78 -25.20
CA ALA A 804 63.50 43.24 -24.83
C ALA A 804 64.49 43.35 -25.97
N GLY A 805 64.01 43.33 -27.21
CA GLY A 805 64.92 43.46 -28.36
C GLY A 805 65.63 44.80 -28.38
N ILE A 806 64.91 45.88 -28.06
CA ILE A 806 65.54 47.20 -28.03
C ILE A 806 66.63 47.24 -26.96
N PHE A 807 66.41 46.57 -25.84
CA PHE A 807 67.43 46.47 -24.80
C PHE A 807 68.48 45.42 -25.12
N LEU A 808 68.30 44.64 -26.18
CA LEU A 808 69.25 43.62 -26.60
C LEU A 808 70.04 44.00 -27.84
N ILE A 809 69.49 44.86 -28.70
CA ILE A 809 70.21 45.28 -29.89
C ILE A 809 71.42 46.13 -29.50
N PHE A 810 71.26 47.00 -28.49
CA PHE A 810 72.35 47.88 -28.09
C PHE A 810 73.54 47.09 -27.54
N ILE A 811 73.27 46.06 -26.75
CA ILE A 811 74.35 45.26 -26.19
C ILE A 811 75.04 44.45 -27.28
N GLU A 812 74.27 43.89 -28.20
CA GLU A 812 74.86 43.08 -29.27
C GLU A 812 75.74 43.92 -30.19
N ILE A 813 75.30 45.13 -30.53
CA ILE A 813 76.10 45.99 -31.40
C ILE A 813 77.39 46.41 -30.69
N ALA A 814 77.28 46.81 -29.43
CA ALA A 814 78.46 47.24 -28.68
C ALA A 814 79.45 46.11 -28.49
N TYR A 815 78.96 44.91 -28.16
CA TYR A 815 79.83 43.77 -27.94
C TYR A 815 80.22 43.11 -29.26
N ILE B 44 -35.83 44.51 45.01
CA ILE B 44 -36.37 43.38 44.28
C ILE B 44 -36.24 42.10 45.10
N GLY B 45 -37.37 41.66 45.66
CA GLY B 45 -37.39 40.45 46.48
C GLY B 45 -37.02 39.20 45.71
N ILE B 46 -36.13 38.39 46.29
CA ILE B 46 -35.71 37.13 45.69
C ILE B 46 -36.16 36.01 46.62
N ALA B 47 -36.93 35.07 46.09
CA ALA B 47 -37.45 33.95 46.86
C ALA B 47 -36.65 32.71 46.52
N VAL B 48 -35.80 32.29 47.46
CA VAL B 48 -34.99 31.08 47.28
C VAL B 48 -35.87 29.88 47.62
N ILE B 49 -36.24 29.11 46.61
CA ILE B 49 -37.11 27.96 46.76
C ILE B 49 -36.27 26.70 46.57
N LEU B 50 -36.22 25.87 47.61
CA LEU B 50 -35.51 24.60 47.56
C LEU B 50 -36.39 23.51 48.13
N VAL B 51 -36.41 22.36 47.47
CA VAL B 51 -37.24 21.23 47.86
C VAL B 51 -36.39 19.97 47.90
N GLY B 52 -36.91 18.97 48.60
CA GLY B 52 -36.22 17.71 48.75
C GLY B 52 -35.54 17.56 50.10
N THR B 53 -34.56 16.67 50.13
CA THR B 53 -33.80 16.37 51.35
C THR B 53 -32.43 17.03 51.23
N SER B 54 -32.35 18.29 51.67
CA SER B 54 -31.11 19.06 51.60
C SER B 54 -30.99 19.85 52.90
N ASP B 55 -30.05 20.80 52.91
CA ASP B 55 -29.79 21.64 54.08
C ASP B 55 -30.28 23.06 53.77
N GLU B 56 -31.42 23.42 54.36
CA GLU B 56 -31.96 24.76 54.17
C GLU B 56 -31.22 25.79 55.00
N VAL B 57 -30.68 25.39 56.17
CA VAL B 57 -29.96 26.33 57.01
C VAL B 57 -28.68 26.80 56.33
N ALA B 58 -28.00 25.90 55.62
CA ALA B 58 -26.84 26.31 54.85
C ALA B 58 -27.21 27.31 53.77
N ILE B 59 -28.34 27.10 53.09
CA ILE B 59 -28.84 28.09 52.15
C ILE B 59 -29.27 29.36 52.87
N LYS B 60 -29.90 29.22 54.03
CA LYS B 60 -30.38 30.39 54.77
C LYS B 60 -29.21 31.25 55.25
N ASP B 61 -28.18 30.62 55.82
CA ASP B 61 -27.04 31.37 56.34
C ASP B 61 -26.26 32.04 55.22
N ALA B 62 -26.03 31.33 54.12
CA ALA B 62 -25.26 31.89 53.02
C ALA B 62 -25.99 33.04 52.34
N HIS B 63 -27.31 32.92 52.17
CA HIS B 63 -28.07 33.96 51.49
C HIS B 63 -28.07 35.26 52.28
N GLU B 64 -28.19 35.17 53.60
CA GLU B 64 -28.24 36.37 54.43
C GLU B 64 -26.94 37.15 54.41
N LYS B 65 -25.82 36.51 54.07
CA LYS B 65 -24.51 37.17 54.05
C LYS B 65 -24.33 37.83 52.68
N ASP B 66 -24.95 38.99 52.52
CA ASP B 66 -24.83 39.74 51.29
C ASP B 66 -23.45 40.40 51.22
N ASP B 67 -22.66 40.01 50.20
CA ASP B 67 -21.30 40.53 50.08
C ASP B 67 -21.30 42.03 49.82
N PHE B 68 -22.13 42.49 48.89
CA PHE B 68 -22.21 43.90 48.52
C PHE B 68 -23.57 44.45 48.89
N HIS B 69 -23.59 45.53 49.67
CA HIS B 69 -24.82 46.18 50.08
C HIS B 69 -25.15 47.40 49.23
N HIS B 70 -24.41 47.62 48.14
CA HIS B 70 -24.67 48.77 47.28
C HIS B 70 -25.99 48.65 46.52
N LEU B 71 -26.56 47.46 46.44
CA LEU B 71 -27.81 47.23 45.73
C LEU B 71 -28.82 46.60 46.67
N SER B 72 -30.10 46.95 46.47
CA SER B 72 -31.18 46.47 47.32
C SER B 72 -31.48 45.02 46.96
N VAL B 73 -30.69 44.11 47.55
CA VAL B 73 -30.91 42.69 47.33
C VAL B 73 -32.24 42.25 47.92
N VAL B 74 -32.54 42.69 49.14
CA VAL B 74 -33.75 42.37 49.92
C VAL B 74 -34.18 40.93 49.64
N PRO B 75 -33.37 39.92 49.98
CA PRO B 75 -33.71 38.54 49.65
C PRO B 75 -34.75 37.99 50.61
N ARG B 76 -35.98 37.84 50.12
CA ARG B 76 -37.05 37.22 50.90
C ARG B 76 -36.92 35.72 50.75
N VAL B 77 -36.05 35.14 51.58
CA VAL B 77 -35.76 33.71 51.49
C VAL B 77 -36.80 32.91 52.26
N GLU B 78 -37.91 32.59 51.57
CA GLU B 78 -38.95 31.78 52.20
C GLU B 78 -38.45 30.37 52.49
N LEU B 79 -37.68 29.79 51.56
CA LEU B 79 -37.07 28.48 51.74
C LEU B 79 -38.11 27.42 52.09
N VAL B 80 -39.22 27.44 51.37
CA VAL B 80 -40.30 26.49 51.59
C VAL B 80 -39.79 25.08 51.31
N ALA B 81 -39.69 24.27 52.35
CA ALA B 81 -39.16 22.91 52.24
C ALA B 81 -40.20 21.91 51.78
N MET B 82 -41.45 22.34 51.61
CA MET B 82 -42.49 21.44 51.13
C MET B 82 -42.14 20.93 49.74
N ASN B 83 -42.36 19.63 49.52
CA ASN B 83 -42.04 19.00 48.25
C ASN B 83 -42.86 19.62 47.12
N GLU B 84 -42.19 20.33 46.22
CA GLU B 84 -42.86 20.96 45.08
C GLU B 84 -42.89 20.06 43.86
N THR B 85 -42.86 18.74 44.05
CA THR B 85 -42.96 17.83 42.92
C THR B 85 -44.31 17.97 42.22
N ASP B 86 -45.39 18.09 42.97
CA ASP B 86 -46.70 18.28 42.37
C ASP B 86 -46.82 19.70 41.82
N PRO B 87 -47.45 19.87 40.66
CA PRO B 87 -47.60 21.23 40.11
C PRO B 87 -48.38 22.16 41.02
N LYS B 88 -49.40 21.64 41.70
CA LYS B 88 -50.25 22.49 42.52
C LYS B 88 -49.45 23.19 43.61
N SER B 89 -48.51 22.49 44.22
CA SER B 89 -47.70 23.09 45.28
C SER B 89 -46.87 24.26 44.75
N ILE B 90 -46.14 24.03 43.65
CA ILE B 90 -45.22 25.06 43.15
C ILE B 90 -45.98 26.24 42.57
N ILE B 91 -47.04 25.97 41.79
CA ILE B 91 -47.77 27.06 41.16
C ILE B 91 -48.48 27.92 42.20
N THR B 92 -48.97 27.31 43.28
CA THR B 92 -49.66 28.08 44.31
C THR B 92 -48.68 28.96 45.08
N ARG B 93 -47.55 28.40 45.50
CA ARG B 93 -46.64 29.15 46.36
C ARG B 93 -46.03 30.35 45.64
N ILE B 94 -45.84 30.25 44.32
CA ILE B 94 -45.19 31.32 43.58
C ILE B 94 -45.99 32.61 43.66
N CYS B 95 -47.29 32.52 43.40
CA CYS B 95 -48.08 33.75 43.32
C CYS B 95 -48.58 34.24 44.67
N ASP B 96 -48.46 33.46 45.73
CA ASP B 96 -48.63 34.02 47.06
C ASP B 96 -47.32 34.57 47.62
N LEU B 97 -46.19 34.03 47.16
CA LEU B 97 -44.91 34.66 47.47
C LEU B 97 -44.84 36.07 46.88
N MET B 98 -45.28 36.22 45.63
CA MET B 98 -45.37 37.54 45.04
C MET B 98 -46.45 38.38 45.71
N SER B 99 -47.51 37.75 46.19
CA SER B 99 -48.58 38.49 46.87
C SER B 99 -48.14 38.97 48.25
N ASP B 100 -47.49 38.10 49.02
CA ASP B 100 -47.16 38.43 50.41
C ASP B 100 -46.06 39.48 50.48
N ARG B 101 -44.98 39.29 49.72
CA ARG B 101 -43.79 40.12 49.85
C ARG B 101 -43.54 41.05 48.67
N LYS B 102 -44.41 41.04 47.66
CA LYS B 102 -44.26 41.88 46.47
C LYS B 102 -42.90 41.67 45.82
N ILE B 103 -42.45 40.42 45.76
CA ILE B 103 -41.15 40.11 45.18
C ILE B 103 -41.21 40.29 43.66
N GLN B 104 -40.03 40.39 43.06
CA GLN B 104 -39.88 40.49 41.61
C GLN B 104 -38.73 39.60 41.14
N GLY B 105 -38.59 38.43 41.75
CA GLY B 105 -37.54 37.51 41.39
C GLY B 105 -37.58 36.23 42.20
N VAL B 106 -37.30 35.09 41.56
CA VAL B 106 -37.33 33.79 42.21
C VAL B 106 -36.17 32.95 41.71
N VAL B 107 -35.55 32.20 42.61
CA VAL B 107 -34.52 31.23 42.28
C VAL B 107 -34.97 29.88 42.80
N PHE B 108 -34.94 28.86 41.93
CA PHE B 108 -35.51 27.55 42.24
C PHE B 108 -34.41 26.53 42.41
N ALA B 109 -34.56 25.68 43.43
CA ALA B 109 -33.63 24.60 43.70
C ALA B 109 -34.41 23.31 43.94
N ASP B 110 -33.81 22.19 43.55
CA ASP B 110 -34.47 20.90 43.66
C ASP B 110 -33.41 19.83 43.90
N ASP B 111 -33.84 18.71 44.48
CA ASP B 111 -32.98 17.58 44.75
C ASP B 111 -33.24 16.37 43.88
N THR B 112 -34.51 16.09 43.55
CA THR B 112 -34.87 14.90 42.80
C THR B 112 -34.52 15.08 41.32
N ASP B 113 -34.79 14.04 40.53
CA ASP B 113 -34.56 14.12 39.09
C ASP B 113 -35.40 15.20 38.46
N GLN B 114 -36.73 15.04 38.50
CA GLN B 114 -37.68 16.03 37.99
C GLN B 114 -37.32 16.45 36.57
N GLU B 115 -37.40 15.49 35.65
CA GLU B 115 -36.93 15.69 34.29
C GLU B 115 -37.64 16.83 33.58
N ALA B 116 -38.85 17.20 34.03
CA ALA B 116 -39.60 18.27 33.37
C ALA B 116 -40.19 19.25 34.38
N ILE B 117 -39.62 19.35 35.59
CA ILE B 117 -40.06 20.39 36.50
C ILE B 117 -39.64 21.77 36.01
N ALA B 118 -38.62 21.82 35.13
CA ALA B 118 -38.30 23.08 34.46
C ALA B 118 -39.30 23.39 33.36
N GLN B 119 -39.90 22.36 32.76
CA GLN B 119 -40.91 22.58 31.73
C GLN B 119 -42.12 23.31 32.29
N ILE B 120 -42.60 22.88 33.47
CA ILE B 120 -43.69 23.59 34.12
C ILE B 120 -43.20 24.92 34.67
N LEU B 121 -41.96 24.98 35.14
CA LEU B 121 -41.41 26.23 35.65
C LEU B 121 -41.35 27.29 34.56
N ASP B 122 -41.00 26.88 33.34
CA ASP B 122 -40.96 27.83 32.23
C ASP B 122 -42.34 28.43 31.95
N PHE B 123 -43.40 27.67 32.21
CA PHE B 123 -44.75 28.18 31.96
C PHE B 123 -45.05 29.38 32.85
N ILE B 124 -44.64 29.32 34.12
CA ILE B 124 -44.80 30.48 35.00
C ILE B 124 -44.01 31.66 34.47
N SER B 125 -42.78 31.42 34.02
CA SER B 125 -41.95 32.50 33.48
C SER B 125 -42.59 33.10 32.24
N ALA B 126 -43.17 32.27 31.37
CA ALA B 126 -43.77 32.78 30.14
C ALA B 126 -45.05 33.56 30.44
N GLN B 127 -45.94 32.99 31.27
CA GLN B 127 -47.20 33.66 31.57
C GLN B 127 -46.97 34.96 32.33
N THR B 128 -46.08 34.94 33.30
CA THR B 128 -45.73 36.14 34.05
C THR B 128 -44.53 36.82 33.38
N LEU B 129 -43.91 37.77 34.09
CA LEU B 129 -42.70 38.41 33.59
C LEU B 129 -41.57 38.41 34.60
N THR B 130 -41.76 37.84 35.77
CA THR B 130 -40.71 37.81 36.79
C THR B 130 -39.64 36.80 36.40
N PRO B 131 -38.37 37.19 36.31
CA PRO B 131 -37.32 36.23 35.96
C PRO B 131 -37.21 35.14 37.01
N ILE B 132 -36.94 33.92 36.53
CA ILE B 132 -36.68 32.78 37.40
C ILE B 132 -35.40 32.10 36.92
N LEU B 133 -34.47 31.88 37.84
CA LEU B 133 -33.18 31.27 37.54
C LEU B 133 -33.06 29.94 38.25
N GLY B 134 -32.78 28.89 37.49
CA GLY B 134 -32.56 27.59 38.09
C GLY B 134 -31.26 27.52 38.86
N ILE B 135 -31.20 26.59 39.81
CA ILE B 135 -30.01 26.41 40.63
C ILE B 135 -29.48 24.99 40.52
N HIS B 136 -30.29 24.01 40.93
CA HIS B 136 -29.80 22.65 41.02
C HIS B 136 -30.98 21.69 41.04
N GLY B 137 -30.80 20.52 40.44
CA GLY B 137 -31.80 19.48 40.49
C GLY B 137 -32.64 19.37 39.25
N GLY B 138 -33.96 19.51 39.40
CA GLY B 138 -34.87 19.38 38.28
C GLY B 138 -34.85 20.53 37.31
N SER B 139 -34.18 21.63 37.67
CA SER B 139 -33.98 22.75 36.75
C SER B 139 -32.59 22.75 36.12
N SER B 140 -31.77 21.74 36.41
CA SER B 140 -30.40 21.75 35.92
C SER B 140 -30.33 21.44 34.44
N MET B 141 -31.10 20.45 33.97
CA MET B 141 -31.06 20.07 32.56
C MET B 141 -31.58 21.20 31.70
N ILE B 142 -30.92 21.41 30.56
CA ILE B 142 -31.23 22.52 29.67
C ILE B 142 -32.44 22.18 28.81
N MET B 143 -33.45 23.04 28.86
CA MET B 143 -34.59 22.89 27.96
C MET B 143 -34.18 23.25 26.54
N ALA B 144 -34.67 22.47 25.57
CA ALA B 144 -34.30 22.70 24.18
C ALA B 144 -34.74 24.07 23.70
N ASP B 145 -36.06 24.31 23.68
CA ASP B 145 -36.62 25.57 23.24
C ASP B 145 -37.69 26.02 24.22
N LYS B 146 -37.74 27.32 24.48
CA LYS B 146 -38.72 27.91 25.39
C LYS B 146 -39.51 28.98 24.66
N ASP B 147 -40.40 29.65 25.40
CA ASP B 147 -41.20 30.71 24.84
C ASP B 147 -40.32 31.91 24.48
N GLU B 148 -40.81 32.70 23.52
CA GLU B 148 -40.07 33.90 23.12
C GLU B 148 -39.96 34.90 24.26
N SER B 149 -40.93 34.88 25.19
CA SER B 149 -40.92 35.75 26.36
C SER B 149 -40.58 34.98 27.63
N SER B 150 -39.93 33.83 27.49
CA SER B 150 -39.62 32.99 28.65
C SER B 150 -38.57 33.67 29.52
N MET B 151 -38.87 33.82 30.81
CA MET B 151 -37.94 34.43 31.76
C MET B 151 -37.13 33.37 32.50
N PHE B 152 -36.48 32.49 31.74
CA PHE B 152 -35.82 31.32 32.30
C PHE B 152 -34.34 31.35 31.97
N PHE B 153 -33.51 31.05 32.98
CA PHE B 153 -32.07 30.94 32.80
C PHE B 153 -31.58 29.82 33.72
N GLN B 154 -31.13 28.73 33.13
CA GLN B 154 -30.74 27.54 33.87
C GLN B 154 -29.24 27.50 34.10
N PHE B 155 -28.84 26.70 35.08
CA PHE B 155 -27.44 26.44 35.36
C PHE B 155 -27.05 25.09 34.77
N GLY B 156 -26.11 25.11 33.81
CA GLY B 156 -25.66 23.89 33.18
C GLY B 156 -25.37 24.08 31.71
N PRO B 157 -24.35 23.38 31.21
CA PRO B 157 -24.02 23.49 29.79
C PRO B 157 -25.10 22.88 28.91
N SER B 158 -25.21 23.41 27.70
CA SER B 158 -26.14 22.88 26.73
C SER B 158 -25.51 21.69 25.99
N ILE B 159 -26.28 21.10 25.08
CA ILE B 159 -25.77 19.96 24.32
C ILE B 159 -24.63 20.39 23.40
N GLU B 160 -24.71 21.60 22.85
CA GLU B 160 -23.63 22.09 21.99
C GLU B 160 -22.33 22.23 22.77
N GLN B 161 -22.40 22.76 24.00
CA GLN B 161 -21.20 22.83 24.82
C GLN B 161 -20.67 21.44 25.15
N GLN B 162 -21.57 20.50 25.45
CA GLN B 162 -21.14 19.13 25.73
C GLN B 162 -20.55 18.45 24.50
N ALA B 163 -20.93 18.90 23.30
CA ALA B 163 -20.32 18.35 22.09
C ALA B 163 -18.93 18.91 21.84
N SER B 164 -18.69 20.16 22.21
CA SER B 164 -17.38 20.77 21.98
C SER B 164 -16.32 20.28 22.95
N VAL B 165 -16.71 20.01 24.21
CA VAL B 165 -15.73 19.61 25.21
C VAL B 165 -15.19 18.23 24.90
N MET B 166 -16.03 17.31 24.43
CA MET B 166 -15.57 15.98 24.11
C MET B 166 -14.54 16.01 22.98
N LEU B 167 -14.77 16.87 21.99
CA LEU B 167 -13.77 17.04 20.92
C LEU B 167 -12.46 17.58 21.48
N ASN B 168 -12.54 18.47 22.48
CA ASN B 168 -11.33 19.00 23.10
C ASN B 168 -10.55 17.89 23.79
N ILE B 169 -11.26 16.94 24.43
CA ILE B 169 -10.60 15.76 24.95
C ILE B 169 -9.93 14.99 23.83
N MET B 170 -10.63 14.82 22.72
CA MET B 170 -10.11 14.08 21.58
C MET B 170 -8.91 14.78 20.96
N GLU B 171 -8.94 16.11 20.90
CA GLU B 171 -7.81 16.86 20.36
C GLU B 171 -6.56 16.65 21.20
N GLU B 172 -6.71 16.66 22.53
CA GLU B 172 -5.54 16.55 23.39
C GLU B 172 -4.85 15.20 23.24
N TYR B 173 -5.64 14.12 23.12
CA TYR B 173 -5.10 12.78 23.06
C TYR B 173 -4.94 12.26 21.64
N ASP B 174 -5.25 13.07 20.63
CA ASP B 174 -5.00 12.75 19.23
C ASP B 174 -5.73 11.48 18.78
N TRP B 175 -6.99 11.35 19.17
CA TRP B 175 -7.86 10.29 18.64
C TRP B 175 -8.69 10.82 17.48
N TYR B 176 -7.99 11.25 16.43
CA TYR B 176 -8.65 11.95 15.32
C TYR B 176 -9.69 11.09 14.64
N ILE B 177 -9.49 9.78 14.57
CA ILE B 177 -10.47 8.89 13.95
C ILE B 177 -11.59 8.62 14.95
N PHE B 178 -12.84 8.84 14.52
CA PHE B 178 -13.97 8.67 15.41
C PHE B 178 -15.20 8.30 14.60
N SER B 179 -16.22 7.82 15.31
CA SER B 179 -17.52 7.53 14.71
C SER B 179 -18.61 7.98 15.66
N ILE B 180 -19.80 8.19 15.11
CA ILE B 180 -20.93 8.74 15.85
C ILE B 180 -22.09 7.75 15.80
N VAL B 181 -22.65 7.44 16.96
CA VAL B 181 -23.87 6.66 17.06
C VAL B 181 -24.89 7.50 17.84
N THR B 182 -26.11 7.57 17.33
CA THR B 182 -27.14 8.42 17.92
C THR B 182 -28.48 7.72 17.85
N THR B 183 -29.53 8.42 18.27
CA THR B 183 -30.88 7.88 18.29
C THR B 183 -31.83 8.94 17.73
N TYR B 184 -33.12 8.72 17.92
CA TYR B 184 -34.15 9.66 17.51
C TYR B 184 -34.43 10.70 18.59
N PHE B 185 -33.71 10.67 19.69
CA PHE B 185 -33.90 11.64 20.76
C PHE B 185 -33.60 13.05 20.24
N PRO B 186 -34.42 14.04 20.57
CA PRO B 186 -34.16 15.41 20.11
C PRO B 186 -32.83 15.92 20.62
N GLY B 187 -32.22 16.82 19.83
CA GLY B 187 -30.87 17.28 20.07
C GLY B 187 -29.83 16.55 19.24
N TYR B 188 -30.17 15.38 18.71
CA TYR B 188 -29.26 14.67 17.81
C TYR B 188 -29.03 15.47 16.53
N GLN B 189 -30.08 16.15 16.05
CA GLN B 189 -29.90 17.03 14.89
C GLN B 189 -29.00 18.20 15.20
N ASP B 190 -28.85 18.57 16.48
CA ASP B 190 -27.93 19.61 16.90
C ASP B 190 -26.59 19.04 17.38
N PHE B 191 -26.62 17.90 18.08
CA PHE B 191 -25.39 17.27 18.54
C PHE B 191 -24.49 16.90 17.37
N VAL B 192 -25.07 16.26 16.35
CA VAL B 192 -24.30 15.89 15.17
C VAL B 192 -23.87 17.14 14.42
N ASN B 193 -24.76 18.13 14.32
CA ASN B 193 -24.44 19.34 13.57
C ASN B 193 -23.26 20.09 14.20
N LYS B 194 -23.22 20.17 15.52
CA LYS B 194 -22.09 20.81 16.18
C LYS B 194 -20.81 20.05 15.92
N ILE B 195 -20.86 18.72 15.98
CA ILE B 195 -19.70 17.91 15.64
C ILE B 195 -19.34 18.09 14.17
N ARG B 196 -20.33 18.03 13.29
CA ARG B 196 -20.07 18.14 11.86
C ARG B 196 -19.47 19.49 11.50
N SER B 197 -20.01 20.57 12.09
CA SER B 197 -19.49 21.89 11.78
C SER B 197 -18.04 22.05 12.24
N THR B 198 -17.72 21.55 13.43
CA THR B 198 -16.35 21.63 13.93
C THR B 198 -15.41 20.79 13.07
N ILE B 199 -15.85 19.61 12.65
CA ILE B 199 -15.01 18.73 11.83
C ILE B 199 -14.79 19.35 10.45
N GLU B 200 -15.84 19.90 9.86
CA GLU B 200 -15.76 20.40 8.50
C GLU B 200 -14.76 21.56 8.40
N ASN B 201 -13.87 21.47 7.41
CA ASN B 201 -12.91 22.53 7.10
C ASN B 201 -12.04 22.86 8.31
N SER B 202 -11.27 21.86 8.75
CA SER B 202 -10.41 21.99 9.91
C SER B 202 -8.98 21.61 9.55
N PHE B 203 -8.03 22.26 10.22
CA PHE B 203 -6.62 21.94 10.00
C PHE B 203 -6.31 20.51 10.43
N VAL B 204 -6.89 20.07 11.54
CA VAL B 204 -6.66 18.72 12.02
C VAL B 204 -7.32 17.73 11.07
N GLY B 205 -6.60 16.66 10.76
CA GLY B 205 -7.11 15.66 9.84
C GLY B 205 -8.12 14.73 10.47
N TRP B 206 -9.31 15.25 10.77
CA TRP B 206 -10.36 14.44 11.37
C TRP B 206 -10.84 13.36 10.41
N GLU B 207 -11.27 12.24 10.97
CA GLU B 207 -11.78 11.11 10.20
C GLU B 207 -13.14 10.72 10.78
N LEU B 208 -14.21 11.13 10.11
CA LEU B 208 -15.58 10.84 10.54
C LEU B 208 -16.25 9.91 9.54
N GLU B 209 -16.87 8.85 10.05
CA GLU B 209 -17.58 7.90 9.21
C GLU B 209 -18.53 7.10 10.09
N GLU B 210 -19.45 6.40 9.44
CA GLU B 210 -20.38 5.47 10.09
C GLU B 210 -21.23 6.18 11.13
N VAL B 211 -22.06 7.11 10.65
CA VAL B 211 -23.04 7.78 11.50
C VAL B 211 -24.29 6.91 11.57
N LEU B 212 -24.62 6.42 12.76
CA LEU B 212 -25.72 5.50 12.97
C LEU B 212 -26.85 6.22 13.69
N LEU B 213 -28.07 6.10 13.16
CA LEU B 213 -29.23 6.84 13.64
C LEU B 213 -30.38 5.88 13.91
N LEU B 214 -30.09 4.81 14.66
CA LEU B 214 -31.09 3.81 15.00
C LEU B 214 -30.97 3.46 16.48
N ASP B 215 -32.10 3.10 17.08
CA ASP B 215 -32.14 2.81 18.51
C ASP B 215 -33.21 1.77 18.78
N MET B 216 -33.61 1.63 20.04
CA MET B 216 -34.55 0.60 20.47
C MET B 216 -36.01 1.00 20.31
N SER B 217 -36.29 2.21 19.82
CA SER B 217 -37.68 2.63 19.67
C SER B 217 -38.44 1.75 18.70
N LEU B 218 -37.80 1.37 17.60
CA LEU B 218 -38.44 0.50 16.62
C LEU B 218 -38.65 -0.90 17.19
N ASP B 219 -39.81 -1.48 16.92
CA ASP B 219 -40.12 -2.82 17.40
C ASP B 219 -39.25 -3.86 16.70
N ASP B 220 -38.82 -4.86 17.47
CA ASP B 220 -37.97 -5.94 16.95
C ASP B 220 -36.70 -5.37 16.31
N GLY B 221 -36.10 -4.38 16.96
CA GLY B 221 -34.89 -3.75 16.48
C GLY B 221 -33.60 -4.45 16.82
N ASP B 222 -33.67 -5.62 17.46
CA ASP B 222 -32.46 -6.35 17.82
C ASP B 222 -31.66 -6.74 16.58
N SER B 223 -32.34 -7.22 15.54
CA SER B 223 -31.67 -7.55 14.29
C SER B 223 -31.42 -6.34 13.41
N LYS B 224 -32.07 -5.21 13.69
CA LYS B 224 -31.91 -4.00 12.90
C LYS B 224 -30.75 -3.13 13.36
N ILE B 225 -30.14 -3.45 14.50
CA ILE B 225 -29.00 -2.68 15.00
C ILE B 225 -27.70 -3.47 15.00
N GLN B 226 -27.76 -4.80 14.89
CA GLN B 226 -26.55 -5.60 14.88
C GLN B 226 -25.83 -5.53 13.54
N ASN B 227 -26.57 -5.45 12.44
CA ASN B 227 -25.95 -5.37 11.13
C ASN B 227 -25.14 -4.08 10.97
N GLN B 228 -25.69 -2.95 11.44
CA GLN B 228 -24.98 -1.69 11.33
C GLN B 228 -23.85 -1.57 12.35
N LEU B 229 -24.04 -2.13 13.56
CA LEU B 229 -23.01 -2.07 14.57
C LEU B 229 -21.76 -2.84 14.16
N LYS B 230 -21.89 -3.82 13.25
CA LYS B 230 -20.74 -4.51 12.72
C LYS B 230 -19.94 -3.64 11.75
N LYS B 231 -20.50 -2.52 11.30
CA LYS B 231 -19.80 -1.62 10.39
C LYS B 231 -18.90 -0.62 11.09
N LEU B 232 -18.97 -0.54 12.42
CA LEU B 232 -18.10 0.35 13.16
C LEU B 232 -16.69 -0.22 13.22
N GLN B 233 -15.69 0.61 12.93
CA GLN B 233 -14.29 0.21 12.99
C GLN B 233 -13.40 1.20 13.71
N SER B 234 -13.87 2.41 13.97
CA SER B 234 -13.05 3.40 14.64
C SER B 234 -12.83 3.03 16.11
N PRO B 235 -11.65 3.35 16.66
CA PRO B 235 -11.44 3.11 18.10
C PRO B 235 -12.25 4.02 18.99
N ILE B 236 -12.75 5.14 18.48
CA ILE B 236 -13.50 6.11 19.27
C ILE B 236 -14.91 6.23 18.70
N ILE B 237 -15.90 6.04 19.56
CA ILE B 237 -17.31 6.10 19.17
C ILE B 237 -18.00 7.14 20.04
N LEU B 238 -18.68 8.08 19.39
CA LEU B 238 -19.44 9.12 20.07
C LEU B 238 -20.90 8.70 20.14
N LEU B 239 -21.43 8.61 21.36
CA LEU B 239 -22.77 8.11 21.58
C LEU B 239 -23.69 9.22 22.10
N TYR B 240 -24.93 9.19 21.66
CA TYR B 240 -25.97 10.10 22.14
C TYR B 240 -27.26 9.31 22.26
N CYS B 241 -27.68 9.01 23.49
CA CYS B 241 -28.87 8.21 23.72
C CYS B 241 -29.44 8.57 25.09
N THR B 242 -30.35 7.75 25.57
CA THR B 242 -30.93 7.88 26.91
C THR B 242 -30.27 6.85 27.82
N LYS B 243 -30.13 7.21 29.10
CA LYS B 243 -29.45 6.35 30.06
C LYS B 243 -30.04 4.93 30.06
N GLU B 244 -31.37 4.82 29.95
CA GLU B 244 -31.99 3.50 29.95
C GLU B 244 -31.60 2.69 28.72
N GLU B 245 -31.62 3.31 27.54
CA GLU B 245 -31.20 2.61 26.34
C GLU B 245 -29.68 2.57 26.17
N ALA B 246 -28.94 3.38 26.93
CA ALA B 246 -27.49 3.33 26.87
C ALA B 246 -26.97 1.98 27.33
N THR B 247 -27.56 1.43 28.40
CA THR B 247 -27.21 0.08 28.82
C THR B 247 -27.62 -0.94 27.77
N TYR B 248 -28.81 -0.78 27.17
CA TYR B 248 -29.27 -1.71 26.15
C TYR B 248 -28.40 -1.62 24.90
N ILE B 249 -28.04 -0.41 24.47
CA ILE B 249 -27.28 -0.26 23.24
C ILE B 249 -25.89 -0.86 23.37
N PHE B 250 -25.33 -0.86 24.59
CA PHE B 250 -24.04 -1.50 24.81
C PHE B 250 -24.16 -3.02 24.85
N GLU B 251 -25.31 -3.54 25.28
CA GLU B 251 -25.51 -4.98 25.31
C GLU B 251 -25.40 -5.57 23.90
N VAL B 252 -25.97 -4.89 22.91
CA VAL B 252 -25.77 -5.30 21.52
C VAL B 252 -24.30 -5.14 21.14
N ALA B 253 -23.68 -4.03 21.55
CA ALA B 253 -22.27 -3.82 21.25
C ALA B 253 -21.40 -4.89 21.90
N ASN B 254 -21.72 -5.27 23.14
CA ASN B 254 -20.97 -6.33 23.80
C ASN B 254 -21.11 -7.65 23.06
N SER B 255 -22.33 -7.95 22.58
CA SER B 255 -22.54 -9.18 21.83
C SER B 255 -21.72 -9.19 20.54
N VAL B 256 -21.69 -8.06 19.82
CA VAL B 256 -20.86 -7.97 18.62
C VAL B 256 -19.38 -8.03 18.98
N GLY B 257 -19.01 -7.42 20.11
CA GLY B 257 -17.63 -7.39 20.54
C GLY B 257 -16.98 -6.02 20.55
N LEU B 258 -17.75 -4.95 20.35
CA LEU B 258 -17.21 -3.59 20.37
C LEU B 258 -17.17 -3.10 21.82
N THR B 259 -16.24 -3.66 22.57
CA THR B 259 -16.09 -3.35 24.00
C THR B 259 -14.67 -3.72 24.41
N GLY B 260 -14.42 -3.72 25.72
CA GLY B 260 -13.11 -4.07 26.22
C GLY B 260 -12.07 -3.02 25.87
N TYR B 261 -10.82 -3.46 25.77
CA TYR B 261 -9.72 -2.56 25.47
C TYR B 261 -9.61 -2.35 23.96
N GLY B 262 -9.06 -1.20 23.58
CA GLY B 262 -8.99 -0.82 22.19
C GLY B 262 -10.13 0.04 21.69
N TYR B 263 -11.22 0.13 22.46
CA TYR B 263 -12.37 0.97 22.12
C TYR B 263 -12.64 1.92 23.28
N THR B 264 -12.74 3.21 22.96
CA THR B 264 -13.06 4.24 23.94
C THR B 264 -14.29 5.00 23.47
N TRP B 265 -15.31 5.04 24.31
CA TRP B 265 -16.59 5.67 23.98
C TRP B 265 -16.80 6.88 24.87
N ILE B 266 -17.48 7.88 24.32
CA ILE B 266 -17.75 9.13 25.04
C ILE B 266 -19.25 9.41 24.97
N VAL B 267 -19.82 9.81 26.11
CA VAL B 267 -21.27 10.01 26.22
C VAL B 267 -21.56 11.35 26.87
N PRO B 268 -22.70 11.98 26.58
CA PRO B 268 -23.01 13.28 27.20
C PRO B 268 -23.48 13.17 28.64
N SER B 269 -23.89 14.30 29.22
CA SER B 269 -24.25 14.32 30.64
C SER B 269 -25.53 13.53 30.91
N LEU B 270 -26.54 13.66 30.04
CA LEU B 270 -27.82 13.01 30.31
C LEU B 270 -27.70 11.49 30.24
N VAL B 271 -26.72 10.98 29.50
CA VAL B 271 -26.48 9.53 29.50
C VAL B 271 -25.95 9.08 30.86
N ALA B 272 -25.08 9.88 31.47
CA ALA B 272 -24.57 9.55 32.80
C ALA B 272 -25.71 9.52 33.82
N GLY B 273 -26.58 10.52 33.77
CA GLY B 273 -27.76 10.54 34.64
C GLY B 273 -27.44 10.84 36.08
N ASP B 274 -26.77 9.91 36.76
CA ASP B 274 -26.39 10.10 38.15
C ASP B 274 -25.09 9.35 38.40
N THR B 275 -24.14 10.02 39.06
CA THR B 275 -22.87 9.40 39.38
C THR B 275 -23.04 8.25 40.36
N ASP B 276 -23.92 8.39 41.34
CA ASP B 276 -24.15 7.32 42.31
C ASP B 276 -24.82 6.12 41.64
N THR B 277 -25.70 6.36 40.67
CA THR B 277 -26.44 5.29 40.01
C THR B 277 -25.60 4.78 38.84
N VAL B 278 -24.82 3.74 39.10
CA VAL B 278 -24.05 3.05 38.07
C VAL B 278 -24.81 1.80 37.66
N PRO B 279 -25.32 1.71 36.43
CA PRO B 279 -26.13 0.54 36.04
C PRO B 279 -25.33 -0.74 35.89
N ALA B 280 -24.03 -0.73 36.16
CA ALA B 280 -23.15 -1.89 36.07
C ALA B 280 -23.10 -2.49 34.67
N GLU B 281 -23.66 -1.80 33.67
CA GLU B 281 -23.61 -2.25 32.29
C GLU B 281 -22.59 -1.48 31.46
N PHE B 282 -22.37 -0.21 31.78
CA PHE B 282 -21.42 0.60 31.03
C PHE B 282 -20.01 0.01 31.15
N PRO B 283 -19.27 -0.10 30.06
CA PRO B 283 -17.91 -0.66 30.15
C PRO B 283 -16.96 0.29 30.85
N THR B 284 -15.91 -0.29 31.42
CA THR B 284 -14.83 0.52 31.97
C THR B 284 -14.17 1.32 30.87
N GLY B 285 -13.96 2.61 31.12
CA GLY B 285 -13.44 3.52 30.12
C GLY B 285 -14.45 4.45 29.50
N LEU B 286 -15.72 4.38 29.92
CA LEU B 286 -16.73 5.31 29.45
C LEU B 286 -16.44 6.69 30.03
N ILE B 287 -15.90 7.58 29.21
CA ILE B 287 -15.59 8.94 29.62
C ILE B 287 -16.76 9.84 29.25
N SER B 288 -17.28 10.55 30.23
CA SER B 288 -18.43 11.42 30.02
C SER B 288 -18.17 12.78 30.65
N VAL B 289 -18.91 13.78 30.18
CA VAL B 289 -18.79 15.15 30.65
C VAL B 289 -20.14 15.58 31.20
N SER B 290 -20.13 16.17 32.39
CA SER B 290 -21.36 16.60 33.05
C SER B 290 -21.06 17.82 33.90
N TYR B 291 -22.13 18.50 34.31
CA TYR B 291 -21.98 19.64 35.21
C TYR B 291 -21.44 19.18 36.56
N ASP B 292 -20.64 20.04 37.18
CA ASP B 292 -19.98 19.69 38.43
C ASP B 292 -21.00 19.65 39.56
N GLU B 293 -21.25 18.45 40.08
CA GLU B 293 -22.18 18.27 41.20
C GLU B 293 -21.48 18.31 42.56
N TRP B 294 -20.15 18.34 42.59
CA TRP B 294 -19.41 18.28 43.85
C TRP B 294 -18.90 19.66 44.28
N ASP B 295 -18.09 20.30 43.42
CA ASP B 295 -17.47 21.56 43.81
C ASP B 295 -18.49 22.68 43.91
N TYR B 296 -19.41 22.76 42.95
CA TYR B 296 -20.36 23.87 42.87
C TYR B 296 -21.54 23.55 43.78
N GLY B 297 -21.32 23.73 45.08
CA GLY B 297 -22.30 23.32 46.07
C GLY B 297 -23.51 24.23 46.11
N LEU B 298 -24.57 23.72 46.74
CA LEU B 298 -25.83 24.45 46.82
C LEU B 298 -25.70 25.81 47.50
N PRO B 299 -25.06 25.93 48.66
CA PRO B 299 -24.83 27.28 49.21
C PRO B 299 -24.01 28.16 48.29
N ALA B 300 -23.07 27.57 47.55
CA ALA B 300 -22.32 28.34 46.56
C ALA B 300 -23.21 28.78 45.41
N ARG B 301 -24.13 27.91 44.97
CA ARG B 301 -24.96 28.23 43.81
C ARG B 301 -25.85 29.42 44.06
N VAL B 302 -26.51 29.46 45.23
CA VAL B 302 -27.37 30.58 45.56
C VAL B 302 -26.56 31.86 45.73
N ARG B 303 -25.34 31.75 46.27
CA ARG B 303 -24.52 32.93 46.47
C ARG B 303 -24.28 33.69 45.17
N ASP B 304 -23.81 32.98 44.13
CA ASP B 304 -23.66 33.62 42.83
C ASP B 304 -24.98 33.78 42.10
N GLY B 305 -25.91 32.83 42.27
CA GLY B 305 -27.18 32.92 41.58
C GLY B 305 -28.01 34.11 42.02
N ILE B 306 -28.08 34.35 43.33
CA ILE B 306 -28.82 35.49 43.84
C ILE B 306 -28.13 36.80 43.46
N ALA B 307 -26.84 36.75 43.14
CA ALA B 307 -26.14 37.97 42.75
C ALA B 307 -26.50 38.37 41.32
N ILE B 308 -26.73 37.40 40.44
CA ILE B 308 -26.96 37.68 39.04
C ILE B 308 -28.21 38.53 38.86
N ILE B 309 -29.30 38.12 39.50
CA ILE B 309 -30.58 38.80 39.30
C ILE B 309 -30.53 40.20 39.92
N THR B 310 -29.86 40.34 41.06
CA THR B 310 -29.83 41.63 41.75
C THR B 310 -29.07 42.68 40.94
N THR B 311 -27.88 42.33 40.45
CA THR B 311 -27.08 43.32 39.72
C THR B 311 -27.70 43.66 38.37
N ALA B 312 -28.36 42.68 37.73
CA ALA B 312 -29.00 42.96 36.45
C ALA B 312 -30.23 43.85 36.63
N ALA B 313 -31.08 43.53 37.60
CA ALA B 313 -32.28 44.32 37.83
C ALA B 313 -31.94 45.74 38.26
N SER B 314 -30.94 45.90 39.13
CA SER B 314 -30.53 47.23 39.57
C SER B 314 -29.93 48.05 38.44
N ASP B 315 -29.40 47.40 37.40
CA ASP B 315 -28.91 48.14 36.25
C ASP B 315 -30.05 48.87 35.55
N MET B 316 -31.22 48.24 35.47
CA MET B 316 -32.38 48.91 34.88
C MET B 316 -32.76 50.16 35.66
N LEU B 317 -32.76 50.07 37.00
CA LEU B 317 -33.16 51.21 37.81
C LEU B 317 -32.28 52.43 37.55
N SER B 318 -31.04 52.20 37.12
CA SER B 318 -30.17 53.32 36.75
C SER B 318 -30.71 54.06 35.53
N GLU B 319 -31.20 53.32 34.54
CA GLU B 319 -31.71 53.91 33.31
C GLU B 319 -33.23 53.99 33.26
N HIS B 320 -33.93 53.39 34.22
CA HIS B 320 -35.39 53.42 34.26
C HIS B 320 -35.94 54.29 35.36
N SER B 321 -35.30 54.29 36.54
CA SER B 321 -35.77 55.04 37.71
C SER B 321 -37.19 54.63 38.11
N PHE B 322 -37.58 53.40 37.78
CA PHE B 322 -38.90 52.90 38.11
C PHE B 322 -38.82 51.38 38.12
N ILE B 323 -38.89 50.79 39.31
CA ILE B 323 -38.81 49.33 39.42
C ILE B 323 -40.06 48.70 38.82
N PRO B 324 -39.92 47.75 37.91
CA PRO B 324 -41.11 47.05 37.39
C PRO B 324 -41.84 46.32 38.51
N GLU B 325 -43.17 46.41 38.48
CA GLU B 325 -44.02 45.82 39.52
C GLU B 325 -45.13 45.01 38.87
N PRO B 326 -44.87 43.75 38.54
CA PRO B 326 -45.95 42.88 38.09
C PRO B 326 -46.97 42.68 39.20
N LYS B 327 -48.23 42.43 38.80
CA LYS B 327 -49.30 42.26 39.76
C LYS B 327 -48.98 41.12 40.72
N SER B 328 -49.22 41.38 42.01
CA SER B 328 -48.88 40.42 43.06
C SER B 328 -49.91 39.28 43.12
N SER B 329 -50.04 38.59 42.00
CA SER B 329 -50.96 37.47 41.87
C SER B 329 -50.58 36.66 40.65
N CYS B 330 -51.15 35.46 40.57
CA CYS B 330 -50.99 34.59 39.41
C CYS B 330 -52.19 34.64 38.48
N TYR B 331 -53.05 35.64 38.65
CA TYR B 331 -54.18 35.90 37.77
C TYR B 331 -54.02 37.29 37.16
N ASN B 332 -55.03 37.68 36.36
CA ASN B 332 -55.06 39.00 35.72
C ASN B 332 -53.83 39.23 34.86
N THR B 333 -53.40 38.20 34.13
CA THR B 333 -52.21 38.32 33.29
C THR B 333 -52.46 39.25 32.11
N HIS B 334 -53.72 39.39 31.67
CA HIS B 334 -54.02 40.26 30.54
C HIS B 334 -53.70 41.72 30.87
N GLU B 335 -53.99 42.14 32.10
CA GLU B 335 -53.74 43.52 32.52
C GLU B 335 -52.40 43.71 33.22
N LYS B 336 -51.80 42.63 33.71
CA LYS B 336 -50.52 42.73 34.41
C LYS B 336 -49.32 42.69 33.49
N ARG B 337 -49.51 42.39 32.20
CA ARG B 337 -48.42 42.28 31.25
C ARG B 337 -48.18 43.56 30.47
N ILE B 338 -48.91 44.64 30.77
CA ILE B 338 -48.72 45.89 30.04
C ILE B 338 -47.36 46.50 30.37
N TYR B 339 -46.94 46.42 31.63
CA TYR B 339 -45.65 46.95 32.06
C TYR B 339 -44.54 45.92 31.85
N GLN B 340 -44.34 45.56 30.59
CA GLN B 340 -43.33 44.57 30.23
C GLN B 340 -41.93 45.10 30.50
N SER B 341 -41.07 44.24 31.04
CA SER B 341 -39.69 44.58 31.36
C SER B 341 -38.73 43.69 30.59
N ASN B 342 -39.00 43.48 29.29
CA ASN B 342 -38.12 42.67 28.47
C ASN B 342 -36.75 43.30 28.29
N MET B 343 -36.62 44.61 28.51
CA MET B 343 -35.31 45.24 28.44
C MET B 343 -34.38 44.70 29.53
N LEU B 344 -34.94 44.29 30.66
CA LEU B 344 -34.14 43.61 31.68
C LEU B 344 -33.55 42.32 31.15
N ASN B 345 -34.36 41.55 30.41
CA ASN B 345 -33.88 40.29 29.85
C ASN B 345 -32.77 40.52 28.84
N ARG B 346 -32.87 41.58 28.04
CA ARG B 346 -31.88 41.84 27.00
C ARG B 346 -30.47 42.00 27.58
N TYR B 347 -30.37 42.52 28.80
CA TYR B 347 -29.09 42.66 29.47
C TYR B 347 -28.96 41.80 30.71
N LEU B 348 -29.97 40.99 31.04
CA LEU B 348 -29.82 40.04 32.13
C LEU B 348 -28.77 38.98 31.80
N ILE B 349 -28.64 38.64 30.52
CA ILE B 349 -27.66 37.63 30.11
C ILE B 349 -26.25 38.13 30.38
N ASN B 350 -25.95 39.36 29.97
CA ASN B 350 -24.61 39.91 30.10
C ASN B 350 -24.44 40.44 31.53
N VAL B 351 -23.90 39.58 32.40
CA VAL B 351 -23.65 39.92 33.79
C VAL B 351 -22.36 39.25 34.23
N THR B 352 -21.47 40.01 34.84
CA THR B 352 -20.20 39.50 35.36
C THR B 352 -20.12 39.80 36.85
N PHE B 353 -19.79 38.79 37.64
CA PHE B 353 -19.73 38.92 39.09
C PHE B 353 -18.42 38.33 39.60
N GLU B 354 -17.70 39.10 40.42
CA GLU B 354 -16.46 38.66 41.04
C GLU B 354 -15.44 38.16 40.00
N GLY B 355 -15.35 38.87 38.89
CA GLY B 355 -14.42 38.49 37.83
C GLY B 355 -14.93 37.44 36.86
N ARG B 356 -15.40 36.31 37.38
CA ARG B 356 -15.94 35.26 36.53
C ARG B 356 -17.25 35.73 35.90
N ASN B 357 -17.37 35.54 34.59
CA ASN B 357 -18.56 35.94 33.87
C ASN B 357 -19.57 34.80 33.87
N LEU B 358 -20.72 35.03 34.51
CA LEU B 358 -21.79 34.04 34.59
C LEU B 358 -22.86 34.27 33.52
N SER B 359 -22.45 34.75 32.35
CA SER B 359 -23.40 35.12 31.32
C SER B 359 -24.15 33.90 30.78
N PHE B 360 -25.44 34.08 30.51
CA PHE B 360 -26.26 33.07 29.89
C PHE B 360 -26.38 33.34 28.40
N SER B 361 -26.58 32.26 27.63
CA SER B 361 -26.81 32.43 26.21
C SER B 361 -28.22 32.97 25.96
N GLU B 362 -28.43 33.48 24.74
CA GLU B 362 -29.74 34.01 24.38
C GLU B 362 -30.81 32.93 24.45
N ASP B 363 -30.46 31.70 24.07
CA ASP B 363 -31.40 30.59 24.22
C ASP B 363 -31.66 30.26 25.68
N GLY B 364 -30.76 30.64 26.59
CA GLY B 364 -30.98 30.44 28.00
C GLY B 364 -30.17 29.34 28.64
N TYR B 365 -28.90 29.20 28.22
CA TYR B 365 -27.98 28.27 28.84
C TYR B 365 -26.68 29.00 29.16
N GLN B 366 -25.99 28.53 30.19
CA GLN B 366 -24.77 29.19 30.64
C GLN B 366 -23.73 29.19 29.53
N MET B 367 -23.11 30.36 29.31
CA MET B 367 -22.14 30.49 28.23
C MET B 367 -20.82 29.81 28.60
N HIS B 368 -20.36 29.97 29.83
CA HIS B 368 -19.09 29.44 30.30
C HIS B 368 -19.31 28.67 31.59
N PRO B 369 -19.78 27.43 31.50
CA PRO B 369 -20.02 26.61 32.69
C PRO B 369 -18.74 25.89 33.14
N LYS B 370 -18.80 25.39 34.37
CA LYS B 370 -17.67 24.69 34.97
C LYS B 370 -17.94 23.20 34.81
N LEU B 371 -17.65 22.70 33.62
CA LEU B 371 -17.86 21.29 33.31
C LEU B 371 -16.72 20.45 33.88
N VAL B 372 -17.06 19.22 34.28
CA VAL B 372 -16.10 18.26 34.79
C VAL B 372 -16.17 16.99 33.95
N ILE B 373 -15.00 16.41 33.69
CA ILE B 373 -14.91 15.19 32.90
C ILE B 373 -14.90 14.01 33.84
N ILE B 374 -15.81 13.05 33.63
CA ILE B 374 -15.96 11.91 34.50
C ILE B 374 -15.69 10.64 33.69
N LEU B 375 -15.02 9.68 34.31
CA LEU B 375 -14.62 8.44 33.67
C LEU B 375 -15.01 7.26 34.54
N LEU B 376 -15.43 6.17 33.90
CA LEU B 376 -15.81 4.95 34.60
C LEU B 376 -14.57 4.07 34.74
N ASN B 377 -14.13 3.85 35.98
CA ASN B 377 -12.98 3.01 36.25
C ASN B 377 -13.41 1.54 36.24
N LYS B 378 -12.52 0.65 36.69
CA LYS B 378 -12.81 -0.77 36.72
C LYS B 378 -13.69 -1.18 37.90
N GLU B 379 -13.93 -0.27 38.85
CA GLU B 379 -14.72 -0.57 40.04
C GLU B 379 -16.17 -0.16 39.91
N ARG B 380 -16.63 0.12 38.70
CA ARG B 380 -18.02 0.53 38.46
C ARG B 380 -18.40 1.77 39.26
N LYS B 381 -17.47 2.71 39.38
CA LYS B 381 -17.71 3.97 40.04
C LYS B 381 -17.20 5.11 39.17
N TRP B 382 -17.99 6.16 39.05
CA TRP B 382 -17.60 7.30 38.23
C TRP B 382 -16.44 8.05 38.88
N GLU B 383 -15.37 8.27 38.12
CA GLU B 383 -14.15 8.88 38.61
C GLU B 383 -13.92 10.20 37.91
N ARG B 384 -13.68 11.25 38.69
CA ARG B 384 -13.39 12.57 38.12
C ARG B 384 -12.00 12.56 37.47
N VAL B 385 -11.87 13.32 36.38
CA VAL B 385 -10.62 13.34 35.63
C VAL B 385 -10.07 14.76 35.55
N GLY B 386 -10.83 15.66 34.93
CA GLY B 386 -10.36 17.02 34.71
C GLY B 386 -11.50 18.01 34.69
N LYS B 387 -11.12 19.29 34.62
CA LYS B 387 -12.06 20.40 34.64
C LYS B 387 -11.93 21.21 33.36
N TRP B 388 -13.07 21.61 32.81
CA TRP B 388 -13.13 22.33 31.54
C TRP B 388 -13.77 23.70 31.78
N LYS B 389 -13.06 24.75 31.37
CA LYS B 389 -13.57 26.11 31.50
C LYS B 389 -12.69 27.03 30.66
N ASP B 390 -13.29 28.15 30.23
CA ASP B 390 -12.59 29.18 29.46
C ASP B 390 -11.94 28.60 28.22
N LYS B 391 -12.66 27.69 27.55
CA LYS B 391 -12.20 26.99 26.36
C LYS B 391 -10.89 26.24 26.58
N SER B 392 -10.54 26.00 27.84
CA SER B 392 -9.30 25.32 28.20
C SER B 392 -9.63 23.98 28.86
N LEU B 393 -9.02 22.92 28.37
CA LEU B 393 -9.21 21.57 28.89
C LEU B 393 -7.96 21.17 29.66
N GLN B 394 -8.04 21.24 30.98
CA GLN B 394 -6.94 20.85 31.85
C GLN B 394 -7.36 19.61 32.64
N MET B 395 -6.55 18.56 32.57
CA MET B 395 -6.86 17.30 33.23
C MET B 395 -5.59 16.71 33.84
N LYS B 396 -5.79 15.90 34.88
CA LYS B 396 -4.66 15.34 35.61
C LYS B 396 -3.88 14.33 34.77
N TYR B 397 -4.60 13.44 34.08
CA TYR B 397 -3.96 12.38 33.30
C TYR B 397 -3.40 12.99 32.02
N TYR B 398 -2.10 13.26 32.00
CA TYR B 398 -1.46 13.74 30.78
C TYR B 398 -1.39 12.67 29.71
N VAL B 399 -1.44 11.39 30.10
CA VAL B 399 -1.51 10.28 29.17
C VAL B 399 -2.67 9.38 29.59
N TRP B 400 -3.21 8.65 28.62
CA TRP B 400 -4.37 7.81 28.91
C TRP B 400 -3.94 6.60 29.74
N PRO B 401 -4.74 6.23 30.75
CA PRO B 401 -4.40 5.08 31.60
C PRO B 401 -4.66 3.73 30.97
N ARG B 402 -4.90 3.66 29.66
CA ARG B 402 -5.17 2.38 29.02
C ARG B 402 -3.93 1.50 29.05
N MET B 403 -4.13 0.22 29.35
CA MET B 403 -3.03 -0.73 29.42
C MET B 403 -3.40 -2.05 28.75
N ASP B 412 -0.89 -7.36 26.65
CA ASP B 412 -0.59 -5.94 26.83
C ASP B 412 -0.50 -5.23 25.47
N ASP B 413 -1.57 -4.53 25.09
CA ASP B 413 -1.57 -3.79 23.84
C ASP B 413 -0.95 -2.40 23.97
N HIS B 414 -0.71 -1.93 25.19
CA HIS B 414 -0.09 -0.63 25.43
C HIS B 414 1.32 -0.87 25.97
N LEU B 415 2.32 -0.67 25.11
CA LEU B 415 3.71 -0.82 25.47
C LEU B 415 4.42 0.51 25.34
N SER B 416 5.15 0.91 26.38
CA SER B 416 5.94 2.13 26.31
C SER B 416 7.17 1.92 25.44
N ILE B 417 7.67 3.01 24.88
CA ILE B 417 8.89 2.99 24.08
C ILE B 417 9.74 4.19 24.46
N VAL B 418 11.01 3.95 24.74
CA VAL B 418 11.96 5.00 25.09
C VAL B 418 12.83 5.28 23.88
N THR B 419 12.93 6.55 23.51
CA THR B 419 13.74 6.95 22.36
C THR B 419 14.52 8.20 22.71
N LEU B 420 15.57 8.45 21.92
CA LEU B 420 16.44 9.59 22.09
C LEU B 420 16.42 10.47 20.84
N GLU B 421 16.40 11.79 21.05
CA GLU B 421 16.34 12.75 19.96
C GLU B 421 17.73 12.90 19.36
N GLU B 422 18.01 12.14 18.31
CA GLU B 422 19.30 12.20 17.62
C GLU B 422 19.12 11.78 16.18
N ALA B 423 19.77 12.52 15.27
CA ALA B 423 19.97 12.11 13.88
C ALA B 423 18.65 12.08 13.11
N PRO B 424 18.69 11.83 11.80
CA PRO B 424 17.45 11.49 11.07
C PRO B 424 16.76 10.25 11.62
N PHE B 425 17.42 9.49 12.49
CA PHE B 425 16.77 8.35 13.12
C PHE B 425 15.55 8.78 13.94
N VAL B 426 15.71 9.85 14.72
CA VAL B 426 14.61 10.42 15.50
C VAL B 426 14.80 11.94 15.53
N ILE B 427 13.75 12.68 15.16
CA ILE B 427 13.80 14.13 15.09
C ILE B 427 12.61 14.70 15.83
N VAL B 428 12.88 15.63 16.75
CA VAL B 428 11.84 16.39 17.44
C VAL B 428 12.14 17.87 17.28
N GLU B 429 11.15 18.63 16.83
CA GLU B 429 11.32 20.06 16.58
C GLU B 429 10.50 20.93 17.52
N SER B 430 9.18 20.70 17.61
CA SER B 430 8.28 21.50 18.44
C SER B 430 6.87 20.93 18.38
N VAL B 431 5.97 21.49 19.17
CA VAL B 431 4.56 21.12 19.13
C VAL B 431 3.78 22.29 18.55
N ASP B 432 2.63 21.98 17.95
CA ASP B 432 1.80 22.99 17.32
C ASP B 432 0.78 23.48 18.34
N PRO B 433 0.85 24.73 18.79
CA PRO B 433 -0.11 25.24 19.77
C PRO B 433 -1.31 25.95 19.17
N LEU B 434 -1.35 26.14 17.84
CA LEU B 434 -2.46 26.86 17.23
C LEU B 434 -3.78 26.13 17.42
N SER B 435 -3.76 24.80 17.28
CA SER B 435 -4.96 23.99 17.46
C SER B 435 -4.87 23.01 18.61
N GLY B 436 -3.71 22.87 19.25
CA GLY B 436 -3.53 21.94 20.34
C GLY B 436 -3.08 20.55 19.93
N THR B 437 -3.13 20.23 18.64
CA THR B 437 -2.67 18.95 18.13
C THR B 437 -1.19 19.03 17.79
N CYS B 438 -0.52 17.88 17.90
CA CYS B 438 0.93 17.84 17.68
C CYS B 438 1.30 18.24 16.25
N MET B 439 0.94 17.40 15.29
CA MET B 439 1.27 17.62 13.87
C MET B 439 0.68 16.46 13.07
N ARG B 440 0.82 16.56 11.76
CA ARG B 440 0.48 15.48 10.85
C ARG B 440 1.72 14.68 10.47
N ASN B 441 1.52 13.39 10.20
CA ASN B 441 2.61 12.48 9.80
C ASN B 441 3.74 12.48 10.83
N THR B 442 3.37 12.53 12.11
CA THR B 442 4.34 12.49 13.20
C THR B 442 3.77 11.60 14.30
N VAL B 443 4.41 11.61 15.46
CA VAL B 443 4.02 10.76 16.57
C VAL B 443 4.14 11.55 17.87
N PRO B 444 3.14 11.52 18.75
CA PRO B 444 3.25 12.24 20.02
C PRO B 444 4.36 11.68 20.90
N CYS B 445 4.97 12.56 21.69
CA CYS B 445 6.06 12.17 22.57
C CYS B 445 5.96 12.94 23.86
N GLN B 446 6.50 12.35 24.92
CA GLN B 446 6.57 12.98 26.24
C GLN B 446 8.00 13.43 26.51
N LYS B 447 8.16 14.10 27.64
CA LYS B 447 9.48 14.58 28.05
C LYS B 447 9.42 14.96 29.52
N ARG B 448 10.32 14.40 30.33
CA ARG B 448 10.34 14.72 31.74
C ARG B 448 10.84 16.15 31.96
N ILE B 449 10.47 16.71 33.10
CA ILE B 449 10.82 18.08 33.47
C ILE B 449 10.32 19.07 32.41
N GLY B 460 7.53 17.59 35.21
CA GLY B 460 6.59 17.95 34.16
C GLY B 460 6.74 17.09 32.93
N TYR B 461 5.62 16.80 32.27
CA TYR B 461 5.58 15.97 31.07
C TYR B 461 5.07 16.82 29.92
N ILE B 462 6.00 17.50 29.24
CA ILE B 462 5.65 18.36 28.10
C ILE B 462 5.47 17.50 26.86
N LYS B 463 4.33 17.66 26.19
CA LYS B 463 4.08 16.93 24.96
C LYS B 463 5.01 17.43 23.85
N LYS B 464 5.30 16.53 22.92
CA LYS B 464 6.19 16.85 21.81
C LYS B 464 5.88 15.95 20.64
N CYS B 465 6.35 16.35 19.46
CA CYS B 465 6.10 15.64 18.22
C CYS B 465 7.37 14.89 17.80
N CYS B 466 7.22 13.60 17.50
CA CYS B 466 8.33 12.74 17.13
C CYS B 466 8.19 12.28 15.69
N LYS B 467 9.30 12.30 14.95
CA LYS B 467 9.35 11.76 13.60
C LYS B 467 10.79 11.44 13.27
N GLY B 468 11.00 10.37 12.51
CA GLY B 468 12.33 9.95 12.16
C GLY B 468 12.34 8.53 11.65
N PHE B 469 13.56 8.06 11.36
CA PHE B 469 13.72 6.73 10.78
C PHE B 469 13.21 5.64 11.71
N CYS B 470 13.53 5.72 13.00
CA CYS B 470 13.01 4.74 13.93
C CYS B 470 11.50 4.90 14.11
N ILE B 471 11.01 6.14 14.06
CA ILE B 471 9.60 6.39 14.29
C ILE B 471 8.75 5.77 13.19
N ASP B 472 9.14 6.00 11.93
CA ASP B 472 8.36 5.42 10.83
C ASP B 472 8.50 3.90 10.81
N ILE B 473 9.67 3.38 11.19
CA ILE B 473 9.80 1.94 11.38
C ILE B 473 8.85 1.46 12.47
N LEU B 474 8.79 2.20 13.59
CA LEU B 474 7.87 1.85 14.66
C LEU B 474 6.42 1.94 14.19
N LYS B 475 6.11 2.92 13.35
CA LYS B 475 4.75 3.03 12.81
C LYS B 475 4.40 1.79 11.99
N LYS B 476 5.32 1.34 11.14
CA LYS B 476 5.05 0.15 10.33
C LYS B 476 4.88 -1.08 11.21
N ILE B 477 5.72 -1.23 12.24
CA ILE B 477 5.59 -2.36 13.15
C ILE B 477 4.29 -2.27 13.93
N SER B 478 3.87 -1.05 14.30
CA SER B 478 2.68 -0.87 15.13
C SER B 478 1.44 -1.46 14.46
N LYS B 479 1.18 -1.08 13.21
CA LYS B 479 -0.01 -1.59 12.54
C LYS B 479 0.16 -3.05 12.13
N SER B 480 1.40 -3.48 11.86
CA SER B 480 1.62 -4.85 11.42
C SER B 480 1.29 -5.85 12.53
N VAL B 481 1.73 -5.56 13.75
CA VAL B 481 1.50 -6.45 14.89
C VAL B 481 0.48 -5.88 15.86
N LYS B 482 -0.22 -4.81 15.47
CA LYS B 482 -1.44 -4.34 16.14
C LYS B 482 -1.19 -3.90 17.59
N PHE B 483 0.06 -3.60 17.93
CA PHE B 483 0.38 -3.06 19.25
C PHE B 483 0.48 -1.54 19.21
N THR B 484 0.22 -0.91 20.35
CA THR B 484 0.17 0.53 20.46
C THR B 484 1.41 1.08 21.18
N TYR B 485 1.65 2.37 21.01
CA TYR B 485 2.84 3.01 21.55
C TYR B 485 2.49 4.36 22.16
N ASP B 486 3.20 4.71 23.22
CA ASP B 486 3.06 5.98 23.94
C ASP B 486 4.43 6.57 24.24
N LEU B 487 5.24 6.73 23.19
CA LEU B 487 6.64 7.14 23.27
C LEU B 487 6.87 8.25 24.28
N TYR B 488 7.77 8.01 25.23
CA TYR B 488 8.22 9.03 26.17
C TYR B 488 9.74 9.13 26.06
N LEU B 489 10.22 10.30 25.66
CA LEU B 489 11.63 10.49 25.35
C LEU B 489 12.46 10.52 26.63
N VAL B 490 13.63 9.86 26.58
CA VAL B 490 14.46 9.73 27.77
C VAL B 490 15.09 11.07 28.14
N THR B 491 15.43 11.20 29.42
CA THR B 491 16.08 12.41 29.94
C THR B 491 17.47 12.13 30.50
N ASN B 492 17.59 11.17 31.41
CA ASN B 492 18.89 10.87 32.01
C ASN B 492 19.77 10.11 31.03
N GLY B 493 20.97 10.63 30.81
CA GLY B 493 21.91 9.97 29.93
C GLY B 493 21.48 9.99 28.47
N LYS B 494 22.12 9.12 27.70
CA LYS B 494 21.82 8.99 26.27
C LYS B 494 22.27 7.60 25.83
N HIS B 495 21.40 6.92 25.05
CA HIS B 495 21.65 5.57 24.58
C HIS B 495 21.74 4.60 25.75
N GLY B 496 22.82 4.66 26.49
CA GLY B 496 23.02 3.82 27.65
C GLY B 496 24.49 3.52 27.89
N LYS B 497 24.86 3.39 29.16
CA LYS B 497 26.24 3.13 29.54
C LYS B 497 26.26 2.60 30.96
N LYS B 498 26.81 1.41 31.15
CA LYS B 498 26.84 0.78 32.48
C LYS B 498 27.89 1.49 33.33
N ILE B 499 27.43 2.37 34.22
CA ILE B 499 28.30 3.15 35.09
C ILE B 499 28.02 2.75 36.53
N ASN B 500 29.07 2.44 37.28
CA ASN B 500 28.96 2.02 38.68
C ASN B 500 28.03 0.83 38.84
N GLY B 501 28.11 -0.11 37.90
CA GLY B 501 27.31 -1.31 37.97
C GLY B 501 25.83 -1.10 37.75
N THR B 502 25.44 0.02 37.15
CA THR B 502 24.02 0.30 36.91
C THR B 502 23.87 0.83 35.48
N TRP B 503 22.73 0.51 34.88
CA TRP B 503 22.43 0.88 33.50
C TRP B 503 21.59 2.15 33.47
N ASN B 504 21.97 3.09 32.61
CA ASN B 504 21.25 4.33 32.40
C ASN B 504 20.83 4.42 30.92
N GLY B 505 20.28 5.57 30.55
CA GLY B 505 19.89 5.75 29.17
C GLY B 505 18.67 4.93 28.81
N MET B 506 18.50 4.70 27.50
CA MET B 506 17.36 3.92 27.02
C MET B 506 17.43 2.49 27.54
N ILE B 507 18.62 1.88 27.53
CA ILE B 507 18.76 0.53 28.05
C ILE B 507 18.43 0.51 29.54
N GLY B 508 18.89 1.51 30.28
CA GLY B 508 18.69 1.51 31.72
C GLY B 508 17.23 1.50 32.12
N GLU B 509 16.38 2.20 31.35
CA GLU B 509 14.96 2.24 31.68
C GLU B 509 14.26 0.93 31.35
N VAL B 510 14.74 0.21 30.32
CA VAL B 510 14.12 -1.07 29.98
C VAL B 510 14.42 -2.12 31.04
N VAL B 511 15.67 -2.18 31.49
CA VAL B 511 16.05 -3.21 32.47
C VAL B 511 15.39 -2.95 33.82
N MET B 512 15.23 -1.69 34.22
CA MET B 512 14.29 -1.37 35.31
C MET B 512 12.82 -1.59 34.95
N LYS B 513 12.50 -2.17 33.78
CA LYS B 513 11.12 -2.48 33.39
C LYS B 513 10.25 -1.24 33.31
N ARG B 514 10.86 -0.06 33.17
CA ARG B 514 10.11 1.18 33.04
C ARG B 514 9.73 1.50 31.59
N ALA B 515 10.28 0.76 30.63
CA ALA B 515 10.09 1.08 29.22
C ALA B 515 9.39 -0.03 28.44
N TYR B 516 9.90 -1.25 28.51
CA TYR B 516 9.47 -2.42 27.75
C TYR B 516 9.86 -2.34 26.28
N MET B 517 10.52 -1.27 25.85
CA MET B 517 11.05 -1.16 24.50
C MET B 517 11.93 0.08 24.43
N ALA B 518 12.98 0.00 23.62
CA ALA B 518 13.92 1.12 23.45
C ALA B 518 14.28 1.20 21.97
N VAL B 519 13.50 1.96 21.20
CA VAL B 519 13.79 2.19 19.80
C VAL B 519 14.82 3.31 19.72
N GLY B 520 15.43 3.48 18.56
CA GLY B 520 16.40 4.53 18.37
C GLY B 520 17.61 4.00 17.63
N SER B 521 18.73 4.71 17.76
CA SER B 521 19.98 4.28 17.15
C SER B 521 20.80 3.41 18.11
N LEU B 522 20.16 2.35 18.62
CA LEU B 522 20.79 1.48 19.59
C LEU B 522 21.66 0.46 18.88
N THR B 523 22.96 0.48 19.17
CA THR B 523 23.89 -0.45 18.54
C THR B 523 23.90 -1.77 19.31
N ILE B 524 23.75 -2.87 18.58
CA ILE B 524 23.75 -4.18 19.19
C ILE B 524 25.16 -4.53 19.67
N ASN B 525 25.25 -4.99 20.91
CA ASN B 525 26.52 -5.41 21.50
C ASN B 525 26.26 -6.67 22.30
N GLU B 526 27.24 -7.06 23.12
CA GLU B 526 27.06 -8.21 23.99
C GLU B 526 26.79 -7.83 25.44
N GLU B 527 27.25 -6.66 25.88
CA GLU B 527 26.91 -6.19 27.22
C GLU B 527 25.41 -5.93 27.33
N ARG B 528 24.81 -5.34 26.30
CA ARG B 528 23.37 -5.10 26.30
C ARG B 528 22.60 -6.40 26.05
N SER B 529 23.13 -7.27 25.19
CA SER B 529 22.38 -8.46 24.79
C SER B 529 22.17 -9.44 25.94
N GLU B 530 22.98 -9.34 27.00
CA GLU B 530 22.77 -10.16 28.19
C GLU B 530 21.89 -9.48 29.22
N VAL B 531 21.43 -8.27 28.94
CA VAL B 531 20.55 -7.51 29.83
C VAL B 531 19.19 -7.26 29.20
N VAL B 532 19.19 -6.82 27.94
CA VAL B 532 17.96 -6.57 27.19
C VAL B 532 18.01 -7.38 25.91
N ASP B 533 16.92 -8.07 25.61
CA ASP B 533 16.82 -8.81 24.36
C ASP B 533 16.81 -7.84 23.20
N PHE B 534 17.30 -8.31 22.05
CA PHE B 534 17.46 -7.47 20.86
C PHE B 534 16.73 -8.07 19.68
N SER B 535 16.33 -7.22 18.76
CA SER B 535 15.65 -7.63 17.55
C SER B 535 16.66 -7.77 16.40
N VAL B 536 16.16 -8.15 15.23
CA VAL B 536 17.01 -8.25 14.05
C VAL B 536 17.42 -6.85 13.60
N PRO B 537 18.69 -6.62 13.28
CA PRO B 537 19.12 -5.27 12.87
C PRO B 537 18.38 -4.80 11.62
N PHE B 538 18.07 -3.51 11.57
CA PHE B 538 17.47 -2.90 10.40
C PHE B 538 18.41 -1.95 9.68
N ILE B 539 19.66 -1.84 10.11
CA ILE B 539 20.68 -1.08 9.39
C ILE B 539 22.04 -1.52 9.90
N GLU B 540 22.98 -1.68 8.98
CA GLU B 540 24.33 -2.10 9.34
C GLU B 540 25.10 -0.95 9.98
N THR B 541 26.29 -1.26 10.48
CA THR B 541 27.10 -0.29 11.21
C THR B 541 28.50 -0.85 11.38
N GLY B 542 29.50 0.00 11.13
CA GLY B 542 30.88 -0.42 11.29
C GLY B 542 31.78 0.68 11.83
N ILE B 543 33.07 0.57 11.57
CA ILE B 543 34.06 1.59 11.96
C ILE B 543 34.78 1.99 10.69
N SER B 544 34.27 3.02 10.01
CA SER B 544 34.77 3.38 8.70
C SER B 544 35.86 4.43 8.80
N VAL B 545 36.43 4.77 7.65
CA VAL B 545 37.53 5.73 7.54
C VAL B 545 37.13 6.78 6.53
N MET B 546 37.48 8.04 6.79
CA MET B 546 37.10 9.15 5.93
C MET B 546 38.36 9.79 5.37
N VAL B 547 38.40 9.95 4.03
CA VAL B 547 39.51 10.62 3.37
C VAL B 547 38.95 11.65 2.39
N SER B 548 39.81 12.57 1.99
CA SER B 548 39.42 13.62 1.07
C SER B 548 39.32 13.08 -0.36
N ARG B 549 38.75 13.89 -1.25
CA ARG B 549 38.60 13.53 -2.65
C ARG B 549 39.92 13.62 -3.42
N SER B 550 40.98 14.15 -2.80
CA SER B 550 42.33 14.31 -3.35
C SER B 550 42.40 15.36 -4.45
N ASN B 551 41.29 16.01 -4.81
CA ASN B 551 41.27 17.03 -5.84
C ASN B 551 41.88 16.53 -7.15
N GLY B 552 41.53 15.29 -7.52
CA GLY B 552 42.04 14.67 -8.72
C GLY B 552 43.20 13.74 -8.43
N THR B 553 43.77 13.22 -9.52
CA THR B 553 44.89 12.32 -9.43
C THR B 553 45.80 12.52 -10.64
N VAL B 554 47.03 12.02 -10.53
CA VAL B 554 48.03 12.15 -11.58
C VAL B 554 48.46 10.76 -12.01
N SER B 555 48.81 10.64 -13.30
CA SER B 555 49.23 9.38 -13.87
C SER B 555 50.70 9.45 -14.28
N PRO B 556 51.61 8.83 -13.53
CA PRO B 556 53.02 8.88 -13.93
C PRO B 556 53.26 8.11 -15.22
N SER B 557 54.29 8.54 -15.95
CA SER B 557 54.61 7.99 -17.26
C SER B 557 53.40 8.07 -18.19
N ALA B 558 52.84 9.27 -18.28
CA ALA B 558 51.63 9.52 -19.07
C ALA B 558 51.93 9.82 -20.54
N PHE B 559 53.08 9.38 -21.04
CA PHE B 559 53.49 9.69 -22.40
C PHE B 559 53.62 8.44 -23.27
N LEU B 560 53.22 7.27 -22.78
CA LEU B 560 53.40 6.03 -23.53
C LEU B 560 52.13 5.18 -23.59
N GLU B 561 51.00 5.69 -23.10
CA GLU B 561 49.77 4.92 -23.19
C GLU B 561 49.33 4.61 -24.62
N PRO B 562 49.36 5.53 -25.58
CA PRO B 562 48.98 5.15 -26.95
C PRO B 562 50.07 4.32 -27.60
N PHE B 563 49.75 3.75 -28.76
CA PHE B 563 50.73 3.04 -29.57
C PHE B 563 51.34 1.87 -28.80
N SER B 564 50.52 0.86 -28.56
CA SER B 564 50.96 -0.38 -27.92
C SER B 564 52.33 -0.80 -28.44
N ALA B 565 53.15 -1.32 -27.52
CA ALA B 565 54.58 -1.52 -27.79
C ALA B 565 54.87 -2.25 -29.08
N ASP B 566 53.88 -2.93 -29.66
CA ASP B 566 54.07 -3.53 -30.98
C ASP B 566 54.18 -2.45 -32.06
N VAL B 567 53.51 -1.32 -31.88
CA VAL B 567 53.52 -0.28 -32.91
C VAL B 567 54.88 0.39 -33.01
N TRP B 568 55.50 0.72 -31.87
CA TRP B 568 56.78 1.40 -31.90
C TRP B 568 57.85 0.55 -32.57
N VAL B 569 57.95 -0.73 -32.16
CA VAL B 569 58.99 -1.59 -32.71
C VAL B 569 58.74 -1.87 -34.18
N MET B 570 57.48 -2.00 -34.58
CA MET B 570 57.17 -2.22 -35.99
C MET B 570 57.57 -1.02 -36.84
N MET B 571 57.30 0.19 -36.34
CA MET B 571 57.72 1.39 -37.06
C MET B 571 59.23 1.57 -37.00
N PHE B 572 59.84 1.27 -35.86
CA PHE B 572 61.27 1.48 -35.70
C PHE B 572 62.07 0.63 -36.67
N VAL B 573 61.71 -0.65 -36.83
CA VAL B 573 62.47 -1.52 -37.71
C VAL B 573 62.27 -1.11 -39.17
N MET B 574 61.03 -0.77 -39.55
CA MET B 574 60.79 -0.36 -40.93
C MET B 574 61.34 1.03 -41.21
N LEU B 575 61.58 1.83 -40.16
CA LEU B 575 62.29 3.08 -40.34
C LEU B 575 63.70 2.83 -40.86
N LEU B 576 64.35 1.78 -40.35
CA LEU B 576 65.69 1.44 -40.82
C LEU B 576 65.67 0.94 -42.26
N ILE B 577 64.68 0.11 -42.60
CA ILE B 577 64.65 -0.48 -43.94
C ILE B 577 64.36 0.58 -44.99
N VAL B 578 63.50 1.55 -44.67
CA VAL B 578 63.23 2.64 -45.61
C VAL B 578 64.49 3.46 -45.84
N SER B 579 65.21 3.76 -44.76
CA SER B 579 66.50 4.44 -44.91
C SER B 579 67.49 3.58 -45.68
N ALA B 580 67.48 2.26 -45.42
CA ALA B 580 68.40 1.37 -46.11
C ALA B 580 68.13 1.35 -47.61
N VAL B 581 66.87 1.13 -47.99
CA VAL B 581 66.56 1.03 -49.42
C VAL B 581 66.74 2.36 -50.13
N ALA B 582 66.45 3.47 -49.44
CA ALA B 582 66.51 4.78 -50.09
C ALA B 582 67.93 5.08 -50.58
N VAL B 583 68.93 4.79 -49.74
CA VAL B 583 70.32 5.07 -50.11
C VAL B 583 71.00 3.91 -50.81
N PHE B 584 70.41 2.72 -50.81
CA PHE B 584 70.95 1.57 -51.52
C PHE B 584 70.22 1.26 -52.81
N VAL B 585 68.89 1.12 -52.75
CA VAL B 585 68.14 0.65 -53.92
C VAL B 585 67.81 1.82 -54.85
N PHE B 586 67.25 2.89 -54.32
CA PHE B 586 66.77 4.01 -55.12
C PHE B 586 67.80 5.13 -55.26
N GLU B 587 69.02 4.94 -54.75
CA GLU B 587 70.09 5.91 -54.92
C GLU B 587 71.25 5.36 -55.71
N TYR B 588 71.80 4.21 -55.32
CA TYR B 588 72.91 3.61 -56.04
C TYR B 588 72.50 3.13 -57.43
N PHE B 589 71.22 2.85 -57.65
CA PHE B 589 70.71 2.41 -58.94
C PHE B 589 69.99 3.52 -59.70
N SER B 590 70.12 4.77 -59.27
CA SER B 590 69.39 5.87 -59.86
C SER B 590 70.33 6.99 -60.26
N PRO B 591 69.99 7.76 -61.29
CA PRO B 591 70.82 8.90 -61.67
C PRO B 591 70.89 9.94 -60.56
N VAL B 592 72.03 10.61 -60.48
CA VAL B 592 72.28 11.63 -59.46
C VAL B 592 72.09 11.07 -58.06
N PRO B 607 77.47 16.32 -51.25
CA PRO B 607 77.77 14.96 -50.79
C PRO B 607 76.69 13.97 -51.17
N SER B 608 76.99 12.68 -51.06
CA SER B 608 76.04 11.63 -51.39
C SER B 608 75.07 11.43 -50.22
N PHE B 609 74.28 10.36 -50.28
CA PHE B 609 73.28 10.04 -49.26
C PHE B 609 73.74 8.77 -48.54
N THR B 610 74.27 8.93 -47.34
CA THR B 610 74.73 7.79 -46.55
C THR B 610 73.58 7.26 -45.69
N ILE B 611 73.85 6.14 -45.00
CA ILE B 611 72.85 5.55 -44.13
C ILE B 611 72.56 6.46 -42.94
N GLY B 612 73.60 7.08 -42.38
CA GLY B 612 73.39 7.94 -41.23
C GLY B 612 72.54 9.15 -41.56
N LYS B 613 72.75 9.76 -42.73
CA LYS B 613 71.94 10.90 -43.14
C LYS B 613 70.49 10.49 -43.38
N ALA B 614 70.27 9.33 -43.97
CA ALA B 614 68.90 8.87 -44.24
C ALA B 614 68.14 8.66 -42.94
N ILE B 615 68.77 8.02 -41.95
CA ILE B 615 68.12 7.82 -40.66
C ILE B 615 67.89 9.16 -39.98
N TRP B 616 68.89 10.05 -40.03
CA TRP B 616 68.77 11.38 -39.42
C TRP B 616 67.62 12.18 -40.00
N LEU B 617 67.20 11.88 -41.23
CA LEU B 617 66.12 12.60 -41.88
C LEU B 617 64.76 11.97 -41.60
N LEU B 618 64.62 10.67 -41.85
CA LEU B 618 63.33 10.02 -41.67
C LEU B 618 62.91 10.00 -40.20
N TRP B 619 63.87 9.83 -39.30
CA TRP B 619 63.57 9.94 -37.87
C TRP B 619 63.09 11.35 -37.53
N GLY B 620 63.71 12.36 -38.11
CA GLY B 620 63.29 13.72 -37.87
C GLY B 620 61.87 13.99 -38.32
N LEU B 621 61.49 13.45 -39.48
CA LEU B 621 60.17 13.71 -40.03
C LEU B 621 59.07 13.18 -39.11
N VAL B 622 59.29 12.01 -38.51
CA VAL B 622 58.29 11.43 -37.62
C VAL B 622 58.10 12.32 -36.39
N PHE B 623 59.18 12.79 -35.80
CA PHE B 623 59.13 13.54 -34.55
C PHE B 623 59.07 15.04 -34.81
N ASN B 624 58.08 15.44 -35.60
CA ASN B 624 57.77 16.86 -35.84
C ASN B 624 58.99 17.61 -36.38
N ASN B 625 59.33 17.26 -37.63
CA ASN B 625 60.56 17.68 -38.27
C ASN B 625 60.87 19.16 -38.09
N SER B 626 61.97 19.44 -37.37
CA SER B 626 62.50 20.79 -37.25
C SER B 626 64.01 20.86 -37.41
N VAL B 627 64.73 19.75 -37.25
CA VAL B 627 66.19 19.72 -37.32
C VAL B 627 66.63 19.96 -38.75
N PRO B 628 67.84 20.49 -38.98
CA PRO B 628 68.37 20.54 -40.35
C PRO B 628 68.55 19.14 -40.91
N VAL B 629 68.26 19.00 -42.19
CA VAL B 629 68.29 17.70 -42.85
C VAL B 629 69.05 17.82 -44.16
N GLN B 630 69.47 16.66 -44.69
CA GLN B 630 70.12 16.57 -45.99
C GLN B 630 69.16 15.83 -46.92
N ASN B 631 68.41 16.57 -47.71
CA ASN B 631 67.37 15.98 -48.53
C ASN B 631 67.98 15.11 -49.63
N PRO B 632 67.30 14.03 -50.00
CA PRO B 632 67.79 13.18 -51.09
C PRO B 632 67.64 13.87 -52.44
N LYS B 633 68.42 13.37 -53.39
CA LYS B 633 68.34 13.80 -54.78
C LYS B 633 67.91 12.61 -55.64
N GLY B 634 66.91 12.83 -56.48
CA GLY B 634 66.37 11.77 -57.32
C GLY B 634 64.86 11.74 -57.25
N THR B 635 64.24 11.37 -58.36
CA THR B 635 62.78 11.34 -58.43
C THR B 635 62.21 10.30 -57.48
N THR B 636 62.78 9.09 -57.46
CA THR B 636 62.24 8.03 -56.63
C THR B 636 62.60 8.20 -55.17
N SER B 637 63.83 8.69 -54.88
CA SER B 637 64.23 8.90 -53.50
C SER B 637 63.35 9.95 -52.83
N LYS B 638 63.00 11.02 -53.56
CA LYS B 638 62.10 12.03 -53.03
C LYS B 638 60.72 11.43 -52.76
N ILE B 639 60.24 10.58 -53.66
CA ILE B 639 58.92 9.97 -53.47
C ILE B 639 58.91 9.09 -52.22
N MET B 640 59.96 8.30 -52.02
CA MET B 640 60.03 7.44 -50.85
C MET B 640 60.02 8.27 -49.57
N VAL B 641 60.80 9.35 -49.54
CA VAL B 641 60.79 10.23 -48.37
C VAL B 641 59.43 10.90 -48.24
N SER B 642 58.85 11.33 -49.37
CA SER B 642 57.55 11.99 -49.32
C SER B 642 56.47 11.05 -48.79
N VAL B 643 56.46 9.80 -49.24
CA VAL B 643 55.43 8.87 -48.77
C VAL B 643 55.66 8.53 -47.30
N TRP B 644 56.91 8.57 -46.83
CA TRP B 644 57.17 8.37 -45.41
C TRP B 644 56.67 9.55 -44.59
N ALA B 645 56.71 10.75 -45.15
CA ALA B 645 56.22 11.93 -44.42
C ALA B 645 54.73 11.85 -44.17
N PHE B 646 53.98 11.22 -45.08
CA PHE B 646 52.55 11.05 -44.85
C PHE B 646 52.29 10.11 -43.68
N PHE B 647 53.10 9.07 -43.54
CA PHE B 647 52.97 8.18 -42.39
C PHE B 647 53.28 8.93 -41.09
N ALA B 648 54.25 9.84 -41.14
CA ALA B 648 54.58 10.63 -39.95
C ALA B 648 53.40 11.51 -39.55
N VAL B 649 52.67 12.06 -40.54
CA VAL B 649 51.52 12.91 -40.23
C VAL B 649 50.44 12.10 -39.52
N ILE B 650 50.14 10.91 -40.04
CA ILE B 650 49.15 10.05 -39.39
C ILE B 650 49.66 9.57 -38.04
N PHE B 651 50.95 9.22 -37.97
CA PHE B 651 51.53 8.78 -36.70
C PHE B 651 51.44 9.87 -35.64
N LEU B 652 51.76 11.10 -36.01
CA LEU B 652 51.73 12.19 -35.05
C LEU B 652 50.30 12.61 -34.73
N ALA B 653 49.44 12.69 -35.75
CA ALA B 653 48.07 13.13 -35.52
C ALA B 653 47.32 12.16 -34.62
N SER B 654 47.47 10.86 -34.86
CA SER B 654 46.77 9.88 -34.04
C SER B 654 47.37 9.78 -32.65
N TYR B 655 48.68 9.99 -32.51
CA TYR B 655 49.30 9.94 -31.20
C TYR B 655 48.76 11.03 -30.29
N THR B 656 48.69 12.26 -30.79
CA THR B 656 48.13 13.35 -30.01
C THR B 656 46.66 13.11 -29.70
N ALA B 657 45.90 12.65 -30.70
CA ALA B 657 44.49 12.38 -30.48
C ALA B 657 44.28 11.30 -29.44
N ASN B 658 45.04 10.22 -29.52
CA ASN B 658 44.90 9.14 -28.53
C ASN B 658 45.39 9.58 -27.15
N LEU B 659 46.48 10.36 -27.11
CA LEU B 659 46.98 10.82 -25.83
C LEU B 659 46.01 11.78 -25.16
N ALA B 660 45.18 12.46 -25.94
CA ALA B 660 44.14 13.30 -25.37
C ALA B 660 43.08 12.46 -24.67
N ALA B 661 42.76 11.30 -25.23
CA ALA B 661 41.75 10.43 -24.61
C ALA B 661 42.22 9.94 -23.25
N PHE B 662 43.50 9.58 -23.13
CA PHE B 662 44.00 8.99 -21.90
C PHE B 662 44.02 9.99 -20.75
N MET B 663 44.08 11.29 -21.04
CA MET B 663 44.06 12.32 -20.01
C MET B 663 42.70 13.00 -19.87
N ILE B 664 41.69 12.51 -20.59
CA ILE B 664 40.32 13.00 -20.40
C ILE B 664 39.56 12.13 -19.41
N GLN B 665 39.76 10.81 -19.48
CA GLN B 665 39.10 9.86 -18.59
C GLN B 665 40.03 9.39 -17.48
N GLU B 666 40.86 10.30 -16.96
CA GLU B 666 41.78 9.95 -15.88
C GLU B 666 41.05 9.54 -14.62
N GLU B 667 39.90 10.16 -14.35
CA GLU B 667 39.08 9.85 -13.17
C GLU B 667 39.85 10.11 -11.88
N TYR B 668 39.36 9.55 -10.77
CA TYR B 668 39.97 9.75 -9.46
C TYR B 668 40.30 8.41 -8.84
N VAL B 669 41.36 8.38 -8.04
CA VAL B 669 41.84 7.16 -7.40
C VAL B 669 41.74 7.35 -5.89
N ASP B 670 41.03 6.44 -5.23
CA ASP B 670 40.88 6.46 -3.78
C ASP B 670 40.96 5.03 -3.27
N GLN B 671 41.81 4.80 -2.27
CA GLN B 671 41.98 3.47 -1.72
C GLN B 671 42.54 3.58 -0.30
N VAL B 672 41.98 2.79 0.62
CA VAL B 672 42.43 2.79 2.00
C VAL B 672 42.81 1.37 2.41
N SER B 673 42.21 0.38 1.74
CA SER B 673 42.39 -1.04 2.08
C SER B 673 42.05 -1.31 3.54
N GLY B 674 41.01 -0.65 4.04
CA GLY B 674 40.55 -0.87 5.39
C GLY B 674 41.42 -0.17 6.43
N LEU B 675 41.07 -0.40 7.69
CA LEU B 675 41.81 0.15 8.81
C LEU B 675 42.84 -0.82 9.39
N SER B 676 42.98 -2.00 8.80
CA SER B 676 43.95 -2.99 9.27
C SER B 676 45.20 -3.03 8.41
N ASP B 677 45.44 -1.99 7.60
CA ASP B 677 46.61 -1.92 6.75
C ASP B 677 47.71 -1.10 7.42
N LYS B 678 48.83 -0.94 6.71
CA LYS B 678 50.00 -0.29 7.27
C LYS B 678 49.70 1.16 7.66
N LYS B 679 48.77 1.81 6.96
CA LYS B 679 48.43 3.19 7.29
C LYS B 679 47.87 3.30 8.71
N PHE B 680 47.29 2.21 9.23
CA PHE B 680 46.79 2.19 10.59
C PHE B 680 47.34 1.02 11.40
N GLN B 681 48.37 0.35 10.91
CA GLN B 681 49.11 -0.63 11.70
C GLN B 681 50.57 -0.26 11.88
N ARG B 682 51.20 0.40 10.91
CA ARG B 682 52.52 0.98 11.05
C ARG B 682 52.48 2.43 10.57
N PRO B 683 51.74 3.29 11.27
CA PRO B 683 51.58 4.67 10.79
C PRO B 683 52.88 5.43 10.68
N ASN B 684 53.84 5.17 11.56
CA ASN B 684 55.14 5.83 11.53
C ASN B 684 56.11 5.11 10.60
N ASP B 685 55.67 4.87 9.37
CA ASP B 685 56.48 4.22 8.36
C ASP B 685 57.32 5.27 7.63
N PHE B 686 57.89 4.89 6.48
CA PHE B 686 58.67 5.84 5.69
C PHE B 686 57.85 7.05 5.29
N SER B 687 56.54 6.90 5.17
CA SER B 687 55.66 8.01 4.87
C SER B 687 55.56 8.95 6.08
N PRO B 688 55.17 10.20 5.87
CA PRO B 688 54.96 11.12 6.99
C PRO B 688 53.91 10.58 7.95
N PRO B 689 53.97 10.96 9.22
CA PRO B 689 53.05 10.38 10.22
C PRO B 689 51.59 10.57 9.84
N PHE B 690 50.87 9.45 9.72
CA PHE B 690 49.45 9.49 9.45
C PHE B 690 48.70 10.03 10.65
N ARG B 691 47.60 10.74 10.37
CA ARG B 691 46.77 11.35 11.41
C ARG B 691 45.34 10.83 11.27
N PHE B 692 44.77 10.39 12.39
CA PHE B 692 43.41 9.88 12.39
C PHE B 692 42.85 9.98 13.81
N GLY B 693 41.63 10.51 13.91
CA GLY B 693 41.01 10.70 15.20
C GLY B 693 39.55 10.29 15.17
N THR B 694 39.02 10.06 16.37
CA THR B 694 37.62 9.69 16.54
C THR B 694 36.96 10.60 17.57
N VAL B 695 35.74 10.26 17.96
CA VAL B 695 35.03 10.93 19.04
C VAL B 695 35.19 10.08 20.30
N PRO B 696 35.97 10.52 21.28
CA PRO B 696 36.22 9.66 22.45
C PRO B 696 35.00 9.47 23.33
N ASN B 697 35.14 8.64 24.37
CA ASN B 697 34.05 8.32 25.28
C ASN B 697 32.85 7.73 24.53
N GLY B 698 33.14 6.92 23.51
CA GLY B 698 32.08 6.33 22.71
C GLY B 698 32.29 4.86 22.43
N SER B 699 31.43 4.29 21.58
CA SER B 699 31.53 2.87 21.26
C SER B 699 32.80 2.55 20.49
N THR B 700 33.16 3.41 19.53
CA THR B 700 34.32 3.13 18.69
C THR B 700 35.61 3.10 19.51
N GLU B 701 35.77 4.05 20.44
CA GLU B 701 36.95 4.04 21.30
C GLU B 701 36.99 2.81 22.18
N ARG B 702 35.85 2.43 22.75
CA ARG B 702 35.80 1.22 23.58
C ARG B 702 36.12 -0.02 22.75
N ASN B 703 35.60 -0.10 21.52
CA ASN B 703 35.85 -1.26 20.68
C ASN B 703 37.32 -1.32 20.25
N ILE B 704 37.88 -0.18 19.84
CA ILE B 704 39.24 -0.19 19.30
C ILE B 704 40.29 -0.29 20.39
N ARG B 705 39.97 0.08 21.63
CA ARG B 705 40.97 0.04 22.69
C ARG B 705 41.28 -1.39 23.13
N ASN B 706 40.33 -2.30 22.97
CA ASN B 706 40.53 -3.68 23.40
C ASN B 706 41.32 -4.48 22.36
N ASN B 707 40.76 -4.60 21.16
CA ASN B 707 41.42 -5.40 20.12
C ASN B 707 42.74 -4.77 19.69
N TYR B 708 42.78 -3.45 19.54
CA TYR B 708 43.96 -2.74 19.07
C TYR B 708 44.55 -1.96 20.24
N ALA B 709 45.45 -2.62 20.99
CA ALA B 709 46.07 -1.96 22.13
C ALA B 709 47.01 -0.86 21.69
N GLU B 710 47.88 -1.15 20.71
CA GLU B 710 48.83 -0.15 20.25
C GLU B 710 48.14 1.02 19.58
N MET B 711 47.06 0.75 18.84
CA MET B 711 46.40 1.81 18.07
C MET B 711 45.81 2.87 19.00
N HIS B 712 45.22 2.43 20.11
CA HIS B 712 44.58 3.38 21.03
C HIS B 712 45.56 4.42 21.53
N ALA B 713 46.80 4.01 21.81
CA ALA B 713 47.81 4.96 22.25
C ALA B 713 48.14 5.97 21.16
N TYR B 714 48.25 5.50 19.91
CA TYR B 714 48.58 6.39 18.81
C TYR B 714 47.46 7.39 18.54
N MET B 715 46.21 6.94 18.62
CA MET B 715 45.08 7.81 18.30
C MET B 715 44.92 8.94 19.31
N GLY B 716 45.46 8.79 20.53
CA GLY B 716 45.25 9.79 21.56
C GLY B 716 45.84 11.15 21.23
N LYS B 717 46.76 11.21 20.27
CA LYS B 717 47.37 12.48 19.91
C LYS B 717 46.51 13.34 19.00
N PHE B 718 45.42 12.80 18.46
CA PHE B 718 44.55 13.52 17.55
C PHE B 718 43.09 13.37 17.95
N ASN B 719 42.81 13.55 19.25
CA ASN B 719 41.43 13.55 19.70
C ASN B 719 40.68 14.73 19.10
N GLN B 720 39.42 14.50 18.73
CA GLN B 720 38.65 15.48 17.98
C GLN B 720 37.36 15.92 18.67
N ARG B 721 37.09 15.44 19.89
CA ARG B 721 35.86 15.71 20.65
C ARG B 721 34.63 15.76 19.75
N GLY B 722 34.09 16.96 19.54
CA GLY B 722 32.91 17.10 18.70
C GLY B 722 33.19 16.63 17.28
N VAL B 723 32.23 15.87 16.73
CA VAL B 723 32.40 15.30 15.39
C VAL B 723 32.45 16.42 14.35
N ASP B 724 31.62 17.45 14.51
CA ASP B 724 31.64 18.55 13.56
C ASP B 724 32.98 19.28 13.57
N ASP B 725 33.65 19.32 14.72
CA ASP B 725 34.99 19.90 14.77
C ASP B 725 35.98 19.08 13.95
N ALA B 726 35.82 17.75 13.98
CA ALA B 726 36.73 16.88 13.22
C ALA B 726 36.61 17.13 11.73
N LEU B 727 35.39 17.33 11.23
CA LEU B 727 35.19 17.60 9.81
C LEU B 727 35.85 18.91 9.41
N LEU B 728 35.93 19.88 10.33
CA LEU B 728 36.65 21.10 10.04
C LEU B 728 38.13 20.81 9.76
N SER B 729 38.73 19.91 10.54
CA SER B 729 40.11 19.51 10.28
C SER B 729 40.23 18.82 8.92
N LEU B 730 39.27 17.96 8.58
CA LEU B 730 39.27 17.35 7.25
C LEU B 730 39.04 18.40 6.17
N LYS B 731 38.17 19.36 6.44
CA LYS B 731 37.91 20.42 5.47
C LYS B 731 39.09 21.38 5.32
N THR B 732 39.99 21.41 6.30
CA THR B 732 41.19 22.23 6.23
C THR B 732 42.45 21.44 5.93
N GLY B 733 42.38 20.11 5.96
CA GLY B 733 43.55 19.28 5.75
C GLY B 733 44.41 19.07 6.97
N LYS B 734 43.99 19.59 8.14
CA LYS B 734 44.78 19.41 9.35
C LYS B 734 44.85 17.94 9.75
N LEU B 735 43.74 17.22 9.59
CA LEU B 735 43.66 15.81 9.95
C LEU B 735 43.70 14.96 8.69
N ASP B 736 44.58 13.96 8.67
CA ASP B 736 44.74 13.13 7.49
C ASP B 736 43.47 12.32 7.20
N ALA B 737 42.90 11.71 8.23
CA ALA B 737 41.72 10.87 8.04
C ALA B 737 40.86 10.89 9.30
N PHE B 738 39.58 10.59 9.13
CA PHE B 738 38.63 10.54 10.23
C PHE B 738 38.09 9.13 10.36
N ILE B 739 38.06 8.63 11.60
CA ILE B 739 37.57 7.29 11.91
C ILE B 739 36.39 7.43 12.85
N TYR B 740 35.25 6.86 12.47
CA TYR B 740 34.06 6.88 13.32
C TYR B 740 33.10 5.81 12.82
N ASP B 741 31.95 5.72 13.49
CA ASP B 741 30.92 4.76 13.11
C ASP B 741 30.49 4.98 11.67
N ALA B 742 30.41 3.89 10.91
CA ALA B 742 30.07 3.98 9.50
C ALA B 742 28.60 4.31 9.26
N ALA B 743 27.74 4.09 10.26
CA ALA B 743 26.32 4.35 10.06
C ALA B 743 26.04 5.81 9.79
N VAL B 744 26.70 6.70 10.54
CA VAL B 744 26.47 8.13 10.40
C VAL B 744 27.53 8.73 9.49
N LEU B 745 28.71 8.13 9.48
CA LEU B 745 29.80 8.65 8.66
C LEU B 745 29.45 8.60 7.18
N ASN B 746 28.85 7.50 6.73
CA ASN B 746 28.32 7.44 5.37
C ASN B 746 27.20 8.44 5.19
N TYR B 747 26.30 8.55 6.18
CA TYR B 747 25.20 9.50 6.08
C TYR B 747 25.69 10.94 6.10
N MET B 748 26.59 11.26 7.04
CA MET B 748 27.04 12.64 7.17
C MET B 748 27.80 13.10 5.95
N ALA B 749 28.65 12.23 5.39
CA ALA B 749 29.31 12.56 4.13
C ALA B 749 28.34 12.56 2.96
N GLY B 750 27.20 11.86 3.08
CA GLY B 750 26.20 11.92 2.03
C GLY B 750 25.57 13.29 1.92
N ARG B 751 25.25 13.92 3.05
CA ARG B 751 24.68 15.26 3.07
C ARG B 751 25.73 16.34 3.23
N ASP B 752 27.02 15.99 3.22
CA ASP B 752 28.08 16.96 3.45
C ASP B 752 28.12 17.98 2.31
N GLU B 753 28.35 19.24 2.67
CA GLU B 753 28.47 20.32 1.69
C GLU B 753 29.92 20.44 1.22
N GLY B 754 30.08 20.62 -0.09
CA GLY B 754 31.39 20.71 -0.70
C GLY B 754 31.83 19.44 -1.40
N CYS B 755 31.28 18.29 -1.02
CA CYS B 755 31.53 17.02 -1.68
C CYS B 755 33.02 16.66 -1.70
N LYS B 756 33.77 17.09 -0.68
CA LYS B 756 35.19 16.79 -0.59
C LYS B 756 35.49 15.58 0.29
N LEU B 757 34.47 14.93 0.85
CA LEU B 757 34.64 13.80 1.74
C LEU B 757 34.04 12.56 1.08
N VAL B 758 34.78 11.46 1.09
CA VAL B 758 34.31 10.20 0.54
C VAL B 758 34.34 9.14 1.64
N THR B 759 33.34 8.28 1.65
CA THR B 759 33.21 7.22 2.65
C THR B 759 34.06 6.03 2.23
N ILE B 760 35.37 6.24 2.25
CA ILE B 760 36.30 5.17 1.90
C ILE B 760 36.20 4.05 2.93
N GLY B 761 36.67 2.86 2.53
CA GLY B 761 36.50 1.70 3.38
C GLY B 761 35.10 1.16 3.43
N SER B 762 34.22 1.61 2.54
CA SER B 762 32.84 1.13 2.54
C SER B 762 32.79 -0.33 2.12
N GLY B 763 31.96 -1.10 2.83
CA GLY B 763 31.85 -2.53 2.58
C GLY B 763 32.89 -3.37 3.27
N LYS B 764 33.92 -2.76 3.84
CA LYS B 764 34.97 -3.47 4.58
C LYS B 764 35.28 -2.64 5.83
N VAL B 765 34.59 -2.95 6.92
CA VAL B 765 34.72 -2.19 8.16
C VAL B 765 35.17 -3.14 9.26
N PHE B 766 35.31 -2.62 10.48
CA PHE B 766 35.90 -3.41 11.56
C PHE B 766 34.86 -4.26 12.29
N ALA B 767 33.84 -3.63 12.88
CA ALA B 767 32.86 -4.32 13.72
C ALA B 767 31.48 -4.13 13.09
N SER B 768 31.12 -5.03 12.19
CA SER B 768 29.82 -4.96 11.52
C SER B 768 28.76 -5.50 12.48
N THR B 769 28.23 -4.62 13.32
CA THR B 769 27.10 -4.95 14.19
C THR B 769 26.00 -3.94 13.93
N GLY B 770 24.81 -4.43 13.60
CA GLY B 770 23.72 -3.57 13.22
C GLY B 770 23.02 -2.93 14.40
N TYR B 771 22.02 -2.11 14.08
CA TYR B 771 21.19 -1.47 15.10
C TYR B 771 20.14 -2.46 15.58
N GLY B 772 19.15 -1.99 16.31
CA GLY B 772 18.10 -2.88 16.77
C GLY B 772 17.07 -2.16 17.61
N ILE B 773 16.08 -2.92 18.04
CA ILE B 773 14.98 -2.43 18.86
C ILE B 773 15.02 -3.24 20.16
N ALA B 774 15.63 -2.67 21.20
CA ALA B 774 15.78 -3.39 22.45
C ALA B 774 14.42 -3.68 23.08
N ILE B 775 14.25 -4.91 23.56
CA ILE B 775 13.04 -5.33 24.23
C ILE B 775 13.42 -5.88 25.61
N GLN B 776 12.44 -5.92 26.50
CA GLN B 776 12.66 -6.46 27.84
C GLN B 776 13.05 -7.93 27.76
N LYS B 777 13.81 -8.37 28.75
CA LYS B 777 14.32 -9.74 28.76
C LYS B 777 13.19 -10.74 28.71
N ASP B 778 13.39 -11.80 27.91
CA ASP B 778 12.40 -12.84 27.68
C ASP B 778 10.99 -12.27 27.49
N SER B 779 10.84 -11.38 26.52
CA SER B 779 9.54 -10.81 26.20
C SER B 779 8.89 -11.59 25.06
N GLY B 780 7.60 -11.88 25.22
CA GLY B 780 6.89 -12.60 24.17
C GLY B 780 6.80 -11.82 22.87
N TRP B 781 6.88 -10.49 22.95
CA TRP B 781 6.81 -9.66 21.76
C TRP B 781 8.08 -9.73 20.91
N LYS B 782 9.15 -10.34 21.44
CA LYS B 782 10.41 -10.40 20.69
C LYS B 782 10.25 -11.20 19.40
N ARG B 783 9.55 -12.33 19.47
CA ARG B 783 9.38 -13.16 18.29
C ARG B 783 8.57 -12.43 17.22
N GLN B 784 7.49 -11.74 17.62
CA GLN B 784 6.64 -11.06 16.66
C GLN B 784 7.24 -9.76 16.15
N VAL B 785 8.28 -9.24 16.79
CA VAL B 785 8.93 -8.02 16.31
C VAL B 785 9.96 -8.32 15.23
N ASP B 786 10.77 -9.37 15.43
CA ASP B 786 11.77 -9.74 14.43
C ASP B 786 11.09 -10.11 13.10
N LEU B 787 9.99 -10.87 13.18
CA LEU B 787 9.28 -11.24 11.97
C LEU B 787 8.75 -10.02 11.24
N ALA B 788 8.21 -9.05 11.98
CA ALA B 788 7.68 -7.85 11.35
C ALA B 788 8.78 -7.06 10.64
N ILE B 789 9.93 -6.91 11.29
CA ILE B 789 11.03 -6.17 10.68
C ILE B 789 11.51 -6.85 9.41
N LEU B 790 11.64 -8.18 9.46
CA LEU B 790 12.08 -8.92 8.28
C LEU B 790 11.06 -8.84 7.15
N GLN B 791 9.78 -8.69 7.49
CA GLN B 791 8.76 -8.54 6.45
C GLN B 791 8.98 -7.27 5.64
N LEU B 792 9.34 -6.18 6.32
CA LEU B 792 9.64 -4.94 5.61
C LEU B 792 10.89 -5.06 4.76
N PHE B 793 11.81 -5.96 5.13
CA PHE B 793 12.98 -6.19 4.31
C PHE B 793 12.62 -6.90 3.02
N GLY B 794 11.80 -7.95 3.12
CA GLY B 794 11.44 -8.72 1.93
C GLY B 794 10.65 -7.92 0.92
N ASP B 795 9.79 -7.02 1.38
CA ASP B 795 8.95 -6.22 0.50
C ASP B 795 9.69 -5.01 -0.07
N GLY B 796 11.00 -4.94 0.06
CA GLY B 796 11.77 -3.86 -0.51
C GLY B 796 11.39 -2.50 0.03
N GLU B 797 11.32 -2.36 1.35
CA GLU B 797 10.91 -1.12 1.98
C GLU B 797 12.07 -0.30 2.53
N MET B 798 13.12 -0.95 3.05
CA MET B 798 14.23 -0.21 3.65
C MET B 798 14.81 0.84 2.71
N GLU B 799 15.14 0.44 1.47
CA GLU B 799 15.74 1.39 0.56
C GLU B 799 14.80 2.56 0.26
N GLU B 800 13.49 2.37 0.41
CA GLU B 800 12.57 3.49 0.26
C GLU B 800 12.76 4.50 1.38
N LEU B 801 12.76 4.04 2.64
CA LEU B 801 12.98 4.97 3.75
C LEU B 801 14.46 5.28 3.95
N GLU B 802 15.34 4.37 3.56
CA GLU B 802 16.78 4.66 3.62
C GLU B 802 17.12 5.85 2.75
N ALA B 803 16.54 5.90 1.54
CA ALA B 803 16.72 7.06 0.68
C ALA B 803 15.85 8.24 1.11
N LEU B 804 14.71 7.95 1.75
CA LEU B 804 13.82 9.03 2.17
C LEU B 804 14.47 9.90 3.23
N TRP B 805 15.19 9.31 4.18
CA TRP B 805 15.69 10.02 5.35
C TRP B 805 17.19 10.30 5.27
N LEU B 806 18.01 9.27 5.09
CA LEU B 806 19.46 9.42 5.11
C LEU B 806 20.04 8.84 3.82
N THR B 807 20.10 9.68 2.79
CA THR B 807 20.79 9.32 1.55
C THR B 807 21.64 10.46 1.00
N GLY B 808 21.46 11.69 1.47
CA GLY B 808 22.25 12.80 1.02
C GLY B 808 22.04 13.13 -0.44
N ILE B 809 22.94 13.97 -0.94
CA ILE B 809 22.96 14.32 -2.36
C ILE B 809 24.29 14.00 -3.01
N CYS B 810 25.36 13.81 -2.26
CA CYS B 810 26.68 13.50 -2.82
C CYS B 810 26.90 12.00 -2.86
N HIS B 811 25.97 11.30 -3.53
CA HIS B 811 26.05 9.86 -3.69
C HIS B 811 25.92 9.47 -5.16
N ASN B 812 26.30 10.38 -6.06
CA ASN B 812 26.23 10.12 -7.49
C ASN B 812 27.47 9.34 -7.93
N GLU B 813 27.68 9.24 -9.24
CA GLU B 813 28.83 8.51 -9.76
C GLU B 813 30.13 9.13 -9.30
N LYS B 814 31.13 8.28 -9.03
CA LYS B 814 32.41 8.72 -8.50
C LYS B 814 33.44 8.97 -9.60
N ASN B 815 32.99 9.32 -10.82
CA ASN B 815 33.93 9.64 -11.89
C ASN B 815 34.80 10.84 -11.53
N GLU B 816 34.15 12.01 -11.40
CA GLU B 816 34.82 13.23 -10.95
C GLU B 816 36.06 13.55 -11.79
N VAL B 817 35.91 13.46 -13.11
CA VAL B 817 37.02 13.78 -14.00
C VAL B 817 37.39 15.25 -13.83
N MET B 818 38.68 15.51 -13.66
CA MET B 818 39.18 16.85 -13.40
C MET B 818 40.27 17.19 -14.40
N SER B 819 40.42 18.49 -14.66
CA SER B 819 41.47 18.96 -15.56
C SER B 819 42.84 18.63 -14.99
N SER B 820 43.71 18.10 -15.83
CA SER B 820 45.05 17.73 -15.39
C SER B 820 45.92 18.97 -15.20
N GLN B 821 46.98 18.80 -14.41
CA GLN B 821 47.92 19.86 -14.08
C GLN B 821 49.34 19.34 -14.22
N LEU B 822 49.62 18.73 -15.38
CA LEU B 822 50.85 18.00 -15.65
C LEU B 822 52.08 18.70 -15.06
N ASP B 823 52.88 17.92 -14.35
CA ASP B 823 54.07 18.41 -13.66
C ASP B 823 55.13 17.31 -13.72
N ILE B 824 56.25 17.53 -13.02
CA ILE B 824 57.28 16.51 -12.94
C ILE B 824 56.75 15.25 -12.28
N ASP B 825 55.88 15.42 -11.28
CA ASP B 825 55.20 14.27 -10.69
C ASP B 825 54.31 13.58 -11.71
N ASN B 826 53.60 14.36 -12.53
CA ASN B 826 52.70 13.78 -13.52
C ASN B 826 53.47 13.05 -14.62
N MET B 827 54.51 13.69 -15.16
CA MET B 827 55.37 13.07 -16.16
C MET B 827 56.80 13.02 -15.61
N ALA B 828 57.30 11.81 -15.39
CA ALA B 828 58.64 11.61 -14.86
C ALA B 828 59.55 10.86 -15.82
N GLY B 829 59.09 9.72 -16.33
CA GLY B 829 59.92 8.91 -17.21
C GLY B 829 60.26 9.58 -18.53
N VAL B 830 59.55 10.66 -18.87
CA VAL B 830 59.86 11.38 -20.11
C VAL B 830 61.26 11.98 -20.04
N PHE B 831 61.62 12.57 -18.90
CA PHE B 831 62.98 13.06 -18.71
C PHE B 831 63.96 11.94 -18.43
N TYR B 832 63.50 10.85 -17.81
CA TYR B 832 64.39 9.71 -17.57
C TYR B 832 64.86 9.11 -18.88
N MET B 833 63.98 9.03 -19.88
CA MET B 833 64.41 8.58 -21.20
C MET B 833 65.47 9.51 -21.77
N LEU B 834 65.28 10.82 -21.59
CA LEU B 834 66.32 11.77 -21.97
C LEU B 834 67.59 11.55 -21.15
N GLY B 835 67.43 11.33 -19.84
CA GLY B 835 68.59 11.04 -19.01
C GLY B 835 69.25 9.72 -19.38
N ALA B 836 68.45 8.69 -19.63
CA ALA B 836 69.00 7.40 -20.05
C ALA B 836 69.70 7.51 -21.39
N ALA B 837 69.09 8.23 -22.34
CA ALA B 837 69.74 8.44 -23.62
C ALA B 837 70.95 9.35 -23.50
N MET B 838 70.95 10.26 -22.51
CA MET B 838 72.12 11.07 -22.25
C MET B 838 73.30 10.19 -21.81
N ALA B 839 73.03 9.20 -20.97
CA ALA B 839 74.04 8.22 -20.63
C ALA B 839 74.27 7.21 -21.75
N LEU B 840 73.23 6.92 -22.53
CA LEU B 840 73.38 5.98 -23.65
C LEU B 840 74.32 6.52 -24.70
N SER B 841 74.41 7.84 -24.84
CA SER B 841 75.40 8.41 -25.74
C SER B 841 76.82 8.18 -25.22
N LEU B 842 76.99 8.13 -23.90
CA LEU B 842 78.32 7.97 -23.32
C LEU B 842 78.92 6.62 -23.68
N ILE B 843 78.10 5.55 -23.64
CA ILE B 843 78.62 4.23 -23.97
C ILE B 843 79.02 4.17 -25.45
N THR B 844 78.34 4.93 -26.31
CA THR B 844 78.77 5.08 -27.69
C THR B 844 79.83 6.17 -27.85
N PHE B 845 80.10 6.92 -26.79
CA PHE B 845 81.11 7.98 -26.82
C PHE B 845 82.49 7.46 -26.44
N ILE B 846 82.58 6.60 -25.43
CA ILE B 846 83.85 5.98 -25.07
C ILE B 846 84.27 4.98 -26.13
N SER B 847 83.31 4.19 -26.65
CA SER B 847 83.63 3.15 -27.62
C SER B 847 84.15 3.71 -28.93
N GLU B 848 83.90 4.98 -29.23
CA GLU B 848 84.42 5.57 -30.45
C GLU B 848 85.95 5.61 -30.44
N HIS B 849 86.55 5.72 -29.24
CA HIS B 849 88.01 5.68 -29.15
C HIS B 849 88.55 4.31 -29.53
N LEU B 850 87.81 3.25 -29.23
CA LEU B 850 88.23 1.90 -29.58
C LEU B 850 87.62 1.45 -30.90
N LYS C 3 -47.82 -45.21 33.42
CA LYS C 3 -48.50 -46.00 34.44
C LYS C 3 -47.50 -46.64 35.40
N ILE C 4 -46.48 -47.28 34.84
CA ILE C 4 -45.43 -47.93 35.62
C ILE C 4 -44.09 -47.64 34.95
N VAL C 5 -43.10 -47.26 35.74
CA VAL C 5 -41.75 -46.98 35.26
C VAL C 5 -40.88 -48.19 35.54
N ASN C 6 -40.35 -48.80 34.49
CA ASN C 6 -39.51 -49.99 34.61
C ASN C 6 -38.24 -49.80 33.81
N ILE C 7 -37.14 -50.38 34.30
CA ILE C 7 -35.87 -50.37 33.61
C ILE C 7 -35.28 -51.77 33.69
N GLY C 8 -34.38 -52.08 32.73
CA GLY C 8 -33.70 -53.34 32.68
C GLY C 8 -32.20 -53.17 32.81
N ALA C 9 -31.51 -54.30 32.93
CA ALA C 9 -30.05 -54.28 33.07
C ALA C 9 -29.49 -55.60 32.58
N VAL C 10 -28.24 -55.57 32.13
CA VAL C 10 -27.51 -56.76 31.72
C VAL C 10 -26.31 -56.85 32.65
N LEU C 11 -26.46 -57.59 33.75
CA LEU C 11 -25.40 -57.73 34.74
C LEU C 11 -24.45 -58.86 34.35
N SER C 12 -23.50 -59.15 35.23
CA SER C 12 -22.50 -60.18 34.94
C SER C 12 -23.04 -61.58 35.21
N THR C 13 -23.42 -61.85 36.45
CA THR C 13 -23.92 -63.17 36.84
C THR C 13 -25.28 -63.02 37.51
N ARG C 14 -26.01 -64.13 37.56
CA ARG C 14 -27.32 -64.14 38.20
C ARG C 14 -27.21 -63.88 39.70
N LYS C 15 -26.07 -64.23 40.30
CA LYS C 15 -25.88 -63.95 41.73
C LYS C 15 -25.87 -62.45 41.99
N HIS C 16 -25.23 -61.67 41.12
CA HIS C 16 -25.22 -60.23 41.26
C HIS C 16 -26.55 -59.60 40.84
N GLU C 17 -27.42 -60.35 40.16
CA GLU C 17 -28.71 -59.80 39.79
C GLU C 17 -29.55 -59.46 41.01
N GLN C 18 -29.51 -60.32 42.04
CA GLN C 18 -30.27 -60.05 43.26
C GLN C 18 -29.82 -58.76 43.92
N MET C 19 -28.54 -58.40 43.77
CA MET C 19 -28.07 -57.11 44.28
C MET C 19 -28.65 -55.95 43.47
N PHE C 20 -28.96 -56.17 42.20
CA PHE C 20 -29.56 -55.11 41.40
C PHE C 20 -31.01 -54.87 41.80
N ARG C 21 -31.72 -55.91 42.26
CA ARG C 21 -33.09 -55.71 42.71
C ARG C 21 -33.17 -54.76 43.90
N GLU C 22 -32.12 -54.73 44.73
CA GLU C 22 -32.07 -53.77 45.82
C GLU C 22 -32.00 -52.33 45.32
N ALA C 23 -31.65 -52.14 44.05
CA ALA C 23 -31.60 -50.81 43.45
C ALA C 23 -32.91 -50.43 42.75
N VAL C 24 -33.87 -51.34 42.65
CA VAL C 24 -35.12 -51.05 41.94
C VAL C 24 -36.30 -51.12 42.89
N ASN C 25 -36.17 -51.88 43.98
CA ASN C 25 -37.23 -51.93 44.97
C ASN C 25 -37.29 -50.67 45.83
N GLN C 26 -36.22 -49.87 45.81
CA GLN C 26 -36.16 -48.62 46.55
C GLN C 26 -36.71 -47.44 45.76
N ALA C 27 -37.57 -47.70 44.78
CA ALA C 27 -38.12 -46.66 43.94
C ALA C 27 -39.04 -45.71 44.70
N ASN C 28 -39.44 -46.06 45.93
CA ASN C 28 -40.34 -45.20 46.68
C ASN C 28 -39.66 -43.92 47.14
N LYS C 29 -38.38 -44.00 47.50
CA LYS C 29 -37.68 -42.84 48.06
C LYS C 29 -36.94 -42.05 46.97
N ARG C 30 -37.73 -41.60 45.99
CA ARG C 30 -37.25 -40.70 44.95
C ARG C 30 -38.14 -39.47 44.91
N HIS C 31 -37.85 -38.57 43.97
CA HIS C 31 -38.65 -37.36 43.83
C HIS C 31 -40.06 -37.70 43.33
N GLY C 32 -41.05 -37.03 43.91
CA GLY C 32 -42.43 -37.26 43.52
C GLY C 32 -42.99 -38.55 44.09
N SER C 33 -42.45 -39.68 43.62
CA SER C 33 -42.87 -41.01 44.08
C SER C 33 -44.37 -41.23 43.89
N TRP C 34 -44.90 -40.74 42.77
CA TRP C 34 -46.32 -40.92 42.48
C TRP C 34 -46.60 -42.35 42.01
N LYS C 35 -45.92 -42.78 40.94
CA LYS C 35 -46.12 -44.10 40.39
C LYS C 35 -44.79 -44.75 40.00
N ILE C 36 -43.71 -44.40 40.70
CA ILE C 36 -42.39 -44.92 40.41
C ILE C 36 -42.28 -46.29 41.05
N GLN C 37 -42.52 -47.35 40.27
CA GLN C 37 -42.42 -48.74 40.73
C GLN C 37 -41.49 -49.47 39.78
N LEU C 38 -40.20 -49.44 40.08
CA LEU C 38 -39.19 -50.03 39.20
C LEU C 38 -39.21 -51.55 39.30
N ASN C 39 -39.27 -52.21 38.15
CA ASN C 39 -39.14 -53.66 38.06
C ASN C 39 -37.85 -53.96 37.30
N ALA C 40 -36.94 -54.70 37.94
CA ALA C 40 -35.62 -54.92 37.35
C ALA C 40 -35.71 -55.73 36.06
N THR C 41 -36.38 -56.88 36.11
CA THR C 41 -36.52 -57.77 34.95
C THR C 41 -35.16 -58.06 34.30
N SER C 42 -34.13 -58.21 35.14
CA SER C 42 -32.78 -58.39 34.65
C SER C 42 -32.57 -59.81 34.14
N VAL C 43 -31.49 -59.99 33.38
CA VAL C 43 -31.14 -61.29 32.82
C VAL C 43 -29.62 -61.37 32.70
N THR C 44 -29.08 -62.52 33.08
CA THR C 44 -27.65 -62.76 32.93
C THR C 44 -27.28 -62.78 31.46
N HIS C 45 -26.12 -62.20 31.13
CA HIS C 45 -25.67 -62.16 29.74
C HIS C 45 -25.42 -63.56 29.22
N LYS C 46 -25.84 -63.79 27.97
CA LYS C 46 -25.65 -65.08 27.36
C LYS C 46 -24.17 -65.36 27.12
N PRO C 47 -23.78 -66.64 27.02
CA PRO C 47 -22.35 -66.95 26.86
C PRO C 47 -21.72 -66.30 25.64
N ASN C 48 -22.46 -66.13 24.56
CA ASN C 48 -21.94 -65.51 23.34
C ASN C 48 -22.85 -64.36 22.93
N ALA C 49 -22.54 -63.76 21.79
CA ALA C 49 -23.29 -62.60 21.30
C ALA C 49 -24.46 -62.98 20.41
N ILE C 50 -24.53 -64.23 19.94
CA ILE C 50 -25.60 -64.63 19.04
C ILE C 50 -26.95 -64.61 19.76
N GLN C 51 -27.00 -65.19 20.96
CA GLN C 51 -28.27 -65.29 21.68
C GLN C 51 -28.72 -63.95 22.25
N MET C 52 -27.82 -62.96 22.34
CA MET C 52 -28.22 -61.65 22.83
C MET C 52 -29.25 -61.01 21.92
N ALA C 53 -29.00 -61.01 20.61
CA ALA C 53 -29.94 -60.44 19.66
C ALA C 53 -31.20 -61.28 19.53
N LEU C 54 -31.15 -62.57 19.84
CA LEU C 54 -32.31 -63.44 19.74
C LEU C 54 -33.25 -63.30 20.93
N SER C 55 -32.88 -62.55 21.96
CA SER C 55 -33.70 -62.41 23.15
C SER C 55 -33.85 -60.98 23.66
N VAL C 56 -33.09 -60.02 23.14
CA VAL C 56 -33.15 -58.66 23.67
C VAL C 56 -34.51 -58.03 23.36
N CYS C 57 -35.07 -58.31 22.18
CA CYS C 57 -36.29 -57.63 21.76
C CYS C 57 -37.50 -58.06 22.59
N GLU C 58 -37.64 -59.35 22.85
CA GLU C 58 -38.84 -59.88 23.48
C GLU C 58 -38.69 -60.20 24.96
N ASP C 59 -37.53 -59.95 25.55
CA ASP C 59 -37.33 -60.23 26.97
C ASP C 59 -36.97 -59.00 27.79
N LEU C 60 -36.06 -58.16 27.28
CA LEU C 60 -35.63 -56.97 28.01
C LEU C 60 -36.40 -55.72 27.61
N ILE C 61 -36.42 -55.40 26.32
CA ILE C 61 -37.14 -54.21 25.86
C ILE C 61 -38.64 -54.38 26.07
N SER C 62 -39.16 -55.61 25.92
CA SER C 62 -40.59 -55.86 26.04
C SER C 62 -41.14 -55.59 27.44
N SER C 63 -40.26 -55.45 28.43
CA SER C 63 -40.68 -55.09 29.79
C SER C 63 -40.92 -53.59 29.95
N GLN C 64 -41.08 -52.86 28.85
CA GLN C 64 -41.25 -51.41 28.85
C GLN C 64 -40.11 -50.72 29.59
N VAL C 65 -38.88 -51.19 29.34
CA VAL C 65 -37.71 -50.58 29.96
C VAL C 65 -37.31 -49.32 29.21
N TYR C 66 -36.61 -48.43 29.90
CA TYR C 66 -36.17 -47.16 29.32
C TYR C 66 -34.66 -46.98 29.32
N ALA C 67 -33.95 -47.49 30.33
CA ALA C 67 -32.50 -47.42 30.36
C ALA C 67 -31.94 -48.77 30.78
N ILE C 68 -30.79 -49.12 30.22
CA ILE C 68 -30.17 -50.43 30.42
C ILE C 68 -28.82 -50.24 31.09
N LEU C 69 -28.55 -51.06 32.10
CA LEU C 69 -27.26 -51.08 32.79
C LEU C 69 -26.46 -52.28 32.30
N VAL C 70 -25.24 -52.02 31.84
CA VAL C 70 -24.37 -53.05 31.26
C VAL C 70 -23.08 -53.10 32.08
N SER C 71 -22.72 -54.30 32.54
CA SER C 71 -21.53 -54.52 33.32
C SER C 71 -20.51 -55.32 32.51
N HIS C 72 -19.26 -55.31 32.98
CA HIS C 72 -18.20 -56.05 32.32
C HIS C 72 -18.43 -57.55 32.50
N PRO C 73 -18.33 -58.35 31.43
CA PRO C 73 -18.47 -59.79 31.60
C PRO C 73 -17.29 -60.34 32.40
N PRO C 74 -17.52 -61.39 33.20
CA PRO C 74 -16.39 -62.00 33.93
C PRO C 74 -15.31 -62.55 33.01
N THR C 75 -15.68 -63.06 31.84
CA THR C 75 -14.69 -63.59 30.91
C THR C 75 -13.84 -62.46 30.34
N PRO C 76 -12.56 -62.71 30.09
CA PRO C 76 -11.68 -61.66 29.54
C PRO C 76 -12.01 -61.34 28.09
N ASN C 77 -13.13 -60.68 27.86
CA ASN C 77 -13.59 -60.33 26.52
C ASN C 77 -13.24 -58.88 26.22
N ASP C 78 -13.60 -58.45 25.01
CA ASP C 78 -13.42 -57.07 24.55
C ASP C 78 -14.80 -56.51 24.25
N HIS C 79 -15.42 -55.92 25.27
CA HIS C 79 -16.79 -55.39 25.20
C HIS C 79 -17.72 -56.31 24.42
N PHE C 80 -17.72 -57.59 24.81
CA PHE C 80 -18.55 -58.57 24.12
C PHE C 80 -20.03 -58.33 24.39
N THR C 81 -20.40 -58.13 25.67
CA THR C 81 -21.80 -57.97 26.01
C THR C 81 -22.43 -56.71 25.42
N PRO C 82 -21.84 -55.51 25.50
CA PRO C 82 -22.55 -54.32 25.02
C PRO C 82 -22.48 -54.11 23.51
N THR C 83 -21.61 -54.83 22.80
CA THR C 83 -21.49 -54.62 21.36
C THR C 83 -22.78 -54.91 20.60
N PRO C 84 -23.46 -56.05 20.79
CA PRO C 84 -24.74 -56.24 20.09
C PRO C 84 -25.87 -55.51 20.78
N VAL C 85 -25.77 -55.35 22.10
CA VAL C 85 -26.81 -54.65 22.85
C VAL C 85 -26.91 -53.20 22.39
N SER C 86 -25.77 -52.53 22.22
CA SER C 86 -25.79 -51.18 21.68
C SER C 86 -26.32 -51.17 20.26
N TYR C 87 -25.97 -52.17 19.45
CA TYR C 87 -26.49 -52.26 18.10
C TYR C 87 -28.00 -52.50 18.11
N THR C 88 -28.48 -53.38 18.99
CA THR C 88 -29.92 -53.63 19.07
C THR C 88 -30.66 -52.44 19.67
N ALA C 89 -30.15 -51.90 20.77
CA ALA C 89 -30.79 -50.73 21.38
C ALA C 89 -30.60 -49.48 20.54
N GLY C 90 -29.58 -49.43 19.69
CA GLY C 90 -29.41 -48.30 18.79
C GLY C 90 -30.56 -48.16 17.81
N PHE C 91 -31.01 -49.28 17.24
CA PHE C 91 -32.17 -49.23 16.36
C PHE C 91 -33.43 -48.88 17.14
N TYR C 92 -33.56 -49.39 18.36
CA TYR C 92 -34.75 -49.13 19.17
C TYR C 92 -34.72 -47.77 19.86
N ARG C 93 -33.59 -47.07 19.82
CA ARG C 93 -33.45 -45.75 20.45
C ARG C 93 -33.78 -45.84 21.94
N ILE C 94 -32.98 -46.63 22.64
CA ILE C 94 -33.12 -46.83 24.09
C ILE C 94 -31.80 -46.45 24.74
N PRO C 95 -31.75 -45.42 25.58
CA PRO C 95 -30.50 -45.09 26.27
C PRO C 95 -30.02 -46.24 27.14
N VAL C 96 -28.70 -46.41 27.18
CA VAL C 96 -28.06 -47.47 27.94
C VAL C 96 -26.96 -46.88 28.80
N LEU C 97 -26.90 -47.29 30.06
CA LEU C 97 -25.87 -46.83 30.99
C LEU C 97 -24.83 -47.94 31.15
N GLY C 98 -23.57 -47.60 30.90
CA GLY C 98 -22.48 -48.54 30.97
C GLY C 98 -21.66 -48.39 32.24
N LEU C 99 -21.08 -49.49 32.69
CA LEU C 99 -20.21 -49.48 33.86
C LEU C 99 -19.10 -50.51 33.66
N THR C 100 -17.91 -50.16 34.15
CA THR C 100 -16.73 -51.03 34.04
C THR C 100 -16.47 -51.44 32.60
N THR C 101 -16.64 -50.50 31.67
CA THR C 101 -16.39 -50.72 30.25
C THR C 101 -15.49 -49.60 29.76
N ARG C 102 -14.19 -49.78 29.96
CA ARG C 102 -13.20 -48.73 29.63
C ARG C 102 -12.63 -48.94 28.24
N MET C 103 -13.53 -48.92 27.25
CA MET C 103 -13.17 -49.02 25.84
C MET C 103 -13.44 -47.69 25.17
N SER C 104 -12.43 -47.15 24.48
CA SER C 104 -12.52 -45.82 23.89
C SER C 104 -13.26 -45.81 22.56
N ILE C 105 -13.47 -46.98 21.94
CA ILE C 105 -14.20 -47.01 20.68
C ILE C 105 -15.68 -46.70 20.87
N TYR C 106 -16.18 -46.79 22.11
CA TYR C 106 -17.56 -46.44 22.42
C TYR C 106 -17.70 -44.96 22.74
N SER C 107 -17.18 -44.11 21.86
CA SER C 107 -17.20 -42.67 22.07
C SER C 107 -17.84 -41.90 20.93
N ASP C 108 -17.58 -42.29 19.68
CA ASP C 108 -18.20 -41.63 18.55
C ASP C 108 -19.69 -41.92 18.51
N LYS C 109 -20.48 -40.88 18.21
CA LYS C 109 -21.93 -41.02 18.19
C LYS C 109 -22.45 -41.65 16.91
N SER C 110 -21.62 -41.74 15.86
CA SER C 110 -22.07 -42.38 14.63
C SER C 110 -22.29 -43.88 14.81
N ILE C 111 -21.39 -44.54 15.54
CA ILE C 111 -21.53 -45.97 15.76
C ILE C 111 -22.50 -46.26 16.90
N HIS C 112 -22.36 -45.55 18.02
CA HIS C 112 -23.23 -45.72 19.18
C HIS C 112 -23.76 -44.34 19.58
N LEU C 113 -24.88 -43.94 18.97
CA LEU C 113 -25.53 -42.69 19.37
C LEU C 113 -26.09 -42.81 20.78
N SER C 114 -26.61 -43.98 21.14
CA SER C 114 -27.19 -44.23 22.45
C SER C 114 -26.25 -45.16 23.21
N PHE C 115 -25.25 -44.58 23.86
CA PHE C 115 -24.35 -45.34 24.73
C PHE C 115 -23.64 -44.37 25.65
N LEU C 116 -23.89 -44.48 26.96
CA LEU C 116 -23.23 -43.67 27.97
C LEU C 116 -22.70 -44.59 29.06
N ARG C 117 -21.45 -44.39 29.44
CA ARG C 117 -20.82 -45.20 30.48
C ARG C 117 -20.42 -44.32 31.66
N THR C 118 -20.48 -44.91 32.86
CA THR C 118 -20.16 -44.19 34.08
C THR C 118 -18.66 -44.18 34.38
N VAL C 119 -17.85 -44.84 33.56
CA VAL C 119 -16.40 -44.88 33.78
C VAL C 119 -15.69 -44.39 32.52
N PRO C 120 -14.78 -43.44 32.63
CA PRO C 120 -14.04 -42.97 31.45
C PRO C 120 -13.14 -44.07 30.91
N PRO C 121 -13.03 -44.18 29.58
CA PRO C 121 -12.15 -45.20 29.00
C PRO C 121 -10.69 -44.82 29.03
N TYR C 122 -9.84 -45.62 28.39
CA TYR C 122 -8.40 -45.36 28.38
C TYR C 122 -8.06 -44.05 27.70
N SER C 123 -8.96 -43.51 26.87
CA SER C 123 -8.68 -42.24 26.21
C SER C 123 -8.54 -41.10 27.21
N HIS C 124 -9.30 -41.13 28.30
CA HIS C 124 -9.23 -40.08 29.30
C HIS C 124 -8.02 -40.22 30.22
N GLN C 125 -7.28 -41.33 30.13
CA GLN C 125 -6.06 -41.46 30.91
C GLN C 125 -5.03 -40.41 30.52
N SER C 126 -4.91 -40.14 29.22
CA SER C 126 -3.94 -39.16 28.75
C SER C 126 -4.28 -37.76 29.25
N SER C 127 -5.57 -37.45 29.42
CA SER C 127 -5.94 -36.15 29.97
C SER C 127 -5.42 -35.98 31.40
N VAL C 128 -5.56 -37.03 32.22
CA VAL C 128 -5.00 -36.98 33.57
C VAL C 128 -3.49 -37.01 33.54
N TRP C 129 -2.91 -37.72 32.56
CA TRP C 129 -1.46 -37.77 32.44
C TRP C 129 -0.85 -36.39 32.23
N PHE C 130 -1.57 -35.50 31.52
CA PHE C 130 -1.06 -34.16 31.28
C PHE C 130 -0.84 -33.40 32.57
N GLU C 131 -1.53 -33.77 33.64
CA GLU C 131 -1.36 -33.10 34.92
C GLU C 131 -0.15 -33.60 35.69
N MET C 132 0.57 -34.60 35.19
CA MET C 132 1.68 -35.18 35.92
C MET C 132 3.00 -34.44 35.70
N MET C 133 3.40 -34.24 34.44
CA MET C 133 4.67 -33.55 34.22
C MET C 133 4.57 -32.06 34.45
N ARG C 134 3.36 -31.51 34.57
CA ARG C 134 3.23 -30.11 34.96
C ARG C 134 3.76 -29.87 36.36
N VAL C 135 3.53 -30.81 37.27
CA VAL C 135 4.07 -30.74 38.62
C VAL C 135 5.35 -31.55 38.77
N TYR C 136 5.89 -32.07 37.67
CA TYR C 136 7.13 -32.82 37.70
C TYR C 136 8.22 -32.22 36.80
N SER C 137 7.92 -31.12 36.12
CA SER C 137 8.92 -30.30 35.43
C SER C 137 9.65 -31.08 34.33
N TRP C 138 8.88 -31.55 33.36
CA TRP C 138 9.42 -32.01 32.09
C TRP C 138 8.58 -31.45 30.95
N ASN C 139 9.26 -31.01 29.89
CA ASN C 139 8.61 -30.46 28.70
C ASN C 139 8.73 -31.36 27.49
N HIS C 140 9.94 -31.76 27.13
CA HIS C 140 10.14 -32.71 26.03
C HIS C 140 9.53 -34.05 26.39
N ILE C 141 8.97 -34.73 25.39
CA ILE C 141 8.23 -35.96 25.64
C ILE C 141 8.17 -36.79 24.36
N ILE C 142 8.46 -38.09 24.48
CA ILE C 142 8.24 -39.05 23.41
C ILE C 142 7.42 -40.20 23.97
N LEU C 143 6.75 -40.91 23.07
CA LEU C 143 5.93 -42.05 23.48
C LEU C 143 5.84 -43.05 22.34
N LEU C 144 5.57 -44.29 22.71
CA LEU C 144 5.32 -45.38 21.77
C LEU C 144 3.97 -46.00 22.07
N VAL C 145 3.19 -46.24 21.02
CA VAL C 145 1.80 -46.64 21.16
C VAL C 145 1.44 -47.64 20.07
N SER C 146 0.49 -48.53 20.39
CA SER C 146 0.03 -49.51 19.43
C SER C 146 -0.80 -48.85 18.33
N ASP C 147 -0.85 -49.53 17.19
CA ASP C 147 -1.61 -49.05 16.02
C ASP C 147 -3.03 -49.61 16.00
N ASP C 148 -3.74 -49.44 17.11
CA ASP C 148 -5.15 -49.84 17.20
C ASP C 148 -5.94 -48.70 17.81
N HIS C 149 -7.26 -48.72 17.58
CA HIS C 149 -8.11 -47.62 17.99
C HIS C 149 -8.06 -47.39 19.49
N GLU C 150 -8.07 -48.48 20.27
CA GLU C 150 -8.02 -48.34 21.72
C GLU C 150 -6.69 -47.73 22.18
N GLY C 151 -5.58 -48.27 21.67
CA GLY C 151 -4.28 -47.71 22.03
C GLY C 151 -4.08 -46.31 21.49
N ARG C 152 -4.44 -46.08 20.23
CA ARG C 152 -4.24 -44.78 19.61
C ARG C 152 -5.16 -43.70 20.19
N ALA C 153 -6.13 -44.07 21.02
CA ALA C 153 -7.06 -43.08 21.55
C ALA C 153 -6.33 -41.99 22.32
N ALA C 154 -5.34 -42.38 23.12
CA ALA C 154 -4.55 -41.40 23.85
C ALA C 154 -3.67 -40.55 22.93
N GLN C 155 -3.41 -41.03 21.71
CA GLN C 155 -2.53 -40.28 20.81
C GLN C 155 -3.13 -38.94 20.43
N LYS C 156 -4.39 -38.92 20.00
CA LYS C 156 -5.03 -37.65 19.70
C LYS C 156 -5.48 -36.92 20.96
N ARG C 157 -5.44 -37.57 22.13
CA ARG C 157 -5.80 -36.90 23.36
C ARG C 157 -4.70 -35.97 23.84
N LEU C 158 -3.44 -36.37 23.68
CA LEU C 158 -2.34 -35.62 24.31
C LEU C 158 -2.01 -34.34 23.54
N GLU C 159 -1.86 -34.43 22.21
CA GLU C 159 -1.42 -33.27 21.45
C GLU C 159 -2.49 -32.19 21.36
N THR C 160 -3.76 -32.57 21.52
CA THR C 160 -4.83 -31.57 21.54
C THR C 160 -4.75 -30.67 22.76
N LEU C 161 -4.11 -31.12 23.83
CA LEU C 161 -3.92 -30.32 25.03
C LEU C 161 -2.43 -30.10 25.34
N LEU C 162 -1.56 -30.36 24.38
CA LEU C 162 -0.12 -30.16 24.55
C LEU C 162 0.44 -28.97 23.80
N GLU C 163 -0.16 -28.60 22.67
CA GLU C 163 0.36 -27.48 21.89
C GLU C 163 0.21 -26.16 22.63
N GLU C 164 -0.81 -26.04 23.47
CA GLU C 164 -1.01 -24.81 24.24
C GLU C 164 -0.18 -24.78 25.52
N ARG C 165 0.41 -25.90 25.92
CA ARG C 165 1.22 -25.96 27.13
C ARG C 165 2.62 -26.53 26.91
N GLU C 166 2.95 -26.93 25.68
CA GLU C 166 4.27 -27.47 25.39
C GLU C 166 4.54 -27.31 23.90
N SER C 167 5.81 -27.46 23.53
CA SER C 167 6.22 -27.33 22.13
C SER C 167 6.24 -28.68 21.42
N LYS C 168 5.11 -29.39 21.49
CA LYS C 168 4.88 -30.65 20.78
C LYS C 168 5.74 -31.79 21.33
N ALA C 169 5.21 -33.01 21.31
CA ALA C 169 6.01 -34.17 21.67
C ALA C 169 7.13 -34.37 20.67
N GLU C 170 8.30 -34.77 21.16
CA GLU C 170 9.47 -34.91 20.28
C GLU C 170 9.25 -36.04 19.28
N LYS C 171 8.77 -37.19 19.74
CA LYS C 171 8.53 -38.33 18.86
C LYS C 171 7.23 -39.00 19.27
N VAL C 172 6.41 -39.33 18.27
CA VAL C 172 5.11 -39.96 18.52
C VAL C 172 5.12 -41.28 17.75
N LEU C 173 6.29 -41.92 17.67
CA LEU C 173 6.42 -43.15 16.90
C LEU C 173 5.51 -44.24 17.47
N GLN C 174 4.99 -45.07 16.58
CA GLN C 174 4.02 -46.10 16.92
C GLN C 174 4.54 -47.47 16.50
N PHE C 175 4.05 -48.50 17.18
CA PHE C 175 4.44 -49.88 16.89
C PHE C 175 3.20 -50.72 16.68
N ASP C 176 3.29 -51.66 15.74
CA ASP C 176 2.15 -52.51 15.42
C ASP C 176 1.78 -53.37 16.63
N PRO C 177 0.49 -53.49 16.95
CA PRO C 177 0.11 -54.33 18.10
C PRO C 177 0.54 -55.78 17.99
N GLY C 178 0.57 -56.33 16.77
CA GLY C 178 1.03 -57.68 16.59
C GLY C 178 2.55 -57.77 16.62
N THR C 179 3.14 -57.33 17.73
CA THR C 179 4.60 -57.29 17.83
C THR C 179 5.16 -58.70 17.97
N LYS C 180 6.22 -58.99 17.20
CA LYS C 180 6.91 -60.28 17.25
C LYS C 180 8.41 -59.96 17.18
N ASN C 181 9.05 -59.85 18.35
CA ASN C 181 10.46 -59.51 18.45
C ASN C 181 10.78 -58.21 17.70
N VAL C 182 9.90 -57.21 17.89
CA VAL C 182 10.07 -55.93 17.23
C VAL C 182 11.08 -55.10 18.02
N THR C 183 12.35 -55.18 17.62
CA THR C 183 13.43 -54.46 18.28
C THR C 183 13.88 -53.22 17.53
N ALA C 184 13.71 -53.19 16.20
CA ALA C 184 14.18 -52.08 15.39
C ALA C 184 13.47 -50.78 15.71
N LEU C 185 12.32 -50.84 16.38
CA LEU C 185 11.55 -49.65 16.69
C LEU C 185 11.97 -48.97 17.99
N LEU C 186 12.97 -49.49 18.68
CA LEU C 186 13.45 -48.92 19.93
C LEU C 186 14.77 -48.17 19.77
N MET C 187 15.72 -48.74 19.01
CA MET C 187 16.98 -48.06 18.76
C MET C 187 16.73 -46.83 17.89
N GLU C 188 15.78 -46.91 16.96
CA GLU C 188 15.43 -45.76 16.13
C GLU C 188 14.85 -44.61 16.96
N ALA C 189 14.38 -44.89 18.17
CA ALA C 189 13.90 -43.84 19.05
C ALA C 189 14.87 -43.52 20.18
N LYS C 190 16.00 -44.23 20.27
CA LYS C 190 16.98 -43.96 21.33
C LYS C 190 18.05 -42.96 20.87
N GLU C 191 17.60 -41.83 20.33
CA GLU C 191 18.48 -40.72 19.99
C GLU C 191 17.94 -39.37 20.38
N LEU C 192 16.63 -39.25 20.68
CA LEU C 192 16.04 -37.97 21.03
C LEU C 192 16.40 -37.52 22.44
N GLU C 193 17.00 -38.40 23.25
CA GLU C 193 17.41 -38.07 24.62
C GLU C 193 16.24 -37.53 25.42
N ALA C 194 15.10 -38.23 25.34
CA ALA C 194 13.90 -37.83 26.05
C ALA C 194 13.84 -38.40 27.46
N ARG C 195 14.07 -39.72 27.58
CA ARG C 195 14.12 -40.40 28.88
C ARG C 195 12.80 -40.32 29.65
N VAL C 196 11.73 -39.92 28.97
CA VAL C 196 10.44 -39.68 29.62
C VAL C 196 9.36 -40.44 28.85
N ILE C 197 9.74 -41.57 28.25
CA ILE C 197 8.84 -42.28 27.35
C ILE C 197 7.53 -42.66 28.05
N ILE C 198 6.47 -42.79 27.26
CA ILE C 198 5.13 -43.05 27.75
C ILE C 198 4.57 -44.28 27.02
N LEU C 199 3.99 -45.21 27.78
CA LEU C 199 3.37 -46.41 27.24
C LEU C 199 1.85 -46.24 27.27
N SER C 200 1.21 -46.41 26.11
CA SER C 200 -0.24 -46.39 26.00
C SER C 200 -0.71 -47.53 25.10
N ALA C 201 -0.16 -48.71 25.32
CA ALA C 201 -0.40 -49.88 24.49
C ALA C 201 -1.22 -50.91 25.24
N SER C 202 -1.45 -52.05 24.58
CA SER C 202 -2.19 -53.15 25.19
C SER C 202 -1.30 -53.88 26.19
N GLU C 203 -1.96 -54.62 27.10
CA GLU C 203 -1.24 -55.27 28.19
C GLU C 203 -0.26 -56.31 27.68
N ASP C 204 -0.68 -57.13 26.72
CA ASP C 204 0.22 -58.14 26.18
C ASP C 204 1.38 -57.50 25.42
N ASP C 205 1.11 -56.47 24.63
CA ASP C 205 2.17 -55.81 23.89
C ASP C 205 3.09 -55.01 24.81
N ALA C 206 2.53 -54.39 25.84
CA ALA C 206 3.36 -53.67 26.81
C ALA C 206 4.32 -54.62 27.51
N ALA C 207 3.90 -55.86 27.77
CA ALA C 207 4.81 -56.85 28.29
C ALA C 207 5.88 -57.22 27.26
N THR C 208 5.50 -57.27 25.99
CA THR C 208 6.45 -57.68 24.95
C THR C 208 7.59 -56.69 24.82
N VAL C 209 7.29 -55.38 24.81
CA VAL C 209 8.33 -54.38 24.67
C VAL C 209 9.21 -54.31 25.91
N TYR C 210 8.72 -54.78 27.06
CA TYR C 210 9.54 -54.79 28.26
C TYR C 210 10.74 -55.72 28.10
N ARG C 211 10.53 -56.89 27.47
CA ARG C 211 11.64 -57.79 27.22
C ARG C 211 12.64 -57.17 26.26
N ALA C 212 12.16 -56.48 25.24
CA ALA C 212 13.06 -55.81 24.30
C ALA C 212 13.76 -54.61 24.91
N ALA C 213 13.27 -54.11 26.04
CA ALA C 213 13.87 -52.96 26.72
C ALA C 213 14.88 -53.37 27.78
N ALA C 214 15.53 -54.52 27.63
CA ALA C 214 16.46 -55.02 28.63
C ALA C 214 17.87 -55.16 28.10
N MET C 215 18.06 -55.71 26.90
CA MET C 215 19.40 -55.95 26.38
C MET C 215 20.15 -54.66 26.10
N LEU C 216 19.46 -53.56 25.85
CA LEU C 216 20.09 -52.26 25.67
C LEU C 216 19.89 -51.35 26.88
N ASN C 217 19.40 -51.90 27.99
CA ASN C 217 19.27 -51.23 29.30
C ASN C 217 18.68 -49.82 29.17
N MET C 218 17.42 -49.77 28.73
CA MET C 218 16.63 -48.55 28.82
C MET C 218 15.90 -48.44 30.15
N THR C 219 16.04 -49.44 31.04
CA THR C 219 15.40 -49.43 32.34
C THR C 219 16.34 -48.98 33.45
N GLY C 220 17.51 -48.46 33.10
CA GLY C 220 18.47 -48.02 34.08
C GLY C 220 18.11 -46.65 34.67
N SER C 221 19.09 -46.07 35.35
CA SER C 221 18.90 -44.76 35.97
C SER C 221 18.77 -43.69 34.88
N GLY C 222 18.03 -42.63 35.21
CA GLY C 222 17.82 -41.54 34.31
C GLY C 222 16.60 -41.63 33.43
N TYR C 223 15.71 -42.59 33.69
CA TYR C 223 14.51 -42.79 32.89
C TYR C 223 13.28 -42.68 33.78
N VAL C 224 12.16 -42.30 33.16
CA VAL C 224 10.85 -42.32 33.80
C VAL C 224 9.84 -42.85 32.80
N TRP C 225 8.97 -43.76 33.25
CA TRP C 225 8.03 -44.44 32.40
C TRP C 225 6.60 -44.18 32.89
N LEU C 226 5.70 -43.91 31.95
CA LEU C 226 4.28 -43.77 32.23
C LEU C 226 3.55 -44.93 31.58
N VAL C 227 2.78 -45.67 32.38
CA VAL C 227 2.11 -46.89 31.94
C VAL C 227 0.62 -46.77 32.22
N GLY C 228 -0.19 -47.16 31.24
CA GLY C 228 -1.62 -47.13 31.43
C GLY C 228 -2.10 -48.16 32.44
N GLU C 229 -3.34 -47.97 32.91
CA GLU C 229 -3.89 -48.87 33.90
C GLU C 229 -4.06 -50.28 33.36
N ARG C 230 -4.50 -50.40 32.11
CA ARG C 230 -4.75 -51.72 31.53
C ARG C 230 -3.47 -52.52 31.37
N GLU C 231 -2.32 -51.85 31.25
CA GLU C 231 -1.05 -52.49 30.94
C GLU C 231 -0.15 -52.62 32.16
N ILE C 232 -0.73 -52.90 33.34
CA ILE C 232 0.08 -53.08 34.55
C ILE C 232 -0.10 -54.50 35.06
N SER C 233 -1.33 -54.87 35.39
CA SER C 233 -1.60 -56.19 35.95
C SER C 233 -1.45 -57.27 34.89
N GLY C 234 -1.11 -58.47 35.34
CA GLY C 234 -0.94 -59.60 34.44
C GLY C 234 0.48 -59.77 33.94
N ASN C 235 0.62 -60.18 32.68
CA ASN C 235 1.96 -60.38 32.11
C ASN C 235 2.74 -59.09 32.02
N ALA C 236 2.06 -57.94 31.95
CA ALA C 236 2.77 -56.67 31.88
C ALA C 236 3.54 -56.38 33.15
N LEU C 237 3.08 -56.90 34.29
CA LEU C 237 3.81 -56.72 35.54
C LEU C 237 5.17 -57.40 35.48
N ARG C 238 5.23 -58.59 34.87
CA ARG C 238 6.49 -59.30 34.73
C ARG C 238 7.42 -58.58 33.76
N TYR C 239 8.72 -58.66 34.05
CA TYR C 239 9.79 -58.09 33.24
C TYR C 239 9.68 -56.57 33.09
N ALA C 240 8.87 -55.92 33.92
CA ALA C 240 8.70 -54.48 33.86
C ALA C 240 9.81 -53.79 34.65
N PRO C 241 10.09 -52.52 34.33
CA PRO C 241 11.05 -51.76 35.14
C PRO C 241 10.55 -51.60 36.57
N ASP C 242 11.50 -51.49 37.50
CA ASP C 242 11.13 -51.35 38.91
C ASP C 242 10.37 -50.06 39.15
N GLY C 243 10.80 -48.97 38.53
CA GLY C 243 10.16 -47.68 38.74
C GLY C 243 9.05 -47.37 37.76
N ILE C 244 7.99 -48.17 37.77
CA ILE C 244 6.84 -47.93 36.93
C ILE C 244 5.91 -46.94 37.62
N LEU C 245 5.48 -45.92 36.89
CA LEU C 245 4.63 -44.86 37.42
C LEU C 245 3.21 -44.97 36.87
N GLY C 246 2.70 -46.19 36.76
CA GLY C 246 1.39 -46.43 36.21
C GLY C 246 0.29 -45.95 37.13
N LEU C 247 -0.95 -46.13 36.65
CA LEU C 247 -2.13 -45.66 37.36
C LEU C 247 -3.16 -46.79 37.43
N GLN C 248 -4.22 -46.55 38.20
CA GLN C 248 -5.33 -47.49 38.32
C GLN C 248 -6.60 -46.67 38.54
N LEU C 249 -7.65 -47.33 39.00
CA LEU C 249 -8.92 -46.66 39.29
C LEU C 249 -9.42 -47.12 40.66
N ILE C 250 -9.98 -46.17 41.42
CA ILE C 250 -10.50 -46.49 42.74
C ILE C 250 -11.69 -47.45 42.64
N ASN C 251 -12.57 -47.21 41.67
CA ASN C 251 -13.76 -48.04 41.47
C ASN C 251 -13.51 -49.22 40.55
N GLY C 252 -12.27 -49.68 40.44
CA GLY C 252 -11.96 -50.85 39.65
C GLY C 252 -12.67 -52.09 40.17
N LYS C 253 -13.36 -52.80 39.28
CA LYS C 253 -14.14 -53.99 39.65
C LYS C 253 -15.21 -53.67 40.69
N ASN C 254 -15.68 -52.42 40.71
CA ASN C 254 -16.75 -51.99 41.60
C ASN C 254 -18.00 -51.72 40.76
N GLU C 255 -19.07 -52.41 41.06
CA GLU C 255 -20.32 -52.30 40.29
C GLU C 255 -21.49 -51.80 41.13
N SER C 256 -21.63 -52.29 42.37
CA SER C 256 -22.76 -51.87 43.19
C SER C 256 -22.72 -50.37 43.47
N ALA C 257 -21.54 -49.84 43.78
CA ALA C 257 -21.41 -48.40 43.95
C ALA C 257 -21.71 -47.66 42.66
N HIS C 258 -21.23 -48.17 41.53
CA HIS C 258 -21.56 -47.58 40.25
C HIS C 258 -23.05 -47.73 39.94
N ILE C 259 -23.62 -48.90 40.24
CA ILE C 259 -25.05 -49.12 39.97
C ILE C 259 -25.91 -48.20 40.83
N SER C 260 -25.57 -48.08 42.12
CA SER C 260 -26.35 -47.23 43.01
C SER C 260 -26.29 -45.78 42.56
N ASP C 261 -25.11 -45.30 42.15
CA ASP C 261 -25.01 -43.98 41.55
C ASP C 261 -25.77 -43.92 40.23
N ALA C 262 -25.74 -45.01 39.46
CA ALA C 262 -26.48 -45.05 38.20
C ALA C 262 -27.98 -44.99 38.45
N VAL C 263 -28.52 -45.97 39.19
CA VAL C 263 -29.96 -46.02 39.44
C VAL C 263 -30.44 -44.76 40.16
N GLY C 264 -29.53 -44.03 40.81
CA GLY C 264 -29.90 -42.74 41.37
C GLY C 264 -30.27 -41.73 40.30
N VAL C 265 -29.74 -41.90 39.09
CA VAL C 265 -30.05 -40.98 37.99
C VAL C 265 -30.98 -41.60 36.95
N VAL C 266 -31.10 -42.94 36.89
CA VAL C 266 -32.09 -43.54 36.00
C VAL C 266 -33.50 -43.19 36.46
N ALA C 267 -33.78 -43.37 37.74
CA ALA C 267 -35.09 -43.02 38.27
C ALA C 267 -35.26 -41.52 38.46
N GLN C 268 -34.16 -40.77 38.52
CA GLN C 268 -34.25 -39.33 38.69
C GLN C 268 -34.77 -38.66 37.42
N ALA C 269 -34.20 -39.03 36.26
CA ALA C 269 -34.53 -38.33 35.02
C ALA C 269 -36.00 -38.50 34.65
N VAL C 270 -36.62 -39.61 35.08
CA VAL C 270 -38.03 -39.83 34.77
C VAL C 270 -38.92 -38.85 35.52
N HIS C 271 -38.46 -38.34 36.66
CA HIS C 271 -39.30 -37.47 37.47
C HIS C 271 -39.62 -36.16 36.76
N GLU C 272 -38.60 -35.45 36.26
CA GLU C 272 -38.85 -34.23 35.51
C GLU C 272 -39.35 -34.50 34.10
N LEU C 273 -39.35 -35.76 33.66
CA LEU C 273 -39.91 -36.08 32.36
C LEU C 273 -41.39 -35.73 32.29
N LEU C 274 -42.13 -35.98 33.38
CA LEU C 274 -43.59 -35.83 33.36
C LEU C 274 -43.97 -34.40 33.06
N GLU C 275 -44.47 -34.18 31.84
CA GLU C 275 -44.81 -32.85 31.35
C GLU C 275 -45.94 -32.99 30.34
N LYS C 276 -46.31 -31.86 29.72
CA LYS C 276 -47.35 -31.86 28.71
C LYS C 276 -46.86 -32.34 27.35
N GLU C 277 -45.56 -32.55 27.18
CA GLU C 277 -45.01 -32.98 25.90
C GLU C 277 -45.27 -34.48 25.69
N ASN C 278 -44.71 -35.01 24.60
CA ASN C 278 -44.88 -36.42 24.28
C ASN C 278 -44.09 -37.28 25.27
N ILE C 279 -44.78 -38.20 25.93
CA ILE C 279 -44.16 -39.01 26.98
C ILE C 279 -44.50 -40.48 26.69
N THR C 280 -44.73 -40.78 25.41
CA THR C 280 -45.15 -42.13 25.04
C THR C 280 -44.05 -43.15 25.35
N ASP C 281 -44.48 -44.38 25.61
CA ASP C 281 -43.56 -45.46 25.93
C ASP C 281 -42.77 -45.88 24.70
N PRO C 282 -41.64 -46.57 24.88
CA PRO C 282 -40.90 -47.07 23.73
C PRO C 282 -41.75 -48.03 22.92
N PRO C 283 -41.50 -48.13 21.62
CA PRO C 283 -42.34 -48.99 20.77
C PRO C 283 -42.34 -50.43 21.24
N ARG C 284 -43.52 -50.91 21.65
CA ARG C 284 -43.69 -52.26 22.14
C ARG C 284 -44.03 -53.21 20.99
N GLY C 285 -43.81 -54.49 21.22
CA GLY C 285 -44.01 -55.48 20.18
C GLY C 285 -42.73 -55.80 19.45
N CYS C 286 -42.69 -57.01 18.88
CA CYS C 286 -41.50 -57.48 18.20
C CYS C 286 -41.76 -58.12 16.84
N VAL C 287 -43.01 -58.45 16.52
CA VAL C 287 -43.31 -58.98 15.20
C VAL C 287 -43.07 -57.92 14.13
N GLY C 288 -43.53 -56.69 14.39
CA GLY C 288 -43.28 -55.58 13.50
C GLY C 288 -42.90 -54.32 14.24
N ASN C 289 -41.72 -53.77 13.94
CA ASN C 289 -41.26 -52.55 14.59
C ASN C 289 -40.25 -51.86 13.70
N THR C 290 -40.59 -50.67 13.21
CA THR C 290 -39.71 -49.88 12.37
C THR C 290 -39.61 -48.46 12.90
N ASN C 291 -40.68 -47.98 13.52
CA ASN C 291 -40.77 -46.59 13.94
C ASN C 291 -39.82 -46.30 15.09
N ILE C 292 -39.59 -45.01 15.32
CA ILE C 292 -38.73 -44.52 16.39
C ILE C 292 -39.56 -43.64 17.31
N TRP C 293 -39.51 -43.93 18.61
CA TRP C 293 -40.24 -43.11 19.56
C TRP C 293 -39.58 -41.73 19.67
N LYS C 294 -40.40 -40.68 19.63
CA LYS C 294 -39.88 -39.32 19.56
C LYS C 294 -39.43 -38.77 20.91
N THR C 295 -39.68 -39.48 22.00
CA THR C 295 -39.30 -39.01 23.32
C THR C 295 -37.92 -39.49 23.74
N GLY C 296 -37.21 -40.21 22.88
CA GLY C 296 -35.89 -40.71 23.19
C GLY C 296 -34.87 -39.60 23.37
N PRO C 297 -34.56 -38.90 22.28
CA PRO C 297 -33.63 -37.75 22.39
C PRO C 297 -34.14 -36.63 23.27
N LEU C 298 -35.45 -36.56 23.49
CA LEU C 298 -36.00 -35.48 24.32
C LEU C 298 -35.48 -35.55 25.75
N PHE C 299 -35.46 -36.74 26.34
CA PHE C 299 -35.01 -36.92 27.71
C PHE C 299 -33.56 -37.40 27.81
N LYS C 300 -32.91 -37.68 26.68
CA LYS C 300 -31.50 -38.06 26.72
C LYS C 300 -30.63 -36.92 27.23
N ARG C 301 -30.89 -35.69 26.77
CA ARG C 301 -30.12 -34.55 27.24
C ARG C 301 -30.36 -34.27 28.72
N VAL C 302 -31.58 -34.52 29.20
CA VAL C 302 -31.87 -34.33 30.63
C VAL C 302 -31.01 -35.27 31.47
N LEU C 303 -30.88 -36.52 31.03
CA LEU C 303 -30.02 -37.47 31.73
C LEU C 303 -28.57 -37.02 31.70
N MET C 304 -28.11 -36.55 30.54
CA MET C 304 -26.74 -36.06 30.41
C MET C 304 -26.52 -34.82 31.28
N SER C 305 -27.50 -33.91 31.28
CA SER C 305 -27.39 -32.67 32.05
C SER C 305 -27.78 -32.84 33.51
N SER C 306 -28.23 -34.03 33.91
CA SER C 306 -28.63 -34.25 35.30
C SER C 306 -27.41 -34.20 36.21
N LYS C 307 -27.53 -33.47 37.32
CA LYS C 307 -26.46 -33.36 38.29
C LYS C 307 -26.77 -34.27 39.47
N TYR C 308 -25.83 -35.16 39.80
CA TYR C 308 -25.99 -36.12 40.88
C TYR C 308 -24.80 -35.98 41.83
N ALA C 309 -25.01 -35.30 42.94
CA ALA C 309 -23.96 -35.09 43.94
C ALA C 309 -23.98 -36.18 45.01
N ASP C 310 -23.93 -37.43 44.57
CA ASP C 310 -23.94 -38.56 45.49
C ASP C 310 -22.98 -39.62 44.98
N GLY C 311 -22.54 -40.49 45.89
CA GLY C 311 -21.66 -41.58 45.54
C GLY C 311 -20.21 -41.26 45.88
N VAL C 312 -19.32 -41.45 44.91
CA VAL C 312 -17.89 -41.20 45.09
C VAL C 312 -17.67 -39.71 44.94
N THR C 313 -17.64 -39.00 46.06
CA THR C 313 -17.46 -37.54 46.14
C THR C 313 -18.53 -36.78 45.39
N GLY C 314 -19.62 -37.44 44.98
CA GLY C 314 -20.69 -36.77 44.25
C GLY C 314 -20.23 -36.14 42.96
N ARG C 315 -19.36 -36.81 42.21
CA ARG C 315 -18.77 -36.27 41.00
C ARG C 315 -19.07 -37.14 39.80
N VAL C 316 -20.30 -37.61 39.69
CA VAL C 316 -20.74 -38.37 38.50
C VAL C 316 -21.30 -37.34 37.53
N GLU C 317 -20.39 -36.73 36.77
CA GLU C 317 -20.74 -35.73 35.77
C GLU C 317 -20.57 -36.32 34.37
N PHE C 318 -21.36 -35.80 33.44
CA PHE C 318 -21.37 -36.29 32.06
C PHE C 318 -21.04 -35.15 31.11
N ASN C 319 -20.12 -35.41 30.18
CA ASN C 319 -19.81 -34.49 29.11
C ASN C 319 -20.73 -34.78 27.92
N GLU C 320 -20.40 -34.22 26.74
CA GLU C 320 -21.18 -34.53 25.55
C GLU C 320 -21.18 -36.03 25.27
N ASP C 321 -20.09 -36.71 25.59
CA ASP C 321 -20.05 -38.17 25.62
C ASP C 321 -20.34 -38.65 27.04
N GLY C 322 -20.68 -39.93 27.15
CA GLY C 322 -20.96 -40.48 28.46
C GLY C 322 -19.70 -40.95 29.15
N ASP C 323 -19.13 -40.09 30.00
CA ASP C 323 -17.91 -40.39 30.72
C ASP C 323 -17.94 -39.66 32.05
N ARG C 324 -17.41 -40.30 33.08
CA ARG C 324 -17.29 -39.65 34.38
C ARG C 324 -16.29 -38.51 34.30
N LYS C 325 -16.58 -37.41 35.00
CA LYS C 325 -15.74 -36.23 35.00
C LYS C 325 -15.13 -36.03 36.39
N PHE C 326 -13.88 -35.57 36.41
CA PHE C 326 -13.14 -35.33 37.64
C PHE C 326 -13.02 -36.59 38.49
N ALA C 327 -12.95 -37.75 37.85
CA ALA C 327 -12.81 -39.01 38.56
C ALA C 327 -11.43 -39.12 39.19
N ASN C 328 -11.35 -39.84 40.30
CA ASN C 328 -10.10 -40.04 41.02
C ASN C 328 -9.40 -41.27 40.46
N TYR C 329 -8.26 -41.07 39.81
CA TYR C 329 -7.49 -42.19 39.29
C TYR C 329 -6.42 -42.65 40.28
N SER C 330 -5.79 -41.73 41.00
CA SER C 330 -4.85 -42.05 42.08
C SER C 330 -3.71 -42.93 41.57
N ILE C 331 -2.88 -42.31 40.70
CA ILE C 331 -1.81 -43.02 40.03
C ILE C 331 -1.00 -43.87 41.00
N MET C 332 -0.65 -45.08 40.57
CA MET C 332 0.11 -46.03 41.37
C MET C 332 1.60 -45.74 41.26
N ASN C 333 2.40 -46.63 41.85
CA ASN C 333 3.86 -46.57 41.75
C ASN C 333 4.40 -47.96 42.07
N LEU C 334 5.09 -48.57 41.13
CA LEU C 334 5.66 -49.89 41.36
C LEU C 334 6.89 -49.77 42.23
N GLN C 335 6.98 -50.63 43.26
CA GLN C 335 8.11 -50.64 44.19
C GLN C 335 8.43 -52.09 44.51
N ASN C 336 9.40 -52.66 43.78
CA ASN C 336 9.84 -54.04 43.96
C ASN C 336 8.68 -55.02 43.75
N ARG C 337 8.18 -55.05 42.53
CA ARG C 337 7.16 -56.00 42.08
C ARG C 337 5.86 -55.87 42.88
N LYS C 338 5.55 -54.66 43.33
CA LYS C 338 4.26 -54.40 43.95
C LYS C 338 3.96 -52.91 43.83
N LEU C 339 2.66 -52.59 43.79
CA LEU C 339 2.22 -51.22 43.58
C LEU C 339 1.97 -50.53 44.91
N VAL C 340 2.30 -49.24 44.97
CA VAL C 340 2.03 -48.40 46.14
C VAL C 340 1.28 -47.16 45.69
N GLN C 341 0.58 -46.54 46.63
CA GLN C 341 -0.21 -45.35 46.35
C GLN C 341 0.61 -44.11 46.62
N VAL C 342 0.63 -43.18 45.66
CA VAL C 342 1.42 -41.97 45.79
C VAL C 342 0.64 -40.69 45.57
N GLY C 343 -0.50 -40.70 44.88
CA GLY C 343 -1.21 -39.48 44.62
C GLY C 343 -2.67 -39.73 44.30
N ILE C 344 -3.34 -38.67 43.84
CA ILE C 344 -4.74 -38.74 43.47
C ILE C 344 -5.05 -37.56 42.56
N TYR C 345 -6.13 -37.68 41.78
CA TYR C 345 -6.57 -36.62 40.88
C TYR C 345 -7.99 -36.21 41.22
N ASN C 346 -8.19 -34.92 41.42
CA ASN C 346 -9.50 -34.37 41.76
C ASN C 346 -9.78 -33.12 40.92
N GLY C 347 -9.53 -33.23 39.62
CA GLY C 347 -9.54 -32.09 38.72
C GLY C 347 -8.17 -31.48 38.62
N THR C 348 -7.48 -31.37 39.75
CA THR C 348 -6.07 -31.01 39.80
C THR C 348 -5.33 -32.11 40.56
N HIS C 349 -4.22 -32.58 40.01
CA HIS C 349 -3.52 -33.70 40.61
C HIS C 349 -3.02 -33.34 42.00
N VAL C 350 -3.25 -34.24 42.95
CA VAL C 350 -2.79 -34.09 44.33
C VAL C 350 -1.73 -35.14 44.57
N ILE C 351 -0.57 -34.72 45.08
CA ILE C 351 0.57 -35.62 45.25
C ILE C 351 0.99 -35.60 46.72
N PRO C 352 0.35 -36.38 47.58
CA PRO C 352 0.81 -36.49 48.96
C PRO C 352 2.13 -37.23 49.04
N ASN C 353 2.86 -36.98 50.14
CA ASN C 353 4.16 -37.62 50.32
C ASN C 353 4.02 -39.13 50.42
N ASP C 354 3.15 -39.59 51.32
CA ASP C 354 2.87 -41.02 51.51
C ASP C 354 4.16 -41.82 51.68
N ARG C 355 4.64 -42.43 50.61
CA ARG C 355 5.87 -43.20 50.61
C ARG C 355 6.72 -42.76 49.42
N LYS C 356 8.03 -42.99 49.53
CA LYS C 356 8.98 -42.56 48.51
C LYS C 356 8.55 -42.99 47.12
N ILE C 357 8.97 -42.23 46.12
CA ILE C 357 8.69 -42.51 44.71
C ILE C 357 10.00 -42.95 44.07
N ILE C 358 10.00 -44.15 43.51
CA ILE C 358 11.20 -44.73 42.93
C ILE C 358 11.14 -44.56 41.41
N TRP C 359 12.30 -44.68 40.78
CA TRP C 359 12.49 -44.56 39.35
C TRP C 359 13.25 -45.76 38.84
N PRO C 360 13.16 -46.06 37.54
CA PRO C 360 13.93 -47.18 36.99
C PRO C 360 15.42 -47.00 37.26
N GLY C 361 16.08 -48.11 37.57
CA GLY C 361 17.46 -48.09 38.01
C GLY C 361 17.63 -48.00 39.51
N GLY C 362 16.56 -47.85 40.28
CA GLY C 362 16.62 -47.78 41.71
C GLY C 362 16.79 -46.39 42.28
N GLU C 363 16.99 -45.38 41.44
CA GLU C 363 17.17 -44.02 41.93
C GLU C 363 15.86 -43.45 42.45
N THR C 364 15.97 -42.54 43.42
CA THR C 364 14.81 -41.87 44.01
C THR C 364 14.63 -40.44 43.54
N GLU C 365 15.71 -39.72 43.27
CA GLU C 365 15.61 -38.36 42.77
C GLU C 365 15.12 -38.36 41.34
N LYS C 366 14.16 -37.48 41.04
CA LYS C 366 13.61 -37.41 39.69
C LYS C 366 14.67 -36.91 38.73
N PRO C 367 14.96 -37.64 37.65
CA PRO C 367 16.03 -37.23 36.74
C PRO C 367 15.51 -36.33 35.62
N ARG C 368 16.37 -35.38 35.23
CA ARG C 368 16.07 -34.55 34.07
C ARG C 368 16.25 -35.38 32.80
N GLY C 369 15.16 -35.55 32.06
CA GLY C 369 15.17 -36.48 30.93
C GLY C 369 15.96 -36.01 29.73
N TYR C 370 16.35 -34.73 29.68
CA TYR C 370 17.06 -34.24 28.52
C TYR C 370 18.44 -34.88 28.38
N GLN C 371 19.28 -34.71 29.40
CA GLN C 371 20.66 -35.20 29.43
C GLN C 371 21.51 -34.66 28.27
N MET C 372 20.98 -33.69 27.52
CA MET C 372 21.70 -32.99 26.45
C MET C 372 22.13 -33.94 25.33
N SER C 373 22.83 -33.40 24.34
CA SER C 373 23.39 -34.21 23.26
C SER C 373 24.61 -33.45 22.72
N THR C 374 25.80 -33.86 23.16
CA THR C 374 27.02 -33.16 22.75
C THR C 374 27.22 -33.26 21.24
N ARG C 375 26.99 -34.44 20.67
CA ARG C 375 27.10 -34.60 19.23
C ARG C 375 26.01 -33.79 18.55
N LEU C 376 26.38 -33.07 17.49
CA LEU C 376 25.44 -32.25 16.75
C LEU C 376 25.63 -32.48 15.25
N LYS C 377 24.54 -32.34 14.52
CA LYS C 377 24.53 -32.58 13.08
C LYS C 377 24.53 -31.23 12.35
N ILE C 378 25.28 -31.16 11.27
CA ILE C 378 25.59 -29.89 10.61
C ILE C 378 25.44 -30.05 9.10
N VAL C 379 24.81 -29.07 8.47
CA VAL C 379 24.59 -29.07 7.02
C VAL C 379 25.24 -27.82 6.44
N THR C 380 26.08 -28.01 5.42
CA THR C 380 26.63 -26.90 4.65
C THR C 380 26.41 -27.15 3.17
N ILE C 381 27.02 -26.32 2.32
CA ILE C 381 26.96 -26.49 0.88
C ILE C 381 28.21 -25.87 0.25
N HIS C 382 28.47 -26.24 -0.99
CA HIS C 382 29.62 -25.69 -1.70
C HIS C 382 29.39 -24.21 -1.99
N GLN C 383 30.35 -23.38 -1.58
CA GLN C 383 30.28 -21.93 -1.80
C GLN C 383 31.72 -21.44 -1.80
N GLU C 384 32.28 -21.19 -2.98
CA GLU C 384 33.71 -21.09 -3.20
C GLU C 384 34.42 -20.20 -2.17
N PRO C 385 34.06 -18.93 -2.01
CA PRO C 385 34.77 -18.10 -1.01
C PRO C 385 34.62 -18.62 0.41
N PHE C 386 33.48 -19.21 0.75
CA PHE C 386 33.17 -19.56 2.13
C PHE C 386 33.52 -21.01 2.45
N VAL C 387 32.91 -21.95 1.74
CA VAL C 387 33.04 -23.37 2.06
C VAL C 387 33.56 -24.06 0.79
N TYR C 388 34.90 -24.13 0.67
CA TYR C 388 35.48 -24.90 -0.41
C TYR C 388 35.14 -26.38 -0.23
N VAL C 389 35.25 -27.12 -1.32
CA VAL C 389 35.08 -28.58 -1.29
C VAL C 389 36.20 -29.19 -2.10
N LYS C 390 36.90 -30.15 -1.51
CA LYS C 390 37.97 -30.85 -2.20
C LYS C 390 37.78 -32.36 -2.01
N PRO C 391 38.14 -33.16 -3.01
CA PRO C 391 38.13 -34.61 -2.82
C PRO C 391 39.17 -35.02 -1.79
N THR C 392 38.83 -36.04 -1.00
CA THR C 392 39.74 -36.51 0.03
C THR C 392 40.93 -37.23 -0.61
N LEU C 393 42.09 -37.09 0.03
CA LEU C 393 43.32 -37.71 -0.46
C LEU C 393 43.36 -39.17 -0.04
N SER C 394 44.52 -39.80 -0.20
CA SER C 394 44.69 -41.19 0.18
C SER C 394 44.54 -41.36 1.69
N ASP C 395 44.23 -42.58 2.10
CA ASP C 395 43.97 -42.99 3.48
C ASP C 395 42.67 -42.42 4.03
N GLY C 396 41.86 -41.76 3.20
CA GLY C 396 40.61 -41.18 3.65
C GLY C 396 40.77 -40.03 4.62
N THR C 397 41.76 -39.17 4.40
CA THR C 397 42.01 -38.03 5.27
C THR C 397 42.25 -36.79 4.43
N CYS C 398 41.99 -35.62 5.02
CA CYS C 398 42.18 -34.36 4.33
C CYS C 398 43.67 -34.09 4.14
N LYS C 399 44.02 -33.57 2.96
CA LYS C 399 45.40 -33.25 2.65
C LYS C 399 45.88 -32.10 3.52
N GLU C 400 47.20 -32.08 3.76
CA GLU C 400 47.80 -31.02 4.56
C GLU C 400 48.07 -29.80 3.69
N GLU C 401 47.62 -28.64 4.15
CA GLU C 401 47.78 -27.40 3.42
C GLU C 401 48.10 -26.27 4.38
N PHE C 402 48.72 -25.22 3.86
CA PHE C 402 49.13 -24.06 4.64
C PHE C 402 48.51 -22.81 4.05
N THR C 403 48.30 -21.81 4.91
CA THR C 403 47.70 -20.55 4.48
C THR C 403 48.81 -19.59 4.04
N VAL C 404 48.45 -18.34 3.76
CA VAL C 404 49.43 -17.35 3.33
C VAL C 404 50.43 -17.05 4.44
N ASN C 405 49.98 -17.06 5.69
CA ASN C 405 50.84 -16.77 6.83
C ASN C 405 51.54 -18.01 7.37
N GLY C 406 51.35 -19.17 6.76
CA GLY C 406 51.95 -20.40 7.22
C GLY C 406 51.14 -21.18 8.23
N ASP C 407 50.03 -20.62 8.70
CA ASP C 407 49.16 -21.36 9.60
C ASP C 407 48.46 -22.49 8.84
N PRO C 408 48.11 -23.57 9.53
CA PRO C 408 47.38 -24.66 8.86
C PRO C 408 45.93 -24.28 8.64
N VAL C 409 45.44 -24.49 7.43
CA VAL C 409 44.03 -24.30 7.13
C VAL C 409 43.27 -25.52 7.67
N LYS C 410 42.45 -25.30 8.69
CA LYS C 410 41.79 -26.40 9.34
C LYS C 410 40.69 -26.97 8.45
N LYS C 411 40.63 -28.30 8.40
CA LYS C 411 39.76 -29.02 7.47
C LYS C 411 38.84 -29.94 8.26
N VAL C 412 37.68 -30.23 7.66
CA VAL C 412 36.72 -31.16 8.24
C VAL C 412 36.36 -32.19 7.19
N ILE C 413 35.88 -33.35 7.66
CA ILE C 413 35.58 -34.48 6.80
C ILE C 413 34.06 -34.45 6.54
N CYS C 414 33.67 -33.77 5.47
CA CYS C 414 32.27 -33.73 5.07
C CYS C 414 31.88 -35.06 4.43
N THR C 415 30.67 -35.52 4.74
CA THR C 415 30.15 -36.79 4.23
C THR C 415 28.93 -36.48 3.39
N GLY C 416 29.15 -36.23 2.10
CA GLY C 416 28.09 -35.86 1.20
C GLY C 416 28.27 -36.42 -0.20
N PRO C 417 27.35 -36.09 -1.10
CA PRO C 417 27.44 -36.60 -2.47
C PRO C 417 28.64 -36.06 -3.21
N ASN C 418 29.14 -36.87 -4.15
CA ASN C 418 30.21 -36.47 -5.06
C ASN C 418 29.69 -36.54 -6.49
N ASP C 419 30.21 -35.65 -7.33
CA ASP C 419 29.76 -35.47 -8.72
C ASP C 419 28.24 -35.58 -8.80
N THR C 420 27.58 -34.67 -8.10
CA THR C 420 26.15 -34.77 -7.82
C THR C 420 25.34 -35.06 -9.08
N SER C 421 25.34 -34.13 -10.03
CA SER C 421 24.53 -34.23 -11.24
C SER C 421 23.10 -34.61 -10.87
N PRO C 422 22.33 -33.69 -10.29
CA PRO C 422 21.01 -34.06 -9.76
C PRO C 422 20.11 -34.68 -10.83
N GLY C 423 19.36 -35.69 -10.42
CA GLY C 423 18.58 -36.52 -11.33
C GLY C 423 19.20 -37.85 -11.66
N SER C 424 20.36 -38.17 -11.10
CA SER C 424 21.05 -39.43 -11.31
C SER C 424 21.45 -40.02 -9.98
N PRO C 425 21.51 -41.35 -9.88
CA PRO C 425 21.88 -41.98 -8.60
C PRO C 425 23.30 -41.62 -8.20
N ARG C 426 23.50 -41.44 -6.89
CA ARG C 426 24.80 -41.10 -6.33
C ARG C 426 25.01 -41.94 -5.08
N HIS C 427 26.05 -41.62 -4.32
CA HIS C 427 26.32 -42.30 -3.06
C HIS C 427 27.09 -41.36 -2.14
N THR C 428 26.99 -41.64 -0.85
CA THR C 428 27.70 -40.85 0.15
C THR C 428 29.18 -41.20 0.17
N VAL C 429 30.03 -40.20 0.37
CA VAL C 429 31.47 -40.36 0.31
C VAL C 429 32.13 -39.25 1.13
N PRO C 430 33.16 -39.55 1.91
CA PRO C 430 33.86 -38.48 2.64
C PRO C 430 34.47 -37.47 1.67
N GLN C 431 34.41 -36.20 2.06
CA GLN C 431 34.93 -35.11 1.26
C GLN C 431 35.60 -34.10 2.16
N CYS C 432 36.53 -33.33 1.59
CA CYS C 432 37.32 -32.38 2.33
C CYS C 432 36.74 -30.97 2.15
N CYS C 433 36.41 -30.32 3.26
CA CYS C 433 35.88 -28.96 3.25
C CYS C 433 36.79 -28.06 4.06
N TYR C 434 36.87 -26.79 3.65
CA TYR C 434 37.63 -25.80 4.39
C TYR C 434 37.20 -24.42 3.90
N GLY C 435 37.54 -23.41 4.69
CA GLY C 435 37.29 -22.04 4.29
C GLY C 435 36.65 -21.24 5.41
N PHE C 436 36.06 -20.10 5.01
CA PHE C 436 35.50 -19.15 5.97
C PHE C 436 34.46 -19.81 6.87
N CYS C 437 33.33 -20.20 6.30
CA CYS C 437 32.22 -20.69 7.10
C CYS C 437 32.53 -22.00 7.81
N ILE C 438 33.74 -22.53 7.68
CA ILE C 438 34.13 -23.70 8.45
C ILE C 438 35.13 -23.35 9.55
N ASP C 439 35.88 -22.25 9.42
CA ASP C 439 36.70 -21.79 10.52
C ASP C 439 35.83 -21.18 11.62
N LEU C 440 34.87 -20.36 11.21
CA LEU C 440 33.90 -19.82 12.17
C LEU C 440 33.14 -20.94 12.87
N LEU C 441 32.94 -22.07 12.18
CA LEU C 441 32.35 -23.23 12.83
C LEU C 441 33.29 -23.81 13.88
N ILE C 442 34.57 -23.89 13.57
CA ILE C 442 35.53 -24.48 14.51
C ILE C 442 35.64 -23.64 15.77
N LYS C 443 35.73 -22.32 15.63
CA LYS C 443 35.73 -21.44 16.80
C LYS C 443 34.43 -21.57 17.59
N LEU C 444 33.32 -21.87 16.91
CA LEU C 444 32.07 -22.09 17.62
C LEU C 444 32.15 -23.33 18.51
N ALA C 445 32.73 -24.42 17.99
CA ALA C 445 32.85 -25.63 18.78
C ALA C 445 33.84 -25.48 19.93
N ARG C 446 34.73 -24.49 19.86
CA ARG C 446 35.71 -24.26 20.92
C ARG C 446 35.11 -23.50 22.10
N THR C 447 33.90 -22.98 21.97
CA THR C 447 33.27 -22.17 23.01
C THR C 447 32.18 -22.90 23.76
N MET C 448 31.23 -23.52 23.05
CA MET C 448 30.13 -24.24 23.66
C MET C 448 30.48 -25.69 24.02
N ASN C 449 31.67 -26.15 23.67
CA ASN C 449 32.15 -27.49 24.03
C ASN C 449 31.18 -28.57 23.55
N PHE C 450 30.97 -28.59 22.24
CA PHE C 450 30.13 -29.60 21.60
C PHE C 450 30.83 -30.11 20.35
N THR C 451 30.55 -31.36 20.00
CA THR C 451 31.14 -32.00 18.85
C THR C 451 30.20 -31.94 17.66
N TYR C 452 30.72 -32.36 16.50
CA TYR C 452 29.99 -32.20 15.25
C TYR C 452 30.50 -33.20 14.24
N GLU C 453 29.70 -33.40 13.19
CA GLU C 453 30.13 -34.18 12.02
C GLU C 453 29.44 -33.59 10.80
N VAL C 454 30.16 -32.73 10.09
CA VAL C 454 29.58 -32.00 8.98
C VAL C 454 29.25 -32.96 7.84
N HIS C 455 28.00 -32.92 7.38
CA HIS C 455 27.61 -33.65 6.19
C HIS C 455 26.94 -32.68 5.22
N LEU C 456 27.37 -32.70 3.97
CA LEU C 456 26.84 -31.77 2.99
C LEU C 456 25.36 -32.06 2.71
N VAL C 457 24.69 -31.07 2.13
CA VAL C 457 23.26 -31.23 1.82
C VAL C 457 23.09 -32.24 0.70
N ALA C 458 21.91 -32.86 0.66
CA ALA C 458 21.69 -33.96 -0.27
C ALA C 458 21.36 -33.45 -1.68
N ASP C 459 20.25 -32.72 -1.82
CA ASP C 459 19.81 -32.31 -3.15
C ASP C 459 20.74 -31.28 -3.76
N GLY C 460 21.19 -30.30 -2.98
CA GLY C 460 22.07 -29.27 -3.47
C GLY C 460 21.47 -27.88 -3.56
N LYS C 461 20.28 -27.67 -3.03
CA LYS C 461 19.62 -26.37 -3.07
C LYS C 461 19.55 -25.78 -1.67
N PHE C 462 19.63 -24.45 -1.60
CA PHE C 462 19.66 -23.78 -0.31
C PHE C 462 18.37 -24.02 0.47
N GLY C 463 17.22 -23.94 -0.21
CA GLY C 463 15.95 -24.17 0.46
C GLY C 463 14.89 -23.15 0.11
N THR C 464 13.68 -23.63 -0.17
CA THR C 464 12.57 -22.74 -0.50
C THR C 464 11.28 -23.52 -0.31
N GLN C 465 10.39 -23.00 0.54
CA GLN C 465 9.13 -23.67 0.84
C GLN C 465 8.25 -23.67 -0.40
N GLU C 466 8.05 -24.83 -1.00
CA GLU C 466 7.24 -24.98 -2.20
C GLU C 466 6.19 -26.05 -1.97
N ARG C 467 5.08 -25.92 -2.70
CA ARG C 467 3.97 -26.85 -2.56
C ARG C 467 4.23 -28.10 -3.38
N VAL C 468 4.08 -29.26 -2.74
CA VAL C 468 4.29 -30.54 -3.41
C VAL C 468 3.14 -30.79 -4.38
N ASN C 469 3.29 -31.81 -5.23
CA ASN C 469 2.23 -32.15 -6.17
C ASN C 469 0.95 -32.57 -5.47
N ASN C 470 1.03 -33.03 -4.22
CA ASN C 470 -0.13 -33.43 -3.43
C ASN C 470 -0.85 -32.18 -2.96
N SER C 471 -1.78 -31.69 -3.79
CA SER C 471 -2.58 -30.50 -3.50
C SER C 471 -1.63 -29.33 -3.27
N ASN C 472 -1.65 -28.67 -2.12
CA ASN C 472 -0.77 -27.55 -1.83
C ASN C 472 -0.12 -27.71 -0.46
N LYS C 473 0.21 -28.94 -0.09
CA LYS C 473 0.92 -29.18 1.15
C LYS C 473 2.37 -28.75 1.00
N LYS C 474 2.67 -27.50 1.38
CA LYS C 474 4.00 -26.96 1.16
C LYS C 474 5.03 -27.67 2.04
N GLU C 475 6.19 -27.94 1.44
CA GLU C 475 7.23 -28.70 2.12
C GLU C 475 8.56 -28.08 1.70
N TRP C 476 9.46 -27.91 2.66
CA TRP C 476 10.76 -27.28 2.41
C TRP C 476 11.66 -28.25 1.62
N ASN C 477 12.91 -27.83 1.41
CA ASN C 477 13.86 -28.62 0.65
C ASN C 477 15.27 -28.18 1.04
N GLY C 478 16.24 -29.02 0.67
CA GLY C 478 17.62 -28.64 0.94
C GLY C 478 17.93 -28.62 2.42
N MET C 479 18.64 -27.57 2.84
CA MET C 479 19.03 -27.44 4.25
C MET C 479 17.81 -27.34 5.15
N MET C 480 16.83 -26.52 4.77
CA MET C 480 15.66 -26.31 5.62
C MET C 480 14.90 -27.61 5.82
N GLY C 481 14.74 -28.40 4.76
CA GLY C 481 14.16 -29.71 4.92
C GLY C 481 14.99 -30.60 5.83
N GLU C 482 16.31 -30.52 5.71
CA GLU C 482 17.18 -31.34 6.55
C GLU C 482 17.15 -30.91 8.00
N LEU C 483 16.84 -29.64 8.27
CA LEU C 483 16.83 -29.13 9.64
C LEU C 483 15.48 -29.35 10.31
N LEU C 484 14.39 -29.05 9.61
CA LEU C 484 13.06 -29.23 10.21
C LEU C 484 12.76 -30.70 10.45
N SER C 485 13.19 -31.57 9.53
CA SER C 485 12.90 -33.00 9.67
C SER C 485 13.58 -33.57 10.92
N GLY C 486 14.81 -33.16 11.19
CA GLY C 486 15.56 -33.64 12.33
C GLY C 486 16.90 -34.25 12.00
N GLN C 487 17.21 -34.49 10.73
CA GLN C 487 18.53 -35.01 10.37
C GLN C 487 19.62 -33.99 10.70
N ALA C 488 19.36 -32.71 10.47
CA ALA C 488 20.30 -31.65 10.78
C ALA C 488 19.87 -30.92 12.05
N ASP C 489 20.82 -30.24 12.67
CA ASP C 489 20.54 -29.52 13.91
C ASP C 489 20.97 -28.06 13.80
N MET C 490 22.08 -27.81 13.12
CA MET C 490 22.59 -26.46 12.93
C MET C 490 23.06 -26.29 11.50
N ILE C 491 22.66 -25.18 10.88
CA ILE C 491 23.04 -24.89 9.51
C ILE C 491 24.09 -23.79 9.49
N VAL C 492 25.36 -24.17 9.49
CA VAL C 492 26.46 -23.22 9.43
C VAL C 492 26.90 -23.15 7.97
N ALA C 493 26.28 -22.24 7.22
CA ALA C 493 26.58 -22.03 5.82
C ALA C 493 26.00 -20.69 5.41
N PRO C 494 26.50 -20.08 4.33
CA PRO C 494 25.88 -18.84 3.85
C PRO C 494 24.40 -19.04 3.59
N LEU C 495 23.55 -18.38 4.39
CA LEU C 495 22.12 -18.65 4.38
C LEU C 495 21.41 -17.34 4.72
N THR C 496 20.98 -16.61 3.69
CA THR C 496 20.26 -15.36 3.91
C THR C 496 18.96 -15.64 4.67
N ILE C 497 18.67 -14.79 5.64
CA ILE C 497 17.52 -14.97 6.51
C ILE C 497 16.36 -14.12 6.00
N ASN C 498 15.14 -14.61 6.22
CA ASN C 498 13.93 -13.93 5.77
C ASN C 498 12.76 -14.51 6.54
N ASN C 499 11.57 -13.92 6.32
CA ASN C 499 10.38 -14.27 7.09
C ASN C 499 10.01 -15.73 6.90
N GLU C 500 9.97 -16.18 5.65
CA GLU C 500 9.56 -17.55 5.35
C GLU C 500 10.44 -18.57 6.07
N ARG C 501 11.70 -18.25 6.27
CA ARG C 501 12.61 -19.13 6.99
C ARG C 501 12.63 -18.85 8.48
N ALA C 502 12.36 -17.60 8.88
CA ALA C 502 12.40 -17.24 10.30
C ALA C 502 11.21 -17.76 11.08
N GLN C 503 10.10 -18.07 10.40
CA GLN C 503 8.91 -18.51 11.12
C GLN C 503 9.09 -19.90 11.72
N TYR C 504 9.82 -20.78 11.03
CA TYR C 504 9.97 -22.16 11.48
C TYR C 504 11.24 -22.43 12.27
N ILE C 505 12.29 -21.62 12.08
CA ILE C 505 13.54 -21.81 12.79
C ILE C 505 14.01 -20.48 13.37
N GLU C 506 14.87 -20.57 14.37
CA GLU C 506 15.62 -19.43 14.86
C GLU C 506 16.91 -19.27 14.05
N PHE C 507 17.43 -18.05 14.01
CA PHE C 507 18.48 -17.71 13.07
C PHE C 507 19.75 -17.13 13.66
N SER C 508 19.70 -16.59 14.88
CA SER C 508 20.85 -15.94 15.51
C SER C 508 21.34 -14.74 14.71
N LYS C 509 22.27 -13.99 15.27
CA LYS C 509 22.71 -12.76 14.62
C LYS C 509 23.60 -13.07 13.43
N PRO C 510 23.58 -12.22 12.40
CA PRO C 510 24.42 -12.45 11.22
C PRO C 510 25.90 -12.31 11.54
N PHE C 511 26.71 -13.08 10.81
CA PHE C 511 28.16 -13.04 10.96
C PHE C 511 28.86 -12.33 9.82
N LYS C 512 28.13 -11.75 8.88
CA LYS C 512 28.70 -10.95 7.81
C LYS C 512 27.58 -10.24 7.08
N TYR C 513 27.80 -8.99 6.71
CA TYR C 513 26.79 -8.16 6.07
C TYR C 513 27.14 -7.96 4.60
N GLN C 514 26.19 -8.29 3.73
CA GLN C 514 26.42 -8.20 2.30
C GLN C 514 25.08 -8.06 1.60
N GLY C 515 25.13 -7.65 0.34
CA GLY C 515 23.93 -7.50 -0.46
C GLY C 515 23.98 -8.29 -1.74
N LEU C 516 23.22 -7.86 -2.75
CA LEU C 516 23.17 -8.52 -4.04
C LEU C 516 23.64 -7.54 -5.11
N THR C 517 24.59 -7.98 -5.93
CA THR C 517 25.10 -7.13 -7.00
C THR C 517 25.01 -7.84 -8.35
N ILE C 518 25.63 -7.24 -9.37
CA ILE C 518 25.57 -7.73 -10.73
C ILE C 518 26.99 -8.07 -11.18
N LEU C 519 27.17 -9.29 -11.68
CA LEU C 519 28.46 -9.75 -12.17
C LEU C 519 28.36 -9.93 -13.68
N VAL C 520 29.20 -9.20 -14.43
CA VAL C 520 29.20 -9.26 -15.88
C VAL C 520 30.63 -9.39 -16.38
N LYS C 521 30.75 -9.80 -17.64
CA LYS C 521 32.06 -9.94 -18.26
C LYS C 521 32.71 -8.58 -18.44
N LYS C 522 33.95 -8.44 -17.97
CA LYS C 522 34.68 -7.18 -18.07
C LYS C 522 35.27 -7.08 -19.47
N GLU C 523 34.69 -6.22 -20.30
CA GLU C 523 35.15 -6.07 -21.68
C GLU C 523 36.52 -5.43 -21.71
N ILE C 524 37.44 -6.05 -22.46
CA ILE C 524 38.78 -5.47 -22.64
C ILE C 524 38.66 -4.18 -23.45
N PRO C 525 39.40 -3.12 -23.09
CA PRO C 525 39.30 -1.88 -23.88
C PRO C 525 39.92 -2.03 -25.26
N ARG C 526 39.08 -2.08 -26.28
CA ARG C 526 39.54 -2.20 -27.66
C ARG C 526 39.10 -0.96 -28.44
N SER C 527 40.04 -0.38 -29.17
CA SER C 527 39.75 0.81 -29.96
C SER C 527 39.08 0.41 -31.27
N THR C 528 37.86 0.90 -31.49
CA THR C 528 37.13 0.59 -32.70
C THR C 528 37.55 1.52 -33.83
N LEU C 529 38.84 1.61 -34.10
CA LEU C 529 39.39 2.50 -35.12
C LEU C 529 39.89 1.69 -36.29
N ASP C 530 39.36 1.97 -37.48
CA ASP C 530 39.84 1.39 -38.72
C ASP C 530 41.08 2.14 -39.18
N SER C 531 41.47 1.97 -40.43
CA SER C 531 42.61 2.69 -40.96
C SER C 531 42.31 4.19 -40.99
N PHE C 532 43.26 4.97 -41.52
CA PHE C 532 43.17 6.42 -41.48
C PHE C 532 42.03 6.97 -42.33
N MET C 533 41.23 6.09 -42.92
CA MET C 533 40.10 6.50 -43.73
C MET C 533 38.91 6.97 -42.90
N GLN C 534 38.97 6.87 -41.58
CA GLN C 534 37.84 7.24 -40.73
C GLN C 534 37.69 8.74 -40.53
N PRO C 535 38.76 9.48 -40.18
CA PRO C 535 38.56 10.91 -39.87
C PRO C 535 37.95 11.71 -41.00
N PHE C 536 38.30 11.42 -42.25
CA PHE C 536 37.73 12.11 -43.39
C PHE C 536 36.94 11.11 -44.24
N GLN C 537 35.90 11.60 -44.90
CA GLN C 537 35.11 10.75 -45.78
C GLN C 537 35.96 10.24 -46.93
N SER C 538 35.64 9.04 -47.41
CA SER C 538 36.37 8.44 -48.52
C SER C 538 36.07 9.10 -49.85
N THR C 539 35.35 10.23 -49.85
CA THR C 539 35.12 11.02 -51.04
C THR C 539 35.76 12.40 -50.94
N LEU C 540 36.67 12.60 -49.99
CA LEU C 540 37.33 13.87 -49.77
C LEU C 540 38.82 13.84 -50.08
N TRP C 541 39.49 12.71 -49.84
CA TRP C 541 40.92 12.62 -50.14
C TRP C 541 41.17 12.76 -51.64
N LEU C 542 40.34 12.12 -52.46
CA LEU C 542 40.54 12.17 -53.91
C LEU C 542 40.21 13.54 -54.50
N LEU C 543 39.58 14.43 -53.75
CA LEU C 543 39.42 15.81 -54.20
C LEU C 543 40.46 16.74 -53.61
N VAL C 544 40.99 16.43 -52.43
CA VAL C 544 42.15 17.14 -51.92
C VAL C 544 43.36 16.89 -52.81
N GLY C 545 43.55 15.63 -53.22
CA GLY C 545 44.69 15.31 -54.08
C GLY C 545 44.68 16.07 -55.38
N LEU C 546 43.50 16.21 -56.01
CA LEU C 546 43.43 17.01 -57.22
C LEU C 546 43.69 18.47 -56.93
N SER C 547 43.30 18.95 -55.74
CA SER C 547 43.57 20.34 -55.37
C SER C 547 45.07 20.58 -55.22
N VAL C 548 45.83 19.57 -54.79
CA VAL C 548 47.28 19.71 -54.71
C VAL C 548 47.85 19.97 -56.11
N HIS C 549 47.39 19.20 -57.09
CA HIS C 549 47.84 19.43 -58.46
C HIS C 549 47.28 20.72 -59.03
N VAL C 550 46.05 21.09 -58.65
CA VAL C 550 45.44 22.31 -59.16
C VAL C 550 46.25 23.53 -58.75
N VAL C 551 46.69 23.57 -57.50
CA VAL C 551 47.57 24.65 -57.07
C VAL C 551 48.90 24.60 -57.82
N ALA C 552 49.44 23.39 -58.00
CA ALA C 552 50.73 23.26 -58.66
C ALA C 552 50.70 23.79 -60.08
N VAL C 553 49.69 23.42 -60.86
CA VAL C 553 49.58 23.93 -62.22
C VAL C 553 49.29 25.42 -62.21
N MET C 554 48.50 25.89 -61.23
CA MET C 554 48.22 27.31 -61.14
C MET C 554 49.46 28.10 -60.73
N LEU C 555 50.22 27.59 -59.77
CA LEU C 555 51.42 28.30 -59.32
C LEU C 555 52.44 28.42 -60.45
N TYR C 556 52.67 27.33 -61.18
CA TYR C 556 53.60 27.37 -62.30
C TYR C 556 53.09 28.30 -63.39
N LEU C 557 51.79 28.25 -63.68
CA LEU C 557 51.21 29.16 -64.66
C LEU C 557 51.24 30.60 -64.17
N LEU C 558 51.21 30.81 -62.86
CA LEU C 558 51.26 32.15 -62.30
C LEU C 558 52.69 32.67 -62.12
N ASP C 559 53.69 31.86 -62.44
CA ASP C 559 55.08 32.27 -62.34
C ASP C 559 55.83 32.27 -63.66
N ARG C 560 55.40 31.47 -64.64
CA ARG C 560 56.04 31.47 -65.96
C ARG C 560 55.52 32.58 -66.87
N PHE C 561 54.54 33.36 -66.41
CA PHE C 561 54.01 34.47 -67.17
C PHE C 561 54.27 35.82 -66.54
N SER C 562 54.18 35.92 -65.22
CA SER C 562 54.47 37.18 -64.54
C SER C 562 55.96 37.50 -64.60
N PRO C 563 56.32 38.79 -64.59
CA PRO C 563 57.73 39.20 -64.62
C PRO C 563 58.49 38.77 -63.37
N ALA C 578 62.71 31.84 -61.18
CA ALA C 578 61.38 31.24 -61.18
C ALA C 578 61.45 29.76 -60.81
N LEU C 579 60.31 29.08 -60.88
CA LEU C 579 60.21 27.67 -60.56
C LEU C 579 59.70 26.89 -61.77
N THR C 580 60.23 25.68 -61.95
CA THR C 580 59.78 24.82 -63.03
C THR C 580 58.50 24.09 -62.62
N LEU C 581 57.95 23.31 -63.55
CA LEU C 581 56.71 22.60 -63.27
C LEU C 581 56.91 21.56 -62.18
N SER C 582 58.03 20.85 -62.20
CA SER C 582 58.28 19.83 -61.18
C SER C 582 58.37 20.45 -59.79
N SER C 583 58.96 21.64 -59.68
CA SER C 583 59.07 22.29 -58.39
C SER C 583 57.70 22.61 -57.81
N ALA C 584 56.76 23.03 -58.66
CA ALA C 584 55.40 23.28 -58.18
C ALA C 584 54.74 22.00 -57.68
N MET C 585 55.04 20.87 -58.33
CA MET C 585 54.52 19.59 -57.85
C MET C 585 55.07 19.25 -56.47
N TRP C 586 56.38 19.43 -56.28
CA TRP C 586 56.98 19.11 -54.98
C TRP C 586 56.55 20.11 -53.91
N PHE C 587 56.54 21.40 -54.25
CA PHE C 587 56.19 22.41 -53.26
C PHE C 587 54.74 22.27 -52.81
N SER C 588 53.82 22.02 -53.74
CA SER C 588 52.43 21.85 -53.36
C SER C 588 52.26 20.64 -52.45
N TRP C 589 52.92 19.54 -52.77
CA TRP C 589 52.93 18.40 -51.87
C TRP C 589 53.68 18.72 -50.58
N GLY C 590 54.90 19.25 -50.70
CA GLY C 590 55.77 19.37 -49.55
C GLY C 590 55.17 20.16 -48.40
N VAL C 591 54.29 21.11 -48.71
CA VAL C 591 53.58 21.81 -47.65
C VAL C 591 52.57 20.90 -46.98
N LEU C 592 51.86 20.09 -47.77
CA LEU C 592 50.77 19.28 -47.23
C LEU C 592 51.27 18.20 -46.28
N LEU C 593 52.27 17.43 -46.72
CA LEU C 593 52.78 16.34 -45.90
C LEU C 593 53.86 16.79 -44.92
N ASN C 594 54.18 18.08 -44.89
CA ASN C 594 55.16 18.68 -43.99
C ASN C 594 56.57 18.16 -44.23
N SER C 595 56.81 17.49 -45.34
CA SER C 595 58.14 16.99 -45.65
C SER C 595 59.08 18.14 -45.97
N GLY C 596 60.37 17.92 -45.72
CA GLY C 596 61.37 18.93 -46.01
C GLY C 596 61.77 19.03 -47.46
N ILE C 597 61.30 18.10 -48.30
CA ILE C 597 61.67 18.15 -49.72
C ILE C 597 61.01 19.35 -50.39
N GLY C 598 61.59 19.73 -51.52
CA GLY C 598 61.09 20.88 -52.26
C GLY C 598 61.86 22.14 -51.95
N GLU C 599 62.73 22.56 -52.87
CA GLU C 599 63.58 23.71 -52.68
C GLU C 599 63.17 24.91 -53.52
N GLY C 600 62.13 24.77 -54.34
CA GLY C 600 61.69 25.87 -55.18
C GLY C 600 60.58 26.68 -54.56
N ALA C 601 60.93 27.80 -53.94
CA ALA C 601 59.95 28.70 -53.36
C ALA C 601 59.35 29.60 -54.43
N PRO C 602 58.12 30.09 -54.22
CA PRO C 602 57.56 31.04 -55.17
C PRO C 602 58.38 32.32 -55.20
N ARG C 603 58.46 32.92 -56.39
CA ARG C 603 59.25 34.12 -56.61
C ARG C 603 58.42 35.38 -56.74
N SER C 604 57.31 35.34 -57.48
CA SER C 604 56.49 36.52 -57.69
C SER C 604 55.71 36.86 -56.42
N PHE C 605 55.21 38.10 -56.38
CA PHE C 605 54.33 38.52 -55.30
C PHE C 605 52.89 38.05 -55.51
N SER C 606 52.59 37.46 -56.67
CA SER C 606 51.29 36.83 -56.89
C SER C 606 51.32 35.33 -56.70
N ALA C 607 52.44 34.68 -56.99
CA ALA C 607 52.59 33.26 -56.70
C ALA C 607 52.80 33.01 -55.20
N ARG C 608 53.33 33.99 -54.48
CA ARG C 608 53.55 33.81 -53.04
C ARG C 608 52.23 33.61 -52.30
N ILE C 609 51.22 34.43 -52.62
CA ILE C 609 49.97 34.38 -51.88
C ILE C 609 49.21 33.09 -52.18
N LEU C 610 49.23 32.65 -53.45
CA LEU C 610 48.57 31.39 -53.79
C LEU C 610 49.25 30.21 -53.10
N GLY C 611 50.58 30.21 -53.08
CA GLY C 611 51.32 29.21 -52.34
C GLY C 611 51.33 29.42 -50.85
N MET C 612 50.72 30.51 -50.37
CA MET C 612 50.61 30.77 -48.94
C MET C 612 49.26 30.31 -48.40
N VAL C 613 48.16 30.81 -48.95
CA VAL C 613 46.84 30.41 -48.47
C VAL C 613 46.66 28.91 -48.61
N TRP C 614 47.34 28.29 -49.57
CA TRP C 614 47.38 26.84 -49.63
C TRP C 614 48.06 26.24 -48.41
N ALA C 615 49.13 26.88 -47.94
CA ALA C 615 49.79 26.42 -46.72
C ALA C 615 48.87 26.51 -45.52
N GLY C 616 48.14 27.63 -45.39
CA GLY C 616 47.17 27.73 -44.32
C GLY C 616 46.09 26.67 -44.42
N PHE C 617 45.67 26.36 -45.65
CA PHE C 617 44.73 25.26 -45.86
C PHE C 617 45.35 23.92 -45.48
N ALA C 618 46.67 23.79 -45.65
CA ALA C 618 47.34 22.54 -45.29
C ALA C 618 47.29 22.30 -43.79
N MET C 619 47.51 23.35 -42.99
CA MET C 619 47.46 23.19 -41.55
C MET C 619 46.06 22.81 -41.08
N ILE C 620 45.04 23.45 -41.64
CA ILE C 620 43.67 23.19 -41.21
C ILE C 620 43.28 21.75 -41.49
N ILE C 621 43.66 21.23 -42.66
CA ILE C 621 43.34 19.85 -43.00
C ILE C 621 43.96 18.89 -42.00
N VAL C 622 45.23 19.10 -41.67
CA VAL C 622 45.89 18.26 -40.69
C VAL C 622 45.31 18.50 -39.29
N ALA C 623 45.08 19.76 -38.94
CA ALA C 623 44.53 20.07 -37.63
C ALA C 623 43.13 19.50 -37.47
N SER C 624 42.30 19.61 -38.52
CA SER C 624 40.97 19.02 -38.47
C SER C 624 41.06 17.50 -38.38
N TYR C 625 42.06 16.89 -39.01
CA TYR C 625 42.27 15.46 -38.86
C TYR C 625 42.54 15.09 -37.42
N THR C 626 43.43 15.84 -36.76
CA THR C 626 43.74 15.57 -35.35
C THR C 626 42.51 15.77 -34.48
N ALA C 627 41.76 16.85 -34.72
CA ALA C 627 40.58 17.13 -33.90
C ALA C 627 39.52 16.05 -34.08
N ASN C 628 39.32 15.57 -35.30
CA ASN C 628 38.29 14.56 -35.53
C ASN C 628 38.69 13.21 -34.94
N LEU C 629 39.97 12.86 -35.05
CA LEU C 629 40.44 11.62 -34.42
C LEU C 629 40.31 11.69 -32.91
N ALA C 630 40.65 12.84 -32.31
CA ALA C 630 40.46 13.02 -30.88
C ALA C 630 38.98 12.96 -30.52
N ALA C 631 38.13 13.60 -31.32
CA ALA C 631 36.69 13.55 -31.05
C ALA C 631 36.15 12.14 -31.17
N PHE C 632 36.58 11.40 -32.18
CA PHE C 632 36.08 10.04 -32.36
C PHE C 632 36.59 9.10 -31.29
N LEU C 633 37.87 9.21 -30.92
CA LEU C 633 38.44 8.31 -29.93
C LEU C 633 37.88 8.56 -28.54
N VAL C 634 37.83 9.82 -28.12
CA VAL C 634 37.37 10.15 -26.77
C VAL C 634 35.91 9.79 -26.61
N LEU C 635 35.09 10.17 -27.58
CA LEU C 635 33.64 9.98 -27.45
C LEU C 635 33.27 8.50 -27.52
N ASP C 636 33.79 7.79 -28.51
CA ASP C 636 33.36 6.42 -28.78
C ASP C 636 34.14 5.46 -27.88
N ARG C 637 33.51 5.08 -26.76
CA ARG C 637 33.99 4.06 -25.86
C ARG C 637 32.86 3.08 -25.58
N PRO C 638 33.18 1.80 -25.34
CA PRO C 638 32.11 0.83 -25.09
C PRO C 638 31.42 1.05 -23.76
N GLU C 639 30.21 1.58 -23.79
CA GLU C 639 29.43 1.91 -22.59
C GLU C 639 28.18 1.04 -22.59
N GLU C 640 28.32 -0.17 -22.06
CA GLU C 640 27.19 -1.07 -21.83
C GLU C 640 27.09 -1.46 -20.36
N ARG C 641 27.74 -0.70 -19.49
CA ARG C 641 27.78 -1.02 -18.07
C ARG C 641 26.38 -0.89 -17.46
N ILE C 642 26.10 -1.77 -16.50
CA ILE C 642 24.80 -1.83 -15.83
C ILE C 642 24.97 -1.28 -14.42
N THR C 643 24.19 -0.28 -14.08
CA THR C 643 24.25 0.33 -12.75
C THR C 643 23.21 -0.29 -11.82
N GLY C 644 23.32 -1.61 -11.66
CA GLY C 644 22.44 -2.33 -10.75
C GLY C 644 21.07 -2.59 -11.33
N ILE C 645 20.17 -3.03 -10.44
CA ILE C 645 18.81 -3.36 -10.84
C ILE C 645 18.06 -2.13 -11.32
N ASN C 646 18.50 -0.93 -10.93
CA ASN C 646 17.83 0.29 -11.36
C ASN C 646 18.08 0.62 -12.82
N ASP C 647 18.98 -0.10 -13.49
CA ASP C 647 19.22 0.14 -14.90
C ASP C 647 17.96 -0.18 -15.70
N PRO C 648 17.60 0.66 -16.67
CA PRO C 648 16.37 0.39 -17.45
C PRO C 648 16.39 -0.95 -18.16
N ARG C 649 17.56 -1.43 -18.60
CA ARG C 649 17.62 -2.73 -19.25
C ARG C 649 17.16 -3.84 -18.32
N LEU C 650 17.56 -3.78 -17.05
CA LEU C 650 17.10 -4.76 -16.08
C LEU C 650 15.66 -4.51 -15.68
N ARG C 651 15.25 -3.23 -15.62
CA ARG C 651 13.93 -2.87 -15.13
C ARG C 651 12.81 -3.30 -16.07
N ASN C 652 13.11 -3.65 -17.31
CA ASN C 652 12.13 -4.11 -18.28
C ASN C 652 12.62 -5.39 -18.92
N PRO C 653 11.70 -6.22 -19.43
CA PRO C 653 12.13 -7.43 -20.13
C PRO C 653 12.82 -7.10 -21.44
N SER C 654 14.13 -7.28 -21.47
CA SER C 654 14.93 -7.00 -22.66
C SER C 654 15.92 -8.12 -22.86
N ASP C 655 16.41 -8.26 -24.09
CA ASP C 655 17.34 -9.33 -24.43
C ASP C 655 18.79 -8.91 -24.20
N LYS C 656 19.10 -8.45 -22.98
CA LYS C 656 20.48 -8.29 -22.54
C LYS C 656 21.00 -9.68 -22.21
N PHE C 657 21.12 -10.49 -23.26
CA PHE C 657 21.33 -11.93 -23.15
C PHE C 657 20.43 -12.54 -22.10
N ILE C 658 20.97 -12.86 -20.93
CA ILE C 658 20.23 -13.64 -19.94
C ILE C 658 20.61 -13.15 -18.55
N TYR C 659 19.62 -13.08 -17.65
CA TYR C 659 19.84 -12.79 -16.24
C TYR C 659 19.54 -14.06 -15.46
N ALA C 660 20.53 -14.57 -14.73
CA ALA C 660 20.38 -15.84 -14.04
C ALA C 660 20.59 -15.67 -12.54
N THR C 661 20.17 -16.70 -11.81
CA THR C 661 20.31 -16.79 -10.35
C THR C 661 20.50 -18.25 -10.01
N VAL C 662 20.25 -18.61 -8.75
CA VAL C 662 20.30 -19.99 -8.29
C VAL C 662 18.89 -20.40 -7.88
N LYS C 663 18.45 -21.57 -8.33
CA LYS C 663 17.11 -22.04 -8.05
C LYS C 663 16.94 -22.33 -6.56
N GLN C 664 15.71 -22.09 -6.07
CA GLN C 664 15.33 -22.38 -4.68
C GLN C 664 16.24 -21.66 -3.69
N SER C 665 16.58 -20.42 -4.00
CA SER C 665 17.42 -19.59 -3.14
C SER C 665 16.61 -18.40 -2.63
N SER C 666 17.25 -17.60 -1.78
CA SER C 666 16.60 -16.40 -1.28
C SER C 666 16.36 -15.38 -2.39
N VAL C 667 17.22 -15.38 -3.42
CA VAL C 667 17.04 -14.44 -4.52
C VAL C 667 15.75 -14.73 -5.27
N ASP C 668 15.41 -16.01 -5.44
CA ASP C 668 14.17 -16.36 -6.12
C ASP C 668 12.96 -15.86 -5.34
N ILE C 669 12.95 -16.06 -4.03
CA ILE C 669 11.81 -15.61 -3.22
C ILE C 669 11.78 -14.10 -3.14
N TYR C 670 12.95 -13.45 -3.12
CA TYR C 670 12.99 -11.99 -3.20
C TYR C 670 12.38 -11.50 -4.51
N PHE C 671 12.54 -12.25 -5.58
CA PHE C 671 11.96 -11.90 -6.87
C PHE C 671 10.50 -12.33 -7.00
N ARG C 672 9.96 -13.03 -6.00
CA ARG C 672 8.58 -13.48 -6.02
C ARG C 672 7.63 -12.54 -5.29
N ARG C 673 8.02 -12.05 -4.12
CA ARG C 673 7.15 -11.18 -3.34
C ARG C 673 7.03 -9.79 -3.92
N GLN C 674 7.84 -9.43 -4.92
CA GLN C 674 7.77 -8.13 -5.56
C GLN C 674 7.01 -8.30 -6.88
N VAL C 675 5.71 -7.99 -6.85
CA VAL C 675 4.87 -8.17 -8.03
C VAL C 675 5.21 -7.19 -9.13
N GLU C 676 5.92 -6.11 -8.82
CA GLU C 676 6.34 -5.16 -9.86
C GLU C 676 7.23 -5.85 -10.88
N LEU C 677 8.20 -6.65 -10.41
CA LEU C 677 9.08 -7.43 -11.28
C LEU C 677 8.71 -8.90 -11.30
N SER C 678 7.42 -9.22 -11.15
CA SER C 678 6.99 -10.61 -11.12
C SER C 678 7.31 -11.32 -12.43
N THR C 679 7.05 -10.66 -13.56
CA THR C 679 7.34 -11.27 -14.84
C THR C 679 8.83 -11.30 -15.17
N MET C 680 9.63 -10.41 -14.57
CA MET C 680 11.08 -10.56 -14.67
C MET C 680 11.53 -11.85 -14.01
N TYR C 681 10.98 -12.19 -12.85
CA TYR C 681 11.30 -13.46 -12.21
C TYR C 681 10.78 -14.63 -13.03
N ARG C 682 9.56 -14.51 -13.56
CA ARG C 682 9.04 -15.54 -14.44
C ARG C 682 9.85 -15.63 -15.73
N HIS C 683 10.45 -14.52 -16.16
CA HIS C 683 11.36 -14.56 -17.30
C HIS C 683 12.54 -15.49 -17.03
N MET C 684 13.18 -15.34 -15.88
CA MET C 684 14.34 -16.15 -15.55
C MET C 684 13.98 -17.49 -14.93
N GLU C 685 12.69 -17.77 -14.74
CA GLU C 685 12.29 -19.08 -14.22
C GLU C 685 12.76 -20.21 -15.12
N LYS C 686 12.85 -19.95 -16.43
CA LYS C 686 13.37 -20.91 -17.39
C LYS C 686 14.87 -20.79 -17.61
N HIS C 687 15.54 -19.92 -16.83
CA HIS C 687 16.98 -19.71 -16.98
C HIS C 687 17.77 -19.87 -15.70
N ASN C 688 17.13 -20.02 -14.54
CA ASN C 688 17.86 -20.13 -13.29
C ASN C 688 18.63 -21.44 -13.23
N TYR C 689 19.90 -21.36 -12.87
CA TYR C 689 20.74 -22.55 -12.78
C TYR C 689 20.41 -23.36 -11.54
N GLU C 690 21.07 -24.49 -11.40
CA GLU C 690 20.94 -25.35 -10.23
C GLU C 690 22.04 -25.14 -9.21
N SER C 691 23.03 -24.31 -9.52
CA SER C 691 24.13 -24.07 -8.61
C SER C 691 24.76 -22.72 -8.94
N ALA C 692 25.37 -22.10 -7.93
CA ALA C 692 26.02 -20.81 -8.14
C ALA C 692 27.36 -20.95 -8.84
N ALA C 693 28.05 -22.08 -8.67
CA ALA C 693 29.37 -22.24 -9.27
C ALA C 693 29.27 -22.34 -10.79
N GLU C 694 28.23 -23.01 -11.30
CA GLU C 694 28.09 -23.18 -12.74
C GLU C 694 27.82 -21.85 -13.43
N ALA C 695 26.98 -21.00 -12.83
CA ALA C 695 26.58 -19.77 -13.48
C ALA C 695 27.75 -18.83 -13.71
N ILE C 696 28.67 -18.76 -12.73
CA ILE C 696 29.86 -17.94 -12.91
C ILE C 696 30.68 -18.44 -14.08
N GLN C 697 30.75 -19.75 -14.26
CA GLN C 697 31.44 -20.32 -15.42
C GLN C 697 30.75 -19.92 -16.72
N ALA C 698 29.44 -19.73 -16.69
CA ALA C 698 28.73 -19.30 -17.89
C ALA C 698 29.13 -17.89 -18.30
N VAL C 699 29.39 -17.02 -17.32
CA VAL C 699 29.75 -15.64 -17.62
C VAL C 699 31.06 -15.59 -18.41
N ARG C 700 32.05 -16.39 -18.00
CA ARG C 700 33.29 -16.47 -18.76
C ARG C 700 33.09 -17.08 -20.13
N ASP C 701 32.00 -17.82 -20.34
CA ASP C 701 31.69 -18.42 -21.63
C ASP C 701 30.84 -17.50 -22.51
N ASN C 702 30.54 -16.30 -22.06
CA ASN C 702 29.73 -15.32 -22.78
C ASN C 702 28.35 -15.86 -23.14
N LYS C 703 27.87 -16.86 -22.40
CA LYS C 703 26.49 -17.31 -22.53
C LYS C 703 25.57 -16.62 -21.54
N LEU C 704 26.12 -15.82 -20.62
CA LEU C 704 25.30 -15.20 -19.58
C LEU C 704 26.08 -13.97 -19.07
N HIS C 705 25.73 -12.80 -19.59
CA HIS C 705 26.37 -11.55 -19.15
C HIS C 705 25.53 -10.83 -18.12
N ALA C 706 25.26 -11.53 -17.01
CA ALA C 706 24.56 -11.00 -15.85
C ALA C 706 24.58 -12.05 -14.77
N PHE C 707 24.47 -11.60 -13.52
CA PHE C 707 24.34 -12.54 -12.41
C PHE C 707 23.88 -11.80 -11.16
N ILE C 708 22.83 -12.32 -10.52
CA ILE C 708 22.30 -11.73 -9.30
C ILE C 708 22.56 -12.67 -8.14
N TRP C 709 23.71 -12.52 -7.49
CA TRP C 709 24.10 -13.40 -6.41
C TRP C 709 24.68 -12.57 -5.27
N ASP C 710 24.81 -13.21 -4.11
CA ASP C 710 25.27 -12.52 -2.91
C ASP C 710 26.59 -11.83 -3.16
N SER C 711 26.66 -10.56 -2.79
CA SER C 711 27.86 -9.78 -3.05
C SER C 711 29.08 -10.29 -2.30
N ALA C 712 28.87 -11.02 -1.20
CA ALA C 712 30.01 -11.61 -0.52
C ALA C 712 30.71 -12.66 -1.37
N VAL C 713 30.00 -13.25 -2.32
CA VAL C 713 30.58 -14.29 -3.17
C VAL C 713 31.13 -13.71 -4.46
N LEU C 714 30.41 -12.78 -5.09
CA LEU C 714 30.84 -12.24 -6.37
C LEU C 714 32.16 -11.46 -6.25
N GLU C 715 32.30 -10.65 -5.20
CA GLU C 715 33.53 -9.88 -5.03
C GLU C 715 34.74 -10.77 -4.89
N PHE C 716 34.58 -11.96 -4.34
CA PHE C 716 35.69 -12.90 -4.32
C PHE C 716 36.07 -13.34 -5.72
N GLU C 717 35.08 -13.62 -6.57
CA GLU C 717 35.37 -14.03 -7.94
C GLU C 717 35.85 -12.85 -8.77
N ALA C 718 35.33 -11.64 -8.51
CA ALA C 718 35.79 -10.46 -9.23
C ALA C 718 37.22 -10.11 -8.90
N SER C 719 37.80 -10.67 -7.84
CA SER C 719 39.20 -10.48 -7.51
C SER C 719 40.09 -11.61 -8.00
N GLN C 720 39.61 -12.85 -7.96
CA GLN C 720 40.41 -13.97 -8.44
C GLN C 720 40.34 -14.09 -9.96
N LYS C 721 39.14 -14.31 -10.49
CA LYS C 721 38.94 -14.37 -11.94
C LYS C 721 38.83 -12.94 -12.44
N CYS C 722 39.99 -12.31 -12.62
CA CYS C 722 40.04 -10.90 -12.96
C CYS C 722 39.55 -10.59 -14.37
N ASP C 723 39.08 -11.59 -15.12
CA ASP C 723 38.40 -11.31 -16.38
C ASP C 723 36.93 -10.94 -16.18
N LEU C 724 36.43 -11.04 -14.95
CA LEU C 724 35.08 -10.62 -14.60
C LEU C 724 35.14 -9.37 -13.75
N VAL C 725 34.02 -8.64 -13.70
CA VAL C 725 33.90 -7.45 -12.88
C VAL C 725 32.49 -7.38 -12.31
N THR C 726 32.36 -6.77 -11.14
CA THR C 726 31.08 -6.56 -10.51
C THR C 726 30.60 -5.14 -10.79
N THR C 727 29.28 -4.97 -10.85
CA THR C 727 28.67 -3.69 -11.14
C THR C 727 27.46 -3.49 -10.24
N GLY C 728 26.97 -2.26 -10.22
CA GLY C 728 25.75 -1.95 -9.51
C GLY C 728 25.95 -1.78 -8.02
N GLU C 729 24.85 -1.40 -7.36
CA GLU C 729 24.82 -1.17 -5.93
C GLU C 729 24.00 -2.26 -5.24
N LEU C 730 24.45 -2.68 -4.08
CA LEU C 730 23.76 -3.71 -3.31
C LEU C 730 22.33 -3.30 -3.02
N PHE C 731 21.36 -3.97 -3.64
CA PHE C 731 19.96 -3.56 -3.56
C PHE C 731 19.13 -4.40 -2.60
N PHE C 732 19.73 -5.41 -1.96
CA PHE C 732 19.01 -6.21 -0.98
C PHE C 732 20.04 -6.65 0.07
N ARG C 733 20.16 -5.87 1.13
CA ARG C 733 21.15 -6.12 2.16
C ARG C 733 20.50 -6.93 3.28
N SER C 734 21.08 -8.10 3.56
CA SER C 734 20.57 -8.96 4.62
C SER C 734 21.70 -9.92 5.01
N GLY C 735 22.00 -9.99 6.29
CA GLY C 735 23.09 -10.81 6.74
C GLY C 735 22.77 -12.29 6.67
N PHE C 736 23.83 -13.09 6.79
CA PHE C 736 23.68 -14.55 6.82
C PHE C 736 23.21 -14.96 8.22
N GLY C 737 23.27 -16.24 8.52
CA GLY C 737 22.84 -16.70 9.82
C GLY C 737 23.15 -18.15 10.11
N ILE C 738 23.56 -18.44 11.34
CA ILE C 738 23.79 -19.82 11.78
C ILE C 738 22.44 -20.30 12.32
N GLY C 739 21.60 -20.79 11.41
CA GLY C 739 20.25 -21.16 11.78
C GLY C 739 20.19 -22.52 12.46
N MET C 740 19.35 -22.61 13.48
CA MET C 740 19.06 -23.87 14.15
C MET C 740 17.56 -23.98 14.38
N ARG C 741 17.13 -25.18 14.76
CA ARG C 741 15.72 -25.47 14.94
C ARG C 741 15.15 -24.66 16.11
N LYS C 742 13.84 -24.43 16.07
CA LYS C 742 13.17 -23.77 17.17
C LYS C 742 13.26 -24.62 18.43
N ASP C 743 13.34 -23.95 19.57
CA ASP C 743 13.61 -24.60 20.86
C ASP C 743 14.94 -25.34 20.76
N SER C 744 15.99 -24.53 20.64
CA SER C 744 17.36 -25.02 20.59
C SER C 744 18.13 -24.44 21.76
N PRO C 745 18.60 -25.25 22.70
CA PRO C 745 19.38 -24.70 23.83
C PRO C 745 20.62 -23.95 23.39
N TRP C 746 21.21 -24.34 22.25
CA TRP C 746 22.40 -23.65 21.76
C TRP C 746 22.08 -22.26 21.21
N LYS C 747 20.81 -21.92 21.04
CA LYS C 747 20.46 -20.66 20.36
C LYS C 747 20.99 -19.46 21.13
N GLN C 748 20.86 -19.47 22.46
CA GLN C 748 21.33 -18.33 23.24
C GLN C 748 22.84 -18.22 23.22
N ASN C 749 23.55 -19.35 23.35
CA ASN C 749 25.00 -19.32 23.26
C ASN C 749 25.46 -18.89 21.88
N VAL C 750 24.89 -19.47 20.84
CA VAL C 750 25.43 -19.31 19.49
C VAL C 750 25.36 -17.85 19.05
N SER C 751 24.22 -17.20 19.26
CA SER C 751 24.07 -15.81 18.86
C SER C 751 25.05 -14.93 19.63
N LEU C 752 25.26 -15.22 20.91
CA LEU C 752 26.19 -14.42 21.71
C LEU C 752 27.62 -14.55 21.19
N SER C 753 28.04 -15.77 20.85
CA SER C 753 29.40 -15.97 20.37
C SER C 753 29.63 -15.30 19.02
N ILE C 754 28.61 -15.23 18.18
CA ILE C 754 28.73 -14.53 16.91
C ILE C 754 28.91 -13.04 17.14
N LEU C 755 28.12 -12.47 18.05
CA LEU C 755 28.28 -11.05 18.38
C LEU C 755 29.60 -10.79 19.09
N LYS C 756 30.02 -11.72 19.95
CA LYS C 756 31.28 -11.56 20.67
C LYS C 756 32.47 -11.60 19.71
N SER C 757 32.41 -12.46 18.70
CA SER C 757 33.52 -12.59 17.77
C SER C 757 33.71 -11.35 16.90
N HIS C 758 32.66 -10.54 16.74
CA HIS C 758 32.77 -9.34 15.91
C HIS C 758 33.77 -8.36 16.49
N GLU C 759 33.73 -8.15 17.81
CA GLU C 759 34.60 -7.16 18.44
C GLU C 759 35.94 -7.73 18.89
N ASN C 760 36.07 -9.05 18.96
CA ASN C 760 37.36 -9.66 19.30
C ASN C 760 38.40 -9.41 18.23
N GLY C 761 37.99 -9.05 17.02
CA GLY C 761 38.86 -8.99 15.88
C GLY C 761 39.00 -10.30 15.14
N PHE C 762 38.57 -11.41 15.76
CA PHE C 762 38.62 -12.71 15.11
C PHE C 762 37.75 -12.72 13.86
N MET C 763 36.54 -12.19 13.96
CA MET C 763 35.65 -12.16 12.80
C MET C 763 36.21 -11.31 11.68
N GLU C 764 37.07 -10.34 12.00
CA GLU C 764 37.80 -9.63 10.96
C GLU C 764 38.94 -10.48 10.42
N ASP C 765 39.56 -11.29 11.27
CA ASP C 765 40.70 -12.09 10.84
C ASP C 765 40.29 -13.07 9.74
N LEU C 766 39.14 -13.72 9.89
CA LEU C 766 38.72 -14.75 8.94
C LEU C 766 38.62 -14.18 7.54
N ASP C 767 37.89 -13.07 7.38
CA ASP C 767 37.72 -12.51 6.05
C ASP C 767 39.01 -11.91 5.52
N LYS C 768 39.99 -11.62 6.38
CA LYS C 768 41.27 -11.16 5.89
C LYS C 768 42.04 -12.29 5.20
N THR C 769 42.03 -13.48 5.78
CA THR C 769 42.72 -14.61 5.16
C THR C 769 41.97 -15.12 3.94
N TRP C 770 40.65 -15.28 4.05
CA TRP C 770 39.86 -15.90 3.00
C TRP C 770 39.42 -14.92 1.93
N VAL C 771 38.65 -13.91 2.32
CA VAL C 771 37.99 -13.05 1.34
C VAL C 771 38.82 -11.82 0.96
N ARG C 772 39.59 -11.28 1.89
CA ARG C 772 40.25 -9.99 1.71
C ARG C 772 41.77 -10.12 1.75
N TYR C 773 42.32 -11.15 1.11
CA TYR C 773 43.76 -11.14 0.86
C TYR C 773 44.12 -10.26 -0.33
N GLN C 774 43.11 -9.82 -1.10
CA GLN C 774 43.24 -8.87 -2.19
C GLN C 774 43.98 -9.44 -3.39
N GLU C 775 43.62 -8.98 -4.58
CA GLU C 775 44.19 -9.43 -5.84
C GLU C 775 44.12 -8.26 -6.83
N CYS C 776 44.22 -8.57 -8.12
CA CYS C 776 44.07 -7.54 -9.14
C CYS C 776 42.69 -6.91 -9.07
N ASP C 777 42.65 -5.57 -9.20
CA ASP C 777 41.39 -4.85 -9.29
C ASP C 777 41.24 -4.11 -10.61
N SER C 778 42.21 -3.26 -10.97
CA SER C 778 42.13 -2.41 -12.14
C SER C 778 40.81 -1.64 -12.15
N ARG C 779 39.84 -2.12 -12.92
CA ARG C 779 38.51 -1.51 -13.00
C ARG C 779 38.57 -0.04 -13.37
N ALA C 782 37.88 3.63 -19.41
CA ALA C 782 38.50 2.57 -20.20
C ALA C 782 39.07 3.12 -21.51
N PRO C 783 40.24 3.76 -21.42
CA PRO C 783 40.88 4.33 -22.61
C PRO C 783 41.65 3.26 -23.37
N ALA C 784 41.14 2.90 -24.55
CA ALA C 784 41.78 1.87 -25.36
C ALA C 784 43.07 2.40 -25.95
N THR C 785 44.01 1.48 -26.17
CA THR C 785 45.32 1.79 -26.72
C THR C 785 45.37 1.38 -28.19
N LEU C 786 45.87 2.27 -29.03
CA LEU C 786 46.04 1.95 -30.44
C LEU C 786 46.97 0.76 -30.60
N THR C 787 46.55 -0.20 -31.41
CA THR C 787 47.29 -1.43 -31.63
C THR C 787 47.63 -1.58 -33.10
N PHE C 788 48.44 -2.59 -33.40
CA PHE C 788 48.84 -2.84 -34.78
C PHE C 788 47.63 -3.12 -35.66
N GLU C 789 46.61 -3.78 -35.11
CA GLU C 789 45.42 -4.08 -35.89
C GLU C 789 44.72 -2.81 -36.37
N ASN C 790 44.66 -1.80 -35.51
CA ASN C 790 43.99 -0.55 -35.88
C ASN C 790 44.85 0.27 -36.84
N MET C 791 46.17 0.26 -36.65
CA MET C 791 47.08 1.10 -37.43
C MET C 791 47.78 0.33 -38.55
N ALA C 792 47.37 -0.90 -38.83
CA ALA C 792 48.02 -1.67 -39.90
C ALA C 792 47.83 -1.03 -41.26
N GLY C 793 46.81 -0.19 -41.43
CA GLY C 793 46.59 0.45 -42.72
C GLY C 793 47.72 1.35 -43.13
N VAL C 794 48.27 2.12 -42.19
CA VAL C 794 49.33 3.05 -42.52
C VAL C 794 50.60 2.31 -42.88
N PHE C 795 50.96 1.29 -42.11
CA PHE C 795 52.17 0.52 -42.39
C PHE C 795 52.07 -0.20 -43.73
N MET C 796 50.87 -0.61 -44.14
CA MET C 796 50.70 -1.23 -45.44
C MET C 796 51.03 -0.25 -46.57
N LEU C 797 50.62 1.01 -46.41
CA LEU C 797 50.86 2.00 -47.46
C LEU C 797 52.35 2.24 -47.66
N VAL C 798 53.08 2.48 -46.57
CA VAL C 798 54.52 2.72 -46.68
C VAL C 798 55.26 1.45 -47.06
N ALA C 799 54.75 0.28 -46.66
CA ALA C 799 55.30 -0.97 -47.17
C ALA C 799 55.07 -1.08 -48.67
N GLY C 800 53.87 -0.68 -49.13
CA GLY C 800 53.59 -0.63 -50.55
C GLY C 800 54.34 0.46 -51.28
N GLY C 801 54.76 1.51 -50.57
CA GLY C 801 55.59 2.53 -51.19
C GLY C 801 56.93 2.00 -51.64
N ILE C 802 57.50 1.05 -50.90
CA ILE C 802 58.77 0.44 -51.29
C ILE C 802 58.60 -0.31 -52.60
N VAL C 803 57.52 -1.10 -52.72
CA VAL C 803 57.32 -1.86 -53.95
C VAL C 803 56.78 -0.97 -55.07
N ALA C 804 56.09 0.12 -54.73
CA ALA C 804 55.68 1.08 -55.75
C ALA C 804 56.89 1.73 -56.39
N GLY C 805 57.90 2.09 -55.58
CA GLY C 805 59.13 2.61 -56.12
C GLY C 805 59.99 1.58 -56.81
N ILE C 806 59.83 0.31 -56.46
CA ILE C 806 60.57 -0.76 -57.13
C ILE C 806 60.16 -0.85 -58.59
N PHE C 807 58.86 -0.72 -58.87
CA PHE C 807 58.38 -0.67 -60.24
C PHE C 807 58.49 0.72 -60.84
N LEU C 808 58.95 1.71 -60.08
CA LEU C 808 59.16 3.06 -60.59
C LEU C 808 60.62 3.38 -60.86
N ILE C 809 61.56 2.74 -60.17
CA ILE C 809 62.97 3.00 -60.43
C ILE C 809 63.35 2.44 -61.80
N PHE C 810 62.85 1.26 -62.15
CA PHE C 810 63.19 0.67 -63.44
C PHE C 810 62.63 1.49 -64.60
N ILE C 811 61.51 2.18 -64.39
CA ILE C 811 60.98 3.07 -65.42
C ILE C 811 61.56 4.47 -65.32
N GLU C 812 62.15 4.83 -64.18
CA GLU C 812 62.84 6.12 -64.08
C GLU C 812 64.18 6.08 -64.81
N ILE C 813 64.93 4.98 -64.66
CA ILE C 813 66.21 4.87 -65.34
C ILE C 813 66.01 4.74 -66.84
N ALA C 814 64.95 4.03 -67.26
CA ALA C 814 64.65 3.88 -68.68
C ALA C 814 64.27 5.20 -69.35
N TYR C 815 63.97 6.24 -68.58
CA TYR C 815 63.64 7.53 -69.17
C TYR C 815 64.83 8.12 -69.91
N LYS C 816 66.04 7.90 -69.39
CA LYS C 816 67.24 8.43 -70.04
C LYS C 816 67.43 7.82 -71.42
N ARG C 817 67.20 6.51 -71.55
CA ARG C 817 67.33 5.83 -72.83
C ARG C 817 66.20 6.19 -73.77
N ASN D 25 -24.15 -69.82 -5.10
CA ASN D 25 -25.16 -69.76 -4.04
C ASN D 25 -25.05 -68.45 -3.26
N VAL D 26 -25.99 -67.54 -3.49
CA VAL D 26 -25.99 -66.23 -2.85
C VAL D 26 -27.34 -66.01 -2.20
N ALA D 27 -27.37 -65.07 -1.25
CA ALA D 27 -28.57 -64.71 -0.52
C ALA D 27 -28.90 -63.25 -0.76
N LEU D 28 -30.17 -62.97 -1.07
CA LEU D 28 -30.64 -61.61 -1.29
C LEU D 28 -31.64 -61.27 -0.21
N VAL D 29 -31.39 -60.17 0.51
CA VAL D 29 -32.22 -59.75 1.63
C VAL D 29 -32.99 -58.49 1.23
N PHE D 30 -34.25 -58.42 1.63
CA PHE D 30 -35.13 -57.31 1.31
C PHE D 30 -35.66 -56.67 2.58
N SER D 31 -35.86 -55.35 2.52
CA SER D 31 -36.41 -54.58 3.63
C SER D 31 -37.52 -53.69 3.08
N GLY D 32 -38.76 -54.19 3.19
CA GLY D 32 -39.90 -53.46 2.69
C GLY D 32 -40.89 -54.36 1.98
N PRO D 33 -42.16 -54.30 2.38
CA PRO D 33 -43.17 -55.15 1.75
C PRO D 33 -43.36 -54.87 0.27
N ALA D 34 -43.12 -53.64 -0.18
CA ALA D 34 -43.28 -53.31 -1.60
C ALA D 34 -42.29 -54.04 -2.48
N TYR D 35 -41.18 -54.53 -1.92
CA TYR D 35 -40.17 -55.25 -2.68
C TYR D 35 -40.37 -56.77 -2.64
N ALA D 36 -41.42 -57.25 -1.98
CA ALA D 36 -41.65 -58.69 -1.89
C ALA D 36 -41.95 -59.29 -3.25
N ALA D 37 -42.75 -58.60 -4.07
CA ALA D 37 -43.13 -59.12 -5.38
C ALA D 37 -41.91 -59.24 -6.30
N GLU D 38 -41.00 -58.27 -6.24
CA GLU D 38 -39.82 -58.27 -7.10
C GLU D 38 -38.84 -59.38 -6.76
N ALA D 39 -39.02 -60.06 -5.62
CA ALA D 39 -38.07 -61.09 -5.22
C ALA D 39 -38.05 -62.25 -6.21
N ALA D 40 -39.23 -62.69 -6.68
CA ALA D 40 -39.29 -63.84 -7.57
C ALA D 40 -38.59 -63.56 -8.90
N ARG D 41 -38.80 -62.37 -9.47
CA ARG D 41 -38.20 -62.04 -10.75
C ARG D 41 -36.71 -61.73 -10.63
N LEU D 42 -36.30 -61.10 -9.53
CA LEU D 42 -34.90 -60.71 -9.37
C LEU D 42 -33.98 -61.90 -9.10
N GLY D 43 -34.53 -63.08 -8.83
CA GLY D 43 -33.72 -64.25 -8.61
C GLY D 43 -32.99 -64.70 -9.86
N PRO D 44 -33.74 -65.16 -10.87
CA PRO D 44 -33.10 -65.55 -12.13
C PRO D 44 -32.43 -64.38 -12.86
N ALA D 45 -32.79 -63.14 -12.52
CA ALA D 45 -32.22 -61.99 -13.22
C ALA D 45 -30.71 -61.88 -13.02
N VAL D 46 -30.20 -62.39 -11.90
CA VAL D 46 -28.76 -62.30 -11.60
C VAL D 46 -28.06 -63.63 -11.70
N ALA D 47 -28.79 -64.75 -11.79
CA ALA D 47 -28.14 -66.04 -11.98
C ALA D 47 -27.40 -66.09 -13.32
N ALA D 48 -28.02 -65.57 -14.37
CA ALA D 48 -27.40 -65.51 -15.69
C ALA D 48 -26.73 -64.17 -15.98
N ALA D 49 -26.78 -63.22 -15.04
CA ALA D 49 -26.18 -61.92 -15.28
C ALA D 49 -24.66 -61.99 -15.24
N VAL D 50 -24.11 -62.72 -14.27
CA VAL D 50 -22.67 -62.84 -14.09
C VAL D 50 -22.28 -64.30 -14.33
N ARG D 51 -21.37 -64.51 -15.26
CA ARG D 51 -20.88 -65.85 -15.60
C ARG D 51 -19.42 -65.95 -15.20
N SER D 52 -19.11 -66.92 -14.35
CA SER D 52 -17.74 -67.15 -13.89
C SER D 52 -17.49 -68.65 -13.74
N PRO D 53 -16.59 -69.23 -14.54
CA PRO D 53 -16.33 -70.66 -14.43
C PRO D 53 -15.81 -71.04 -13.05
N GLY D 54 -16.22 -72.22 -12.58
CA GLY D 54 -15.81 -72.72 -11.29
C GLY D 54 -16.73 -72.38 -10.15
N LEU D 55 -17.70 -71.50 -10.34
CA LEU D 55 -18.64 -71.10 -9.30
C LEU D 55 -20.03 -70.97 -9.88
N ASP D 56 -21.02 -71.49 -9.16
CA ASP D 56 -22.42 -71.40 -9.55
C ASP D 56 -23.17 -70.51 -8.56
N VAL D 57 -24.02 -69.63 -9.08
CA VAL D 57 -24.78 -68.68 -8.28
C VAL D 57 -26.22 -69.15 -8.19
N ARG D 58 -26.73 -69.27 -6.96
CA ARG D 58 -28.11 -69.68 -6.70
C ARG D 58 -28.75 -68.65 -5.79
N PRO D 59 -29.40 -67.64 -6.36
CA PRO D 59 -30.08 -66.63 -5.53
C PRO D 59 -31.18 -67.27 -4.69
N VAL D 60 -31.35 -66.75 -3.47
CA VAL D 60 -32.32 -67.26 -2.52
C VAL D 60 -33.37 -66.19 -2.27
N ALA D 61 -34.63 -66.51 -2.55
CA ALA D 61 -35.72 -65.59 -2.29
C ALA D 61 -36.06 -65.59 -0.80
N LEU D 62 -36.43 -64.41 -0.30
CA LEU D 62 -36.73 -64.23 1.11
C LEU D 62 -38.12 -63.63 1.28
N VAL D 63 -38.71 -63.88 2.46
CA VAL D 63 -40.07 -63.48 2.75
C VAL D 63 -40.17 -62.51 3.92
N LEU D 64 -39.21 -62.51 4.84
CA LEU D 64 -39.28 -61.73 6.06
C LEU D 64 -39.49 -60.24 5.78
N ASN D 65 -39.98 -59.54 6.81
CA ASN D 65 -40.23 -58.11 6.72
C ASN D 65 -40.11 -57.51 8.11
N GLY D 66 -39.96 -56.19 8.15
CA GLY D 66 -39.85 -55.49 9.40
C GLY D 66 -38.40 -55.20 9.77
N SER D 67 -38.20 -54.11 10.51
CA SER D 67 -36.88 -53.68 10.92
C SER D 67 -36.51 -54.12 12.33
N ASP D 68 -37.37 -54.89 13.00
CA ASP D 68 -37.08 -55.34 14.35
C ASP D 68 -35.87 -56.26 14.36
N PRO D 69 -35.03 -56.21 15.41
CA PRO D 69 -33.79 -56.98 15.46
C PRO D 69 -33.97 -58.44 15.87
N ARG D 70 -34.97 -59.11 15.29
CA ARG D 70 -35.17 -60.54 15.50
C ARG D 70 -35.05 -61.34 14.21
N SER D 71 -35.81 -60.96 13.17
CA SER D 71 -35.72 -61.66 11.90
C SER D 71 -34.45 -61.30 11.14
N LEU D 72 -33.77 -60.22 11.52
CA LEU D 72 -32.51 -59.86 10.87
C LEU D 72 -31.45 -60.92 11.11
N VAL D 73 -31.40 -61.48 12.32
CA VAL D 73 -30.43 -62.52 12.66
C VAL D 73 -31.04 -63.91 12.69
N LEU D 74 -32.35 -64.03 12.53
CA LEU D 74 -33.00 -65.35 12.62
C LEU D 74 -32.78 -66.16 11.34
N GLN D 75 -33.31 -65.67 10.22
CA GLN D 75 -33.22 -66.42 8.98
C GLN D 75 -31.80 -66.45 8.43
N LEU D 76 -31.02 -65.41 8.71
CA LEU D 76 -29.65 -65.36 8.20
C LEU D 76 -28.81 -66.48 8.78
N CYS D 77 -28.97 -66.77 10.08
CA CYS D 77 -28.25 -67.89 10.68
C CYS D 77 -28.69 -69.21 10.07
N ASP D 78 -30.00 -69.39 9.85
CA ASP D 78 -30.48 -70.62 9.22
C ASP D 78 -30.00 -70.72 7.78
N LEU D 79 -30.01 -69.61 7.05
CA LEU D 79 -29.55 -69.62 5.67
C LEU D 79 -28.07 -69.98 5.57
N LEU D 80 -27.26 -69.42 6.48
CA LEU D 80 -25.83 -69.71 6.46
C LEU D 80 -25.55 -71.16 6.81
N SER D 81 -26.27 -71.71 7.79
CA SER D 81 -25.96 -73.06 8.29
C SER D 81 -26.24 -74.12 7.23
N GLY D 82 -27.43 -74.09 6.64
CA GLY D 82 -27.82 -75.14 5.71
C GLY D 82 -27.54 -74.84 4.26
N LEU D 83 -28.03 -73.70 3.77
CA LEU D 83 -27.90 -73.39 2.36
C LEU D 83 -26.48 -73.05 1.94
N ARG D 84 -25.66 -72.57 2.87
CA ARG D 84 -24.30 -72.10 2.58
C ARG D 84 -24.36 -71.04 1.48
N VAL D 85 -24.93 -69.89 1.85
CA VAL D 85 -25.07 -68.77 0.93
C VAL D 85 -23.87 -67.84 1.11
N HIS D 86 -23.17 -67.57 0.00
CA HIS D 86 -22.00 -66.69 0.00
C HIS D 86 -22.33 -65.46 -0.83
N GLY D 87 -22.22 -64.28 -0.22
CA GLY D 87 -22.54 -63.04 -0.89
C GLY D 87 -23.95 -62.58 -0.61
N VAL D 88 -24.08 -61.50 0.16
CA VAL D 88 -25.38 -60.97 0.55
C VAL D 88 -25.46 -59.51 0.11
N VAL D 89 -26.54 -59.17 -0.59
CA VAL D 89 -26.78 -57.82 -1.09
C VAL D 89 -28.01 -57.28 -0.38
N PHE D 90 -27.90 -56.06 0.15
CA PHE D 90 -28.92 -55.49 1.03
C PHE D 90 -29.62 -54.38 0.27
N GLU D 91 -30.94 -54.48 0.16
CA GLU D 91 -31.78 -53.43 -0.40
C GLU D 91 -32.84 -53.04 0.62
N ASP D 92 -32.99 -51.75 0.86
CA ASP D 92 -33.92 -51.23 1.86
C ASP D 92 -34.83 -50.19 1.23
N ASP D 93 -36.09 -50.17 1.68
CA ASP D 93 -37.06 -49.20 1.20
C ASP D 93 -36.84 -47.81 1.81
N SER D 94 -36.38 -47.75 3.05
CA SER D 94 -36.22 -46.50 3.78
C SER D 94 -34.75 -46.12 3.89
N ARG D 95 -34.52 -44.85 4.23
CA ARG D 95 -33.18 -44.31 4.40
C ARG D 95 -32.71 -44.33 5.85
N ALA D 96 -33.47 -44.96 6.74
CA ALA D 96 -33.08 -45.02 8.14
C ALA D 96 -31.82 -45.86 8.30
N PRO D 97 -30.77 -45.32 8.92
CA PRO D 97 -29.50 -46.06 9.06
C PRO D 97 -29.43 -47.00 10.26
N ALA D 98 -30.55 -47.23 10.96
CA ALA D 98 -30.54 -48.09 12.13
C ALA D 98 -30.46 -49.57 11.80
N VAL D 99 -30.68 -49.94 10.54
CA VAL D 99 -30.59 -51.35 10.17
C VAL D 99 -29.14 -51.79 9.98
N ALA D 100 -28.27 -50.86 9.58
CA ALA D 100 -26.86 -51.20 9.35
C ALA D 100 -26.15 -51.73 10.59
N PRO D 101 -26.25 -51.10 11.77
CA PRO D 101 -25.48 -51.62 12.92
C PRO D 101 -25.83 -53.06 13.29
N ILE D 102 -27.09 -53.45 13.18
CA ILE D 102 -27.47 -54.83 13.46
C ILE D 102 -26.82 -55.78 12.45
N LEU D 103 -26.86 -55.40 11.17
CA LEU D 103 -26.22 -56.21 10.13
C LEU D 103 -24.71 -56.07 10.14
N ASP D 104 -24.17 -54.96 10.66
CA ASP D 104 -22.73 -54.75 10.64
C ASP D 104 -22.01 -55.78 11.50
N PHE D 105 -22.53 -56.04 12.70
CA PHE D 105 -21.88 -57.01 13.58
C PHE D 105 -21.97 -58.42 13.01
N LEU D 106 -23.12 -58.78 12.44
CA LEU D 106 -23.29 -60.12 11.89
C LEU D 106 -22.28 -60.41 10.80
N SER D 107 -21.88 -59.39 10.04
CA SER D 107 -20.80 -59.57 9.08
C SER D 107 -19.50 -59.92 9.77
N ALA D 108 -19.21 -59.27 10.90
CA ALA D 108 -17.98 -59.57 11.64
C ALA D 108 -18.09 -60.91 12.35
N GLN D 109 -19.29 -61.25 12.84
CA GLN D 109 -19.45 -62.52 13.55
C GLN D 109 -19.23 -63.71 12.62
N THR D 110 -19.77 -63.65 11.41
CA THR D 110 -19.61 -64.73 10.45
C THR D 110 -18.41 -64.54 9.53
N SER D 111 -17.75 -63.38 9.57
CA SER D 111 -16.56 -63.11 8.77
C SER D 111 -16.82 -63.26 7.28
N LEU D 112 -18.04 -62.96 6.84
CA LEU D 112 -18.42 -63.04 5.44
C LEU D 112 -18.80 -61.66 4.93
N PRO D 113 -18.28 -61.24 3.78
CA PRO D 113 -18.59 -59.90 3.28
C PRO D 113 -20.08 -59.73 2.97
N ILE D 114 -20.61 -58.57 3.34
CA ILE D 114 -21.98 -58.19 3.05
C ILE D 114 -21.96 -56.81 2.38
N VAL D 115 -22.68 -56.67 1.29
CA VAL D 115 -22.72 -55.41 0.54
C VAL D 115 -24.14 -54.87 0.58
N ALA D 116 -24.25 -53.54 0.56
CA ALA D 116 -25.52 -52.85 0.51
C ALA D 116 -25.49 -51.87 -0.66
N VAL D 117 -26.51 -51.95 -1.53
CA VAL D 117 -26.53 -51.17 -2.74
C VAL D 117 -27.53 -50.01 -2.68
N HIS D 118 -28.59 -50.13 -1.89
CA HIS D 118 -29.61 -49.07 -1.83
C HIS D 118 -30.39 -49.21 -0.54
N GLY D 119 -30.81 -48.06 0.00
CA GLY D 119 -31.64 -48.01 1.18
C GLY D 119 -30.95 -47.29 2.33
N GLY D 120 -31.27 -47.71 3.55
CA GLY D 120 -30.72 -47.07 4.73
C GLY D 120 -29.22 -47.22 4.86
N ALA D 121 -28.69 -48.38 4.46
CA ALA D 121 -27.26 -48.64 4.60
C ALA D 121 -26.46 -48.00 3.46
N ALA D 122 -26.65 -46.71 3.25
CA ALA D 122 -25.88 -45.94 2.28
C ALA D 122 -24.76 -45.14 2.93
N LEU D 123 -25.03 -44.49 4.06
CA LEU D 123 -23.99 -43.81 4.81
C LEU D 123 -23.04 -44.84 5.41
N VAL D 124 -21.74 -44.55 5.32
CA VAL D 124 -20.72 -45.46 5.82
C VAL D 124 -20.63 -45.34 7.33
N LEU D 125 -20.75 -46.47 8.03
CA LEU D 125 -20.68 -46.49 9.48
C LEU D 125 -19.22 -46.55 9.91
N THR D 126 -18.71 -45.44 10.44
CA THR D 126 -17.32 -45.37 10.87
C THR D 126 -17.25 -44.84 12.29
N PRO D 127 -16.31 -45.34 13.10
CA PRO D 127 -15.34 -46.41 12.81
C PRO D 127 -15.94 -47.80 13.02
N LYS D 128 -15.78 -48.69 12.05
CA LYS D 128 -16.36 -50.02 12.16
C LYS D 128 -15.57 -50.87 13.16
N GLU D 129 -16.18 -51.96 13.58
CA GLU D 129 -15.56 -52.86 14.54
C GLU D 129 -14.39 -53.60 13.90
N LYS D 130 -13.49 -54.09 14.75
CA LYS D 130 -12.34 -54.84 14.27
C LYS D 130 -12.78 -56.16 13.65
N GLY D 131 -12.13 -56.52 12.55
CA GLY D 131 -12.50 -57.74 11.85
C GLY D 131 -13.90 -57.73 11.29
N SER D 132 -14.29 -56.61 10.68
CA SER D 132 -15.63 -56.45 10.11
C SER D 132 -15.57 -56.59 8.60
N THR D 133 -16.39 -57.49 8.06
CA THR D 133 -16.46 -57.73 6.62
C THR D 133 -17.56 -56.91 5.95
N PHE D 134 -18.23 -56.02 6.68
CA PHE D 134 -19.30 -55.23 6.10
C PHE D 134 -18.77 -54.32 4.99
N LEU D 135 -19.51 -54.25 3.89
CA LEU D 135 -19.18 -53.41 2.76
C LEU D 135 -20.42 -52.68 2.29
N GLN D 136 -20.20 -51.52 1.68
CA GLN D 136 -21.30 -50.69 1.18
C GLN D 136 -20.99 -50.23 -0.24
N LEU D 137 -21.98 -50.33 -1.11
CA LEU D 137 -21.84 -49.90 -2.50
C LEU D 137 -22.19 -48.42 -2.67
N GLY D 138 -21.56 -47.58 -1.86
CA GLY D 138 -21.79 -46.15 -1.92
C GLY D 138 -20.56 -45.39 -1.47
N SER D 139 -20.54 -44.11 -1.81
CA SER D 139 -19.42 -43.24 -1.48
C SER D 139 -19.64 -42.59 -0.12
N SER D 140 -18.58 -42.54 0.68
CA SER D 140 -18.66 -41.91 1.98
C SER D 140 -18.80 -40.40 1.84
N THR D 141 -19.21 -39.76 2.94
CA THR D 141 -19.36 -38.30 2.92
C THR D 141 -18.04 -37.61 2.63
N GLU D 142 -16.91 -38.22 3.02
CA GLU D 142 -15.62 -37.67 2.63
C GLU D 142 -15.44 -37.69 1.11
N GLN D 143 -15.84 -38.79 0.47
CA GLN D 143 -15.88 -38.82 -0.99
C GLN D 143 -16.94 -37.87 -1.52
N GLN D 144 -18.10 -37.79 -0.84
CA GLN D 144 -19.13 -36.86 -1.25
C GLN D 144 -18.66 -35.42 -1.13
N LEU D 145 -17.93 -35.09 -0.06
CA LEU D 145 -17.41 -33.73 0.10
C LEU D 145 -16.38 -33.39 -0.97
N GLN D 146 -15.59 -34.38 -1.41
CA GLN D 146 -14.55 -34.10 -2.39
C GLN D 146 -15.13 -33.76 -3.74
N VAL D 147 -16.17 -34.47 -4.17
CA VAL D 147 -16.73 -34.25 -5.50
C VAL D 147 -17.44 -32.90 -5.58
N ILE D 148 -18.16 -32.52 -4.51
CA ILE D 148 -18.85 -31.24 -4.53
C ILE D 148 -17.85 -30.09 -4.39
N PHE D 149 -16.67 -30.36 -3.83
CA PHE D 149 -15.62 -29.35 -3.79
C PHE D 149 -15.28 -28.86 -5.19
N GLU D 150 -15.33 -29.75 -6.18
CA GLU D 150 -15.07 -29.35 -7.56
C GLU D 150 -16.17 -28.46 -8.10
N VAL D 151 -17.42 -28.69 -7.67
CA VAL D 151 -18.55 -27.99 -8.26
C VAL D 151 -18.47 -26.49 -7.97
N LEU D 152 -18.16 -26.13 -6.73
CA LEU D 152 -18.14 -24.72 -6.35
C LEU D 152 -17.05 -23.96 -7.09
N GLU D 153 -15.86 -24.55 -7.23
CA GLU D 153 -14.79 -23.88 -7.96
C GLU D 153 -15.02 -23.92 -9.47
N GLU D 154 -15.65 -24.98 -9.97
CA GLU D 154 -15.92 -25.07 -11.40
C GLU D 154 -16.88 -23.97 -11.85
N TYR D 155 -17.90 -23.70 -11.05
CA TYR D 155 -18.87 -22.64 -11.33
C TYR D 155 -18.54 -21.34 -10.62
N ASP D 156 -17.33 -21.23 -10.05
CA ASP D 156 -16.86 -20.00 -9.41
C ASP D 156 -17.76 -19.59 -8.24
N TRP D 157 -17.95 -20.50 -7.30
CA TRP D 157 -18.70 -20.20 -6.09
C TRP D 157 -17.82 -20.43 -4.86
N THR D 158 -16.59 -19.93 -4.91
CA THR D 158 -15.60 -20.24 -3.87
C THR D 158 -16.08 -19.78 -2.50
N SER D 159 -16.67 -18.59 -2.41
CA SER D 159 -17.19 -18.11 -1.14
C SER D 159 -18.50 -18.81 -0.81
N PHE D 160 -18.66 -19.21 0.45
CA PHE D 160 -19.85 -19.88 0.93
C PHE D 160 -19.80 -19.92 2.44
N VAL D 161 -20.95 -20.19 3.06
CA VAL D 161 -21.07 -20.32 4.51
C VAL D 161 -21.23 -21.79 4.86
N ALA D 162 -20.47 -22.25 5.85
CA ALA D 162 -20.56 -23.62 6.30
C ALA D 162 -21.73 -23.77 7.26
N VAL D 163 -22.62 -24.72 6.98
CA VAL D 163 -23.85 -24.90 7.74
C VAL D 163 -24.06 -26.39 7.96
N THR D 164 -24.46 -26.77 9.17
CA THR D 164 -24.75 -28.16 9.49
C THR D 164 -25.80 -28.20 10.60
N THR D 165 -26.12 -29.41 11.04
CA THR D 165 -27.11 -29.63 12.08
C THR D 165 -26.55 -30.59 13.12
N ARG D 166 -27.33 -30.85 14.16
CA ARG D 166 -26.94 -31.79 15.20
C ARG D 166 -27.01 -33.21 14.65
N ALA D 167 -25.86 -33.75 14.28
CA ALA D 167 -25.75 -35.08 13.70
C ALA D 167 -24.74 -35.88 14.50
N PRO D 168 -24.82 -37.22 14.44
CA PRO D 168 -23.90 -38.03 15.24
C PRO D 168 -22.43 -37.78 14.92
N GLY D 169 -22.09 -37.47 13.67
CA GLY D 169 -20.72 -37.20 13.32
C GLY D 169 -20.52 -35.86 12.63
N HIS D 170 -21.42 -34.91 12.92
CA HIS D 170 -21.34 -33.61 12.25
C HIS D 170 -20.04 -32.89 12.58
N ARG D 171 -19.48 -33.11 13.76
CA ARG D 171 -18.18 -32.54 14.08
C ARG D 171 -17.11 -33.06 13.14
N ALA D 172 -17.13 -34.36 12.86
CA ALA D 172 -16.19 -34.93 11.89
C ALA D 172 -16.58 -34.59 10.46
N PHE D 173 -17.88 -34.44 10.19
CA PHE D 173 -18.32 -34.09 8.84
C PHE D 173 -17.83 -32.70 8.44
N LEU D 174 -17.88 -31.74 9.37
CA LEU D 174 -17.33 -30.42 9.09
C LEU D 174 -15.81 -30.38 9.25
N SER D 175 -15.22 -31.39 9.88
CA SER D 175 -13.76 -31.44 9.99
C SER D 175 -13.10 -31.54 8.62
N TYR D 176 -13.66 -32.37 7.74
CA TYR D 176 -13.13 -32.49 6.39
C TYR D 176 -13.30 -31.20 5.59
N ILE D 177 -14.28 -30.36 5.95
CA ILE D 177 -14.42 -29.07 5.29
C ILE D 177 -13.22 -28.19 5.60
N GLU D 178 -12.74 -28.23 6.84
CA GLU D 178 -11.55 -27.46 7.19
C GLU D 178 -10.34 -27.91 6.39
N VAL D 179 -10.18 -29.23 6.20
CA VAL D 179 -9.11 -29.74 5.36
C VAL D 179 -9.33 -29.28 3.91
N LEU D 180 -10.59 -29.33 3.45
CA LEU D 180 -10.88 -28.90 2.08
C LEU D 180 -10.62 -27.41 1.90
N THR D 181 -11.04 -26.60 2.86
CA THR D 181 -10.78 -25.17 2.78
C THR D 181 -9.29 -24.90 2.97
N ASP D 182 -8.81 -23.86 2.29
CA ASP D 182 -7.41 -23.43 2.31
C ASP D 182 -6.53 -24.41 1.53
N GLY D 183 -7.13 -25.48 1.02
CA GLY D 183 -6.39 -26.39 0.15
C GLY D 183 -6.26 -25.81 -1.25
N SER D 184 -5.12 -26.12 -1.88
CA SER D 184 -4.81 -25.65 -3.23
C SER D 184 -4.80 -24.13 -3.29
N LEU D 185 -4.76 -23.56 -4.50
CA LEU D 185 -4.71 -22.11 -4.66
C LEU D 185 -6.05 -21.43 -4.38
N VAL D 186 -7.16 -22.15 -4.51
CA VAL D 186 -8.48 -21.54 -4.33
C VAL D 186 -8.69 -21.18 -2.87
N GLY D 187 -9.20 -19.98 -2.61
CA GLY D 187 -9.48 -19.52 -1.28
C GLY D 187 -10.96 -19.66 -0.95
N TRP D 188 -11.25 -20.46 0.07
CA TRP D 188 -12.63 -20.76 0.45
C TRP D 188 -12.90 -20.23 1.85
N GLU D 189 -14.19 -20.18 2.19
CA GLU D 189 -14.63 -19.70 3.50
C GLU D 189 -15.56 -20.72 4.14
N HIS D 190 -15.51 -20.79 5.46
CA HIS D 190 -16.39 -21.66 6.23
C HIS D 190 -16.73 -20.97 7.55
N ARG D 191 -17.96 -21.19 8.02
CA ARG D 191 -18.40 -20.64 9.29
C ARG D 191 -18.37 -21.68 10.41
N GLY D 192 -19.07 -22.80 10.22
CA GLY D 192 -19.06 -23.87 11.20
C GLY D 192 -19.71 -23.54 12.52
N ALA D 193 -20.44 -22.44 12.61
CA ALA D 193 -21.09 -22.02 13.86
C ALA D 193 -22.58 -22.36 13.89
N LEU D 194 -23.04 -23.23 12.99
CA LEU D 194 -24.45 -23.57 12.89
C LEU D 194 -24.66 -24.99 13.42
N THR D 195 -25.66 -25.12 14.30
CA THR D 195 -26.02 -26.38 14.95
C THR D 195 -27.53 -26.59 14.86
N LEU D 196 -28.05 -26.50 13.63
CA LEU D 196 -29.48 -26.47 13.32
C LEU D 196 -30.28 -27.44 14.18
N ASP D 197 -31.25 -26.91 14.91
CA ASP D 197 -32.16 -27.71 15.73
C ASP D 197 -33.41 -26.88 15.98
N PRO D 198 -34.57 -27.53 16.18
CA PRO D 198 -35.81 -26.75 16.40
C PRO D 198 -35.81 -25.97 17.71
N GLY D 199 -34.94 -26.30 18.66
CA GLY D 199 -34.91 -25.57 19.92
C GLY D 199 -34.57 -24.10 19.74
N ALA D 200 -33.61 -23.81 18.86
CA ALA D 200 -33.26 -22.42 18.59
C ALA D 200 -34.41 -21.66 17.94
N GLY D 201 -35.10 -22.30 17.01
CA GLY D 201 -36.19 -21.66 16.29
C GLY D 201 -35.76 -21.26 14.89
N GLU D 202 -36.72 -21.32 13.96
CA GLU D 202 -36.41 -21.04 12.56
C GLU D 202 -35.96 -19.60 12.36
N ALA D 203 -36.63 -18.65 13.01
CA ALA D 203 -36.23 -17.25 12.90
C ALA D 203 -34.85 -17.02 13.50
N VAL D 204 -34.59 -17.61 14.67
CA VAL D 204 -33.28 -17.48 15.30
C VAL D 204 -32.20 -18.14 14.45
N LEU D 205 -32.49 -19.33 13.91
CA LEU D 205 -31.56 -19.98 13.00
C LEU D 205 -31.34 -19.13 11.74
N SER D 206 -32.42 -18.50 11.24
CA SER D 206 -32.27 -17.57 10.13
C SER D 206 -31.41 -16.39 10.53
N ALA D 207 -31.56 -15.89 11.76
CA ALA D 207 -30.69 -14.83 12.25
C ALA D 207 -29.24 -15.29 12.29
N GLN D 208 -29.00 -16.52 12.76
CA GLN D 208 -27.66 -17.10 12.67
C GLN D 208 -27.27 -17.41 11.24
N LEU D 209 -28.25 -17.60 10.35
CA LEU D 209 -27.95 -17.88 8.95
C LEU D 209 -27.54 -16.63 8.19
N ARG D 210 -27.85 -15.44 8.72
CA ARG D 210 -27.45 -14.19 8.06
C ARG D 210 -25.95 -13.96 8.11
N SER D 211 -25.22 -14.69 8.96
CA SER D 211 -23.76 -14.64 8.98
C SER D 211 -23.26 -15.40 7.75
N VAL D 212 -23.29 -14.72 6.61
CA VAL D 212 -23.08 -15.35 5.31
C VAL D 212 -21.98 -14.62 4.56
N SER D 213 -21.40 -15.32 3.58
CA SER D 213 -20.37 -14.76 2.72
C SER D 213 -20.74 -14.77 1.25
N ALA D 214 -21.79 -15.49 0.86
CA ALA D 214 -22.20 -15.60 -0.53
C ALA D 214 -23.63 -16.11 -0.57
N GLN D 215 -24.08 -16.52 -1.75
CA GLN D 215 -25.43 -17.03 -1.95
C GLN D 215 -25.52 -18.53 -1.72
N ILE D 216 -24.45 -19.17 -1.29
CA ILE D 216 -24.39 -20.62 -1.13
C ILE D 216 -24.27 -20.95 0.36
N ARG D 217 -25.12 -21.86 0.83
CA ARG D 217 -25.09 -22.35 2.21
C ARG D 217 -25.00 -23.86 2.17
N LEU D 218 -23.78 -24.38 2.20
CA LEU D 218 -23.57 -25.83 2.24
C LEU D 218 -24.11 -26.38 3.55
N LEU D 219 -25.07 -27.30 3.46
CA LEU D 219 -25.78 -27.82 4.62
C LEU D 219 -25.64 -29.33 4.70
N PHE D 220 -25.25 -29.82 5.88
CA PHE D 220 -25.32 -31.24 6.20
C PHE D 220 -26.53 -31.44 7.11
N CYS D 221 -27.42 -32.34 6.71
CA CYS D 221 -28.66 -32.55 7.44
C CYS D 221 -29.14 -33.98 7.22
N ALA D 222 -29.98 -34.44 8.14
CA ALA D 222 -30.54 -35.79 8.08
C ALA D 222 -31.98 -35.74 7.59
N ARG D 223 -32.50 -36.92 7.24
CA ARG D 223 -33.89 -37.00 6.78
C ARG D 223 -34.86 -36.63 7.87
N GLU D 224 -34.54 -36.95 9.13
CA GLU D 224 -35.40 -36.54 10.24
C GLU D 224 -35.47 -35.02 10.36
N GLU D 225 -34.34 -34.34 10.18
CA GLU D 225 -34.27 -32.89 10.31
C GLU D 225 -34.52 -32.16 9.00
N ALA D 226 -34.82 -32.87 7.91
CA ALA D 226 -35.04 -32.21 6.63
C ALA D 226 -36.28 -31.33 6.67
N GLU D 227 -37.36 -31.81 7.30
CA GLU D 227 -38.59 -31.02 7.36
C GLU D 227 -38.41 -29.74 8.18
N PRO D 228 -37.85 -29.77 9.41
CA PRO D 228 -37.70 -28.51 10.15
C PRO D 228 -36.86 -27.46 9.44
N VAL D 229 -35.81 -27.86 8.73
CA VAL D 229 -34.99 -26.88 8.03
C VAL D 229 -35.63 -26.44 6.72
N PHE D 230 -36.49 -27.27 6.12
CA PHE D 230 -37.16 -26.87 4.89
C PHE D 230 -38.03 -25.64 5.11
N ARG D 231 -38.76 -25.60 6.22
CA ARG D 231 -39.58 -24.44 6.53
C ARG D 231 -38.73 -23.23 6.91
N ALA D 232 -37.58 -23.46 7.54
CA ALA D 232 -36.70 -22.35 7.91
C ALA D 232 -36.18 -21.62 6.69
N ALA D 233 -36.03 -22.31 5.56
CA ALA D 233 -35.62 -21.66 4.32
C ALA D 233 -36.67 -20.65 3.86
N GLU D 234 -37.95 -20.98 4.04
CA GLU D 234 -39.01 -20.06 3.66
C GLU D 234 -38.97 -18.80 4.50
N GLU D 235 -38.72 -18.93 5.80
CA GLU D 235 -38.66 -17.77 6.68
C GLU D 235 -37.46 -16.88 6.38
N ALA D 236 -36.34 -17.47 5.95
CA ALA D 236 -35.13 -16.72 5.65
C ALA D 236 -35.07 -16.25 4.20
N GLY D 237 -36.11 -16.51 3.40
CA GLY D 237 -36.10 -16.08 2.02
C GLY D 237 -35.21 -16.89 1.10
N LEU D 238 -34.84 -18.11 1.51
CA LEU D 238 -33.97 -18.97 0.71
C LEU D 238 -34.73 -19.77 -0.33
N THR D 239 -36.06 -19.64 -0.38
CA THR D 239 -36.84 -20.37 -1.38
C THR D 239 -36.50 -19.92 -2.80
N GLY D 240 -36.28 -18.63 -2.99
CA GLY D 240 -35.99 -18.09 -4.30
C GLY D 240 -34.61 -18.50 -4.79
N SER D 241 -34.41 -18.32 -6.10
CA SER D 241 -33.15 -18.68 -6.73
C SER D 241 -31.99 -17.77 -6.33
N GLY D 242 -32.27 -16.65 -5.67
CA GLY D 242 -31.19 -15.77 -5.25
C GLY D 242 -30.25 -16.42 -4.25
N TYR D 243 -30.81 -17.15 -3.28
CA TYR D 243 -30.03 -17.86 -2.28
C TYR D 243 -30.27 -19.36 -2.46
N VAL D 244 -29.18 -20.12 -2.54
CA VAL D 244 -29.24 -21.55 -2.79
C VAL D 244 -28.52 -22.28 -1.68
N TRP D 245 -28.99 -23.49 -1.38
CA TRP D 245 -28.39 -24.35 -0.38
C TRP D 245 -27.45 -25.35 -1.05
N PHE D 246 -26.94 -26.29 -0.26
CA PHE D 246 -26.11 -27.38 -0.79
C PHE D 246 -26.22 -28.53 0.20
N MET D 247 -26.95 -29.58 -0.17
CA MET D 247 -27.22 -30.69 0.73
C MET D 247 -26.17 -31.78 0.50
N VAL D 248 -25.30 -31.97 1.48
CA VAL D 248 -24.29 -33.02 1.44
C VAL D 248 -24.70 -34.25 2.23
N GLY D 249 -25.35 -34.04 3.39
CA GLY D 249 -25.84 -35.12 4.19
C GLY D 249 -27.07 -35.77 3.59
N PRO D 250 -27.46 -36.94 4.12
CA PRO D 250 -28.61 -37.69 3.62
C PRO D 250 -29.93 -36.95 3.82
N PRO D 274 -38.11 -24.62 -0.32
CA PRO D 274 -36.74 -24.40 -0.78
C PRO D 274 -36.51 -24.88 -2.21
N ALA D 275 -35.90 -24.03 -3.04
CA ALA D 275 -35.62 -24.36 -4.43
C ALA D 275 -34.15 -24.10 -4.72
N GLY D 276 -33.67 -24.73 -5.80
CA GLY D 276 -32.26 -24.61 -6.15
C GLY D 276 -31.31 -25.24 -5.16
N LEU D 277 -31.67 -26.42 -4.65
CA LEU D 277 -30.84 -27.10 -3.66
C LEU D 277 -29.94 -28.11 -4.36
N PHE D 278 -28.65 -28.06 -4.05
CA PHE D 278 -27.65 -28.93 -4.65
C PHE D 278 -27.40 -30.13 -3.76
N ALA D 279 -27.15 -31.28 -4.39
CA ALA D 279 -26.90 -32.51 -3.65
C ALA D 279 -26.16 -33.49 -4.54
N VAL D 280 -25.53 -34.47 -3.90
CA VAL D 280 -24.89 -35.58 -4.59
C VAL D 280 -25.35 -36.87 -3.91
N ARG D 281 -25.98 -37.75 -4.69
CA ARG D 281 -26.50 -39.00 -4.16
C ARG D 281 -25.53 -40.17 -4.30
N SER D 282 -24.38 -39.96 -4.94
CA SER D 282 -23.40 -41.00 -5.18
C SER D 282 -24.04 -42.20 -5.89
N ALA D 283 -24.53 -41.92 -7.11
CA ALA D 283 -25.23 -42.91 -7.93
C ALA D 283 -26.43 -43.49 -7.20
N GLY D 284 -27.15 -42.62 -6.48
CA GLY D 284 -28.34 -43.07 -5.76
C GLY D 284 -29.44 -43.54 -6.69
N TRP D 285 -29.69 -42.78 -7.76
CA TRP D 285 -30.71 -43.15 -8.74
C TRP D 285 -30.16 -44.06 -9.84
N ARG D 286 -28.85 -44.30 -9.87
CA ARG D 286 -28.26 -45.15 -10.88
C ARG D 286 -28.57 -46.63 -10.58
N ASP D 287 -28.37 -47.46 -11.60
CA ASP D 287 -28.53 -48.92 -11.57
C ASP D 287 -29.98 -49.37 -11.48
N ASP D 288 -30.94 -48.46 -11.36
CA ASP D 288 -32.36 -48.78 -11.29
C ASP D 288 -32.64 -49.84 -10.22
N LEU D 289 -33.03 -51.03 -10.64
CA LEU D 289 -33.25 -52.13 -9.72
C LEU D 289 -32.48 -53.40 -10.09
N ALA D 290 -32.38 -53.72 -11.38
CA ALA D 290 -31.70 -54.95 -11.79
C ALA D 290 -30.19 -54.82 -11.64
N ARG D 291 -29.62 -53.70 -12.07
CA ARG D 291 -28.17 -53.51 -12.01
C ARG D 291 -27.67 -53.37 -10.58
N ARG D 292 -28.55 -53.00 -9.65
CA ARG D 292 -28.13 -52.85 -8.26
C ARG D 292 -27.62 -54.18 -7.69
N VAL D 293 -28.33 -55.27 -7.96
CA VAL D 293 -27.93 -56.57 -7.46
C VAL D 293 -27.01 -57.31 -8.44
N ALA D 294 -27.16 -57.06 -9.74
CA ALA D 294 -26.31 -57.75 -10.72
C ALA D 294 -24.84 -57.41 -10.53
N ALA D 295 -24.53 -56.13 -10.32
CA ALA D 295 -23.15 -55.73 -10.08
C ALA D 295 -22.73 -55.91 -8.62
N GLY D 296 -23.69 -56.09 -7.71
CA GLY D 296 -23.35 -56.26 -6.32
C GLY D 296 -22.64 -57.58 -6.04
N VAL D 297 -23.07 -58.65 -6.71
CA VAL D 297 -22.46 -59.97 -6.50
C VAL D 297 -21.24 -60.20 -7.39
N ALA D 298 -21.10 -59.47 -8.50
CA ALA D 298 -19.97 -59.68 -9.39
C ALA D 298 -18.65 -59.41 -8.70
N VAL D 299 -18.58 -58.34 -7.91
CA VAL D 299 -17.36 -58.07 -7.15
C VAL D 299 -17.17 -59.12 -6.07
N VAL D 300 -18.25 -59.51 -5.39
CA VAL D 300 -18.15 -60.50 -4.32
C VAL D 300 -17.71 -61.85 -4.88
N ALA D 301 -18.29 -62.26 -6.00
CA ALA D 301 -17.89 -63.52 -6.62
C ALA D 301 -16.44 -63.48 -7.08
N ARG D 302 -16.01 -62.36 -7.66
CA ARG D 302 -14.63 -62.21 -8.11
C ARG D 302 -13.66 -61.95 -6.97
N GLY D 303 -14.16 -61.65 -5.78
CA GLY D 303 -13.27 -61.43 -4.65
C GLY D 303 -12.51 -62.67 -4.24
N ALA D 304 -13.19 -63.82 -4.21
CA ALA D 304 -12.54 -65.07 -3.86
C ALA D 304 -11.67 -65.62 -4.97
N GLN D 305 -11.72 -65.03 -6.17
CA GLN D 305 -10.89 -65.51 -7.28
C GLN D 305 -9.42 -65.33 -6.97
N ALA D 306 -9.05 -64.22 -6.33
CA ALA D 306 -7.65 -64.00 -5.98
C ALA D 306 -7.14 -65.07 -5.01
N LEU D 307 -7.95 -65.43 -4.02
CA LEU D 307 -7.58 -66.52 -3.12
C LEU D 307 -7.61 -67.85 -3.85
N LEU D 308 -8.60 -68.05 -4.73
CA LEU D 308 -8.68 -69.31 -5.48
C LEU D 308 -7.49 -69.47 -6.41
N ARG D 309 -7.08 -68.39 -7.08
CA ARG D 309 -5.90 -68.47 -7.94
C ARG D 309 -4.63 -68.63 -7.13
N ASP D 310 -4.61 -68.15 -5.89
CA ASP D 310 -3.44 -68.33 -5.04
C ASP D 310 -3.31 -69.79 -4.60
N TYR D 311 -4.41 -70.38 -4.16
CA TYR D 311 -4.41 -71.78 -3.72
C TYR D 311 -5.84 -72.31 -3.78
N GLY D 312 -5.95 -73.63 -3.77
CA GLY D 312 -7.26 -74.26 -3.81
C GLY D 312 -7.84 -74.45 -2.42
N PHE D 313 -8.72 -73.54 -2.01
CA PHE D 313 -9.33 -73.62 -0.69
C PHE D 313 -10.73 -73.02 -0.75
N LEU D 314 -11.70 -73.73 -0.17
CA LEU D 314 -13.07 -73.25 -0.11
C LEU D 314 -13.35 -72.77 1.30
N PRO D 315 -13.56 -71.47 1.52
CA PRO D 315 -13.81 -70.98 2.90
C PRO D 315 -15.17 -71.42 3.42
N GLU D 316 -15.17 -72.31 4.40
CA GLU D 316 -16.40 -72.81 5.02
C GLU D 316 -16.88 -71.93 6.17
N LEU D 317 -16.41 -70.67 6.22
CA LEU D 317 -16.83 -69.78 7.29
C LEU D 317 -18.33 -69.47 7.20
N GLY D 318 -18.85 -69.31 5.99
CA GLY D 318 -20.26 -69.01 5.82
C GLY D 318 -21.19 -70.19 5.98
N HIS D 319 -20.66 -71.41 5.99
CA HIS D 319 -21.49 -72.60 6.15
C HIS D 319 -21.89 -72.87 7.59
N ASP D 320 -21.28 -72.20 8.56
CA ASP D 320 -21.59 -72.40 9.96
C ASP D 320 -21.89 -71.06 10.62
N CYS D 321 -22.91 -71.04 11.47
CA CYS D 321 -23.29 -69.84 12.20
C CYS D 321 -23.26 -70.01 13.71
N ARG D 322 -23.74 -71.15 14.22
CA ARG D 322 -23.79 -71.39 15.67
C ARG D 322 -23.26 -72.75 16.09
N ALA D 323 -23.17 -73.73 15.17
CA ALA D 323 -22.72 -75.06 15.55
C ALA D 323 -21.32 -75.05 16.15
N GLN D 324 -20.50 -74.07 15.77
CA GLN D 324 -19.18 -73.89 16.35
C GLN D 324 -19.21 -72.69 17.29
N ASN D 325 -18.77 -72.90 18.53
CA ASN D 325 -18.78 -71.85 19.54
C ASN D 325 -17.43 -71.13 19.60
N ARG D 326 -17.03 -70.61 18.45
CA ARG D 326 -15.78 -69.86 18.31
C ARG D 326 -16.01 -68.66 17.42
N THR D 327 -15.41 -67.52 17.80
CA THR D 327 -15.53 -66.30 17.04
C THR D 327 -14.22 -65.80 16.43
N HIS D 328 -13.10 -66.46 16.72
CA HIS D 328 -11.80 -66.04 16.23
C HIS D 328 -11.42 -66.74 14.93
N ARG D 329 -12.33 -67.49 14.33
CA ARG D 329 -12.04 -68.22 13.09
C ARG D 329 -12.18 -67.32 11.86
N GLY D 330 -11.54 -66.16 11.89
CA GLY D 330 -11.63 -65.22 10.79
C GLY D 330 -10.29 -64.77 10.25
N GLU D 331 -10.13 -64.81 8.93
CA GLU D 331 -8.89 -64.37 8.29
C GLU D 331 -9.20 -63.92 6.87
N SER D 332 -8.29 -63.12 6.33
CA SER D 332 -8.44 -62.56 4.98
C SER D 332 -9.76 -61.81 4.83
N LEU D 333 -10.15 -61.08 5.88
CA LEU D 333 -11.41 -60.35 5.86
C LEU D 333 -11.39 -59.25 4.81
N HIS D 334 -10.28 -58.50 4.73
CA HIS D 334 -10.12 -57.44 3.75
C HIS D 334 -8.84 -57.62 2.93
N ARG D 335 -8.28 -58.84 2.94
CA ARG D 335 -7.04 -59.09 2.19
C ARG D 335 -7.25 -58.93 0.69
N TYR D 336 -8.43 -59.28 0.19
CA TYR D 336 -8.76 -59.12 -1.22
C TYR D 336 -9.41 -57.75 -1.43
N PHE D 337 -10.03 -57.53 -2.59
CA PHE D 337 -10.74 -56.31 -2.92
C PHE D 337 -9.80 -55.10 -3.02
N MET D 338 -8.88 -55.18 -3.99
CA MET D 338 -8.09 -54.00 -4.38
C MET D 338 -8.49 -53.47 -5.75
N ASN D 339 -8.46 -54.31 -6.78
CA ASN D 339 -8.57 -53.87 -8.18
C ASN D 339 -9.66 -54.64 -8.91
N ILE D 340 -10.83 -54.73 -8.29
CA ILE D 340 -12.00 -55.35 -8.93
C ILE D 340 -12.79 -54.25 -9.63
N THR D 341 -13.03 -54.44 -10.93
CA THR D 341 -13.71 -53.44 -11.74
C THR D 341 -14.84 -54.10 -12.53
N TRP D 342 -15.94 -53.37 -12.69
CA TRP D 342 -17.07 -53.82 -13.49
C TRP D 342 -17.86 -52.60 -13.95
N ASP D 343 -18.63 -52.78 -15.02
CA ASP D 343 -19.43 -51.72 -15.62
C ASP D 343 -18.55 -50.51 -15.95
N ASN D 344 -17.41 -50.79 -16.59
CA ASN D 344 -16.38 -49.81 -16.96
C ASN D 344 -16.15 -48.79 -15.85
N ARG D 345 -16.13 -49.25 -14.61
CA ARG D 345 -15.92 -48.38 -13.45
C ARG D 345 -15.05 -49.09 -12.44
N ASP D 346 -14.35 -48.31 -11.63
CA ASP D 346 -13.47 -48.86 -10.60
C ASP D 346 -14.30 -49.17 -9.36
N TYR D 347 -14.49 -50.47 -9.10
CA TYR D 347 -15.24 -50.92 -7.93
C TYR D 347 -14.34 -51.19 -6.73
N SER D 348 -13.21 -50.51 -6.63
CA SER D 348 -12.31 -50.68 -5.51
C SER D 348 -12.94 -50.12 -4.23
N PHE D 349 -12.70 -50.79 -3.12
CA PHE D 349 -13.20 -50.38 -1.83
C PHE D 349 -12.05 -50.05 -0.89
N ASN D 350 -12.31 -49.12 0.03
CA ASN D 350 -11.31 -48.75 1.02
C ASN D 350 -11.16 -49.86 2.07
N GLU D 351 -10.26 -49.63 3.02
CA GLU D 351 -10.08 -50.60 4.10
C GLU D 351 -11.35 -50.70 4.94
N ASP D 352 -12.02 -49.58 5.18
CA ASP D 352 -13.27 -49.61 5.94
C ASP D 352 -14.36 -50.38 5.20
N GLY D 353 -14.36 -50.32 3.87
CA GLY D 353 -15.33 -51.08 3.09
C GLY D 353 -16.29 -50.23 2.28
N PHE D 354 -15.81 -49.07 1.81
CA PHE D 354 -16.62 -48.18 0.99
C PHE D 354 -15.86 -47.80 -0.27
N LEU D 355 -16.61 -47.39 -1.28
CA LEU D 355 -16.02 -47.08 -2.58
C LEU D 355 -15.02 -45.93 -2.47
N VAL D 356 -13.92 -46.05 -3.21
CA VAL D 356 -12.90 -45.01 -3.24
C VAL D 356 -13.01 -44.22 -4.53
N ASN D 357 -13.37 -44.89 -5.63
CA ASN D 357 -13.53 -44.28 -6.94
C ASN D 357 -14.86 -44.71 -7.54
N PRO D 358 -15.97 -44.22 -6.99
CA PRO D 358 -17.28 -44.65 -7.48
C PRO D 358 -17.78 -43.80 -8.64
N SER D 359 -18.93 -44.18 -9.20
CA SER D 359 -19.56 -43.43 -10.29
C SER D 359 -20.55 -42.43 -9.69
N LEU D 360 -19.99 -41.43 -9.01
CA LEU D 360 -20.81 -40.44 -8.33
C LEU D 360 -21.58 -39.58 -9.33
N VAL D 361 -22.76 -39.13 -8.90
CA VAL D 361 -23.63 -38.27 -9.70
C VAL D 361 -23.97 -37.04 -8.90
N VAL D 362 -24.34 -35.98 -9.61
CA VAL D 362 -24.70 -34.69 -9.02
C VAL D 362 -26.19 -34.49 -9.19
N ILE D 363 -26.87 -34.12 -8.11
CA ILE D 363 -28.33 -33.95 -8.10
C ILE D 363 -28.64 -32.49 -7.83
N SER D 364 -29.39 -31.87 -8.74
CA SER D 364 -29.88 -30.51 -8.57
C SER D 364 -31.39 -30.56 -8.41
N LEU D 365 -31.91 -29.95 -7.35
CA LEU D 365 -33.33 -29.99 -7.08
C LEU D 365 -34.11 -29.20 -8.13
N THR D 366 -35.07 -29.86 -8.76
CA THR D 366 -35.91 -29.22 -9.76
C THR D 366 -37.18 -28.66 -9.11
N ARG D 367 -37.77 -27.68 -9.78
CA ARG D 367 -38.94 -27.00 -9.22
C ARG D 367 -40.14 -27.91 -9.08
N ASP D 368 -40.21 -29.00 -9.85
CA ASP D 368 -41.33 -29.93 -9.79
C ASP D 368 -41.09 -31.07 -8.80
N ARG D 369 -40.23 -30.87 -7.80
CA ARG D 369 -39.92 -31.88 -6.80
C ARG D 369 -39.44 -33.18 -7.44
N THR D 370 -38.59 -33.07 -8.44
CA THR D 370 -38.00 -34.21 -9.12
C THR D 370 -36.47 -34.13 -9.05
N TRP D 371 -35.84 -35.26 -8.77
CA TRP D 371 -34.39 -35.33 -8.66
C TRP D 371 -33.83 -36.02 -9.89
N GLU D 372 -32.93 -35.34 -10.60
CA GLU D 372 -32.35 -35.87 -11.83
C GLU D 372 -30.84 -35.67 -11.80
N VAL D 373 -30.15 -36.51 -12.56
CA VAL D 373 -28.69 -36.44 -12.63
C VAL D 373 -28.29 -35.23 -13.47
N VAL D 374 -27.63 -34.26 -12.85
CA VAL D 374 -27.17 -33.06 -13.53
C VAL D 374 -25.66 -33.04 -13.68
N GLY D 375 -24.96 -34.04 -13.17
CA GLY D 375 -23.52 -34.10 -13.30
C GLY D 375 -23.00 -35.46 -12.87
N SER D 376 -21.76 -35.74 -13.24
CA SER D 376 -21.13 -37.01 -12.93
C SER D 376 -19.66 -36.79 -12.59
N TRP D 377 -19.11 -37.69 -11.77
CA TRP D 377 -17.71 -37.67 -11.39
C TRP D 377 -17.11 -39.03 -11.78
N GLU D 378 -16.49 -39.09 -12.96
CA GLU D 378 -15.85 -40.30 -13.46
C GLU D 378 -14.36 -40.00 -13.65
N GLN D 379 -13.56 -40.36 -12.65
CA GLN D 379 -12.12 -40.11 -12.66
C GLN D 379 -11.82 -38.63 -12.87
N GLN D 380 -12.50 -37.78 -12.09
CA GLN D 380 -12.30 -36.33 -12.11
C GLN D 380 -12.62 -35.75 -13.50
N THR D 381 -13.75 -36.18 -14.06
CA THR D 381 -14.27 -35.63 -15.31
C THR D 381 -15.51 -34.80 -14.97
N LEU D 382 -15.37 -33.48 -15.06
CA LEU D 382 -16.43 -32.55 -14.68
C LEU D 382 -16.99 -31.80 -15.89
N ARG D 383 -17.13 -32.50 -17.02
CA ARG D 383 -17.78 -31.90 -18.18
C ARG D 383 -19.24 -31.57 -17.87
N LEU D 384 -19.96 -32.52 -17.28
CA LEU D 384 -21.35 -32.35 -16.84
C LEU D 384 -22.19 -31.88 -18.03
N LYS D 385 -23.19 -31.05 -17.77
CA LYS D 385 -24.00 -30.42 -18.81
C LYS D 385 -24.24 -28.98 -18.37
N TYR D 386 -25.18 -28.30 -19.05
CA TYR D 386 -25.54 -26.92 -18.73
C TYR D 386 -24.29 -26.06 -18.67
N PRO D 387 -23.72 -25.67 -19.83
CA PRO D 387 -22.37 -25.10 -19.90
C PRO D 387 -21.96 -24.21 -18.73
N LEU D 388 -20.78 -24.46 -18.19
CA LEU D 388 -20.34 -23.90 -16.93
C LEU D 388 -20.09 -22.39 -16.99
N TRP D 389 -20.08 -21.80 -18.17
CA TRP D 389 -19.92 -20.35 -18.29
C TRP D 389 -21.03 -19.65 -17.53
N SER D 390 -22.26 -19.79 -18.02
CA SER D 390 -23.49 -19.38 -17.35
C SER D 390 -23.37 -18.13 -16.49
N ARG D 391 -23.82 -18.22 -15.24
CA ARG D 391 -23.67 -17.21 -14.20
C ARG D 391 -24.56 -16.00 -14.46
N TYR D 392 -25.21 -15.50 -13.41
CA TYR D 392 -25.99 -14.27 -13.45
C TYR D 392 -27.09 -14.34 -14.52
N GLY D 393 -28.06 -15.23 -14.24
CA GLY D 393 -29.14 -15.49 -15.16
C GLY D 393 -29.58 -16.93 -15.17
N ARG D 394 -28.68 -17.83 -14.77
CA ARG D 394 -29.00 -19.22 -14.54
C ARG D 394 -28.45 -19.64 -13.18
N PHE D 395 -29.13 -20.58 -12.55
CA PHE D 395 -28.84 -21.00 -11.18
C PHE D 395 -29.01 -19.82 -10.23
N LEU D 396 -28.17 -18.80 -10.36
CA LEU D 396 -28.37 -17.55 -9.64
C LEU D 396 -28.97 -16.50 -10.57
N ASP D 400 -26.99 -5.93 -5.37
CA ASP D 400 -26.01 -5.00 -4.83
C ASP D 400 -25.30 -4.24 -5.96
N ASP D 401 -26.05 -3.39 -6.65
CA ASP D 401 -25.49 -2.61 -7.74
C ASP D 401 -24.59 -1.49 -7.26
N THR D 402 -24.73 -1.07 -5.99
CA THR D 402 -23.91 0.00 -5.44
C THR D 402 -22.43 -0.38 -5.33
N GLN D 403 -22.11 -1.66 -5.41
CA GLN D 403 -20.74 -2.13 -5.35
C GLN D 403 -20.28 -2.88 -6.59
N HIS D 404 -21.19 -3.55 -7.29
CA HIS D 404 -20.85 -4.34 -8.46
C HIS D 404 -21.31 -3.60 -9.72
N LEU D 405 -20.41 -3.48 -10.70
CA LEU D 405 -20.73 -2.85 -11.96
C LEU D 405 -19.89 -3.47 -13.07
N THR D 406 -20.53 -3.73 -14.21
CA THR D 406 -19.83 -4.32 -15.34
C THR D 406 -18.88 -3.31 -15.97
N VAL D 407 -17.74 -3.80 -16.44
CA VAL D 407 -16.72 -2.97 -17.08
C VAL D 407 -16.38 -3.59 -18.42
N ALA D 408 -16.41 -2.77 -19.47
CA ALA D 408 -16.02 -3.21 -20.81
C ALA D 408 -14.61 -2.75 -21.10
N THR D 409 -13.85 -3.60 -21.81
CA THR D 409 -12.46 -3.32 -22.09
C THR D 409 -12.08 -3.96 -23.41
N LEU D 410 -11.00 -3.46 -24.01
CA LEU D 410 -10.47 -4.00 -25.26
C LEU D 410 -8.99 -4.33 -25.08
N GLU D 411 -8.55 -5.39 -25.73
CA GLU D 411 -7.17 -5.86 -25.62
C GLU D 411 -6.27 -5.01 -26.53
N GLU D 412 -5.35 -4.26 -25.93
CA GLU D 412 -4.41 -3.46 -26.68
C GLU D 412 -3.00 -3.69 -26.16
N ARG D 413 -2.02 -3.52 -27.05
CA ARG D 413 -0.66 -3.98 -26.76
C ARG D 413 -0.02 -3.33 -25.55
N PRO D 414 -0.07 -2.00 -25.34
CA PRO D 414 0.57 -1.45 -24.15
C PRO D 414 -0.38 -1.20 -23.00
N PHE D 415 -1.69 -1.34 -23.24
CA PHE D 415 -2.70 -0.93 -22.28
C PHE D 415 -3.35 -2.12 -21.58
N VAL D 416 -3.90 -3.06 -22.33
CA VAL D 416 -4.61 -4.20 -21.76
C VAL D 416 -4.10 -5.47 -22.45
N ILE D 417 -3.31 -6.25 -21.73
CA ILE D 417 -2.77 -7.51 -22.23
C ILE D 417 -3.59 -8.66 -21.66
N VAL D 418 -4.10 -9.52 -22.54
CA VAL D 418 -4.89 -10.68 -22.17
C VAL D 418 -4.06 -11.93 -22.40
N GLU D 419 -3.94 -12.76 -21.37
CA GLU D 419 -3.13 -13.96 -21.43
C GLU D 419 -3.95 -15.15 -20.94
N PRO D 420 -3.64 -16.36 -21.42
CA PRO D 420 -4.35 -17.54 -20.92
C PRO D 420 -4.08 -17.76 -19.45
N ALA D 421 -5.09 -18.25 -18.74
CA ALA D 421 -4.91 -18.60 -17.34
C ALA D 421 -3.95 -19.77 -17.22
N ASP D 422 -3.15 -19.76 -16.15
CA ASP D 422 -2.13 -20.77 -15.92
C ASP D 422 -2.75 -22.15 -15.83
N PRO D 423 -2.54 -23.01 -16.83
CA PRO D 423 -3.15 -24.35 -16.77
C PRO D 423 -2.52 -25.25 -15.74
N ILE D 424 -1.26 -25.00 -15.36
CA ILE D 424 -0.59 -25.85 -14.38
C ILE D 424 -1.27 -25.72 -13.02
N SER D 425 -1.58 -24.50 -12.62
CA SER D 425 -2.29 -24.25 -11.36
C SER D 425 -3.79 -24.15 -11.55
N GLY D 426 -4.29 -24.28 -12.77
CA GLY D 426 -5.71 -24.14 -13.03
C GLY D 426 -6.18 -22.70 -12.99
N THR D 427 -6.02 -22.06 -11.84
CA THR D 427 -6.37 -20.66 -11.71
C THR D 427 -5.36 -19.79 -12.45
N CYS D 428 -5.79 -18.58 -12.79
CA CYS D 428 -4.94 -17.65 -13.50
C CYS D 428 -3.86 -17.08 -12.58
N ILE D 429 -2.84 -16.48 -13.19
CA ILE D 429 -1.73 -15.91 -12.44
C ILE D 429 -2.22 -14.71 -11.63
N ARG D 430 -1.55 -14.46 -10.49
CA ARG D 430 -1.87 -13.31 -9.67
C ARG D 430 -1.51 -12.02 -10.40
N ASP D 431 -1.83 -10.89 -9.75
CA ASP D 431 -1.62 -9.56 -10.34
C ASP D 431 -2.34 -9.44 -11.69
N SER D 432 -3.57 -9.95 -11.73
CA SER D 432 -4.37 -9.90 -12.95
C SER D 432 -5.83 -9.95 -12.55
N VAL D 433 -6.71 -9.59 -13.49
CA VAL D 433 -8.14 -9.55 -13.24
C VAL D 433 -8.84 -10.59 -14.08
N PRO D 434 -9.80 -11.33 -13.53
CA PRO D 434 -10.51 -12.39 -14.27
C PRO D 434 -11.52 -11.86 -15.28
N CYS D 435 -11.03 -11.51 -16.46
CA CYS D 435 -11.85 -10.94 -17.51
C CYS D 435 -12.42 -12.05 -18.37
N ARG D 436 -13.75 -12.15 -18.42
CA ARG D 436 -14.42 -13.09 -19.29
C ARG D 436 -14.52 -12.50 -20.70
N SER D 437 -15.32 -13.12 -21.56
CA SER D 437 -15.51 -12.62 -22.91
C SER D 437 -16.99 -12.76 -23.29
N GLN D 438 -17.38 -12.04 -24.32
CA GLN D 438 -18.75 -12.10 -24.80
C GLN D 438 -18.79 -12.04 -26.33
N PRO D 452 -17.77 -18.28 -22.59
CA PRO D 452 -16.70 -17.48 -21.99
C PRO D 452 -15.85 -18.25 -20.99
N GLU D 453 -14.73 -18.79 -21.46
CA GLU D 453 -13.82 -19.52 -20.59
C GLU D 453 -13.17 -18.56 -19.59
N LYS D 454 -12.91 -19.07 -18.39
CA LYS D 454 -12.23 -18.28 -17.38
C LYS D 454 -10.84 -17.89 -17.87
N ARG D 455 -10.47 -16.63 -17.65
CA ARG D 455 -9.27 -16.05 -18.25
C ARG D 455 -8.97 -14.74 -17.54
N CYS D 456 -7.68 -14.43 -17.42
CA CYS D 456 -7.21 -13.22 -16.76
C CYS D 456 -6.44 -12.34 -17.74
N CYS D 457 -6.39 -11.05 -17.40
CA CYS D 457 -5.69 -10.07 -18.21
C CYS D 457 -4.96 -9.08 -17.31
N LYS D 458 -4.02 -8.35 -17.90
CA LYS D 458 -3.24 -7.36 -17.20
C LYS D 458 -2.92 -6.22 -18.17
N GLY D 459 -2.06 -5.30 -17.73
CA GLY D 459 -1.64 -4.21 -18.56
C GLY D 459 -1.63 -2.92 -17.75
N PHE D 460 -1.76 -1.80 -18.46
CA PHE D 460 -1.73 -0.48 -17.82
C PHE D 460 -3.10 -0.06 -17.31
N CYS D 461 -4.11 -0.02 -18.20
CA CYS D 461 -5.44 0.42 -17.80
C CYS D 461 -6.03 -0.51 -16.74
N ILE D 462 -5.59 -1.77 -16.70
CA ILE D 462 -6.05 -2.69 -15.67
C ILE D 462 -5.62 -2.19 -14.30
N ASP D 463 -4.35 -1.78 -14.19
CA ASP D 463 -3.84 -1.30 -12.90
C ASP D 463 -4.57 -0.04 -12.44
N ILE D 464 -4.98 0.81 -13.37
CA ILE D 464 -5.78 1.97 -13.02
C ILE D 464 -7.12 1.52 -12.44
N LEU D 465 -7.75 0.53 -13.06
CA LEU D 465 -9.05 0.06 -12.60
C LEU D 465 -8.96 -0.54 -11.21
N LYS D 466 -7.96 -1.38 -10.96
CA LYS D 466 -7.84 -2.03 -9.66
C LYS D 466 -7.49 -1.03 -8.57
N ARG D 467 -6.73 0.01 -8.90
CA ARG D 467 -6.43 1.03 -7.91
C ARG D 467 -7.68 1.82 -7.53
N LEU D 468 -8.54 2.10 -8.50
CA LEU D 468 -9.79 2.79 -8.21
C LEU D 468 -10.70 1.95 -7.34
N ALA D 469 -10.68 0.62 -7.53
CA ALA D 469 -11.52 -0.25 -6.73
C ALA D 469 -11.16 -0.16 -5.25
N HIS D 470 -9.87 -0.13 -4.94
CA HIS D 470 -9.44 0.03 -3.54
C HIS D 470 -9.84 1.39 -3.00
N THR D 471 -9.70 2.44 -3.81
CA THR D 471 -9.99 3.79 -3.35
C THR D 471 -11.50 4.04 -3.26
N ILE D 472 -12.20 3.86 -4.37
CA ILE D 472 -13.64 4.14 -4.40
C ILE D 472 -14.40 3.11 -3.58
N GLY D 473 -13.99 1.85 -3.64
CA GLY D 473 -14.70 0.80 -2.93
C GLY D 473 -15.83 0.20 -3.74
N PHE D 474 -15.51 -0.32 -4.93
CA PHE D 474 -16.50 -0.93 -5.80
C PHE D 474 -15.90 -2.16 -6.46
N SER D 475 -16.75 -3.15 -6.71
CA SER D 475 -16.34 -4.36 -7.42
C SER D 475 -16.65 -4.22 -8.90
N TYR D 476 -16.30 -5.24 -9.67
CA TYR D 476 -16.42 -5.16 -11.13
C TYR D 476 -16.35 -6.57 -11.71
N ASP D 477 -16.63 -6.66 -13.01
CA ASP D 477 -16.52 -7.92 -13.74
C ASP D 477 -16.15 -7.57 -15.18
N LEU D 478 -14.85 -7.55 -15.48
CA LEU D 478 -14.40 -7.17 -16.80
C LEU D 478 -14.81 -8.21 -17.84
N TYR D 479 -15.02 -7.73 -19.07
CA TYR D 479 -15.25 -8.62 -20.20
C TYR D 479 -14.84 -7.90 -21.47
N LEU D 480 -14.02 -8.57 -22.27
CA LEU D 480 -13.53 -7.98 -23.50
C LEU D 480 -14.66 -7.77 -24.50
N VAL D 481 -14.65 -6.61 -25.15
CA VAL D 481 -15.65 -6.31 -26.17
C VAL D 481 -15.30 -7.07 -27.45
N THR D 482 -16.33 -7.59 -28.11
CA THR D 482 -16.15 -8.39 -29.33
C THR D 482 -16.96 -7.82 -30.48
N ASN D 483 -17.11 -6.49 -30.53
CA ASN D 483 -17.89 -5.83 -31.57
C ASN D 483 -17.04 -4.96 -32.48
N GLY D 484 -16.27 -4.04 -31.92
CA GLY D 484 -15.44 -3.15 -32.71
C GLY D 484 -14.19 -2.78 -31.94
N LYS D 485 -13.72 -1.55 -32.16
CA LYS D 485 -12.50 -1.06 -31.53
C LYS D 485 -12.76 0.35 -31.00
N HIS D 486 -12.74 0.50 -29.69
CA HIS D 486 -12.93 1.79 -29.00
C HIS D 486 -14.24 2.47 -29.38
N GLY D 487 -15.20 1.72 -29.89
CA GLY D 487 -16.47 2.29 -30.29
C GLY D 487 -16.40 3.01 -31.62
N LYS D 488 -17.53 3.05 -32.32
CA LYS D 488 -17.62 3.69 -33.62
C LYS D 488 -19.09 3.89 -33.95
N LYS D 489 -19.36 4.77 -34.90
CA LYS D 489 -20.71 5.02 -35.39
C LYS D 489 -20.91 4.33 -36.73
N ILE D 490 -21.99 3.55 -36.83
CA ILE D 490 -22.30 2.83 -38.05
C ILE D 490 -23.54 3.45 -38.67
N ASP D 491 -23.71 4.76 -38.47
CA ASP D 491 -24.82 5.53 -39.02
C ASP D 491 -26.16 5.00 -38.51
N GLY D 492 -26.32 5.05 -37.19
CA GLY D 492 -27.57 4.65 -36.57
C GLY D 492 -27.39 3.84 -35.31
N VAL D 493 -26.29 3.07 -35.23
CA VAL D 493 -26.01 2.22 -34.09
C VAL D 493 -24.56 2.41 -33.67
N TRP D 494 -24.34 2.54 -32.36
CA TRP D 494 -23.01 2.67 -31.81
C TRP D 494 -22.52 1.29 -31.37
N ASN D 495 -21.39 0.86 -31.94
CA ASN D 495 -20.83 -0.45 -31.69
C ASN D 495 -19.57 -0.31 -30.82
N GLY D 496 -18.90 -1.44 -30.61
CA GLY D 496 -17.62 -1.43 -29.94
C GLY D 496 -17.72 -1.13 -28.46
N MET D 497 -16.59 -0.67 -27.91
CA MET D 497 -16.51 -0.40 -26.47
C MET D 497 -17.47 0.71 -26.06
N ILE D 498 -17.57 1.77 -26.86
CA ILE D 498 -18.48 2.86 -26.55
C ILE D 498 -19.93 2.39 -26.61
N GLY D 499 -20.27 1.62 -27.65
CA GLY D 499 -21.63 1.11 -27.76
C GLY D 499 -22.04 0.22 -26.61
N GLU D 500 -21.07 -0.49 -26.02
CA GLU D 500 -21.36 -1.32 -24.86
C GLU D 500 -21.77 -0.49 -23.64
N VAL D 501 -21.52 0.81 -23.66
CA VAL D 501 -21.93 1.69 -22.58
C VAL D 501 -23.15 2.53 -22.96
N PHE D 502 -23.23 2.94 -24.23
CA PHE D 502 -24.39 3.71 -24.68
C PHE D 502 -25.67 2.89 -24.63
N TYR D 503 -25.57 1.56 -24.66
CA TYR D 503 -26.73 0.68 -24.67
C TYR D 503 -26.93 -0.03 -23.34
N GLN D 504 -26.53 0.60 -22.24
CA GLN D 504 -26.80 0.10 -20.89
C GLN D 504 -26.11 -1.22 -20.59
N ARG D 505 -25.32 -1.73 -21.53
CA ARG D 505 -24.69 -3.04 -21.34
C ARG D 505 -23.54 -2.96 -20.35
N ALA D 506 -22.72 -1.91 -20.43
CA ALA D 506 -21.56 -1.76 -19.56
C ALA D 506 -21.62 -0.42 -18.84
N ASP D 507 -21.29 -0.43 -17.56
CA ASP D 507 -21.29 0.80 -16.77
C ASP D 507 -20.07 1.67 -17.06
N MET D 508 -18.92 1.06 -17.35
CA MET D 508 -17.70 1.80 -17.65
C MET D 508 -17.00 1.16 -18.83
N ALA D 509 -16.08 1.92 -19.42
CA ALA D 509 -15.37 1.50 -20.62
C ALA D 509 -13.89 1.87 -20.52
N ILE D 510 -13.27 1.56 -19.37
CA ILE D 510 -11.86 1.89 -19.17
C ILE D 510 -11.02 1.18 -20.22
N GLY D 511 -10.10 1.92 -20.83
CA GLY D 511 -9.23 1.36 -21.85
C GLY D 511 -8.47 2.44 -22.56
N SER D 512 -8.26 2.21 -23.86
CA SER D 512 -7.62 3.20 -24.72
C SER D 512 -8.69 3.98 -25.48
N LEU D 513 -9.46 4.75 -24.72
CA LEU D 513 -10.60 5.50 -25.24
C LEU D 513 -10.22 6.97 -25.37
N THR D 514 -10.20 7.46 -26.61
CA THR D 514 -9.88 8.86 -26.85
C THR D 514 -11.12 9.72 -26.65
N ILE D 515 -11.01 10.76 -25.83
CA ILE D 515 -12.12 11.66 -25.60
C ILE D 515 -12.42 12.43 -26.88
N ASN D 516 -13.69 12.42 -27.29
CA ASN D 516 -14.11 13.06 -28.53
C ASN D 516 -15.37 13.88 -28.27
N GLU D 517 -15.57 14.89 -29.12
CA GLU D 517 -16.78 15.71 -28.99
C GLU D 517 -18.03 14.88 -29.28
N GLU D 518 -17.99 14.05 -30.33
CA GLU D 518 -19.15 13.23 -30.67
C GLU D 518 -19.46 12.22 -29.57
N ARG D 519 -18.42 11.59 -29.01
CA ARG D 519 -18.63 10.64 -27.93
C ARG D 519 -19.07 11.33 -26.64
N SER D 520 -18.75 12.61 -26.47
CA SER D 520 -19.07 13.29 -25.22
C SER D 520 -20.57 13.55 -25.04
N GLU D 521 -21.33 13.58 -26.13
CA GLU D 521 -22.76 13.86 -26.04
C GLU D 521 -23.62 12.60 -25.97
N ILE D 522 -23.02 11.42 -25.99
CA ILE D 522 -23.78 10.19 -25.83
C ILE D 522 -23.36 9.49 -24.55
N VAL D 523 -22.09 9.66 -24.18
CA VAL D 523 -21.56 9.19 -22.90
C VAL D 523 -20.70 10.31 -22.33
N ASP D 524 -20.58 10.33 -21.00
CA ASP D 524 -19.74 11.31 -20.34
C ASP D 524 -18.44 10.65 -19.89
N PHE D 525 -17.34 11.38 -20.03
CA PHE D 525 -16.03 10.85 -19.74
C PHE D 525 -15.54 11.39 -18.39
N SER D 526 -14.36 10.95 -17.99
CA SER D 526 -13.72 11.39 -16.76
C SER D 526 -12.56 12.32 -17.10
N VAL D 527 -11.84 12.73 -16.07
CA VAL D 527 -10.65 13.56 -16.28
C VAL D 527 -9.58 12.71 -16.96
N PRO D 528 -9.01 13.16 -18.07
CA PRO D 528 -8.01 12.34 -18.78
C PRO D 528 -6.80 12.06 -17.91
N PHE D 529 -6.29 10.83 -18.02
CA PHE D 529 -5.07 10.44 -17.33
C PHE D 529 -3.89 10.25 -18.27
N VAL D 530 -4.12 10.18 -19.57
CA VAL D 530 -3.06 10.10 -20.57
C VAL D 530 -3.38 11.05 -21.70
N GLU D 531 -2.38 11.81 -22.14
CA GLU D 531 -2.56 12.79 -23.20
C GLU D 531 -2.37 12.16 -24.57
N THR D 532 -3.24 12.51 -25.51
CA THR D 532 -3.17 12.03 -26.88
C THR D 532 -3.30 13.19 -27.84
N GLY D 533 -2.45 13.21 -28.87
CA GLY D 533 -2.50 14.25 -29.87
C GLY D 533 -2.32 13.75 -31.29
N ILE D 534 -1.62 14.51 -32.12
CA ILE D 534 -1.29 14.11 -33.47
C ILE D 534 0.17 14.46 -33.74
N SER D 535 1.04 13.45 -33.66
CA SER D 535 2.48 13.68 -33.66
C SER D 535 3.10 13.34 -35.01
N VAL D 536 4.43 13.41 -35.09
CA VAL D 536 5.18 13.17 -36.32
C VAL D 536 6.43 12.38 -35.98
N MET D 537 6.70 11.34 -36.75
CA MET D 537 7.95 10.60 -36.65
C MET D 537 8.97 11.07 -37.69
N VAL D 538 10.21 10.70 -37.45
CA VAL D 538 11.29 10.92 -38.40
C VAL D 538 12.45 10.02 -37.99
N ALA D 539 13.28 9.66 -38.96
CA ALA D 539 14.47 8.87 -38.65
C ALA D 539 15.48 9.71 -37.87
N ARG D 540 16.29 9.03 -37.07
CA ARG D 540 17.29 9.73 -36.27
C ARG D 540 18.27 10.47 -37.18
N SER D 541 18.58 11.71 -36.79
CA SER D 541 19.51 12.54 -37.55
C SER D 541 20.95 12.25 -37.12
N ASN D 542 21.83 12.06 -38.10
CA ASN D 542 23.22 11.75 -37.79
C ASN D 542 23.92 12.94 -37.12
N GLY D 543 23.73 14.14 -37.66
CA GLY D 543 24.34 15.32 -37.09
C GLY D 543 25.44 15.91 -37.93
N THR D 544 25.37 17.21 -38.18
CA THR D 544 26.39 17.90 -38.95
C THR D 544 27.53 18.34 -38.04
N VAL D 545 28.52 19.03 -38.62
CA VAL D 545 29.71 19.42 -37.88
C VAL D 545 29.95 20.92 -38.02
N SER D 546 28.88 21.70 -38.23
CA SER D 546 28.97 23.15 -38.33
C SER D 546 29.91 23.55 -39.45
N PRO D 547 29.49 23.42 -40.72
CA PRO D 547 30.42 23.50 -41.86
C PRO D 547 31.35 24.72 -41.88
N SER D 548 31.10 25.70 -41.01
CA SER D 548 32.01 26.82 -40.82
C SER D 548 32.86 26.63 -39.58
N ALA D 549 33.24 25.39 -39.28
CA ALA D 549 33.90 25.06 -38.02
C ALA D 549 35.35 25.50 -37.97
N PHE D 550 36.02 25.65 -39.11
CA PHE D 550 37.46 25.92 -39.07
C PHE D 550 37.77 27.29 -38.49
N LEU D 551 36.92 28.29 -38.74
CA LEU D 551 37.13 29.61 -38.17
C LEU D 551 36.57 29.75 -36.76
N GLU D 552 35.93 28.71 -36.23
CA GLU D 552 35.22 28.76 -34.97
C GLU D 552 36.13 28.69 -33.73
N PRO D 553 37.12 27.79 -33.65
CA PRO D 553 37.84 27.64 -32.38
C PRO D 553 38.78 28.79 -32.09
N TYR D 554 38.28 30.01 -32.22
CA TYR D 554 39.02 31.25 -31.98
C TYR D 554 37.99 32.38 -31.97
N SER D 555 38.48 33.61 -31.95
CA SER D 555 37.63 34.77 -32.09
C SER D 555 38.17 35.66 -33.20
N PRO D 556 37.31 36.43 -33.86
CA PRO D 556 37.81 37.38 -34.86
C PRO D 556 38.78 38.39 -34.28
N ALA D 557 38.65 38.71 -32.99
CA ALA D 557 39.64 39.57 -32.34
C ALA D 557 41.01 38.91 -32.33
N VAL D 558 41.06 37.62 -31.97
CA VAL D 558 42.33 36.90 -32.00
C VAL D 558 42.77 36.66 -33.43
N TRP D 559 41.85 36.30 -34.32
CA TRP D 559 42.20 36.00 -35.70
C TRP D 559 42.79 37.21 -36.40
N VAL D 560 42.06 38.34 -36.35
CA VAL D 560 42.47 39.52 -37.12
C VAL D 560 43.72 40.14 -36.53
N MET D 561 43.78 40.26 -35.20
CA MET D 561 44.90 40.97 -34.58
C MET D 561 46.19 40.16 -34.66
N MET D 562 46.09 38.83 -34.74
CA MET D 562 47.31 38.03 -34.91
C MET D 562 47.96 38.31 -36.25
N PHE D 563 47.15 38.50 -37.30
CA PHE D 563 47.70 38.99 -38.57
C PHE D 563 48.32 40.37 -38.38
N VAL D 564 47.63 41.24 -37.63
CA VAL D 564 48.16 42.58 -37.37
C VAL D 564 49.44 42.48 -36.55
N MET D 565 49.48 41.58 -35.58
CA MET D 565 50.67 41.44 -34.74
C MET D 565 51.89 41.06 -35.56
N CYS D 566 51.74 40.12 -36.49
CA CYS D 566 52.88 39.72 -37.31
C CYS D 566 53.37 40.87 -38.17
N LEU D 567 52.45 41.69 -38.68
CA LEU D 567 52.85 42.85 -39.47
C LEU D 567 53.74 43.78 -38.66
N THR D 568 53.45 43.93 -37.37
CA THR D 568 54.35 44.70 -36.50
C THR D 568 55.66 43.99 -36.29
N VAL D 569 55.62 42.68 -36.04
CA VAL D 569 56.85 41.92 -35.80
C VAL D 569 57.70 41.88 -37.06
N VAL D 570 57.06 41.70 -38.23
CA VAL D 570 57.80 41.70 -39.49
C VAL D 570 58.48 43.04 -39.70
N ALA D 571 57.75 44.14 -39.46
CA ALA D 571 58.35 45.46 -39.57
C ALA D 571 59.50 45.62 -38.57
N VAL D 572 59.30 45.12 -37.35
CA VAL D 572 60.38 45.17 -36.35
C VAL D 572 61.55 44.32 -36.79
N THR D 573 61.28 43.11 -37.30
CA THR D 573 62.36 42.18 -37.64
C THR D 573 63.26 42.77 -38.72
N VAL D 574 62.67 43.39 -39.74
CA VAL D 574 63.49 44.02 -40.78
C VAL D 574 64.33 45.15 -40.18
N PHE D 575 63.72 45.97 -39.32
CA PHE D 575 64.46 47.05 -38.68
C PHE D 575 65.47 46.52 -37.67
N ILE D 576 65.09 45.48 -36.91
CA ILE D 576 65.99 44.93 -35.91
C ILE D 576 67.13 44.14 -36.55
N PHE D 577 66.95 43.65 -37.78
CA PHE D 577 68.01 42.93 -38.48
C PHE D 577 68.91 43.86 -39.29
N GLU D 578 68.40 45.03 -39.67
CA GLU D 578 69.21 45.97 -40.45
C GLU D 578 70.46 46.40 -39.69
N TYR D 579 70.37 46.50 -38.37
CA TYR D 579 71.51 46.92 -37.53
C TYR D 579 72.28 45.67 -37.10
N LEU D 580 73.13 45.19 -38.01
CA LEU D 580 73.94 44.00 -37.73
C LEU D 580 75.12 44.37 -36.83
N THR D 599 70.09 40.76 -47.36
CA THR D 599 68.94 41.18 -48.14
C THR D 599 67.66 40.52 -47.61
N PHE D 600 67.27 40.89 -46.39
CA PHE D 600 66.09 40.30 -45.78
C PHE D 600 64.81 40.90 -46.36
N THR D 601 64.64 42.22 -46.20
CA THR D 601 63.48 42.95 -46.69
C THR D 601 62.17 42.48 -46.06
N ILE D 602 61.10 43.25 -46.26
CA ILE D 602 59.82 42.91 -45.65
C ILE D 602 59.23 41.65 -46.27
N GLY D 603 59.45 41.45 -47.57
CA GLY D 603 58.81 40.33 -48.26
C GLY D 603 59.20 38.98 -47.69
N LYS D 604 60.48 38.79 -47.39
CA LYS D 604 60.92 37.52 -46.83
C LYS D 604 60.58 37.40 -45.36
N SER D 605 60.47 38.52 -44.64
CA SER D 605 60.11 38.46 -43.23
C SER D 605 58.66 38.00 -43.06
N ILE D 606 57.75 38.51 -43.89
CA ILE D 606 56.37 38.03 -43.86
C ILE D 606 56.31 36.54 -44.20
N TRP D 607 57.05 36.14 -45.24
CA TRP D 607 57.06 34.74 -45.65
C TRP D 607 57.63 33.86 -44.55
N LEU D 608 58.70 34.30 -43.88
CA LEU D 608 59.31 33.50 -42.84
C LEU D 608 58.41 33.42 -41.60
N LEU D 609 57.90 34.58 -41.15
CA LEU D 609 57.09 34.59 -39.94
C LEU D 609 55.77 33.83 -40.14
N TRP D 610 55.13 34.01 -41.30
CA TRP D 610 53.90 33.28 -41.56
C TRP D 610 54.15 31.78 -41.64
N ALA D 611 55.37 31.38 -42.03
CA ALA D 611 55.68 29.97 -42.15
C ALA D 611 55.60 29.26 -40.80
N LEU D 612 56.20 29.87 -39.78
CA LEU D 612 56.23 29.24 -38.45
C LEU D 612 54.82 29.10 -37.89
N VAL D 613 53.98 30.12 -38.04
CA VAL D 613 52.64 30.09 -37.48
C VAL D 613 51.72 29.10 -38.17
N PHE D 614 52.14 28.55 -39.31
CA PHE D 614 51.29 27.64 -40.08
C PHE D 614 51.94 26.26 -40.24
N ASN D 615 52.48 25.69 -39.16
CA ASN D 615 53.07 24.36 -39.19
C ASN D 615 54.21 24.31 -40.23
N ASN D 616 55.28 25.03 -39.89
CA ASN D 616 56.35 25.36 -40.81
C ASN D 616 56.80 24.18 -41.65
N SER D 617 56.55 24.27 -42.96
CA SER D 617 57.05 23.29 -43.92
C SER D 617 57.52 23.92 -45.22
N VAL D 618 57.37 25.23 -45.38
CA VAL D 618 57.68 25.89 -46.65
C VAL D 618 59.13 26.34 -46.63
N PRO D 619 59.75 26.60 -47.78
CA PRO D 619 61.09 27.18 -47.78
C PRO D 619 61.11 28.53 -47.07
N VAL D 620 62.18 28.76 -46.31
CA VAL D 620 62.32 29.98 -45.51
C VAL D 620 63.71 30.54 -45.68
N GLU D 621 63.84 31.83 -45.41
CA GLU D 621 65.14 32.52 -45.36
C GLU D 621 65.35 33.01 -43.94
N ASN D 622 66.46 32.64 -43.35
CA ASN D 622 66.65 33.00 -41.97
C ASN D 622 67.59 34.19 -41.84
N PRO D 623 67.40 35.04 -40.83
CA PRO D 623 68.33 36.17 -40.62
C PRO D 623 69.67 35.71 -40.08
N ARG D 624 70.61 36.65 -39.94
CA ARG D 624 71.93 36.36 -39.40
C ARG D 624 72.17 37.00 -38.05
N GLY D 625 71.65 38.21 -37.82
CA GLY D 625 71.85 38.86 -36.54
C GLY D 625 71.16 38.10 -35.42
N THR D 626 71.80 38.09 -34.25
CA THR D 626 71.25 37.35 -33.11
C THR D 626 70.00 38.03 -32.55
N THR D 627 69.91 39.35 -32.64
CA THR D 627 68.73 40.04 -32.14
C THR D 627 67.48 39.69 -32.96
N SER D 628 67.63 39.56 -34.28
CA SER D 628 66.51 39.16 -35.12
C SER D 628 66.25 37.66 -35.00
N LYS D 629 67.32 36.87 -34.86
CA LYS D 629 67.16 35.42 -34.73
C LYS D 629 66.44 35.04 -33.45
N ILE D 630 66.75 35.74 -32.35
CA ILE D 630 66.07 35.47 -31.08
C ILE D 630 64.61 35.87 -31.17
N MET D 631 64.32 37.02 -31.79
CA MET D 631 62.94 37.49 -31.88
C MET D 631 62.08 36.50 -32.65
N VAL D 632 62.62 35.94 -33.74
CA VAL D 632 61.90 34.93 -34.51
C VAL D 632 61.53 33.76 -33.62
N LEU D 633 62.45 33.34 -32.76
CA LEU D 633 62.17 32.23 -31.85
C LEU D 633 61.01 32.56 -30.92
N VAL D 634 60.95 33.81 -30.44
CA VAL D 634 59.83 34.22 -29.60
C VAL D 634 58.52 34.11 -30.38
N TRP D 635 58.52 34.59 -31.64
CA TRP D 635 57.35 34.40 -32.48
C TRP D 635 57.13 32.93 -32.80
N ALA D 636 58.21 32.15 -32.92
CA ALA D 636 58.06 30.71 -33.13
C ALA D 636 57.39 30.04 -31.94
N PHE D 637 57.72 30.49 -30.72
CA PHE D 637 57.05 29.94 -29.54
C PHE D 637 55.57 30.25 -29.56
N PHE D 638 55.20 31.46 -29.96
CA PHE D 638 53.78 31.78 -30.11
C PHE D 638 53.13 30.92 -31.20
N ALA D 639 53.90 30.58 -32.23
CA ALA D 639 53.36 29.72 -33.28
C ALA D 639 52.98 28.34 -32.74
N VAL D 640 53.81 27.79 -31.86
CA VAL D 640 53.50 26.50 -31.25
C VAL D 640 52.24 26.60 -30.39
N ILE D 641 52.16 27.66 -29.58
CA ILE D 641 51.00 27.85 -28.72
C ILE D 641 49.75 28.10 -29.55
N PHE D 642 49.85 28.93 -30.59
CA PHE D 642 48.69 29.21 -31.42
C PHE D 642 48.18 27.95 -32.10
N LEU D 643 49.08 27.17 -32.68
CA LEU D 643 48.66 25.94 -33.34
C LEU D 643 48.11 24.93 -32.34
N ALA D 644 48.75 24.83 -31.17
CA ALA D 644 48.27 23.90 -30.15
C ALA D 644 46.88 24.31 -29.65
N SER D 645 46.66 25.60 -29.44
CA SER D 645 45.35 26.05 -28.98
C SER D 645 44.28 25.81 -30.04
N TYR D 646 44.62 26.00 -31.31
CA TYR D 646 43.64 25.83 -32.38
C TYR D 646 43.15 24.39 -32.44
N THR D 647 44.07 23.43 -32.48
CA THR D 647 43.68 22.03 -32.61
C THR D 647 43.04 21.52 -31.32
N ALA D 648 43.39 22.09 -30.17
CA ALA D 648 42.79 21.65 -28.91
C ALA D 648 41.32 22.05 -28.85
N ASN D 649 41.02 23.30 -29.17
CA ASN D 649 39.63 23.76 -29.11
C ASN D 649 38.81 23.24 -30.29
N LEU D 650 39.44 22.98 -31.44
CA LEU D 650 38.72 22.40 -32.56
C LEU D 650 38.15 21.04 -32.20
N ALA D 651 38.89 20.26 -31.41
CA ALA D 651 38.37 18.99 -30.93
C ALA D 651 37.15 19.20 -30.04
N ALA D 652 37.18 20.22 -29.18
CA ALA D 652 36.08 20.45 -28.25
C ALA D 652 34.82 20.88 -28.98
N PHE D 653 34.96 21.56 -30.12
CA PHE D 653 33.77 22.06 -30.82
C PHE D 653 32.87 20.93 -31.29
N MET D 654 33.45 19.86 -31.81
CA MET D 654 32.70 18.70 -32.29
C MET D 654 32.77 17.52 -31.32
N ILE D 655 32.81 17.83 -30.03
CA ILE D 655 32.63 16.84 -28.96
C ILE D 655 31.41 17.18 -28.10
N GLN D 656 31.31 18.42 -27.64
CA GLN D 656 30.16 18.88 -26.87
C GLN D 656 29.19 19.62 -27.80
N GLU D 657 28.52 18.83 -28.64
CA GLU D 657 27.60 19.41 -29.62
C GLU D 657 26.27 18.69 -29.73
N GLU D 658 26.07 17.56 -29.05
CA GLU D 658 24.81 16.82 -29.08
C GLU D 658 24.42 16.42 -30.50
N TYR D 659 23.18 15.98 -30.69
CA TYR D 659 22.71 15.62 -32.04
C TYR D 659 21.18 15.72 -32.06
N VAL D 660 20.68 16.85 -32.58
CA VAL D 660 19.26 16.97 -32.88
C VAL D 660 19.11 17.34 -34.35
N ASP D 661 19.65 18.51 -34.72
CA ASP D 661 19.86 18.92 -36.10
C ASP D 661 18.57 19.07 -36.92
N THR D 662 17.39 18.83 -36.32
CA THR D 662 16.15 18.92 -37.07
C THR D 662 14.93 18.98 -36.16
N VAL D 663 14.07 19.97 -36.39
CA VAL D 663 12.77 20.06 -35.73
C VAL D 663 11.74 20.50 -36.78
N SER D 664 10.62 19.78 -36.84
CA SER D 664 9.57 20.09 -37.80
C SER D 664 8.21 20.06 -37.11
N GLY D 665 7.26 20.79 -37.67
CA GLY D 665 5.92 20.85 -37.12
C GLY D 665 4.85 20.46 -38.13
N LEU D 666 3.69 20.01 -37.64
CA LEU D 666 2.62 19.59 -38.52
C LEU D 666 2.07 20.76 -39.32
N SER D 667 1.88 21.91 -38.67
CA SER D 667 1.32 23.07 -39.36
C SER D 667 2.30 23.73 -40.32
N ASP D 668 3.56 23.31 -40.32
CA ASP D 668 4.55 23.90 -41.21
C ASP D 668 4.20 23.59 -42.66
N ARG D 669 4.48 24.55 -43.55
CA ARG D 669 4.20 24.35 -44.97
C ARG D 669 5.03 23.21 -45.55
N LYS D 670 6.23 22.98 -45.01
CA LYS D 670 7.02 21.84 -45.43
C LYS D 670 6.28 20.53 -45.21
N PHE D 671 5.35 20.50 -44.26
CA PHE D 671 4.45 19.38 -44.08
C PHE D 671 3.09 19.58 -44.75
N GLN D 672 2.56 20.80 -44.72
CA GLN D 672 1.22 21.08 -45.22
C GLN D 672 1.07 20.67 -46.68
N ARG D 673 1.79 21.34 -47.57
CA ARG D 673 1.78 21.02 -49.00
C ARG D 673 3.22 20.86 -49.46
N PRO D 674 3.61 19.71 -50.01
CA PRO D 674 4.97 19.54 -50.54
C PRO D 674 5.12 19.78 -52.05
N GLN D 675 4.03 20.13 -52.75
CA GLN D 675 4.08 20.25 -54.20
C GLN D 675 4.58 21.60 -54.69
N GLU D 676 4.94 22.52 -53.78
CA GLU D 676 5.49 23.82 -54.16
C GLU D 676 6.88 24.02 -53.58
N GLN D 677 7.60 22.93 -53.34
CA GLN D 677 8.85 22.95 -52.60
C GLN D 677 9.77 21.88 -53.17
N TYR D 678 10.78 21.49 -52.39
CA TYR D 678 11.74 20.45 -52.70
C TYR D 678 11.03 19.12 -53.01
N PRO D 679 11.74 18.11 -53.50
CA PRO D 679 11.14 16.78 -53.66
C PRO D 679 10.22 16.44 -52.50
N PRO D 680 8.98 16.04 -52.79
CA PRO D 680 7.95 16.03 -51.76
C PRO D 680 8.30 15.14 -50.57
N LEU D 681 7.98 15.63 -49.38
CA LEU D 681 8.09 14.83 -48.17
C LEU D 681 6.93 13.84 -48.12
N LYS D 682 7.24 12.58 -47.90
CA LYS D 682 6.24 11.51 -47.90
C LYS D 682 5.82 11.21 -46.47
N PHE D 683 4.51 11.31 -46.22
CA PHE D 683 3.96 11.05 -44.90
C PHE D 683 2.56 10.46 -45.05
N GLY D 684 2.23 9.52 -44.17
CA GLY D 684 0.94 8.88 -44.20
C GLY D 684 0.55 8.41 -42.80
N THR D 685 -0.65 7.86 -42.71
CA THR D 685 -1.19 7.42 -41.43
C THR D 685 -1.96 6.13 -41.65
N VAL D 686 -2.74 5.73 -40.65
CA VAL D 686 -3.66 4.61 -40.74
C VAL D 686 -5.07 5.19 -40.95
N PRO D 687 -5.66 5.04 -42.14
CA PRO D 687 -6.98 5.62 -42.38
C PRO D 687 -8.06 4.92 -41.58
N ASN D 688 -9.30 5.44 -41.65
CA ASN D 688 -10.44 4.90 -40.92
C ASN D 688 -10.16 4.89 -39.41
N GLY D 689 -9.94 6.08 -38.88
CA GLY D 689 -9.62 6.21 -37.47
C GLY D 689 -9.79 7.65 -37.02
N SER D 690 -9.48 7.87 -35.74
CA SER D 690 -9.63 9.21 -35.17
C SER D 690 -8.68 10.20 -35.82
N THR D 691 -7.45 9.78 -36.11
CA THR D 691 -6.48 10.69 -36.71
C THR D 691 -6.90 11.11 -38.11
N GLU D 692 -7.65 10.27 -38.82
CA GLU D 692 -8.09 10.64 -40.15
C GLU D 692 -9.25 11.63 -40.11
N LYS D 693 -10.12 11.54 -39.10
CA LYS D 693 -11.21 12.50 -38.97
C LYS D 693 -10.69 13.91 -38.80
N ASN D 694 -9.70 14.09 -37.92
CA ASN D 694 -9.16 15.42 -37.67
C ASN D 694 -8.39 15.94 -38.88
N ILE D 695 -7.63 15.06 -39.55
CA ILE D 695 -6.86 15.50 -40.71
C ILE D 695 -7.76 15.76 -41.91
N ARG D 696 -9.00 15.28 -41.89
CA ARG D 696 -9.92 15.52 -42.98
C ARG D 696 -10.69 16.84 -42.79
N SER D 697 -11.19 17.07 -41.58
CA SER D 697 -11.97 18.29 -41.33
C SER D 697 -11.11 19.53 -41.46
N ASN D 698 -9.87 19.48 -40.98
CA ASN D 698 -9.02 20.67 -41.00
C ASN D 698 -8.50 20.97 -42.39
N TYR D 699 -7.71 20.05 -42.96
CA TYR D 699 -7.16 20.22 -44.30
C TYR D 699 -7.71 19.15 -45.23
N PRO D 700 -8.69 19.47 -46.07
CA PRO D 700 -9.17 18.49 -47.05
C PRO D 700 -8.09 18.06 -48.03
N ASP D 701 -7.16 18.95 -48.38
CA ASP D 701 -6.07 18.57 -49.28
C ASP D 701 -5.11 17.60 -48.62
N MET D 702 -4.99 17.66 -47.30
CA MET D 702 -4.19 16.67 -46.58
C MET D 702 -4.72 15.26 -46.81
N HIS D 703 -6.04 15.09 -46.72
CA HIS D 703 -6.64 13.78 -46.94
C HIS D 703 -6.42 13.31 -48.37
N SER D 704 -6.56 14.23 -49.34
CA SER D 704 -6.37 13.85 -50.74
C SER D 704 -4.92 13.44 -51.02
N TYR D 705 -3.96 14.18 -50.48
CA TYR D 705 -2.55 13.90 -50.77
C TYR D 705 -2.03 12.69 -50.01
N MET D 706 -2.51 12.47 -48.79
CA MET D 706 -1.92 11.44 -47.93
C MET D 706 -2.33 10.03 -48.33
N VAL D 707 -3.35 9.86 -49.19
CA VAL D 707 -3.74 8.52 -49.61
C VAL D 707 -2.70 7.86 -50.51
N ARG D 708 -1.73 8.62 -51.02
CA ARG D 708 -0.65 8.01 -51.79
C ARG D 708 0.14 7.04 -50.93
N TYR D 709 0.39 7.40 -49.68
CA TYR D 709 1.06 6.54 -48.71
C TYR D 709 0.07 6.29 -47.58
N ASN D 710 -0.77 5.27 -47.74
CA ASN D 710 -1.78 4.90 -46.75
C ASN D 710 -1.42 3.51 -46.22
N GLN D 711 -0.57 3.47 -45.21
CA GLN D 711 -0.16 2.19 -44.62
C GLN D 711 -1.27 1.66 -43.73
N PRO D 712 -1.78 0.46 -43.99
CA PRO D 712 -2.88 -0.07 -43.16
C PRO D 712 -2.42 -0.70 -41.86
N ARG D 713 -1.13 -0.85 -41.64
CA ARG D 713 -0.59 -1.45 -40.43
C ARG D 713 0.39 -0.49 -39.78
N VAL D 714 0.26 -0.30 -38.47
CA VAL D 714 1.17 0.60 -37.75
C VAL D 714 2.59 0.08 -37.80
N GLU D 715 2.76 -1.23 -37.56
CA GLU D 715 4.10 -1.81 -37.55
C GLU D 715 4.72 -1.81 -38.93
N GLU D 716 3.91 -2.08 -39.97
CA GLU D 716 4.44 -2.09 -41.34
C GLU D 716 4.92 -0.70 -41.75
N ALA D 717 4.19 0.34 -41.35
CA ALA D 717 4.58 1.70 -41.71
C ALA D 717 5.96 2.04 -41.16
N LEU D 718 6.27 1.54 -39.97
CA LEU D 718 7.59 1.77 -39.39
C LEU D 718 8.69 1.16 -40.26
N THR D 719 8.47 -0.05 -40.75
CA THR D 719 9.45 -0.69 -41.61
C THR D 719 9.68 0.12 -42.88
N GLN D 720 8.60 0.61 -43.50
CA GLN D 720 8.75 1.48 -44.66
C GLN D 720 9.47 2.77 -44.28
N LEU D 721 9.14 3.33 -43.11
CA LEU D 721 9.84 4.50 -42.62
C LEU D 721 11.31 4.17 -42.33
N LYS D 722 11.57 2.99 -41.77
CA LYS D 722 12.94 2.60 -41.46
C LYS D 722 13.73 2.23 -42.71
N ALA D 723 13.07 1.96 -43.82
CA ALA D 723 13.73 1.60 -45.06
C ALA D 723 13.92 2.79 -46.00
N GLY D 724 13.55 3.99 -45.57
CA GLY D 724 13.67 5.17 -46.40
C GLY D 724 12.53 5.37 -47.38
N LYS D 725 11.55 4.47 -47.41
CA LYS D 725 10.40 4.65 -48.30
C LYS D 725 9.58 5.86 -47.89
N LEU D 726 9.37 6.05 -46.59
CA LEU D 726 8.58 7.16 -46.05
C LEU D 726 9.50 8.16 -45.38
N ASP D 727 8.90 9.24 -44.87
CA ASP D 727 9.64 10.27 -44.15
C ASP D 727 9.00 10.69 -42.83
N ALA D 728 7.72 10.40 -42.60
CA ALA D 728 7.06 10.79 -41.36
C ALA D 728 5.79 9.98 -41.22
N PHE D 729 5.61 9.36 -40.05
CA PHE D 729 4.39 8.64 -39.72
C PHE D 729 3.61 9.45 -38.69
N ILE D 730 2.32 9.66 -38.94
CA ILE D 730 1.49 10.55 -38.15
C ILE D 730 0.37 9.72 -37.52
N TYR D 731 0.25 9.82 -36.20
CA TYR D 731 -0.73 9.02 -35.45
C TYR D 731 -0.86 9.63 -34.06
N ASP D 732 -1.61 8.96 -33.19
CA ASP D 732 -1.83 9.46 -31.84
C ASP D 732 -0.54 9.47 -31.04
N ALA D 733 -0.37 10.49 -30.20
CA ALA D 733 0.86 10.60 -29.42
C ALA D 733 0.98 9.47 -28.41
N ALA D 734 -0.08 9.18 -27.67
CA ALA D 734 0.00 8.20 -26.59
C ALA D 734 0.24 6.79 -27.10
N VAL D 735 -0.03 6.52 -28.37
CA VAL D 735 0.24 5.20 -28.94
C VAL D 735 1.48 5.21 -29.84
N LEU D 736 1.95 6.37 -30.25
CA LEU D 736 3.16 6.48 -31.07
C LEU D 736 4.39 6.83 -30.26
N ASN D 737 4.23 7.54 -29.13
CA ASN D 737 5.34 7.75 -28.23
C ASN D 737 5.80 6.44 -27.60
N TYR D 738 4.85 5.58 -27.24
CA TYR D 738 5.21 4.29 -26.64
C TYR D 738 6.01 3.44 -27.62
N MET D 739 5.61 3.40 -28.89
CA MET D 739 6.37 2.66 -29.88
C MET D 739 7.70 3.33 -30.21
N ALA D 740 7.81 4.65 -30.02
CA ALA D 740 9.09 5.31 -30.19
C ALA D 740 10.03 5.01 -29.02
N ARG D 741 9.48 4.92 -27.81
CA ARG D 741 10.31 4.61 -26.65
C ARG D 741 10.77 3.16 -26.69
N LYS D 742 9.86 2.24 -26.95
CA LYS D 742 10.18 0.81 -27.02
C LYS D 742 10.59 0.49 -28.45
N ASP D 743 11.89 0.64 -28.74
CA ASP D 743 12.40 0.38 -30.07
C ASP D 743 13.90 0.15 -29.98
N GLU D 744 14.37 -0.96 -30.53
CA GLU D 744 15.79 -1.26 -30.55
C GLU D 744 16.52 -0.26 -31.45
N GLY D 745 17.76 0.04 -31.09
CA GLY D 745 18.56 1.00 -31.81
C GLY D 745 18.22 2.45 -31.57
N CYS D 746 17.02 2.75 -31.07
CA CYS D 746 16.59 4.12 -30.80
C CYS D 746 16.68 4.99 -32.04
N LYS D 747 16.34 4.42 -33.19
CA LYS D 747 16.46 5.10 -34.47
C LYS D 747 15.25 5.95 -34.83
N LEU D 748 14.19 5.91 -34.03
CA LEU D 748 12.97 6.66 -34.30
C LEU D 748 12.77 7.69 -33.22
N VAL D 749 12.72 8.96 -33.61
CA VAL D 749 12.51 10.07 -32.69
C VAL D 749 11.35 10.91 -33.21
N THR D 750 10.44 11.28 -32.32
CA THR D 750 9.29 12.09 -32.67
C THR D 750 9.57 13.56 -32.39
N ILE D 751 8.75 14.41 -33.01
CA ILE D 751 8.85 15.85 -32.78
C ILE D 751 7.57 16.31 -32.10
N GLY D 752 6.94 15.41 -31.35
CA GLY D 752 5.73 15.74 -30.62
C GLY D 752 6.02 16.21 -29.22
N SER D 753 7.10 16.98 -29.06
CA SER D 753 7.49 17.52 -27.75
C SER D 753 6.70 18.81 -27.52
N GLY D 754 5.43 18.63 -27.19
CA GLY D 754 4.54 19.77 -27.00
C GLY D 754 3.97 20.36 -28.26
N LYS D 755 4.30 19.81 -29.43
CA LYS D 755 3.77 20.27 -30.70
C LYS D 755 2.62 19.41 -31.20
N VAL D 756 2.09 18.53 -30.35
CA VAL D 756 0.91 17.76 -30.72
C VAL D 756 -0.23 18.70 -31.04
N PHE D 757 -0.97 18.39 -32.11
CA PHE D 757 -2.03 19.23 -32.61
C PHE D 757 -3.37 18.51 -32.44
N ALA D 758 -4.39 19.26 -32.00
CA ALA D 758 -5.70 18.70 -31.69
C ALA D 758 -5.59 17.64 -30.60
N THR D 759 -5.16 18.07 -29.42
CA THR D 759 -4.78 17.18 -28.34
C THR D 759 -5.99 16.92 -27.44
N THR D 760 -6.46 15.68 -27.42
CA THR D 760 -7.52 15.26 -26.52
C THR D 760 -7.05 14.01 -25.79
N GLY D 761 -7.18 14.01 -24.47
CA GLY D 761 -6.68 12.92 -23.66
C GLY D 761 -7.56 11.69 -23.68
N TYR D 762 -7.09 10.66 -22.98
CA TYR D 762 -7.86 9.43 -22.81
C TYR D 762 -8.90 9.65 -21.71
N GLY D 763 -9.51 8.57 -21.24
CA GLY D 763 -10.44 8.71 -20.14
C GLY D 763 -11.28 7.46 -19.97
N ILE D 764 -12.05 7.47 -18.89
CA ILE D 764 -12.94 6.37 -18.54
C ILE D 764 -14.37 6.78 -18.89
N ALA D 765 -14.97 6.08 -19.84
CA ALA D 765 -16.34 6.38 -20.22
C ALA D 765 -17.31 5.96 -19.12
N LEU D 766 -18.47 6.62 -19.10
CA LEU D 766 -19.51 6.33 -18.13
C LEU D 766 -20.86 6.42 -18.84
N HIS D 767 -21.94 6.42 -18.06
CA HIS D 767 -23.28 6.31 -18.60
C HIS D 767 -24.01 7.65 -18.72
N LYS D 768 -23.29 8.77 -18.55
CA LYS D 768 -23.83 10.12 -18.73
C LYS D 768 -24.78 10.50 -17.60
N GLY D 769 -25.12 9.53 -16.76
CA GLY D 769 -25.90 9.79 -15.56
C GLY D 769 -25.51 8.84 -14.45
N SER D 770 -24.34 8.21 -14.61
CA SER D 770 -23.97 7.06 -13.79
C SER D 770 -23.63 7.43 -12.35
N ARG D 771 -23.57 8.72 -12.02
CA ARG D 771 -23.26 9.25 -10.69
C ARG D 771 -21.93 8.72 -10.13
N TRP D 772 -21.15 8.00 -10.94
CA TRP D 772 -19.80 7.62 -10.58
C TRP D 772 -18.77 8.64 -11.04
N LYS D 773 -19.19 9.66 -11.79
CA LYS D 773 -18.25 10.58 -12.40
C LYS D 773 -17.46 11.34 -11.34
N ARG D 774 -18.14 11.89 -10.35
CA ARG D 774 -17.44 12.63 -9.30
C ARG D 774 -16.48 11.77 -8.50
N PRO D 775 -16.87 10.60 -7.99
CA PRO D 775 -15.88 9.76 -7.30
C PRO D 775 -14.73 9.32 -8.19
N ILE D 776 -15.01 8.99 -9.46
CA ILE D 776 -13.94 8.58 -10.36
C ILE D 776 -13.01 9.75 -10.64
N ASP D 777 -13.57 10.92 -10.94
CA ASP D 777 -12.74 12.09 -11.22
C ASP D 777 -11.91 12.48 -10.00
N LEU D 778 -12.51 12.42 -8.81
CA LEU D 778 -11.77 12.77 -7.60
C LEU D 778 -10.61 11.81 -7.37
N ALA D 779 -10.85 10.50 -7.54
CA ALA D 779 -9.79 9.52 -7.35
C ALA D 779 -8.76 9.60 -8.46
N LEU D 780 -9.20 9.77 -9.70
CA LEU D 780 -8.26 9.86 -10.82
C LEU D 780 -7.36 11.09 -10.69
N LEU D 781 -7.94 12.21 -10.27
CA LEU D 781 -7.13 13.41 -10.05
C LEU D 781 -6.17 13.22 -8.89
N GLN D 782 -6.51 12.35 -7.94
CA GLN D 782 -5.61 12.09 -6.82
C GLN D 782 -4.31 11.46 -7.31
N PHE D 783 -4.41 10.48 -8.20
CA PHE D 783 -3.21 9.87 -8.77
C PHE D 783 -2.43 10.86 -9.60
N LEU D 784 -3.14 11.64 -10.43
CA LEU D 784 -2.47 12.70 -11.20
C LEU D 784 -1.91 13.77 -10.28
N GLY D 785 -2.66 14.15 -9.24
CA GLY D 785 -2.14 15.10 -8.28
C GLY D 785 -0.92 14.57 -7.55
N ASP D 786 -0.95 13.28 -7.20
CA ASP D 786 0.23 12.61 -6.67
C ASP D 786 1.13 12.23 -7.84
N ASP D 787 2.12 11.38 -7.60
CA ASP D 787 3.01 10.90 -8.65
C ASP D 787 2.72 9.42 -8.96
N GLU D 788 1.45 9.04 -8.89
CA GLU D 788 1.09 7.64 -9.06
C GLU D 788 1.11 7.22 -10.53
N ILE D 789 0.46 8.00 -11.40
CA ILE D 789 0.39 7.63 -12.81
C ILE D 789 1.77 7.60 -13.44
N GLU D 790 2.70 8.41 -12.92
CA GLU D 790 4.04 8.44 -13.49
C GLU D 790 4.74 7.09 -13.37
N MET D 791 4.60 6.42 -12.22
CA MET D 791 5.20 5.09 -12.07
C MET D 791 4.65 4.12 -13.10
N LEU D 792 3.34 4.14 -13.34
CA LEU D 792 2.78 3.30 -14.38
C LEU D 792 3.26 3.71 -15.76
N GLU D 793 3.73 4.94 -15.93
CA GLU D 793 4.33 5.34 -17.20
C GLU D 793 5.75 4.80 -17.34
N ARG D 794 6.50 4.74 -16.25
CA ARG D 794 7.80 4.06 -16.29
C ARG D 794 7.62 2.56 -16.51
N LEU D 795 6.43 2.05 -16.29
CA LEU D 795 6.01 0.70 -16.66
C LEU D 795 5.68 0.67 -18.15
N TRP D 796 4.89 -0.32 -18.58
CA TRP D 796 4.71 -0.71 -19.98
C TRP D 796 4.80 0.45 -20.98
N LEU D 797 4.19 1.59 -20.66
CA LEU D 797 4.26 2.75 -21.54
C LEU D 797 5.63 3.43 -21.46
N SER D 798 6.67 2.63 -21.71
CA SER D 798 8.05 3.11 -21.67
C SER D 798 8.91 2.12 -22.44
N GLY D 799 10.14 2.55 -22.73
CA GLY D 799 11.08 1.72 -23.46
C GLY D 799 12.51 2.08 -23.11
N ILE D 800 13.42 1.21 -23.54
CA ILE D 800 14.84 1.44 -23.26
C ILE D 800 15.36 2.64 -24.05
N CYS D 801 14.85 2.83 -25.26
CA CYS D 801 15.30 3.95 -26.09
C CYS D 801 14.78 5.26 -25.50
N HIS D 802 15.61 6.30 -25.60
CA HIS D 802 15.29 7.61 -25.07
C HIS D 802 15.04 8.58 -26.22
N ASN D 803 13.85 9.18 -26.25
CA ASN D 803 13.55 10.14 -27.30
C ASN D 803 14.44 11.37 -27.21
N ASP D 804 14.85 11.74 -26.01
CA ASP D 804 15.84 12.80 -25.86
C ASP D 804 17.17 12.36 -26.45
N LYS D 805 17.93 13.32 -26.96
CA LYS D 805 19.18 13.02 -27.65
C LYS D 805 20.15 12.28 -26.73
N ILE D 806 20.64 12.95 -25.69
CA ILE D 806 21.51 12.37 -24.67
C ILE D 806 22.66 11.59 -25.29
N GLU D 807 23.03 11.94 -26.52
CA GLU D 807 24.03 11.18 -27.27
C GLU D 807 24.68 12.09 -28.29
N VAL D 808 25.99 11.98 -28.41
CA VAL D 808 26.78 12.77 -29.35
C VAL D 808 27.50 11.82 -30.28
N MET D 809 27.57 12.18 -31.56
CA MET D 809 28.24 11.36 -32.57
C MET D 809 29.15 12.25 -33.39
N SER D 810 30.38 11.79 -33.62
CA SER D 810 31.34 12.48 -34.47
C SER D 810 31.64 11.59 -35.66
N SER D 811 31.21 12.02 -36.85
CA SER D 811 31.33 11.25 -38.07
C SER D 811 32.43 11.84 -38.95
N LYS D 812 32.57 11.26 -40.14
CA LYS D 812 33.55 11.75 -41.11
C LYS D 812 33.21 13.17 -41.52
N LEU D 813 34.25 13.98 -41.75
CA LEU D 813 34.04 15.38 -42.08
C LEU D 813 33.41 15.61 -43.44
N ASP D 814 33.38 14.59 -44.30
CA ASP D 814 32.69 14.66 -45.60
C ASP D 814 33.26 15.84 -46.39
N ILE D 815 32.45 16.38 -47.31
CA ILE D 815 32.82 17.56 -48.07
C ILE D 815 32.00 18.77 -47.66
N ASP D 816 30.72 18.56 -47.36
CA ASP D 816 29.84 19.66 -46.96
C ASP D 816 30.28 20.26 -45.62
N ASN D 817 30.66 19.41 -44.66
CA ASN D 817 30.99 19.88 -43.33
C ASN D 817 32.31 20.65 -43.28
N MET D 818 33.09 20.65 -44.36
CA MET D 818 34.29 21.48 -44.40
C MET D 818 34.48 22.17 -45.74
N ALA D 819 33.42 22.29 -46.55
CA ALA D 819 33.53 23.02 -47.81
C ALA D 819 33.86 24.49 -47.59
N GLY D 820 33.65 25.00 -46.38
CA GLY D 820 33.99 26.38 -46.11
C GLY D 820 35.47 26.66 -46.22
N VAL D 821 36.30 25.73 -45.77
CA VAL D 821 37.75 25.94 -45.85
C VAL D 821 38.21 25.90 -47.30
N PHE D 822 37.53 25.13 -48.15
CA PHE D 822 37.85 25.15 -49.58
C PHE D 822 37.50 26.49 -50.21
N TYR D 823 36.45 27.15 -49.72
CA TYR D 823 36.07 28.44 -50.26
C TYR D 823 37.14 29.50 -49.98
N MET D 824 37.82 29.40 -48.84
CA MET D 824 38.89 30.36 -48.56
C MET D 824 40.01 30.22 -49.59
N LEU D 825 40.38 28.98 -49.92
CA LEU D 825 41.37 28.77 -50.97
C LEU D 825 40.86 29.29 -52.31
N LEU D 826 39.60 29.02 -52.64
CA LEU D 826 39.03 29.50 -53.90
C LEU D 826 39.11 31.01 -54.01
N VAL D 827 39.01 31.72 -52.89
CA VAL D 827 39.22 33.16 -52.90
C VAL D 827 40.66 33.48 -53.30
N ALA D 828 41.62 32.72 -52.76
CA ALA D 828 43.02 32.99 -53.05
C ALA D 828 43.35 32.80 -54.53
N MET D 829 42.81 31.75 -55.14
CA MET D 829 43.06 31.54 -56.56
C MET D 829 42.51 32.69 -57.39
N GLY D 830 41.31 33.17 -57.05
CA GLY D 830 40.78 34.35 -57.72
C GLY D 830 41.55 35.60 -57.37
N LEU D 831 41.94 35.74 -56.09
CA LEU D 831 42.69 36.92 -55.68
C LEU D 831 44.08 36.95 -56.31
N SER D 832 44.69 35.78 -56.47
CA SER D 832 46.00 35.72 -57.13
C SER D 832 45.90 36.18 -58.58
N LEU D 833 44.82 35.80 -59.26
CA LEU D 833 44.62 36.25 -60.64
C LEU D 833 44.47 37.77 -60.69
N LEU D 834 43.82 38.35 -59.68
CA LEU D 834 43.69 39.81 -59.63
C LEU D 834 45.06 40.47 -59.52
N VAL D 835 45.95 39.90 -58.69
CA VAL D 835 47.31 40.42 -58.60
C VAL D 835 48.05 40.19 -59.91
N PHE D 836 47.77 39.08 -60.59
CA PHE D 836 48.46 38.80 -61.85
C PHE D 836 48.21 39.89 -62.88
N ALA D 837 46.95 40.34 -63.01
CA ALA D 837 46.66 41.44 -63.91
C ALA D 837 47.37 42.71 -63.49
N TRP D 838 47.38 43.00 -62.18
CA TRP D 838 48.08 44.18 -61.68
C TRP D 838 49.58 44.08 -61.93
N GLU D 839 50.15 42.90 -61.75
CA GLU D 839 51.55 42.68 -62.06
C GLU D 839 51.83 42.84 -63.55
N HIS D 840 50.82 42.65 -64.39
CA HIS D 840 50.97 42.78 -65.84
C HIS D 840 50.77 44.22 -66.31
N LEU D 841 49.83 44.95 -65.71
CA LEU D 841 49.49 46.29 -66.16
C LEU D 841 50.36 47.38 -65.54
N VAL D 842 51.21 47.05 -64.56
CA VAL D 842 52.09 48.06 -63.99
C VAL D 842 53.12 48.52 -65.00
N TYR D 843 53.61 47.61 -65.84
CA TYR D 843 54.62 47.96 -66.82
C TYR D 843 54.08 48.93 -67.86
N TRP D 844 52.82 48.74 -68.28
CA TRP D 844 52.23 49.58 -69.31
C TRP D 844 51.69 50.89 -68.78
N ARG D 845 51.70 51.10 -67.46
CA ARG D 845 51.21 52.34 -66.88
C ARG D 845 51.91 52.63 -65.54
N GLY E . -0.05 27.94 -13.03
CA GLY E . -0.97 28.63 -12.16
C GLY E . -2.27 27.88 -11.96
O GLY E . -2.67 27.10 -12.82
OXT GLY E . -2.94 28.01 -10.94
C1 NAG F . -26.61 23.52 -24.19
C2 NAG F . -27.74 24.45 -23.76
C3 NAG F . -29.10 23.87 -24.16
C4 NAG F . -29.11 23.55 -25.66
C5 NAG F . -27.93 22.64 -26.00
C6 NAG F . -27.81 22.38 -27.49
C7 NAG F . -27.62 25.90 -21.78
C8 NAG F . -27.58 25.95 -20.28
N2 NAG F . -27.70 24.68 -22.33
O3 NAG F . -30.12 24.81 -23.87
O4 NAG F . -30.32 22.89 -26.00
O5 NAG F . -26.70 23.27 -25.60
O6 NAG F . -28.43 23.39 -28.25
O7 NAG F . -27.57 26.91 -22.47
C1 NAG G . -28.64 33.89 -29.49
C2 NAG G . -29.35 33.05 -30.55
C3 NAG G . -30.71 33.65 -30.90
C4 NAG G . -30.66 35.17 -30.93
C5 NAG G . -30.09 35.75 -29.64
C6 NAG G . -31.11 36.49 -28.83
C7 NAG G . -27.85 31.81 -32.06
C8 NAG G . -27.99 30.66 -31.10
N2 NAG G . -28.53 32.92 -31.75
O3 NAG G . -31.67 33.22 -29.94
O4 NAG G . -29.86 35.61 -32.03
O5 NAG G . -29.59 34.69 -28.82
O6 NAG G . -31.08 36.09 -27.47
O7 NAG G . -27.17 31.72 -33.07
N 2JL H . 24.96 4.19 18.57
CA 2JL H . 25.14 4.83 19.83
CAF 2JL H . 25.89 13.99 12.83
CAG 2JL H . 26.98 13.99 13.69
CAH 2JL H . 27.28 10.18 17.76
CAI 2JL H . 24.87 13.05 12.99
CAJ 2JL H . 27.07 13.05 14.70
CAK 2JL H . 27.22 11.13 16.75
CAL 2JL H . 23.94 11.14 14.18
CAM 2JL H . 24.00 10.19 15.19
CAN 2JL H . 25.15 9.24 17.07
CAO 2JL H . 24.96 5.12 17.47
CAP 2JL H . 26.16 6.07 17.50
CAT 2JL H . 26.37 8.17 19.08
CAU 2JL H . 26.26 9.23 17.93
CAV 2JL H . 24.96 12.10 14.03
CAW 2JL H . 25.11 10.20 16.05
CAX 2JL H . 26.04 12.10 14.86
CAY 2JL H . 26.11 11.12 15.90
C 2JL H . 25.18 3.77 20.97
O 2JL H . 26.08 3.79 21.84
NAZ 2JL H . 26.33 6.72 18.81
OAC 2JL H . 26.50 8.55 20.19
CB 2JL H . 26.42 5.68 19.84
CG 2JL H . 27.64 4.80 19.52
OD1 2JL H . 28.81 5.28 19.65
OD2 2JL H . 27.49 3.62 19.11
OXT 2JL H . 24.28 2.87 21.01
N GLY I . 22.76 -16.96 -0.51
CA GLY I . 21.31 -16.89 -0.42
C GLY I . 20.69 -18.13 0.18
O GLY I . 21.37 -19.13 0.42
OXT GLY I . 19.50 -18.18 0.46
C1 NAG J . 24.71 -20.41 27.34
C2 NAG J . 24.62 -21.82 27.92
C3 NAG J . 24.28 -21.75 29.41
C4 NAG J . 25.29 -20.86 30.13
C5 NAG J . 25.35 -19.49 29.47
C6 NAG J . 26.41 -18.59 30.06
C7 NAG J . 23.72 -23.96 27.13
C8 NAG J . 22.61 -24.64 26.37
N2 NAG J . 23.63 -22.63 27.22
O3 NAG J . 24.31 -23.05 29.96
O4 NAG J . 24.92 -20.71 31.50
O5 NAG J . 25.67 -19.63 28.08
O6 NAG J . 27.71 -19.05 29.74
O7 NAG J . 24.64 -24.59 27.62
N 2JL K . -8.01 5.67 -29.45
CA 2JL K . -8.84 4.98 -30.40
CAF 2JL K . 1.06 -0.96 -31.17
CAG 2JL K . 0.73 -0.44 -32.41
CAH 2JL K . -4.20 2.05 -33.14
CAI 2JL K . 0.16 -0.87 -30.11
CAJ 2JL K . -0.49 0.19 -32.60
CAK 2JL K . -2.97 1.44 -32.97
CAL 2JL K . -2.00 -0.15 -29.22
CAM 2JL K . -3.24 0.48 -29.40
CAN 2JL K . -4.80 1.62 -30.83
CAO 2JL K . -6.73 5.02 -29.27
CAP 2JL K . -6.01 4.78 -30.59
CAT 2JL K . -6.49 2.86 -32.32
CAU 2JL K . -5.11 2.15 -32.08
CAV 2JL K . -1.08 -0.24 -30.31
CAW 2JL K . -3.54 1.00 -30.68
CAX 2JL K . -1.40 0.28 -31.54
CAY 2JL K . -2.67 0.91 -31.72
C 2JL K . -10.17 5.75 -30.60
O 2JL K . -10.69 6.36 -29.64
NAZ 2JL K . -6.85 4.09 -31.59
OAC 2JL K . -7.26 2.39 -33.09
CB 2JL K . -8.12 4.81 -31.74
CG 2JL K . -7.80 6.19 -32.34
OD1 2JL K . -7.81 7.23 -31.60
OD2 2JL K . -7.54 6.30 -33.57
OXT 2JL K . -10.75 5.75 -31.72
#